data_6B5B
#
_entry.id   6B5B
#
_cell.length_a   1
_cell.length_b   1
_cell.length_c   1
_cell.angle_alpha   90.00
_cell.angle_beta   90.00
_cell.angle_gamma   90.00
#
_symmetry.space_group_name_H-M   'P 1'
#
loop_
_entity.id
_entity.type
_entity.pdbx_description
1 polymer 'Baculoviral IAP repeat-containing protein 1e'
2 polymer 'NLR family CARD domain-containing protein 4'
3 polymer Flagellin
#
loop_
_entity_poly.entity_id
_entity_poly.type
_entity_poly.pdbx_seq_one_letter_code
_entity_poly.pdbx_strand_id
1 'polypeptide(L)'
;MAEHGESSEDRISEIDYEFLPELSALLGVDAFQVAKSQEEEEHKERMKMKKGFNSQMRSEAKRLKTFETYDTFRSWTPQE
MAAAGFYHTGVKLGVQCFCCSLILFGNSLRKLPIERHKKLRPECEFLQGKDVGNIGKYDIRVKSPEKMLRGGKARYHEEE
ARLESFEDWPFYAHGTSPRVLSAAGFVFTGKRDTVQCFSCGGSLGNWEEGDDPWKEHAKWFPKCEFLQSKKSSEEIAQYI
QSYEGFVHVTGEHFVKSWVRRELPMVSAYCNDSVFANEELRMDMFKDWPQESPVGVEALVRAGFFYTGKKDIVRCFSCGG
CLEKWAEGDDPMEDHIKFFPECVFLQTLKSSAEVIPTLQSQYALPEATETTRESNHGDAAAVHSTVVDLGRSEAQWFQEA
RSLSEQLRDNYTKATFRHMNLPEVCSSLGTDHLLSCDVSIISKHISQPVQEALTIPEVFSNLNSVMCVEGETGSGKTTFL
KRIAFLWASGCCPLLYRFQLVFYLSLSSITPDQGLANIICAQLLGAGGCISEVCLSSSIQQLQHQVLFLLDDYSGLASLP
QALHTLITKNYLSRTCLLIAVHTNRVRDIRLYLGTSLEIQEFPFYNTVSVLRKFFSHDIICVEKLIIYFIDNKDLQGVYK
TPLFVAAVCTDWIQNASAQDKFQDVTLFQSYMQYLSLKYKATAEPLQATVSSCGQLALTGLFSSCFEFNSDDLAEAGVDE
DEKLTTLLMSKFTAQRLRPVYRFLGPLFQEFLAAVRLTELLSSDRQEDQDLGLYYLRQIDSPLKAINSFNIFLYYVSSHS
SSKAAPTVVSHLLQLVDEKESLENMSENEDYMKLHPQTFLWFQFVRGLWLVSPESSSSFVSEHLLRLALIFAYESNTVAE
CSPFILQFLRGKTLALRVLNLQYFRDHPESLLLLRSLKVSINGNKMSSYVDYSFKTYFENLQPPAIDEEYTSAFEHISEW
RRNFAQDEEIIKNYENIRPRALPDISEGYWKLSPKPCKIPKLEVQVNNTDAADQALLQVLMEVFSASQSIEFRLFNSSGF
LESICPALELSKASVTKCSMSRLELSRAEQELLLTLPALQSLEVSETNQLPEQLFHNLHKFLGLKELCVRLDGKPDVLSV
LPGEFPNLHHMEKLSIRTSTESDLSKLVKFIQNFPNLHVFHLKCDFLSNCESLMAVLASCKKLREIEFSGRCFEAMTFVN
ILPNFVSLKILNLKDQQFPDKETSEKFAQALGSLRNLEELLVPTGDGIHQVAKLIVRQCLQLPCLRVLTFHDILDDDSVI
EIARAATSGGFQKLENLDISMNHKITEEGYRNFFQALDNLPNLQELNICRNIPGRIQVQATTVKALGQCVSRLPSLIRLH
MLSWLLDEEDMKVINDVKERHPQSKRLIIFWKLIVPFSPVILE
;
A
2 'polypeptide(L)'
;MNFIRNNRRALIQRMGLTVTKQICDDLFALNVLNNQEANVIYCEPLEQEAARKIIHMTMQKGSAACNLFLKSLENWDYFV
YQDLTGQNLSYQVTEEDLNVLAQNLKDLYNSPAFLNFYPLGEDIDIIFNLEKTFTEPIMWKKDHRHHRVEQLTLGSLLEA
LKSPCLIEGESGKGKSTLLQRIAMLWASGGCRALKGFRLVFFIHLRSARGGLFETLYDQLLNIPDFISKPTFKALLLKLH
KEVLFLLDGYNEFHPQNCPEIEALIKENHRFKNMVIVTTTTECLRHIRHVGALTAEVGDMTEDSAKDLIEAVLVPDQVER
LWAQIQESRCLRNLMKTPLFVVITCAIQMGRQEFQAHTQTMLFQTFYDLLIQKNSHRYRGGASGDFARSLDYCGDLALEG
VFAHKFDFEPEHGSSMNEDVLVTIGLLCKYTAQRLKPTYKFFHKSFQEYTAGRRLSSLLTSKEPEEVSKGNSYLNKMVSI
SDITSLYGNLLLYTCGSSTEATRAVMRHLAMVYQHGSLQGLSVTKRPLWRQESIQSLRNTTEQDVLKAINVNSFVECGIN
LFSESMSKSDLSQEFEAFFQGKSLYINSENIPDYLFDFFEYLPNCASALDFVKLDFYERATESQDKAEENVPGVHTEGPS
ETYIPPRAVSLFFNWKQEFKTLEVTLRDINKLNKQDIKYLGKIFSSATNLRLHIKRCAAMAGRLSSVLRTCKNMHTLMVE
ASPLTTDDEQYITSVTGLQNLSIHRLHTQQLPGGLIDSLGNLKNLERLILDDIRMNEEDAKNLAEGLRSLKKMRLLHLTH
LSDIGEGMDYIVKSLSEESCDLQEMKLVACCLTANSVKVLAQNLHNLIKLSILDISENYLEKDGNEALQELIGRLGVLGE
LTTLMLPWCWDVHTSLPKLLKQLEGTPGLAKLGLKNWRLRDEEIKSLGEFLEMNPLRDLQQLDLAGHCVSSDGWLYFMNV
FENLKQLVFFDFSTEEFLPDAALVRKLSQVLSKLTLLQEVKLTGWEFDDYDISAIKGTFKLVTA
;
B,C
3 'polypeptide(L)'
;MEQKLISEEDLNEMEQKLISEEDLNEMEQKLISEEDLNEMEQKLISEEDLNEMEQKLISEEDLNEMESLGDLTMEQKLIS
EEDLNSGRPAAMAQVINTNVASLTAQRNLGVSGNMMQTSIQRLSSGLRINSAKDDAAGLAISQRMTAQIRGMNQAVRNAN
DGISLAQVAEGAMQETTNILQRMRELSVQAANSTNNSSDRSSIQSEISQLKSELERIAQNTEFNGQRILDGSFSGASFQV
GANSNQTINFSIGSTKASSLGGIATATGTEVAGAAAADITIAIGGGAATSINSSANFTGALNGQDATSAYAKAAAINDAG
IGGLSVTASTSGTQAVGAIGGTAGDTYNLTINGVAIYTNLNVATALTNSDLRDAINGVSNQTGVVASLNGGNMTLTAADG
RNITVTESGTGFTAGTDGLTVTGGAFDGALRGTLSISAVDTIAIGGTVANIGLSANISKDTVGIDSLDVSTASGAQTAIK
RIDAALNSVNSNRANMGALQNRFESTIANLQNVSDNLSAARSRIQDADYAAEMASLTKNQILQQAGTAMLAQANSLPQSV
LSLLGR
;
F
#
# COMPACT_ATOMS: atom_id res chain seq x y z
N ALA A 31 40.39 -49.30 22.38
CA ALA A 31 41.62 -49.97 22.78
C ALA A 31 42.45 -50.34 21.56
N PHE A 32 42.10 -51.45 20.92
CA PHE A 32 42.81 -51.88 19.72
C PHE A 32 42.28 -51.18 18.47
N GLN A 33 41.09 -50.57 18.56
CA GLN A 33 40.42 -50.04 17.38
C GLN A 33 41.09 -48.78 16.87
N VAL A 34 41.90 -48.14 17.72
CA VAL A 34 42.74 -47.03 17.27
C VAL A 34 43.97 -47.52 16.53
N ALA A 35 44.38 -48.77 16.75
CA ALA A 35 45.52 -49.32 16.01
C ALA A 35 45.07 -49.95 14.71
N LYS A 36 43.95 -50.68 14.74
CA LYS A 36 43.37 -51.21 13.52
C LYS A 36 42.82 -50.08 12.65
N SER A 37 42.11 -49.14 13.28
CA SER A 37 41.66 -47.95 12.57
C SER A 37 42.83 -47.06 12.17
N GLN A 38 43.93 -47.11 12.93
CA GLN A 38 45.17 -46.47 12.52
C GLN A 38 45.68 -47.06 11.22
N GLU A 39 45.57 -48.39 11.05
CA GLU A 39 45.83 -48.99 9.75
C GLU A 39 44.79 -48.56 8.72
N GLU A 40 43.53 -48.36 9.14
CA GLU A 40 42.47 -48.05 8.20
C GLU A 40 42.66 -46.68 7.55
N GLU A 41 42.62 -45.62 8.36
CA GLU A 41 42.77 -44.30 7.77
C GLU A 41 44.22 -43.91 7.54
N GLU A 42 45.17 -44.46 8.31
CA GLU A 42 46.57 -44.11 8.06
C GLU A 42 47.10 -44.86 6.85
N HIS A 43 46.59 -46.07 6.59
CA HIS A 43 47.00 -46.78 5.39
C HIS A 43 46.20 -46.33 4.18
N LYS A 44 44.93 -45.96 4.39
CA LYS A 44 44.12 -45.35 3.33
C LYS A 44 44.67 -43.99 2.92
N GLU A 45 45.26 -43.26 3.86
CA GLU A 45 45.92 -42.01 3.51
C GLU A 45 47.33 -42.26 2.99
N ARG A 46 47.95 -43.35 3.45
CA ARG A 46 49.29 -43.71 2.99
C ARG A 46 49.27 -44.11 1.51
N MET A 47 48.18 -44.69 1.03
CA MET A 47 48.04 -44.95 -0.40
C MET A 47 47.47 -43.77 -1.17
N LYS A 48 47.40 -42.57 -0.58
CA LYS A 48 46.65 -41.48 -1.16
C LYS A 48 47.48 -40.26 -1.52
N MET A 49 48.24 -39.72 -0.58
CA MET A 49 48.83 -38.38 -0.71
C MET A 49 50.30 -38.36 -0.32
N LYS A 50 51.09 -39.27 -0.92
CA LYS A 50 52.52 -39.33 -0.64
C LYS A 50 53.28 -38.11 -1.18
N LYS A 51 52.71 -37.38 -2.15
CA LYS A 51 53.37 -36.31 -2.90
C LYS A 51 53.82 -35.18 -1.97
N GLY A 52 55.12 -34.86 -2.01
CA GLY A 52 55.66 -33.77 -1.24
C GLY A 52 56.72 -32.97 -1.95
N PHE A 53 56.50 -31.67 -2.12
CA PHE A 53 57.44 -30.79 -2.80
C PHE A 53 58.31 -30.11 -1.75
N ASN A 54 59.33 -30.85 -1.28
CA ASN A 54 60.10 -30.44 -0.11
C ASN A 54 61.06 -29.27 -0.37
N SER A 55 61.01 -28.64 -1.54
CA SER A 55 61.62 -27.35 -1.77
C SER A 55 60.62 -26.21 -1.69
N GLN A 56 59.31 -26.52 -1.65
CA GLN A 56 58.26 -25.51 -1.65
C GLN A 56 57.82 -25.10 -0.26
N MET A 57 57.50 -26.06 0.62
CA MET A 57 56.87 -25.77 1.90
C MET A 57 57.83 -25.17 2.92
N ARG A 58 58.23 -23.92 2.70
CA ARG A 58 58.97 -23.18 3.73
C ARG A 58 58.40 -21.78 3.89
N SER A 59 57.48 -21.38 3.00
CA SER A 59 56.89 -20.05 3.03
C SER A 59 55.95 -19.90 4.24
N GLU A 60 55.98 -18.70 4.83
CA GLU A 60 55.28 -18.44 6.08
C GLU A 60 53.83 -18.01 5.84
N ALA A 61 53.64 -17.18 4.82
CA ALA A 61 52.33 -16.59 4.55
C ALA A 61 51.31 -17.62 4.09
N LYS A 62 51.70 -18.55 3.22
CA LYS A 62 50.80 -19.61 2.82
C LYS A 62 50.48 -20.54 3.98
N ARG A 63 51.46 -20.74 4.88
CA ARG A 63 51.20 -21.53 6.09
C ARG A 63 50.14 -20.87 6.97
N LEU A 64 50.44 -19.69 7.52
CA LEU A 64 49.51 -19.08 8.48
C LEU A 64 48.22 -18.60 7.80
N LYS A 65 48.23 -18.47 6.48
CA LYS A 65 46.98 -18.35 5.75
C LYS A 65 46.19 -19.65 5.80
N THR A 66 46.80 -20.77 5.43
CA THR A 66 46.06 -22.02 5.29
C THR A 66 46.11 -22.90 6.52
N PHE A 67 46.94 -22.57 7.52
CA PHE A 67 46.78 -23.15 8.85
C PHE A 67 45.83 -22.34 9.71
N GLU A 68 45.09 -21.40 9.11
CA GLU A 68 44.05 -20.67 9.84
C GLU A 68 42.66 -21.17 9.52
N THR A 69 42.28 -21.10 8.24
CA THR A 69 40.89 -21.19 7.83
C THR A 69 40.48 -22.62 7.49
N TYR A 70 41.16 -23.61 8.06
CA TYR A 70 40.74 -24.99 7.86
C TYR A 70 39.70 -25.34 8.92
N ASP A 71 39.43 -26.64 9.07
CA ASP A 71 38.30 -27.12 9.84
C ASP A 71 38.45 -26.81 11.33
N THR A 72 39.67 -27.04 11.87
CA THR A 72 40.09 -26.71 13.23
C THR A 72 39.18 -27.29 14.32
N PHE A 73 39.13 -28.62 14.42
CA PHE A 73 38.33 -29.27 15.45
C PHE A 73 39.17 -30.04 16.46
N ARG A 74 40.49 -29.92 16.40
CA ARG A 74 41.41 -30.69 17.24
C ARG A 74 41.64 -29.94 18.56
N SER A 75 42.66 -30.35 19.31
CA SER A 75 43.09 -29.67 20.52
C SER A 75 44.56 -29.29 20.42
N TRP A 76 44.98 -28.77 19.26
CA TRP A 76 46.38 -28.53 19.01
C TRP A 76 46.58 -27.23 18.23
N THR A 77 47.58 -26.47 18.64
CA THR A 77 47.86 -25.14 18.10
C THR A 77 48.43 -25.25 16.69
N PRO A 78 47.84 -24.51 15.73
CA PRO A 78 48.37 -24.55 14.37
C PRO A 78 49.61 -23.71 14.17
N GLN A 79 49.96 -22.84 15.13
CA GLN A 79 51.08 -21.91 14.93
C GLN A 79 52.41 -22.63 14.98
N GLU A 80 52.72 -23.24 16.13
CA GLU A 80 53.98 -23.95 16.24
C GLU A 80 53.90 -25.36 15.68
N MET A 81 52.75 -25.75 15.13
CA MET A 81 52.73 -26.90 14.22
C MET A 81 53.02 -26.47 12.80
N ALA A 82 52.75 -25.21 12.46
CA ALA A 82 53.33 -24.65 11.23
C ALA A 82 54.81 -24.36 11.42
N ALA A 83 55.28 -24.27 12.67
CA ALA A 83 56.70 -24.20 12.97
C ALA A 83 57.23 -25.45 13.67
N ALA A 84 56.65 -26.63 13.41
CA ALA A 84 57.12 -27.87 13.98
C ALA A 84 58.15 -28.58 13.11
N GLY A 85 58.23 -28.21 11.83
CA GLY A 85 59.02 -28.95 10.88
C GLY A 85 58.21 -29.75 9.89
N PHE A 86 56.90 -29.86 10.10
CA PHE A 86 56.00 -30.54 9.18
C PHE A 86 55.26 -29.54 8.32
N TYR A 87 54.32 -30.04 7.51
CA TYR A 87 53.42 -29.20 6.74
C TYR A 87 52.11 -29.93 6.50
N HIS A 88 51.07 -29.14 6.28
CA HIS A 88 49.74 -29.67 6.06
C HIS A 88 48.85 -28.67 5.31
N THR A 89 47.92 -29.20 4.50
CA THR A 89 47.01 -28.40 3.68
C THR A 89 45.85 -27.83 4.47
N GLY A 90 45.06 -28.68 5.12
CA GLY A 90 43.77 -28.26 5.64
C GLY A 90 42.73 -29.36 5.62
N VAL A 91 43.09 -30.51 5.05
CA VAL A 91 42.35 -31.77 5.13
C VAL A 91 42.63 -32.35 6.52
N LYS A 92 42.07 -33.52 6.85
CA LYS A 92 42.08 -34.00 8.23
C LYS A 92 43.47 -34.36 8.76
N LEU A 93 44.30 -33.32 8.94
CA LEU A 93 45.47 -33.23 9.81
C LEU A 93 46.70 -33.97 9.31
N GLY A 94 46.63 -34.59 8.13
CA GLY A 94 47.76 -35.35 7.61
C GLY A 94 48.94 -34.47 7.26
N VAL A 95 50.01 -34.55 8.04
CA VAL A 95 51.20 -33.73 7.82
C VAL A 95 52.27 -34.58 7.17
N GLN A 96 53.25 -33.91 6.56
CA GLN A 96 54.44 -34.59 6.07
C GLN A 96 55.66 -33.71 6.39
N CYS A 97 56.84 -34.20 6.02
CA CYS A 97 58.08 -33.49 6.29
C CYS A 97 59.07 -33.71 5.16
N PHE A 98 60.32 -33.32 5.40
CA PHE A 98 61.44 -33.50 4.50
C PHE A 98 62.47 -34.51 5.03
N CYS A 99 62.70 -34.53 6.35
CA CYS A 99 63.64 -35.49 6.90
C CYS A 99 63.01 -36.87 7.07
N CYS A 100 61.95 -36.97 7.87
CA CYS A 100 61.13 -38.18 7.96
C CYS A 100 59.84 -37.92 7.17
N SER A 101 59.81 -38.43 5.95
CA SER A 101 58.71 -38.17 5.03
C SER A 101 57.61 -39.20 5.27
N LEU A 102 56.65 -38.84 6.12
CA LEU A 102 55.51 -39.71 6.40
C LEU A 102 54.33 -38.84 6.81
N ILE A 103 53.14 -39.32 6.45
CA ILE A 103 51.90 -38.63 6.79
C ILE A 103 51.55 -38.94 8.24
N LEU A 104 51.18 -37.90 8.99
CA LEU A 104 50.80 -38.08 10.38
C LEU A 104 49.58 -37.23 10.69
N PHE A 105 48.53 -37.86 11.20
CA PHE A 105 47.29 -37.14 11.51
C PHE A 105 46.69 -37.73 12.77
N GLY A 106 45.49 -37.26 13.10
CA GLY A 106 44.81 -37.68 14.31
C GLY A 106 45.50 -37.11 15.53
N ASN A 107 45.77 -35.81 15.51
CA ASN A 107 46.51 -35.16 16.59
C ASN A 107 45.67 -35.11 17.85
N SER A 108 46.06 -35.90 18.83
CA SER A 108 45.37 -35.98 20.09
C SER A 108 46.37 -35.78 21.23
N LEU A 109 45.91 -35.99 22.46
CA LEU A 109 46.45 -35.42 23.69
C LEU A 109 47.94 -35.73 23.92
N ARG A 110 48.65 -34.72 24.46
CA ARG A 110 49.91 -34.85 25.20
C ARG A 110 51.12 -35.17 24.32
N LYS A 111 50.90 -35.50 23.05
CA LYS A 111 51.99 -35.74 22.13
C LYS A 111 52.24 -34.45 21.36
N LEU A 112 53.17 -33.66 21.89
CA LEU A 112 53.60 -32.41 21.30
C LEU A 112 54.20 -32.67 19.92
N PRO A 113 53.68 -32.07 18.84
CA PRO A 113 54.14 -32.44 17.50
C PRO A 113 55.55 -31.99 17.19
N ILE A 114 56.08 -31.03 17.93
CA ILE A 114 57.50 -30.72 17.81
C ILE A 114 58.34 -31.84 18.43
N GLU A 115 57.88 -32.39 19.56
CA GLU A 115 58.51 -33.57 20.12
C GLU A 115 58.19 -34.81 19.29
N ARG A 116 56.97 -34.88 18.76
CA ARG A 116 56.58 -36.00 17.93
C ARG A 116 57.25 -35.95 16.57
N HIS A 117 57.76 -34.77 16.18
CA HIS A 117 58.70 -34.68 15.06
C HIS A 117 59.98 -35.46 15.35
N LYS A 118 60.42 -35.49 16.60
CA LYS A 118 61.64 -36.19 16.95
C LYS A 118 61.41 -37.68 17.16
N LYS A 119 60.40 -38.04 17.97
CA LYS A 119 60.18 -39.44 18.30
C LYS A 119 59.54 -40.24 17.17
N LEU A 120 59.09 -39.60 16.10
CA LEU A 120 58.67 -40.30 14.89
C LEU A 120 59.57 -39.98 13.70
N ARG A 121 60.88 -39.93 13.93
CA ARG A 121 61.84 -39.80 12.84
C ARG A 121 62.71 -41.04 12.75
N GLU A 159 70.72 -12.51 18.47
CA GLU A 159 71.14 -11.19 18.02
C GLU A 159 70.54 -10.10 18.91
N GLU A 160 69.23 -10.20 19.14
CA GLU A 160 68.51 -9.24 19.95
C GLU A 160 67.99 -9.80 21.26
N ALA A 161 67.50 -11.04 21.26
CA ALA A 161 66.96 -11.63 22.49
C ALA A 161 68.05 -11.90 23.52
N ARG A 162 69.20 -12.40 23.06
CA ARG A 162 70.36 -12.56 23.94
C ARG A 162 70.90 -11.20 24.38
N LEU A 163 70.71 -10.16 23.58
CA LEU A 163 71.14 -8.81 23.92
C LEU A 163 70.25 -8.18 25.00
N GLU A 164 68.93 -8.27 24.84
CA GLU A 164 68.02 -7.77 25.87
C GLU A 164 67.98 -8.66 27.10
N SER A 165 68.47 -9.89 27.00
CA SER A 165 68.53 -10.78 28.15
C SER A 165 69.42 -10.24 29.26
N PHE A 166 70.72 -10.10 29.01
CA PHE A 166 71.68 -9.69 30.04
C PHE A 166 71.70 -8.17 30.24
N GLU A 167 70.78 -7.44 29.61
CA GLU A 167 70.63 -6.02 29.90
C GLU A 167 70.08 -5.81 31.31
N ASP A 168 69.18 -6.68 31.75
CA ASP A 168 68.55 -6.59 33.07
C ASP A 168 69.30 -7.42 34.12
N TRP A 169 70.62 -7.55 33.97
CA TRP A 169 71.38 -8.49 34.77
C TRP A 169 71.56 -7.97 36.20
N PRO A 170 71.10 -8.69 37.21
CA PRO A 170 71.19 -8.20 38.59
C PRO A 170 72.58 -8.35 39.19
N PHE A 171 72.70 -8.05 40.48
CA PHE A 171 73.96 -8.11 41.19
C PHE A 171 74.21 -9.47 41.85
N TYR A 172 73.15 -10.26 42.08
CA TYR A 172 73.25 -11.47 42.88
C TYR A 172 74.04 -12.59 42.20
N ALA A 173 73.63 -13.03 41.02
CA ALA A 173 74.22 -14.19 40.36
C ALA A 173 75.59 -13.89 39.79
N HIS A 174 76.65 -14.05 40.59
CA HIS A 174 78.00 -13.88 40.06
C HIS A 174 78.96 -14.95 40.57
N GLY A 175 78.49 -15.93 41.32
CA GLY A 175 79.25 -17.16 41.49
C GLY A 175 79.41 -17.94 40.22
N THR A 176 78.43 -17.83 39.31
CA THR A 176 78.55 -18.27 37.93
C THR A 176 78.54 -17.03 37.06
N SER A 177 79.46 -16.98 36.09
CA SER A 177 79.65 -15.79 35.28
C SER A 177 78.48 -15.61 34.32
N PRO A 178 78.12 -14.36 33.95
CA PRO A 178 77.07 -14.17 32.94
C PRO A 178 77.55 -14.38 31.52
N ARG A 179 78.84 -14.25 31.25
CA ARG A 179 79.33 -14.38 29.88
C ARG A 179 79.44 -15.84 29.45
N VAL A 180 79.66 -16.74 30.41
CA VAL A 180 79.57 -18.16 30.08
C VAL A 180 78.13 -18.61 30.01
N LEU A 181 77.20 -17.83 30.57
CA LEU A 181 75.79 -18.01 30.27
C LEU A 181 75.44 -17.44 28.89
N SER A 182 76.19 -16.41 28.47
CA SER A 182 76.02 -15.89 27.11
C SER A 182 76.57 -16.85 26.07
N ALA A 183 77.61 -17.62 26.42
CA ALA A 183 78.21 -18.53 25.44
C ALA A 183 77.66 -19.93 25.54
N ALA A 184 76.50 -20.11 26.17
CA ALA A 184 75.88 -21.42 26.31
C ALA A 184 74.37 -21.40 26.10
N GLY A 185 73.83 -20.38 25.44
CA GLY A 185 72.42 -20.37 25.08
C GLY A 185 71.45 -20.19 26.23
N PHE A 186 71.42 -19.00 26.82
CA PHE A 186 70.50 -18.68 27.90
C PHE A 186 69.78 -17.36 27.61
N VAL A 187 68.53 -17.28 28.07
CA VAL A 187 67.66 -16.13 27.86
C VAL A 187 67.18 -15.67 29.22
N PHE A 188 67.32 -14.37 29.50
CA PHE A 188 66.95 -13.79 30.79
C PHE A 188 65.65 -13.03 30.66
N THR A 189 64.72 -13.26 31.59
CA THR A 189 63.34 -12.82 31.43
C THR A 189 63.02 -11.54 32.22
N GLY A 190 64.03 -10.87 32.76
CA GLY A 190 63.81 -9.60 33.43
C GLY A 190 63.15 -9.68 34.79
N LYS A 191 63.43 -10.72 35.57
CA LYS A 191 62.96 -10.88 36.95
C LYS A 191 64.19 -11.10 37.83
N ARG A 192 63.96 -11.58 39.05
CA ARG A 192 65.10 -11.96 39.89
C ARG A 192 65.72 -13.22 39.29
N ASP A 193 66.97 -13.07 38.80
CA ASP A 193 67.97 -14.08 38.40
C ASP A 193 67.43 -15.36 37.77
N THR A 194 66.39 -15.26 36.94
CA THR A 194 65.76 -16.44 36.38
C THR A 194 65.98 -16.52 34.88
N VAL A 195 66.17 -17.74 34.38
CA VAL A 195 66.56 -17.95 32.98
C VAL A 195 65.63 -18.97 32.35
N GLN A 196 65.60 -18.92 31.02
CA GLN A 196 65.02 -19.97 30.19
C GLN A 196 65.69 -19.89 28.83
N CYS A 197 65.80 -21.03 28.15
CA CYS A 197 66.35 -21.03 26.82
C CYS A 197 65.31 -20.50 25.83
N PHE A 198 65.75 -20.25 24.59
CA PHE A 198 64.87 -19.73 23.56
C PHE A 198 63.81 -20.74 23.14
N SER A 199 64.06 -22.04 23.34
CA SER A 199 63.11 -23.07 22.97
C SER A 199 62.98 -24.13 24.07
N CYS A 200 62.89 -23.70 25.33
CA CYS A 200 62.61 -24.62 26.43
C CYS A 200 61.30 -24.29 27.13
N GLY A 201 61.15 -23.04 27.58
CA GLY A 201 59.94 -22.62 28.25
C GLY A 201 59.97 -22.68 29.76
N GLY A 202 61.10 -23.05 30.36
CA GLY A 202 61.17 -23.09 31.81
C GLY A 202 62.12 -22.06 32.40
N SER A 203 61.57 -21.02 33.02
CA SER A 203 62.39 -20.02 33.70
C SER A 203 62.57 -20.43 35.15
N LEU A 204 63.83 -20.47 35.59
CA LEU A 204 64.18 -20.92 36.93
C LEU A 204 65.27 -20.04 37.53
N GLY A 205 65.34 -20.04 38.86
CA GLY A 205 66.43 -19.48 39.59
C GLY A 205 67.33 -20.54 40.18
N ASN A 206 67.28 -20.66 41.53
CA ASN A 206 67.89 -21.76 42.30
C ASN A 206 69.40 -21.85 42.09
N TRP A 207 70.04 -20.70 41.95
CA TRP A 207 71.45 -20.61 41.59
C TRP A 207 72.31 -20.99 42.80
N GLU A 208 73.16 -21.99 42.61
CA GLU A 208 74.11 -22.41 43.63
C GLU A 208 75.53 -22.28 43.10
N GLU A 209 76.52 -22.71 43.86
CA GLU A 209 77.89 -22.65 43.38
C GLU A 209 78.29 -23.96 42.72
N GLY A 210 78.92 -23.85 41.56
CA GLY A 210 79.27 -25.01 40.77
C GLY A 210 78.23 -25.41 39.76
N ASP A 211 77.30 -24.53 39.42
CA ASP A 211 76.26 -24.80 38.44
C ASP A 211 76.86 -24.81 37.05
N ASP A 212 77.12 -26.00 36.53
CA ASP A 212 77.66 -26.20 35.19
C ASP A 212 76.54 -25.92 34.19
N PRO A 213 76.58 -24.77 33.49
CA PRO A 213 75.34 -24.18 32.93
C PRO A 213 74.63 -25.00 31.88
N TRP A 214 75.31 -25.46 30.84
CA TRP A 214 74.69 -26.34 29.85
C TRP A 214 74.37 -27.71 30.45
N LYS A 215 75.17 -28.13 31.42
CA LYS A 215 74.92 -29.40 32.10
C LYS A 215 73.82 -29.27 33.15
N GLU A 216 73.66 -28.08 33.74
CA GLU A 216 72.43 -27.75 34.46
C GLU A 216 71.24 -27.82 33.52
N HIS A 217 71.39 -27.32 32.29
CA HIS A 217 70.31 -27.36 31.31
C HIS A 217 69.97 -28.79 30.93
N ALA A 218 70.95 -29.69 30.97
CA ALA A 218 70.68 -31.12 30.87
C ALA A 218 70.39 -31.75 32.23
N LYS A 219 70.27 -30.95 33.30
CA LYS A 219 70.14 -31.47 34.65
C LYS A 219 69.02 -30.81 35.44
N TRP A 220 68.55 -29.61 35.03
CA TRP A 220 67.36 -29.03 35.64
C TRP A 220 66.14 -29.91 35.43
N PHE A 221 65.71 -30.04 34.19
CA PHE A 221 64.54 -30.84 33.83
C PHE A 221 64.80 -31.40 32.43
N PRO A 222 64.29 -32.60 32.15
CA PRO A 222 64.51 -33.21 30.83
C PRO A 222 63.54 -32.73 29.75
N LYS A 223 62.86 -31.60 29.94
CA LYS A 223 61.84 -31.17 28.99
C LYS A 223 62.44 -30.62 27.70
N CYS A 224 63.64 -30.06 27.76
CA CYS A 224 64.18 -29.36 26.59
C CYS A 224 64.93 -30.32 25.68
N GLU A 225 64.35 -30.62 24.53
CA GLU A 225 65.05 -31.39 23.51
C GLU A 225 65.70 -30.50 22.45
N PHE A 226 65.71 -29.18 22.67
CA PHE A 226 66.58 -28.30 21.89
C PHE A 226 68.04 -28.53 22.26
N LEU A 227 68.28 -29.06 23.46
CA LEU A 227 69.56 -29.60 23.94
C LEU A 227 70.24 -30.49 22.92
N GLN A 228 69.60 -31.61 22.58
CA GLN A 228 70.13 -32.53 21.59
C GLN A 228 69.79 -32.13 20.16
N SER A 229 68.65 -31.48 19.95
CA SER A 229 68.23 -31.02 18.63
C SER A 229 69.16 -29.97 18.05
N LYS A 230 69.85 -29.20 18.88
CA LYS A 230 70.84 -28.24 18.42
C LYS A 230 72.26 -28.69 18.71
N LYS A 231 72.50 -29.35 19.84
CA LYS A 231 73.84 -29.81 20.17
C LYS A 231 74.27 -30.97 19.28
N SER A 232 73.49 -32.03 19.25
CA SER A 232 73.86 -33.23 18.49
C SER A 232 73.14 -33.30 17.16
N ASP A 272 80.08 -8.74 -10.07
CA ASP A 272 78.79 -8.06 -10.14
C ASP A 272 78.90 -6.77 -10.94
N SER A 273 79.98 -6.03 -10.72
CA SER A 273 80.21 -4.78 -11.43
C SER A 273 80.53 -4.99 -12.90
N VAL A 274 81.07 -6.15 -13.27
CA VAL A 274 81.39 -6.41 -14.67
C VAL A 274 80.25 -7.16 -15.37
N PHE A 275 79.14 -7.39 -14.67
CA PHE A 275 78.01 -8.15 -15.17
C PHE A 275 76.80 -7.28 -15.46
N ALA A 276 77.01 -6.10 -16.04
CA ALA A 276 75.96 -5.11 -16.23
C ALA A 276 75.20 -5.25 -17.56
N ASN A 277 75.13 -6.45 -18.14
CA ASN A 277 74.34 -6.68 -19.33
C ASN A 277 73.60 -8.01 -19.19
N GLU A 278 72.46 -8.11 -19.88
CA GLU A 278 71.51 -9.20 -19.64
C GLU A 278 72.00 -10.56 -20.10
N GLU A 279 73.07 -10.62 -20.90
CA GLU A 279 73.74 -11.89 -21.15
C GLU A 279 74.68 -12.28 -20.01
N LEU A 280 75.25 -11.30 -19.31
CA LEU A 280 76.07 -11.52 -18.13
C LEU A 280 75.22 -11.52 -16.87
N ARG A 281 74.18 -10.68 -16.85
CA ARG A 281 73.13 -10.81 -15.84
C ARG A 281 72.49 -12.19 -15.93
N MET A 282 72.06 -12.59 -17.13
CA MET A 282 71.47 -13.92 -17.35
C MET A 282 72.49 -15.02 -17.08
N ASP A 283 73.76 -14.76 -17.37
CA ASP A 283 74.83 -15.68 -17.00
C ASP A 283 74.92 -15.85 -15.48
N MET A 284 74.61 -14.80 -14.73
CA MET A 284 74.47 -14.97 -13.29
C MET A 284 73.14 -15.65 -12.94
N PHE A 285 72.12 -15.49 -13.80
CA PHE A 285 70.84 -16.16 -13.58
C PHE A 285 70.87 -17.64 -13.92
N LYS A 286 71.95 -18.15 -14.53
CA LYS A 286 72.06 -19.58 -14.79
C LYS A 286 72.49 -20.39 -13.58
N ASP A 287 72.59 -19.77 -12.41
CA ASP A 287 72.86 -20.45 -11.15
C ASP A 287 71.57 -20.59 -10.34
N TRP A 288 70.51 -20.94 -11.06
CA TRP A 288 69.14 -20.74 -10.56
C TRP A 288 68.79 -21.72 -9.45
N PRO A 289 68.20 -21.24 -8.35
CA PRO A 289 67.81 -22.15 -7.27
C PRO A 289 66.62 -23.02 -7.65
N GLN A 290 66.66 -24.27 -7.19
CA GLN A 290 65.66 -25.26 -7.60
C GLN A 290 64.28 -24.96 -7.01
N GLU A 291 64.23 -24.32 -5.84
CA GLU A 291 62.97 -24.13 -5.12
C GLU A 291 62.05 -23.09 -5.74
N SER A 292 62.48 -22.41 -6.82
CA SER A 292 61.65 -21.41 -7.47
C SER A 292 61.14 -21.94 -8.80
N PRO A 293 59.84 -22.28 -8.91
CA PRO A 293 59.30 -22.73 -10.20
C PRO A 293 58.78 -21.58 -11.05
N VAL A 294 59.01 -20.34 -10.58
CA VAL A 294 58.62 -19.15 -11.32
C VAL A 294 59.48 -19.06 -12.57
N GLY A 295 58.90 -18.56 -13.67
CA GLY A 295 59.58 -18.37 -14.94
C GLY A 295 60.85 -17.55 -14.86
N VAL A 296 61.98 -18.19 -15.14
CA VAL A 296 63.29 -17.61 -14.87
C VAL A 296 63.60 -16.50 -15.88
N GLU A 297 63.15 -16.66 -17.13
CA GLU A 297 63.47 -15.71 -18.19
C GLU A 297 62.83 -14.35 -17.95
N ALA A 298 61.60 -14.33 -17.44
CA ALA A 298 60.96 -13.06 -17.08
C ALA A 298 61.64 -12.43 -15.87
N LEU A 299 62.23 -13.25 -15.00
CA LEU A 299 63.01 -12.73 -13.89
C LEU A 299 64.37 -12.21 -14.36
N VAL A 300 64.87 -12.71 -15.50
CA VAL A 300 66.03 -12.09 -16.12
C VAL A 300 65.65 -10.74 -16.70
N ARG A 301 64.52 -10.70 -17.41
CA ARG A 301 64.05 -9.47 -18.03
C ARG A 301 63.46 -8.48 -17.04
N ALA A 302 63.33 -8.86 -15.76
CA ALA A 302 62.89 -7.94 -14.72
C ALA A 302 63.96 -6.93 -14.34
N GLY A 303 65.18 -7.06 -14.83
CA GLY A 303 66.21 -6.08 -14.58
C GLY A 303 67.07 -6.35 -13.37
N PHE A 304 67.08 -7.57 -12.87
CA PHE A 304 67.90 -7.90 -11.71
C PHE A 304 69.17 -8.61 -12.15
N PHE A 305 69.98 -9.01 -11.18
CA PHE A 305 70.97 -10.07 -11.33
C PHE A 305 71.21 -10.68 -9.95
N TYR A 306 71.63 -11.94 -9.95
CA TYR A 306 71.68 -12.74 -8.73
C TYR A 306 72.92 -12.41 -7.91
N THR A 307 72.84 -12.67 -6.61
CA THR A 307 73.91 -12.28 -5.68
C THR A 307 74.65 -13.50 -5.13
N GLY A 308 73.91 -14.49 -4.63
CA GLY A 308 74.57 -15.66 -4.07
C GLY A 308 73.91 -16.30 -2.87
N LYS A 309 72.82 -15.72 -2.38
CA LYS A 309 72.08 -16.29 -1.26
C LYS A 309 70.67 -16.63 -1.74
N LYS A 310 69.78 -16.89 -0.78
CA LYS A 310 68.59 -17.73 -0.98
C LYS A 310 67.65 -17.21 -2.07
N ASP A 311 66.98 -16.09 -1.81
CA ASP A 311 66.09 -15.54 -2.82
C ASP A 311 66.15 -14.03 -2.97
N ILE A 312 67.12 -13.35 -2.37
CA ILE A 312 67.28 -11.92 -2.60
C ILE A 312 67.90 -11.75 -3.99
N VAL A 313 67.65 -10.61 -4.62
CA VAL A 313 68.17 -10.37 -5.96
C VAL A 313 68.37 -8.87 -6.17
N ARG A 314 69.42 -8.55 -6.93
CA ARG A 314 69.99 -7.21 -6.93
C ARG A 314 69.80 -6.56 -8.29
N CYS A 315 68.92 -5.56 -8.36
CA CYS A 315 68.81 -4.75 -9.57
C CYS A 315 70.05 -3.86 -9.71
N PHE A 316 70.29 -3.43 -10.94
CA PHE A 316 71.46 -2.61 -11.27
C PHE A 316 71.14 -1.13 -11.42
N SER A 317 69.92 -0.80 -11.86
CA SER A 317 69.54 0.60 -12.03
C SER A 317 69.34 1.31 -10.70
N CYS A 318 68.41 0.83 -9.89
CA CYS A 318 68.15 1.43 -8.58
C CYS A 318 68.71 0.62 -7.43
N GLY A 319 68.70 -0.70 -7.54
CA GLY A 319 69.24 -1.55 -6.49
C GLY A 319 68.19 -2.39 -5.79
N GLY A 320 67.10 -2.69 -6.50
CA GLY A 320 66.07 -3.56 -6.00
C GLY A 320 66.55 -4.99 -5.80
N CYS A 321 66.34 -5.52 -4.60
CA CYS A 321 66.81 -6.85 -4.22
C CYS A 321 65.71 -7.57 -3.46
N LEU A 322 64.79 -6.80 -2.87
CA LEU A 322 64.11 -7.13 -1.62
C LEU A 322 63.17 -8.33 -1.73
N GLU A 323 62.58 -8.65 -0.59
CA GLU A 323 61.98 -9.93 -0.24
C GLU A 323 60.60 -10.09 -0.86
N LYS A 324 59.84 -11.06 -0.31
CA LYS A 324 58.63 -11.65 -0.87
C LYS A 324 58.92 -12.32 -2.22
N TRP A 325 59.72 -13.36 -2.15
CA TRP A 325 60.00 -14.24 -3.29
C TRP A 325 59.52 -15.65 -2.95
N ALA A 326 58.54 -16.14 -3.71
CA ALA A 326 57.95 -17.44 -3.45
C ALA A 326 57.68 -18.18 -4.76
N GLU A 327 56.85 -19.22 -4.70
CA GLU A 327 56.69 -20.17 -5.79
C GLU A 327 55.63 -19.77 -6.81
N GLY A 328 54.65 -18.95 -6.44
CA GLY A 328 53.61 -18.57 -7.35
C GLY A 328 53.43 -17.07 -7.50
N ASP A 329 54.54 -16.34 -7.49
CA ASP A 329 54.46 -14.88 -7.52
C ASP A 329 54.50 -14.35 -8.95
N ASP A 330 54.66 -13.03 -9.05
CA ASP A 330 54.80 -12.36 -10.34
C ASP A 330 56.21 -11.82 -10.47
N PRO A 331 56.82 -11.88 -11.67
CA PRO A 331 58.19 -11.36 -11.81
C PRO A 331 58.30 -9.85 -11.70
N MET A 332 57.31 -9.09 -12.21
CA MET A 332 57.48 -7.64 -12.28
C MET A 332 56.88 -6.95 -11.06
N GLU A 333 55.87 -7.57 -10.43
CA GLU A 333 54.92 -6.86 -9.59
C GLU A 333 55.57 -6.29 -8.34
N ASP A 334 56.37 -7.09 -7.63
CA ASP A 334 57.02 -6.63 -6.41
C ASP A 334 58.03 -5.53 -6.69
N HIS A 335 58.72 -5.61 -7.82
CA HIS A 335 59.67 -4.57 -8.19
C HIS A 335 58.96 -3.29 -8.62
N ILE A 336 57.73 -3.40 -9.14
CA ILE A 336 57.02 -2.17 -9.49
C ILE A 336 56.42 -1.53 -8.25
N LYS A 337 55.56 -2.26 -7.53
CA LYS A 337 54.79 -1.69 -6.43
C LYS A 337 55.63 -1.51 -5.16
N PHE A 338 56.85 -2.04 -5.10
CA PHE A 338 57.72 -1.70 -3.98
C PHE A 338 59.04 -1.05 -4.37
N PHE A 339 59.34 -0.89 -5.66
CA PHE A 339 60.36 0.05 -6.12
C PHE A 339 59.78 0.88 -7.25
N PRO A 340 58.97 1.90 -6.92
CA PRO A 340 58.37 2.72 -7.98
C PRO A 340 59.29 3.81 -8.51
N GLU A 341 60.57 3.81 -8.15
CA GLU A 341 61.53 4.77 -8.68
C GLU A 341 62.76 4.09 -9.26
N CYS A 342 62.60 2.94 -9.90
CA CYS A 342 63.72 2.32 -10.60
C CYS A 342 63.80 2.89 -12.00
N VAL A 343 64.97 3.44 -12.36
CA VAL A 343 65.10 4.27 -13.56
C VAL A 343 64.97 3.42 -14.82
N PHE A 344 65.49 2.19 -14.80
CA PHE A 344 65.26 1.27 -15.92
C PHE A 344 63.79 0.87 -15.99
N LEU A 345 63.14 0.69 -14.85
CA LEU A 345 61.71 0.47 -14.83
C LEU A 345 60.95 1.73 -15.21
N GLN A 346 61.48 2.90 -14.85
CA GLN A 346 60.90 4.17 -15.29
C GLN A 346 60.93 4.31 -16.80
N THR A 347 62.00 3.84 -17.44
CA THR A 347 62.06 3.75 -18.89
C THR A 347 61.32 2.53 -19.42
N LEU A 348 60.89 1.62 -18.55
CA LEU A 348 60.08 0.48 -18.95
C LEU A 348 58.59 0.70 -18.70
N LYS A 349 58.20 0.99 -17.46
CA LYS A 349 56.82 1.28 -17.12
C LYS A 349 56.78 2.55 -16.29
N SER A 350 56.23 3.62 -16.87
CA SER A 350 56.23 4.94 -16.26
C SER A 350 55.07 5.05 -15.26
N SER A 351 54.81 6.28 -14.83
CA SER A 351 53.84 6.59 -13.77
C SER A 351 52.40 6.24 -14.15
N ALA A 352 52.05 6.28 -15.44
CA ALA A 352 50.71 5.86 -15.82
C ALA A 352 50.61 4.35 -15.89
N GLU A 353 51.74 3.66 -15.90
CA GLU A 353 51.79 2.21 -16.00
C GLU A 353 51.98 1.53 -14.64
N VAL A 354 52.34 2.29 -13.61
CA VAL A 354 52.36 1.73 -12.26
C VAL A 354 51.00 1.83 -11.58
N ILE A 355 50.04 2.48 -12.23
CA ILE A 355 48.66 2.60 -11.76
C ILE A 355 47.96 1.26 -11.54
N PRO A 356 48.07 0.23 -12.41
CA PRO A 356 47.50 -1.07 -12.04
C PRO A 356 48.17 -1.72 -10.85
N THR A 357 49.46 -1.52 -10.65
CA THR A 357 50.10 -2.01 -9.44
C THR A 357 49.73 -1.17 -8.24
N LEU A 358 49.41 0.12 -8.47
CA LEU A 358 48.88 0.95 -7.41
C LEU A 358 47.51 0.47 -6.97
N GLN A 359 46.71 -0.03 -7.90
CA GLN A 359 45.43 -0.61 -7.55
C GLN A 359 45.55 -2.07 -7.12
N SER A 360 46.71 -2.69 -7.32
CA SER A 360 46.95 -4.02 -6.78
C SER A 360 47.36 -3.93 -5.31
N GLN A 361 48.50 -3.32 -5.03
CA GLN A 361 48.91 -2.99 -3.66
C GLN A 361 49.57 -1.62 -3.63
N PHE A 397 67.45 17.98 11.11
CA PHE A 397 66.98 16.60 10.93
C PHE A 397 67.63 15.68 11.95
N GLN A 398 68.73 16.15 12.55
CA GLN A 398 69.40 15.38 13.58
C GLN A 398 68.54 15.27 14.84
N GLU A 399 67.68 16.25 15.08
CA GLU A 399 66.69 16.13 16.13
C GLU A 399 65.60 15.12 15.78
N ALA A 400 65.17 15.05 14.53
CA ALA A 400 64.18 14.06 14.12
C ALA A 400 64.78 12.66 14.01
N ARG A 401 65.94 12.53 13.37
CA ARG A 401 66.56 11.23 13.22
C ARG A 401 67.08 10.71 14.56
N SER A 402 67.78 11.57 15.30
CA SER A 402 68.28 11.19 16.63
C SER A 402 67.13 11.01 17.61
N LEU A 403 66.03 11.74 17.40
CA LEU A 403 64.80 11.46 18.14
C LEU A 403 64.28 10.07 17.85
N SER A 404 64.33 9.65 16.58
CA SER A 404 63.94 8.30 16.22
C SER A 404 64.91 7.26 16.80
N GLU A 405 66.17 7.65 17.02
CA GLU A 405 67.12 6.72 17.63
C GLU A 405 66.88 6.61 19.14
N GLN A 406 66.56 7.73 19.80
CA GLN A 406 66.22 7.70 21.22
C GLN A 406 64.94 6.94 21.49
N LEU A 407 63.88 7.23 20.74
CA LEU A 407 62.61 6.55 20.95
C LEU A 407 62.67 5.10 20.46
N ARG A 408 63.48 4.83 19.43
CA ARG A 408 63.72 3.45 19.04
C ARG A 408 64.48 2.69 20.12
N ASP A 409 65.37 3.37 20.83
CA ASP A 409 66.07 2.74 21.95
C ASP A 409 65.16 2.61 23.16
N ASN A 410 64.12 3.42 23.25
CA ASN A 410 63.28 3.36 24.44
C ASN A 410 62.11 2.41 24.26
N TYR A 411 61.66 2.20 23.01
CA TYR A 411 60.45 1.41 22.79
C TYR A 411 60.77 -0.08 22.74
N THR A 412 62.04 -0.45 22.87
CA THR A 412 62.44 -1.84 23.01
C THR A 412 62.60 -2.25 24.47
N LYS A 413 61.76 -1.69 25.34
CA LYS A 413 61.86 -1.87 26.78
C LYS A 413 61.66 -3.33 27.18
N ALA A 414 62.56 -3.84 28.02
CA ALA A 414 62.51 -5.23 28.45
C ALA A 414 61.49 -5.47 29.54
N THR A 415 61.34 -4.53 30.49
CA THR A 415 60.34 -4.63 31.53
C THR A 415 58.92 -4.32 31.04
N PHE A 416 58.79 -3.92 29.78
CA PHE A 416 57.49 -3.69 29.15
C PHE A 416 56.70 -4.98 28.98
N ARG A 417 57.35 -6.13 29.06
CA ARG A 417 56.74 -7.45 28.92
C ARG A 417 55.67 -7.79 29.95
N HIS A 418 55.64 -7.11 31.10
CA HIS A 418 54.96 -7.65 32.27
C HIS A 418 53.45 -7.49 32.16
N MET A 419 52.75 -8.58 32.47
CA MET A 419 51.30 -8.63 32.47
C MET A 419 50.85 -9.36 33.72
N ASN A 420 49.71 -8.96 34.27
CA ASN A 420 49.09 -9.62 35.42
C ASN A 420 48.23 -10.81 35.02
N LEU A 421 48.49 -11.43 33.87
CA LEU A 421 47.80 -12.68 33.56
C LEU A 421 48.25 -13.82 34.48
N PRO A 422 49.54 -13.95 34.88
CA PRO A 422 49.80 -14.64 36.17
C PRO A 422 49.75 -13.64 37.34
N GLU A 423 48.52 -13.38 37.82
CA GLU A 423 48.29 -12.30 38.77
C GLU A 423 48.84 -12.63 40.15
N VAL A 424 48.27 -13.65 40.80
CA VAL A 424 48.74 -14.04 42.12
C VAL A 424 49.55 -15.32 42.00
N CYS A 425 49.30 -16.10 40.93
CA CYS A 425 50.16 -17.23 40.60
C CYS A 425 51.59 -16.79 40.31
N SER A 426 51.75 -15.74 39.48
CA SER A 426 53.02 -15.07 39.22
C SER A 426 54.09 -16.01 38.68
N SER A 427 53.70 -16.86 37.73
CA SER A 427 54.62 -17.82 37.14
C SER A 427 55.67 -17.09 36.30
N LEU A 428 56.89 -17.64 36.34
CA LEU A 428 58.03 -17.04 35.64
C LEU A 428 57.91 -17.33 34.16
N GLY A 429 57.30 -16.40 33.43
CA GLY A 429 57.10 -16.57 32.01
C GLY A 429 56.36 -15.41 31.35
N THR A 430 56.52 -15.28 30.05
CA THR A 430 55.87 -14.24 29.26
C THR A 430 54.49 -14.70 28.82
N ASP A 431 53.88 -13.95 27.89
CA ASP A 431 52.59 -14.31 27.34
C ASP A 431 52.58 -14.43 25.82
N HIS A 432 53.75 -14.49 25.18
CA HIS A 432 53.84 -14.84 23.78
C HIS A 432 54.63 -16.12 23.56
N LEU A 433 55.86 -16.19 24.09
CA LEU A 433 56.61 -17.44 24.04
C LEU A 433 56.07 -18.47 25.01
N LEU A 434 55.25 -18.06 25.99
CA LEU A 434 54.71 -18.95 26.99
C LEU A 434 53.19 -18.99 26.94
N SER A 435 52.59 -18.45 25.88
CA SER A 435 51.13 -18.46 25.76
C SER A 435 50.74 -18.40 24.29
N CYS A 436 49.62 -19.02 23.96
CA CYS A 436 49.15 -19.10 22.58
C CYS A 436 48.37 -17.84 22.20
N ASP A 437 47.68 -17.90 21.06
CA ASP A 437 47.12 -16.70 20.46
C ASP A 437 45.66 -16.92 20.02
N VAL A 438 45.07 -15.84 19.52
CA VAL A 438 43.75 -15.85 18.92
C VAL A 438 43.86 -15.37 17.48
N SER A 439 42.73 -15.27 16.80
CA SER A 439 42.70 -14.87 15.40
C SER A 439 41.85 -13.62 15.21
N ILE A 440 41.71 -13.23 13.96
CA ILE A 440 41.02 -12.00 13.58
C ILE A 440 39.79 -12.37 12.77
N ILE A 441 38.63 -11.94 13.26
CA ILE A 441 37.41 -11.89 12.47
C ILE A 441 37.38 -10.52 11.80
N SER A 442 37.92 -10.45 10.59
CA SER A 442 37.97 -9.21 9.83
C SER A 442 36.63 -9.02 9.12
N LYS A 443 35.90 -7.98 9.51
CA LYS A 443 34.55 -7.70 9.04
C LYS A 443 34.52 -6.39 8.26
N HIS A 444 33.92 -6.43 7.09
CA HIS A 444 33.81 -5.24 6.26
C HIS A 444 32.69 -4.35 6.79
N ILE A 445 32.74 -3.07 6.41
CA ILE A 445 31.83 -2.07 6.98
C ILE A 445 30.43 -2.14 6.40
N SER A 446 30.25 -2.71 5.21
CA SER A 446 28.93 -2.81 4.56
C SER A 446 28.33 -4.21 4.66
N GLN A 447 28.53 -4.89 5.79
CA GLN A 447 28.15 -6.24 6.23
C GLN A 447 28.37 -7.43 5.26
N PRO A 448 29.58 -7.65 4.73
CA PRO A 448 30.03 -9.04 4.61
C PRO A 448 31.06 -9.38 5.69
N VAL A 449 30.96 -10.57 6.27
CA VAL A 449 32.04 -11.04 7.14
C VAL A 449 33.19 -11.38 6.21
N GLN A 450 34.22 -10.53 6.20
CA GLN A 450 35.16 -10.52 5.08
C GLN A 450 36.12 -11.71 5.13
N GLU A 451 36.98 -11.76 6.13
CA GLU A 451 37.85 -12.93 6.30
C GLU A 451 38.03 -13.20 7.78
N ALA A 452 38.85 -14.19 8.09
CA ALA A 452 39.40 -14.39 9.43
C ALA A 452 40.92 -14.42 9.33
N LEU A 453 41.51 -13.23 9.35
CA LEU A 453 42.94 -13.06 9.13
C LEU A 453 43.70 -13.43 10.38
N THR A 454 45.03 -13.51 10.25
CA THR A 454 45.92 -13.79 11.37
C THR A 454 46.77 -12.56 11.65
N ILE A 455 47.72 -12.74 12.57
CA ILE A 455 48.52 -11.63 13.10
C ILE A 455 49.58 -11.16 12.09
N PRO A 456 50.29 -12.02 11.34
CA PRO A 456 51.04 -11.47 10.19
C PRO A 456 50.14 -11.01 9.05
N GLU A 457 48.90 -11.50 8.97
CA GLU A 457 48.00 -11.00 7.94
C GLU A 457 47.47 -9.62 8.27
N VAL A 458 47.58 -9.21 9.53
CA VAL A 458 47.39 -7.80 9.87
C VAL A 458 48.47 -6.96 9.21
N PHE A 459 49.72 -7.44 9.25
CA PHE A 459 50.87 -6.72 8.75
C PHE A 459 50.89 -6.60 7.23
N SER A 460 50.19 -7.49 6.51
CA SER A 460 50.26 -7.50 5.06
C SER A 460 49.54 -6.30 4.47
N ASN A 461 48.25 -6.19 4.70
CA ASN A 461 47.48 -5.02 4.31
C ASN A 461 47.07 -4.25 5.55
N LEU A 462 47.97 -3.38 5.99
CA LEU A 462 47.79 -2.58 7.20
C LEU A 462 46.67 -1.56 6.97
N ASN A 463 46.01 -1.17 8.05
CA ASN A 463 44.92 -0.23 8.00
C ASN A 463 45.36 1.10 8.59
N SER A 464 45.08 2.18 7.86
CA SER A 464 45.52 3.51 8.28
C SER A 464 44.78 4.00 9.51
N VAL A 465 43.56 3.50 9.73
CA VAL A 465 42.83 3.71 10.98
C VAL A 465 41.90 2.53 11.17
N MET A 466 41.90 1.95 12.36
CA MET A 466 41.33 0.62 12.55
C MET A 466 40.84 0.47 13.97
N CYS A 467 39.78 -0.30 14.15
CA CYS A 467 39.23 -0.60 15.47
C CYS A 467 39.09 -2.11 15.65
N VAL A 468 39.38 -2.58 16.85
CA VAL A 468 39.23 -3.99 17.20
C VAL A 468 38.35 -4.07 18.44
N GLU A 469 37.63 -5.17 18.57
CA GLU A 469 36.77 -5.42 19.74
C GLU A 469 37.23 -6.69 20.45
N GLY A 470 37.07 -6.69 21.77
CA GLY A 470 37.56 -7.75 22.62
C GLY A 470 37.30 -7.42 24.07
N GLU A 471 38.33 -7.59 24.90
CA GLU A 471 38.26 -7.32 26.33
C GLU A 471 39.49 -6.56 26.79
N THR A 472 39.26 -5.40 27.43
CA THR A 472 40.34 -4.63 27.99
C THR A 472 40.98 -5.36 29.17
N GLY A 473 42.27 -5.10 29.37
CA GLY A 473 43.06 -5.97 30.24
C GLY A 473 43.48 -7.26 29.57
N SER A 474 42.54 -7.96 28.96
CA SER A 474 42.74 -9.12 28.11
C SER A 474 43.24 -8.69 26.73
N GLY A 475 43.07 -9.58 25.77
CA GLY A 475 43.66 -9.69 24.45
C GLY A 475 43.95 -8.41 23.71
N LYS A 476 43.09 -7.38 23.80
CA LYS A 476 43.30 -6.17 22.98
C LYS A 476 44.55 -5.40 23.40
N THR A 477 44.74 -5.17 24.70
CA THR A 477 45.98 -4.54 25.14
C THR A 477 47.12 -5.54 25.11
N THR A 478 46.79 -6.83 25.15
CA THR A 478 47.79 -7.86 24.90
C THR A 478 48.17 -7.86 23.42
N PHE A 479 47.24 -7.46 22.55
CA PHE A 479 47.57 -7.34 21.14
C PHE A 479 48.42 -6.10 20.88
N LEU A 480 48.16 -5.01 21.61
CA LEU A 480 48.96 -3.81 21.40
C LEU A 480 50.36 -3.96 21.97
N LYS A 481 50.47 -4.37 23.24
CA LYS A 481 51.75 -4.67 23.86
C LYS A 481 52.46 -5.84 23.19
N ARG A 482 51.70 -6.74 22.57
CA ARG A 482 52.24 -7.72 21.66
C ARG A 482 52.92 -7.09 20.47
N ILE A 483 52.28 -6.08 19.85
CA ILE A 483 52.86 -5.40 18.69
C ILE A 483 54.14 -4.67 19.07
N ALA A 484 54.13 -3.99 20.22
CA ALA A 484 55.32 -3.25 20.61
C ALA A 484 56.45 -4.17 21.10
N PHE A 485 56.12 -5.15 21.93
CA PHE A 485 57.14 -6.00 22.53
C PHE A 485 57.74 -6.96 21.49
N LEU A 486 56.91 -7.48 20.60
CA LEU A 486 57.45 -8.28 19.51
C LEU A 486 57.98 -7.39 18.39
N TRP A 487 57.65 -6.10 18.43
CA TRP A 487 58.31 -5.13 17.57
C TRP A 487 59.71 -4.82 18.10
N ALA A 488 59.99 -5.17 19.35
CA ALA A 488 61.36 -5.19 19.86
C ALA A 488 62.10 -6.48 19.52
N SER A 489 61.58 -7.31 18.61
CA SER A 489 62.23 -8.55 18.22
C SER A 489 62.63 -8.59 16.74
N GLY A 490 61.70 -8.30 15.83
CA GLY A 490 62.02 -8.25 14.41
C GLY A 490 62.30 -9.58 13.74
N CYS A 491 61.27 -10.41 13.59
CA CYS A 491 61.38 -11.70 12.92
C CYS A 491 60.65 -11.77 11.59
N CYS A 492 59.44 -11.18 11.49
CA CYS A 492 58.63 -11.12 10.28
C CYS A 492 59.36 -10.31 9.20
N PRO A 493 59.28 -10.71 7.92
CA PRO A 493 60.10 -10.05 6.89
C PRO A 493 59.66 -8.64 6.52
N LEU A 494 58.71 -8.04 7.24
CA LEU A 494 58.49 -6.60 7.12
C LEU A 494 58.96 -5.85 8.36
N LEU A 495 59.35 -6.57 9.42
CA LEU A 495 59.75 -5.92 10.66
C LEU A 495 61.15 -5.32 10.51
N TYR A 496 61.52 -4.54 11.56
CA TYR A 496 62.70 -3.68 11.74
C TYR A 496 62.62 -2.42 10.87
N ARG A 497 61.65 -2.35 9.96
CA ARG A 497 61.46 -1.21 9.09
C ARG A 497 60.18 -0.45 9.41
N PHE A 498 59.49 -0.83 10.48
CA PHE A 498 58.42 -0.03 11.04
C PHE A 498 59.07 0.96 12.00
N GLN A 499 58.56 2.18 12.00
CA GLN A 499 59.32 3.30 12.52
C GLN A 499 58.95 3.72 13.93
N LEU A 500 57.70 4.10 14.18
CA LEU A 500 57.32 4.67 15.47
C LEU A 500 55.93 4.22 15.86
N VAL A 501 55.86 3.24 16.75
CA VAL A 501 54.59 2.83 17.34
C VAL A 501 54.35 3.70 18.57
N PHE A 502 53.09 3.78 18.98
CA PHE A 502 52.73 4.57 20.16
C PHE A 502 51.62 3.85 20.92
N TYR A 503 52.01 3.20 22.02
CA TYR A 503 51.05 2.54 22.89
C TYR A 503 50.32 3.57 23.74
N LEU A 504 49.00 3.45 23.84
CA LEU A 504 48.28 4.43 24.64
C LEU A 504 46.98 3.84 25.17
N SER A 505 46.75 4.00 26.47
CA SER A 505 45.48 3.63 27.11
C SER A 505 44.80 4.89 27.61
N LEU A 506 43.66 5.21 27.03
CA LEU A 506 43.00 6.49 27.32
C LEU A 506 41.93 6.35 28.39
N SER A 507 41.83 5.20 29.03
CA SER A 507 40.86 5.02 30.10
C SER A 507 41.24 5.79 31.35
N SER A 508 42.53 6.06 31.55
CA SER A 508 42.94 6.81 32.72
C SER A 508 42.76 8.30 32.54
N ILE A 509 43.06 8.82 31.34
CA ILE A 509 43.28 10.24 31.14
C ILE A 509 42.21 10.81 30.22
N THR A 510 42.07 12.12 30.29
CA THR A 510 41.45 13.01 29.32
C THR A 510 42.12 14.37 29.46
N PRO A 511 43.45 14.42 29.32
CA PRO A 511 44.25 15.43 30.02
C PRO A 511 44.40 16.76 29.30
N ASP A 512 43.54 17.03 28.32
CA ASP A 512 43.47 18.19 27.41
C ASP A 512 44.83 18.75 26.99
N GLN A 513 45.77 17.85 26.70
CA GLN A 513 47.13 18.17 26.33
C GLN A 513 47.69 16.95 25.63
N GLY A 514 48.58 17.17 24.68
CA GLY A 514 48.93 16.12 23.73
C GLY A 514 50.04 15.19 24.16
N LEU A 515 51.14 15.22 23.41
CA LEU A 515 52.13 14.14 23.47
C LEU A 515 52.98 14.21 24.73
N ALA A 516 53.44 15.41 25.08
CA ALA A 516 54.33 15.56 26.24
C ALA A 516 53.65 15.25 27.55
N ASN A 517 52.32 15.39 27.61
CA ASN A 517 51.58 15.10 28.83
C ASN A 517 51.66 13.61 29.18
N ILE A 518 51.32 12.75 28.22
CA ILE A 518 51.24 11.33 28.54
C ILE A 518 52.55 10.59 28.26
N ILE A 519 53.34 11.04 27.28
CA ILE A 519 54.66 10.45 27.08
C ILE A 519 55.60 10.89 28.20
N CYS A 520 55.43 12.12 28.69
CA CYS A 520 56.17 12.50 29.88
C CYS A 520 55.49 12.05 31.16
N ALA A 521 54.25 11.56 31.09
CA ALA A 521 53.54 11.17 32.32
C ALA A 521 53.68 9.68 32.61
N GLN A 522 53.16 8.82 31.73
CA GLN A 522 53.20 7.38 31.97
C GLN A 522 54.42 6.72 31.36
N LEU A 523 55.19 7.44 30.57
CA LEU A 523 56.44 6.94 30.03
C LEU A 523 57.57 7.87 30.47
N LEU A 524 58.75 7.69 29.89
CA LEU A 524 59.94 8.40 30.35
C LEU A 524 59.86 9.89 30.05
N GLY A 525 59.80 10.26 28.78
CA GLY A 525 59.79 11.66 28.41
C GLY A 525 59.58 11.90 26.93
N ALA A 526 59.25 13.13 26.56
CA ALA A 526 58.93 13.42 25.16
C ALA A 526 59.84 14.47 24.56
N GLY A 527 60.96 14.78 25.21
CA GLY A 527 61.90 15.73 24.65
C GLY A 527 61.53 17.18 24.90
N GLY A 528 62.53 17.99 25.27
CA GLY A 528 62.28 19.39 25.58
C GLY A 528 62.86 20.35 24.55
N CYS A 529 64.00 19.99 23.96
CA CYS A 529 64.54 20.76 22.85
C CYS A 529 63.65 20.65 21.62
N ILE A 530 63.04 19.47 21.44
CA ILE A 530 61.97 19.27 20.46
C ILE A 530 60.66 19.59 21.16
N SER A 531 59.92 20.56 20.61
CA SER A 531 58.66 20.99 21.19
C SER A 531 57.61 19.90 21.01
N GLU A 532 56.52 20.01 21.77
CA GLU A 532 55.44 19.03 21.71
C GLU A 532 54.74 19.06 20.36
N VAL A 533 54.67 20.23 19.74
CA VAL A 533 54.18 20.33 18.37
C VAL A 533 55.31 20.00 17.40
N CYS A 534 56.56 20.26 17.80
CA CYS A 534 57.69 19.84 16.98
C CYS A 534 57.88 18.33 17.06
N LEU A 535 57.47 17.72 18.17
CA LEU A 535 57.31 16.27 18.20
C LEU A 535 56.16 15.85 17.30
N SER A 536 55.07 16.61 17.31
CA SER A 536 53.98 16.37 16.36
C SER A 536 54.40 16.71 14.94
N SER A 537 55.38 17.61 14.78
CA SER A 537 55.96 17.84 13.46
C SER A 537 56.84 16.68 13.04
N SER A 538 57.48 16.01 14.00
CA SER A 538 58.22 14.80 13.70
C SER A 538 57.27 13.65 13.37
N ILE A 539 56.05 13.69 13.90
CA ILE A 539 55.00 12.84 13.38
C ILE A 539 54.66 13.24 11.95
N GLN A 540 54.39 14.52 11.73
CA GLN A 540 53.84 14.97 10.47
C GLN A 540 54.92 15.36 9.47
N GLN A 541 56.10 14.76 9.61
CA GLN A 541 57.13 14.89 8.59
C GLN A 541 57.61 13.51 8.13
N LEU A 542 57.33 12.46 8.91
CA LEU A 542 57.69 11.09 8.61
C LEU A 542 56.51 10.13 8.78
N GLN A 543 55.37 10.45 8.15
CA GLN A 543 54.09 9.87 8.54
C GLN A 543 53.96 8.41 8.11
N HIS A 544 54.59 8.03 7.00
CA HIS A 544 54.22 6.83 6.26
C HIS A 544 54.52 5.53 6.98
N GLN A 545 55.29 5.55 8.06
CA GLN A 545 55.62 4.33 8.79
C GLN A 545 55.33 4.47 10.29
N VAL A 546 54.40 5.34 10.65
CA VAL A 546 54.06 5.58 12.05
C VAL A 546 52.84 4.72 12.40
N LEU A 547 52.98 3.92 13.45
CA LEU A 547 52.00 2.93 13.85
C LEU A 547 51.46 3.29 15.24
N PHE A 548 50.14 3.34 15.37
CA PHE A 548 49.50 3.77 16.61
C PHE A 548 48.72 2.63 17.25
N LEU A 549 48.74 2.62 18.57
CA LEU A 549 48.22 1.58 19.44
C LEU A 549 47.24 2.19 20.44
N LEU A 550 46.26 2.90 19.90
CA LEU A 550 45.32 3.67 20.71
C LEU A 550 44.25 2.78 21.33
N ASP A 551 43.94 3.06 22.59
CA ASP A 551 43.05 2.24 23.40
C ASP A 551 41.97 3.12 24.00
N ASP A 552 40.73 2.60 23.98
CA ASP A 552 39.60 3.07 24.81
C ASP A 552 39.22 4.53 24.51
N TYR A 553 38.66 4.73 23.32
CA TYR A 553 37.90 5.96 23.09
C TYR A 553 36.59 5.95 23.87
N SER A 554 36.11 4.78 24.30
CA SER A 554 34.90 4.64 25.10
C SER A 554 34.98 5.41 26.42
N GLY A 555 36.17 5.61 26.96
CA GLY A 555 36.33 6.51 28.09
C GLY A 555 37.00 7.81 27.67
N LEU A 556 36.62 8.33 26.51
CA LEU A 556 37.25 9.54 25.99
C LEU A 556 36.18 10.42 25.34
N ALA A 557 36.32 11.72 25.56
CA ALA A 557 35.52 12.75 24.91
C ALA A 557 36.46 13.61 24.06
N SER A 558 35.93 14.73 23.58
CA SER A 558 36.68 15.65 22.72
C SER A 558 37.65 16.54 23.48
N LEU A 559 37.96 16.24 24.73
CA LEU A 559 38.77 17.12 25.55
C LEU A 559 40.28 17.13 25.22
N PRO A 560 40.97 15.99 24.90
CA PRO A 560 42.37 16.15 24.43
C PRO A 560 42.44 16.80 23.06
N GLN A 561 43.35 17.77 22.91
CA GLN A 561 43.28 18.69 21.78
C GLN A 561 43.87 18.07 20.52
N ALA A 562 45.18 17.78 20.54
CA ALA A 562 45.82 17.24 19.35
C ALA A 562 45.41 15.80 19.08
N LEU A 563 44.96 15.10 20.12
CA LEU A 563 44.51 13.73 19.97
C LEU A 563 43.20 13.68 19.17
N HIS A 564 42.17 14.35 19.69
CA HIS A 564 40.84 14.24 19.10
C HIS A 564 40.78 14.98 17.77
N THR A 565 41.58 16.04 17.60
CA THR A 565 41.69 16.67 16.30
C THR A 565 42.57 15.87 15.35
N LEU A 566 43.44 14.99 15.87
CA LEU A 566 44.10 14.05 14.99
C LEU A 566 43.15 12.97 14.51
N ILE A 567 42.27 12.49 15.39
CA ILE A 567 41.36 11.41 15.06
C ILE A 567 40.25 11.92 14.14
N THR A 568 39.78 13.12 14.38
CA THR A 568 38.75 13.62 13.48
C THR A 568 39.29 14.14 12.15
N LYS A 569 40.61 14.32 12.04
CA LYS A 569 41.24 14.74 10.79
C LYS A 569 42.32 13.75 10.41
N ASN A 570 41.97 12.46 10.35
CA ASN A 570 42.95 11.40 10.20
C ASN A 570 43.68 11.42 8.86
N TYR A 571 43.22 12.20 7.88
CA TYR A 571 43.98 12.32 6.65
C TYR A 571 45.25 13.12 6.89
N LEU A 572 45.19 14.11 7.79
CA LEU A 572 46.28 15.09 7.91
C LEU A 572 47.55 14.47 8.49
N SER A 573 47.46 13.28 9.06
CA SER A 573 48.62 12.42 9.27
C SER A 573 48.38 11.15 8.49
N ARG A 574 49.13 10.97 7.39
CA ARG A 574 49.05 9.73 6.61
C ARG A 574 49.77 8.63 7.37
N THR A 575 49.15 8.15 8.44
CA THR A 575 49.73 7.22 9.38
C THR A 575 48.82 6.01 9.51
N CYS A 576 49.29 5.03 10.25
CA CYS A 576 48.48 3.89 10.62
C CYS A 576 48.01 4.08 12.05
N LEU A 577 46.69 4.10 12.23
CA LEU A 577 46.10 4.32 13.54
C LEU A 577 45.36 3.05 13.94
N LEU A 578 45.57 2.62 15.19
CA LEU A 578 44.83 1.49 15.74
C LEU A 578 44.08 1.96 16.98
N ILE A 579 42.98 1.28 17.31
CA ILE A 579 42.23 1.58 18.52
C ILE A 579 41.49 0.33 18.94
N ALA A 580 41.25 0.23 20.25
CA ALA A 580 40.74 -1.00 20.86
C ALA A 580 39.47 -0.78 21.67
N VAL A 581 38.46 -0.16 21.08
CA VAL A 581 37.23 0.16 21.81
C VAL A 581 36.33 -1.08 21.83
N HIS A 582 35.59 -1.26 22.93
CA HIS A 582 34.64 -2.36 23.07
C HIS A 582 33.46 -2.19 22.11
N THR A 583 32.58 -3.19 22.14
CA THR A 583 31.37 -3.24 21.32
C THR A 583 30.19 -2.49 21.95
N ASN A 584 30.45 -1.54 22.84
CA ASN A 584 29.40 -0.61 23.24
C ASN A 584 29.49 0.69 22.45
N ARG A 585 30.71 1.09 22.06
CA ARG A 585 30.92 2.37 21.39
C ARG A 585 31.78 2.18 20.14
N VAL A 586 31.40 1.25 19.27
CA VAL A 586 32.04 1.14 17.97
C VAL A 586 31.49 2.18 17.01
N ARG A 587 30.37 2.81 17.36
CA ARG A 587 29.69 3.69 16.42
C ARG A 587 30.42 5.03 16.29
N ASP A 588 31.04 5.50 17.36
CA ASP A 588 31.82 6.73 17.27
C ASP A 588 33.12 6.55 16.51
N ILE A 589 33.64 5.32 16.48
CA ILE A 589 34.82 5.05 15.67
C ILE A 589 34.43 4.79 14.21
N ARG A 590 33.20 4.33 13.99
CA ARG A 590 32.73 3.88 12.67
C ARG A 590 32.79 4.96 11.60
N LEU A 591 32.69 6.23 11.99
CA LEU A 591 32.87 7.33 11.05
C LEU A 591 34.28 7.39 10.49
N TYR A 592 35.23 6.78 11.18
CA TYR A 592 36.64 6.81 10.85
C TYR A 592 37.18 5.39 10.73
N LEU A 593 36.47 4.53 10.01
CA LEU A 593 36.89 3.15 9.83
C LEU A 593 36.79 2.72 8.37
N GLY A 594 37.66 1.79 8.00
CA GLY A 594 37.58 1.11 6.73
C GLY A 594 37.15 -0.33 6.91
N THR A 595 37.62 -0.94 8.00
CA THR A 595 37.20 -2.29 8.34
C THR A 595 37.25 -2.47 9.86
N SER A 596 36.45 -3.40 10.34
CA SER A 596 36.37 -3.72 11.76
C SER A 596 37.08 -5.03 12.03
N LEU A 597 37.71 -5.13 13.19
CA LEU A 597 38.40 -6.36 13.57
C LEU A 597 37.84 -6.88 14.89
N GLU A 598 37.60 -8.19 14.95
CA GLU A 598 37.09 -8.83 16.14
C GLU A 598 38.06 -9.88 16.65
N ILE A 599 38.40 -9.77 17.93
CA ILE A 599 39.15 -10.80 18.63
C ILE A 599 38.18 -11.91 19.02
N GLN A 600 38.56 -13.16 18.75
CA GLN A 600 37.73 -14.30 19.15
C GLN A 600 38.63 -15.46 19.56
N GLU A 601 38.30 -16.07 20.70
CA GLU A 601 39.00 -17.26 21.17
C GLU A 601 38.70 -18.45 20.26
N PHE A 602 39.71 -19.29 20.06
CA PHE A 602 39.47 -20.62 19.49
C PHE A 602 39.64 -21.67 20.57
N PRO A 603 38.61 -21.97 21.35
CA PRO A 603 38.77 -22.88 22.50
C PRO A 603 38.91 -24.35 22.14
N PHE A 604 39.02 -24.68 20.86
CA PHE A 604 39.50 -25.98 20.44
C PHE A 604 40.87 -26.26 21.04
N TYR A 605 41.80 -25.32 20.87
CA TYR A 605 43.19 -25.55 21.21
C TYR A 605 43.79 -24.56 22.19
N ASN A 606 43.18 -23.40 22.42
CA ASN A 606 43.83 -22.39 23.23
C ASN A 606 43.81 -22.74 24.71
N THR A 607 42.67 -23.25 25.20
CA THR A 607 42.56 -23.61 26.61
C THR A 607 43.45 -24.80 26.98
N VAL A 608 43.64 -25.74 26.05
CA VAL A 608 44.53 -26.86 26.33
C VAL A 608 45.99 -26.49 26.09
N SER A 609 46.25 -25.39 25.38
CA SER A 609 47.61 -24.89 25.28
C SER A 609 48.02 -24.16 26.55
N VAL A 610 47.13 -23.33 27.09
CA VAL A 610 47.43 -22.61 28.33
C VAL A 610 47.48 -23.58 29.50
N LEU A 611 46.45 -24.40 29.64
CA LEU A 611 46.44 -25.40 30.70
C LEU A 611 47.44 -26.53 30.45
N ARG A 612 47.88 -26.71 29.21
CA ARG A 612 49.00 -27.61 28.96
C ARG A 612 50.30 -27.03 29.49
N LYS A 613 50.68 -25.84 29.00
CA LYS A 613 52.00 -25.30 29.24
C LYS A 613 52.17 -24.82 30.67
N PHE A 614 51.16 -24.17 31.22
CA PHE A 614 51.23 -23.66 32.59
C PHE A 614 50.91 -24.71 33.64
N PHE A 615 50.34 -25.85 33.24
CA PHE A 615 50.02 -26.93 34.18
C PHE A 615 50.45 -28.27 33.63
N SER A 616 51.70 -28.37 33.20
CA SER A 616 52.34 -29.66 32.98
C SER A 616 52.67 -30.37 34.29
N HIS A 617 52.53 -29.68 35.42
CA HIS A 617 52.67 -30.30 36.73
C HIS A 617 51.58 -31.33 36.98
N ASP A 618 50.40 -31.12 36.41
CA ASP A 618 49.28 -32.02 36.60
C ASP A 618 48.57 -32.23 35.28
N ILE A 619 48.68 -33.43 34.72
CA ILE A 619 48.16 -33.69 33.38
C ILE A 619 47.03 -34.70 33.35
N ILE A 620 46.72 -35.35 34.47
CA ILE A 620 45.60 -36.29 34.50
C ILE A 620 44.27 -35.55 34.55
N CYS A 621 44.22 -34.39 35.20
CA CYS A 621 43.02 -33.57 35.12
C CYS A 621 42.90 -32.89 33.77
N VAL A 622 44.02 -32.79 33.04
CA VAL A 622 43.96 -32.37 31.65
C VAL A 622 43.33 -33.46 30.80
N GLU A 623 43.61 -34.73 31.14
CA GLU A 623 42.91 -35.85 30.52
C GLU A 623 41.43 -35.78 30.84
N LYS A 624 41.09 -35.39 32.08
CA LYS A 624 39.70 -35.15 32.45
C LYS A 624 39.08 -34.03 31.64
N LEU A 625 39.88 -33.02 31.30
CA LEU A 625 39.39 -31.90 30.49
C LEU A 625 39.08 -32.34 29.06
N ILE A 626 40.00 -33.06 28.42
CA ILE A 626 39.78 -33.40 27.03
C ILE A 626 38.75 -34.50 26.87
N ILE A 627 38.68 -35.45 27.81
CA ILE A 627 37.59 -36.43 27.78
C ILE A 627 36.27 -35.74 28.10
N TYR A 628 36.32 -34.70 28.94
CA TYR A 628 35.14 -33.88 29.18
C TYR A 628 34.75 -33.06 27.95
N PHE A 629 35.68 -32.83 27.00
CA PHE A 629 35.37 -32.06 25.80
C PHE A 629 34.42 -32.81 24.88
N ILE A 630 34.42 -34.15 24.92
CA ILE A 630 33.51 -34.91 24.05
C ILE A 630 32.37 -35.55 24.82
N ASP A 631 32.49 -35.71 26.13
CA ASP A 631 31.31 -35.97 26.95
C ASP A 631 30.39 -34.77 26.94
N ASN A 632 31.00 -33.59 26.93
CA ASN A 632 30.29 -32.32 26.86
C ASN A 632 30.82 -31.57 25.65
N LYS A 633 30.19 -31.77 24.50
CA LYS A 633 30.69 -31.24 23.23
C LYS A 633 30.49 -29.75 23.07
N ASP A 634 29.74 -29.09 23.97
CA ASP A 634 29.65 -27.64 23.96
C ASP A 634 30.61 -26.99 24.94
N LEU A 635 31.78 -27.59 25.16
CA LEU A 635 32.80 -26.98 26.01
C LEU A 635 33.35 -25.70 25.39
N GLN A 636 33.30 -25.60 24.06
CA GLN A 636 33.59 -24.35 23.39
C GLN A 636 32.53 -23.29 23.67
N GLY A 637 31.33 -23.69 24.08
CA GLY A 637 30.24 -22.76 24.32
C GLY A 637 30.33 -22.00 25.62
N VAL A 638 31.35 -22.29 26.45
CA VAL A 638 31.58 -21.54 27.68
C VAL A 638 32.95 -20.90 27.73
N TYR A 639 33.95 -21.46 27.05
CA TYR A 639 35.27 -20.85 26.98
C TYR A 639 35.21 -19.75 25.93
N LYS A 640 34.92 -18.53 26.35
CA LYS A 640 34.67 -17.45 25.41
C LYS A 640 35.64 -16.29 25.53
N THR A 641 36.52 -16.29 26.52
CA THR A 641 37.59 -15.31 26.56
C THR A 641 38.87 -15.98 27.06
N PRO A 642 39.95 -15.95 26.26
CA PRO A 642 41.11 -16.78 26.58
C PRO A 642 42.04 -16.18 27.61
N LEU A 643 41.86 -14.92 27.97
CA LEU A 643 42.74 -14.34 28.97
C LEU A 643 42.00 -13.98 30.24
N PHE A 644 40.79 -14.51 30.41
CA PHE A 644 40.15 -14.61 31.71
C PHE A 644 40.03 -16.07 32.15
N VAL A 645 40.94 -16.90 31.66
CA VAL A 645 41.12 -18.27 32.14
C VAL A 645 42.13 -18.30 33.30
N ALA A 646 42.53 -17.12 33.79
CA ALA A 646 43.38 -17.06 34.97
C ALA A 646 42.62 -17.49 36.22
N ALA A 647 41.28 -17.37 36.22
CA ALA A 647 40.47 -17.94 37.29
C ALA A 647 40.57 -19.45 37.32
N VAL A 648 40.70 -20.06 36.15
CA VAL A 648 40.95 -21.49 36.06
C VAL A 648 42.37 -21.80 36.54
N CYS A 649 43.32 -20.92 36.22
CA CYS A 649 44.70 -21.07 36.67
C CYS A 649 44.81 -21.05 38.19
N THR A 650 44.12 -20.12 38.84
CA THR A 650 44.04 -20.13 40.30
C THR A 650 43.16 -21.28 40.79
N ASP A 651 42.30 -21.80 39.92
CA ASP A 651 41.48 -22.95 40.28
C ASP A 651 42.21 -24.26 39.96
N TRP A 652 43.49 -24.18 39.61
CA TRP A 652 44.32 -25.38 39.66
C TRP A 652 45.45 -25.21 40.66
N ILE A 653 46.21 -24.11 40.59
CA ILE A 653 47.35 -23.97 41.48
C ILE A 653 46.95 -23.37 42.83
N GLN A 654 45.88 -22.57 42.88
CA GLN A 654 45.48 -21.95 44.14
C GLN A 654 44.23 -22.57 44.73
N ASN A 655 43.56 -23.44 43.99
CA ASN A 655 42.38 -24.17 44.48
C ASN A 655 42.51 -25.59 43.94
N ALA A 656 43.10 -26.47 44.75
CA ALA A 656 43.35 -27.84 44.32
C ALA A 656 42.10 -28.72 44.36
N SER A 657 40.96 -28.17 44.79
CA SER A 657 39.70 -28.91 44.86
C SER A 657 39.17 -29.32 43.50
N ALA A 658 39.53 -28.62 42.43
CA ALA A 658 39.07 -29.00 41.10
C ALA A 658 39.77 -30.25 40.58
N GLN A 659 40.87 -30.65 41.22
CA GLN A 659 41.61 -31.82 40.76
C GLN A 659 40.86 -33.10 41.07
N ASP A 660 39.94 -33.06 42.04
CA ASP A 660 39.10 -34.23 42.30
C ASP A 660 37.63 -33.92 42.07
N LYS A 661 37.31 -32.67 41.74
CA LYS A 661 35.94 -32.23 41.48
C LYS A 661 35.85 -31.50 40.14
N PHE A 662 36.37 -32.10 39.07
CA PHE A 662 36.37 -31.38 37.79
C PHE A 662 35.08 -31.69 37.02
N GLN A 663 34.09 -30.85 37.25
CA GLN A 663 32.99 -30.64 36.30
C GLN A 663 32.86 -29.13 36.12
N ASP A 664 31.77 -28.67 35.48
CA ASP A 664 31.71 -27.29 35.01
C ASP A 664 31.46 -26.26 36.10
N VAL A 665 30.60 -26.57 37.08
CA VAL A 665 30.12 -25.54 38.00
C VAL A 665 31.19 -25.14 39.00
N THR A 666 32.15 -26.02 39.29
CA THR A 666 33.31 -25.62 40.07
C THR A 666 34.18 -24.63 39.28
N LEU A 667 34.27 -24.85 37.97
CA LEU A 667 35.15 -24.06 37.13
C LEU A 667 34.64 -22.63 36.98
N PHE A 668 33.39 -22.48 36.53
CA PHE A 668 32.89 -21.14 36.36
C PHE A 668 32.28 -20.58 37.64
N GLN A 669 32.11 -21.42 38.67
CA GLN A 669 32.00 -20.89 40.02
C GLN A 669 33.26 -20.17 40.42
N SER A 670 34.42 -20.73 40.05
CA SER A 670 35.68 -20.05 40.33
C SER A 670 35.85 -18.82 39.46
N TYR A 671 35.28 -18.83 38.25
CA TYR A 671 35.29 -17.62 37.44
C TYR A 671 34.43 -16.53 38.06
N MET A 672 33.27 -16.90 38.60
CA MET A 672 32.43 -15.94 39.29
C MET A 672 33.10 -15.42 40.57
N GLN A 673 33.84 -16.31 41.25
CA GLN A 673 34.58 -15.90 42.43
C GLN A 673 35.72 -14.95 42.05
N TYR A 674 36.29 -15.13 40.86
CA TYR A 674 37.23 -14.13 40.36
C TYR A 674 36.54 -12.82 40.06
N LEU A 675 35.29 -12.87 39.58
CA LEU A 675 34.54 -11.64 39.35
C LEU A 675 34.18 -10.95 40.66
N SER A 676 34.16 -11.69 41.77
CA SER A 676 34.09 -11.05 43.08
C SER A 676 35.45 -10.50 43.51
N LEU A 677 36.53 -11.22 43.21
CA LEU A 677 37.86 -10.78 43.58
C LEU A 677 38.33 -9.63 42.70
N LYS A 678 38.28 -9.79 41.38
CA LYS A 678 38.54 -8.67 40.48
C LYS A 678 37.44 -7.63 40.64
N TYR A 679 37.86 -6.36 40.74
CA TYR A 679 37.04 -5.24 41.17
C TYR A 679 36.39 -5.55 42.52
N LYS A 680 37.27 -5.76 43.51
CA LYS A 680 36.84 -6.01 44.88
C LYS A 680 36.26 -4.74 45.49
N ALA A 681 34.97 -4.77 45.79
CA ALA A 681 34.27 -3.60 46.31
C ALA A 681 33.12 -4.05 47.21
N THR A 682 32.39 -3.07 47.72
CA THR A 682 31.29 -3.26 48.65
C THR A 682 29.99 -3.50 47.86
N ALA A 683 28.85 -3.24 48.49
CA ALA A 683 27.54 -3.65 47.97
C ALA A 683 26.94 -2.59 47.04
N GLU A 684 27.78 -1.93 46.24
CA GLU A 684 27.41 -1.01 45.17
C GLU A 684 26.55 -1.67 44.10
N PRO A 685 26.08 -0.91 43.08
CA PRO A 685 25.64 -1.64 41.88
C PRO A 685 26.73 -2.34 41.04
N LEU A 686 27.94 -2.54 41.57
CA LEU A 686 28.71 -3.72 41.21
C LEU A 686 27.96 -4.98 41.61
N GLN A 687 27.59 -5.07 42.90
CA GLN A 687 26.79 -6.18 43.39
C GLN A 687 25.35 -6.15 42.87
N ALA A 688 24.75 -4.97 42.72
CA ALA A 688 23.44 -4.94 42.10
C ALA A 688 23.52 -5.02 40.58
N THR A 689 24.71 -4.91 39.99
CA THR A 689 24.91 -5.33 38.62
C THR A 689 24.98 -6.84 38.53
N VAL A 690 25.56 -7.49 39.55
CA VAL A 690 25.53 -8.96 39.62
C VAL A 690 24.09 -9.45 39.75
N SER A 691 23.33 -8.91 40.69
CA SER A 691 21.96 -9.38 40.89
C SER A 691 21.03 -8.89 39.78
N SER A 692 21.26 -7.67 39.29
CA SER A 692 20.36 -7.08 38.32
C SER A 692 20.58 -7.67 36.94
N CYS A 693 21.82 -8.02 36.61
CA CYS A 693 22.00 -8.82 35.40
C CYS A 693 21.66 -10.28 35.66
N GLY A 694 21.59 -10.68 36.94
CA GLY A 694 21.02 -11.98 37.28
C GLY A 694 19.54 -12.06 36.94
N GLN A 695 18.81 -10.97 37.14
CA GLN A 695 17.42 -10.94 36.70
C GLN A 695 17.27 -10.52 35.24
N LEU A 696 18.32 -9.94 34.62
CA LEU A 696 18.38 -9.97 33.17
C LEU A 696 18.49 -11.40 32.66
N ALA A 697 19.16 -12.26 33.42
CA ALA A 697 19.21 -13.67 33.07
C ALA A 697 17.89 -14.36 33.39
N LEU A 698 17.16 -13.88 34.41
CA LEU A 698 15.81 -14.36 34.63
C LEU A 698 14.89 -13.99 33.47
N THR A 699 15.06 -12.80 32.90
CA THR A 699 14.40 -12.52 31.62
C THR A 699 15.00 -13.32 30.49
N GLY A 700 16.23 -13.81 30.65
CA GLY A 700 16.89 -14.59 29.63
C GLY A 700 16.30 -15.97 29.46
N LEU A 701 16.09 -16.67 30.57
CA LEU A 701 15.51 -17.99 30.53
C LEU A 701 14.02 -17.96 30.86
N PHE A 702 13.47 -16.76 31.05
CA PHE A 702 12.05 -16.57 31.33
C PHE A 702 11.21 -16.94 30.14
N SER A 703 11.43 -16.27 29.01
CA SER A 703 10.72 -16.53 27.77
C SER A 703 11.69 -17.00 26.69
N SER A 704 12.82 -17.58 27.14
CA SER A 704 13.90 -18.10 26.28
C SER A 704 14.45 -17.05 25.33
N CYS A 705 14.50 -15.78 25.78
CA CYS A 705 15.00 -14.69 24.96
C CYS A 705 16.47 -14.48 25.30
N PHE A 706 17.30 -14.48 24.26
CA PHE A 706 18.74 -14.39 24.50
C PHE A 706 19.35 -13.09 24.01
N GLU A 707 19.20 -12.77 22.73
CA GLU A 707 19.60 -11.48 22.22
C GLU A 707 18.44 -10.52 22.44
N PHE A 708 18.63 -9.60 23.37
CA PHE A 708 17.55 -8.87 24.03
C PHE A 708 16.96 -7.78 23.13
N ASN A 709 16.05 -7.02 23.73
CA ASN A 709 15.23 -6.04 23.02
C ASN A 709 15.64 -4.63 23.41
N SER A 710 16.35 -4.49 24.53
CA SER A 710 16.70 -3.22 25.18
C SER A 710 15.47 -2.36 25.47
N ASP A 711 14.34 -3.02 25.72
CA ASP A 711 13.16 -2.31 26.19
C ASP A 711 13.08 -2.36 27.71
N ASP A 712 12.98 -3.55 28.27
CA ASP A 712 12.81 -3.74 29.71
C ASP A 712 14.18 -3.66 30.34
N LEU A 713 14.63 -2.43 30.60
CA LEU A 713 15.76 -2.25 31.50
C LEU A 713 15.29 -1.97 32.91
N ALA A 714 14.08 -2.42 33.26
CA ALA A 714 13.63 -2.39 34.64
C ALA A 714 14.39 -3.37 35.51
N GLU A 715 15.10 -4.34 34.91
CA GLU A 715 15.89 -5.28 35.69
C GLU A 715 17.20 -4.65 36.10
N ALA A 716 17.96 -4.12 35.15
CA ALA A 716 19.26 -3.53 35.47
C ALA A 716 19.33 -2.02 35.24
N GLY A 717 19.10 -1.58 34.00
CA GLY A 717 19.00 -0.15 33.72
C GLY A 717 20.27 0.67 33.70
N VAL A 718 20.44 1.48 34.74
CA VAL A 718 21.35 2.63 34.78
C VAL A 718 22.82 2.23 34.78
N ASP A 719 23.69 3.25 34.66
CA ASP A 719 25.17 3.23 34.70
C ASP A 719 25.77 2.06 33.91
N GLU A 720 25.60 2.17 32.58
CA GLU A 720 26.07 1.16 31.63
C GLU A 720 27.58 0.91 31.71
N ASP A 721 28.35 1.88 32.21
CA ASP A 721 29.78 1.69 32.40
C ASP A 721 30.06 0.64 33.47
N GLU A 722 29.17 0.50 34.44
CA GLU A 722 29.32 -0.56 35.44
C GLU A 722 29.01 -1.94 34.87
N LYS A 723 28.08 -2.04 33.92
CA LYS A 723 27.71 -3.33 33.37
C LYS A 723 28.60 -3.78 32.23
N LEU A 724 29.18 -2.83 31.47
CA LEU A 724 30.14 -3.22 30.43
C LEU A 724 31.55 -3.29 31.00
N THR A 725 31.87 -2.42 31.96
CA THR A 725 33.12 -2.57 32.71
C THR A 725 33.11 -3.86 33.51
N THR A 726 31.97 -4.17 34.15
CA THR A 726 31.76 -5.50 34.73
C THR A 726 31.73 -6.57 33.64
N LEU A 727 31.23 -6.23 32.45
CA LEU A 727 31.16 -7.09 31.27
C LEU A 727 30.35 -8.35 31.59
N LEU A 728 29.05 -8.13 31.74
CA LEU A 728 28.09 -9.21 31.76
C LEU A 728 27.17 -9.18 30.54
N MET A 729 27.35 -8.20 29.66
CA MET A 729 26.48 -7.92 28.53
C MET A 729 27.14 -6.84 27.68
N SER A 730 26.57 -6.63 26.49
CA SER A 730 26.86 -5.45 25.67
C SER A 730 25.71 -5.22 24.69
N LYS A 731 25.91 -4.40 23.68
CA LYS A 731 24.83 -4.09 22.74
C LYS A 731 25.24 -4.23 21.28
N PHE A 732 24.36 -3.84 20.36
CA PHE A 732 24.50 -4.08 18.94
C PHE A 732 25.35 -2.99 18.31
N THR A 733 25.97 -3.32 17.17
CA THR A 733 26.91 -2.42 16.51
C THR A 733 26.23 -1.57 15.45
N ALA A 734 25.65 -2.20 14.43
CA ALA A 734 25.05 -1.51 13.31
C ALA A 734 23.64 -0.99 13.66
N GLN A 735 22.86 -0.66 12.65
CA GLN A 735 21.50 -0.20 12.89
C GLN A 735 20.59 -1.35 13.25
N ARG A 736 19.81 -1.16 14.30
CA ARG A 736 18.53 -1.80 14.47
C ARG A 736 17.49 -0.71 14.70
N LEU A 737 16.24 -1.12 14.85
CA LEU A 737 15.21 -0.15 15.23
C LEU A 737 15.35 0.23 16.69
N ARG A 738 15.47 -0.76 17.57
CA ARG A 738 15.94 -0.59 18.94
C ARG A 738 17.02 -1.63 19.16
N PRO A 739 18.27 -1.18 19.46
CA PRO A 739 19.43 -2.07 19.34
C PRO A 739 19.45 -3.24 20.32
N VAL A 740 20.29 -4.21 20.03
CA VAL A 740 20.14 -5.56 20.59
C VAL A 740 21.32 -5.88 21.50
N TYR A 741 21.02 -6.33 22.70
CA TYR A 741 22.05 -6.74 23.66
C TYR A 741 22.61 -8.11 23.29
N ARG A 742 23.88 -8.32 23.62
CA ARG A 742 24.57 -9.58 23.36
C ARG A 742 25.36 -9.98 24.61
N PHE A 743 25.70 -11.27 24.70
CA PHE A 743 26.39 -11.80 25.86
C PHE A 743 27.74 -12.36 25.45
N LEU A 744 28.62 -12.49 26.45
CA LEU A 744 29.86 -13.21 26.24
C LEU A 744 29.59 -14.70 26.06
N GLY A 745 28.59 -15.25 26.75
CA GLY A 745 28.25 -16.64 26.62
C GLY A 745 26.77 -16.83 26.91
N PRO A 746 26.07 -17.50 25.99
CA PRO A 746 24.63 -17.67 26.17
C PRO A 746 24.27 -18.64 27.29
N LEU A 747 25.08 -19.67 27.48
CA LEU A 747 24.85 -20.63 28.55
C LEU A 747 25.43 -20.17 29.87
N PHE A 748 26.44 -19.29 29.80
CA PHE A 748 26.98 -18.61 30.98
C PHE A 748 25.93 -17.74 31.64
N GLN A 749 25.01 -17.20 30.83
CA GLN A 749 23.86 -16.47 31.34
C GLN A 749 23.00 -17.31 32.26
N GLU A 750 22.91 -18.62 32.00
CA GLU A 750 22.14 -19.49 32.90
C GLU A 750 22.83 -19.62 34.25
N PHE A 751 24.17 -19.56 34.27
CA PHE A 751 24.87 -19.55 35.53
C PHE A 751 24.68 -18.22 36.27
N LEU A 752 24.56 -17.12 35.51
CA LEU A 752 24.11 -15.87 36.11
C LEU A 752 22.71 -16.00 36.72
N ALA A 753 21.82 -16.73 36.05
CA ALA A 753 20.51 -16.96 36.64
C ALA A 753 20.58 -17.93 37.82
N ALA A 754 21.64 -18.73 37.92
CA ALA A 754 21.83 -19.55 39.12
C ALA A 754 22.26 -18.69 40.30
N VAL A 755 23.14 -17.71 40.04
CA VAL A 755 23.47 -16.72 41.07
C VAL A 755 22.23 -15.94 41.47
N ARG A 756 21.38 -15.62 40.49
CA ARG A 756 20.08 -15.03 40.77
C ARG A 756 19.19 -15.98 41.57
N LEU A 757 19.37 -17.29 41.41
CA LEU A 757 18.47 -18.22 42.08
C LEU A 757 18.89 -18.42 43.53
N THR A 758 20.19 -18.44 43.82
CA THR A 758 20.58 -18.50 45.22
C THR A 758 20.39 -17.15 45.91
N GLU A 759 20.45 -16.06 45.13
CA GLU A 759 20.03 -14.76 45.64
C GLU A 759 18.54 -14.74 45.94
N LEU A 760 17.78 -15.53 45.19
CA LEU A 760 16.35 -15.65 45.37
C LEU A 760 15.98 -16.93 46.07
N LEU A 761 16.95 -17.47 46.81
CA LEU A 761 16.79 -18.70 47.57
C LEU A 761 17.23 -18.56 49.01
N SER A 762 18.21 -17.71 49.32
CA SER A 762 18.75 -17.60 50.67
C SER A 762 18.91 -16.14 51.06
N SER A 763 17.84 -15.37 50.89
CA SER A 763 17.88 -13.93 51.17
C SER A 763 16.51 -13.51 51.67
N ASP A 764 16.22 -12.21 51.55
CA ASP A 764 15.04 -11.57 52.12
C ASP A 764 13.75 -12.19 51.59
N ARG A 765 12.87 -12.58 52.52
CA ARG A 765 11.72 -13.40 52.19
C ARG A 765 10.44 -12.59 52.02
N GLN A 766 10.53 -11.37 51.50
CA GLN A 766 9.33 -10.57 51.31
C GLN A 766 8.60 -10.97 50.03
N GLU A 767 9.21 -10.72 48.88
CA GLU A 767 8.72 -11.18 47.58
C GLU A 767 9.85 -11.68 46.70
N ASP A 768 11.09 -11.59 47.18
CA ASP A 768 12.25 -12.00 46.42
C ASP A 768 12.24 -13.50 46.16
N GLN A 769 12.06 -14.27 47.22
CA GLN A 769 11.89 -15.72 47.06
C GLN A 769 10.51 -16.07 46.54
N ASP A 770 9.60 -15.10 46.44
CA ASP A 770 8.38 -15.31 45.67
C ASP A 770 8.64 -15.10 44.18
N LEU A 771 9.70 -14.38 43.83
CA LEU A 771 10.12 -14.32 42.43
C LEU A 771 10.89 -15.57 42.04
N GLY A 772 11.82 -16.00 42.90
CA GLY A 772 12.50 -17.27 42.65
C GLY A 772 11.55 -18.45 42.73
N LEU A 773 10.58 -18.38 43.64
CA LEU A 773 9.50 -19.34 43.68
C LEU A 773 8.59 -19.21 42.47
N TYR A 774 8.49 -17.99 41.92
CA TYR A 774 7.57 -17.73 40.83
C TYR A 774 8.06 -18.38 39.55
N TYR A 775 9.30 -18.06 39.13
CA TYR A 775 9.86 -18.76 37.99
C TYR A 775 10.18 -20.22 38.31
N LEU A 776 10.45 -20.53 39.58
CA LEU A 776 10.71 -21.91 39.96
C LEU A 776 9.43 -22.75 39.92
N ARG A 777 8.27 -22.10 39.91
CA ARG A 777 7.03 -22.80 39.63
C ARG A 777 6.59 -22.66 38.18
N GLN A 778 7.26 -21.80 37.39
CA GLN A 778 6.98 -21.76 35.95
C GLN A 778 7.64 -22.91 35.18
N ILE A 779 8.33 -23.81 35.85
CA ILE A 779 9.14 -24.84 35.22
C ILE A 779 8.73 -26.24 35.71
N ASP A 780 7.44 -26.44 35.93
CA ASP A 780 6.90 -27.50 36.79
C ASP A 780 6.57 -28.81 36.05
N SER A 781 7.34 -29.20 35.03
CA SER A 781 7.04 -30.44 34.33
C SER A 781 8.18 -31.44 34.45
N PRO A 782 7.93 -32.67 34.91
CA PRO A 782 9.01 -33.61 35.23
C PRO A 782 9.81 -34.17 34.05
N LEU A 783 9.24 -34.20 32.84
CA LEU A 783 10.04 -34.70 31.74
C LEU A 783 11.02 -33.62 31.25
N LYS A 784 10.67 -32.35 31.47
CA LYS A 784 11.60 -31.27 31.25
C LYS A 784 12.66 -31.24 32.34
N ALA A 785 12.36 -31.88 33.48
CA ALA A 785 13.21 -31.78 34.65
C ALA A 785 14.55 -32.46 34.48
N ILE A 786 14.61 -33.55 33.71
CA ILE A 786 15.87 -34.27 33.53
C ILE A 786 16.90 -33.39 32.83
N ASN A 787 16.56 -32.87 31.66
CA ASN A 787 17.51 -32.10 30.89
C ASN A 787 17.65 -30.66 31.39
N SER A 788 16.53 -29.93 31.48
CA SER A 788 16.59 -28.52 31.86
C SER A 788 16.99 -28.36 33.32
N PHE A 789 16.44 -29.19 34.20
CA PHE A 789 16.86 -29.18 35.59
C PHE A 789 18.23 -29.80 35.78
N ASN A 790 18.68 -30.64 34.84
CA ASN A 790 20.04 -31.16 34.88
C ASN A 790 21.04 -30.03 34.68
N ILE A 791 20.90 -29.28 33.58
CA ILE A 791 21.88 -28.25 33.29
C ILE A 791 21.71 -27.08 34.22
N PHE A 792 20.50 -26.52 34.27
CA PHE A 792 20.29 -25.31 35.05
C PHE A 792 20.29 -25.60 36.54
N LEU A 793 19.66 -26.69 36.97
CA LEU A 793 19.65 -26.98 38.39
C LEU A 793 20.96 -27.60 38.84
N TYR A 794 21.76 -28.11 37.89
CA TYR A 794 23.12 -28.43 38.24
C TYR A 794 23.98 -27.18 38.36
N TYR A 795 23.63 -26.10 37.64
CA TYR A 795 24.24 -24.80 37.96
C TYR A 795 23.79 -24.33 39.35
N VAL A 796 22.56 -24.69 39.74
CA VAL A 796 22.08 -24.43 41.09
C VAL A 796 22.73 -25.35 42.12
N SER A 797 23.38 -26.43 41.69
CA SER A 797 23.96 -27.38 42.63
C SER A 797 25.24 -26.84 43.29
N SER A 798 25.74 -25.68 42.85
CA SER A 798 26.71 -24.93 43.63
C SER A 798 26.00 -24.13 44.71
N HIS A 799 26.73 -23.18 45.30
CA HIS A 799 26.17 -22.09 46.11
C HIS A 799 25.42 -22.61 47.35
N SER A 800 26.06 -23.56 48.03
CA SER A 800 25.39 -24.36 49.06
C SER A 800 25.07 -23.48 50.28
N SER A 801 23.82 -23.05 50.33
CA SER A 801 23.37 -22.15 51.39
C SER A 801 22.22 -22.77 52.19
N SER A 802 21.26 -23.38 51.48
CA SER A 802 20.20 -24.24 52.04
C SER A 802 19.28 -23.48 52.98
N LYS A 803 18.75 -22.35 52.51
CA LYS A 803 17.75 -21.65 53.29
C LYS A 803 16.36 -21.83 52.68
N ALA A 804 16.32 -22.17 51.39
CA ALA A 804 15.12 -22.69 50.74
C ALA A 804 15.44 -23.82 49.76
N ALA A 805 16.56 -24.51 49.97
CA ALA A 805 16.77 -25.80 49.30
C ALA A 805 15.67 -26.83 49.56
N PRO A 806 15.02 -26.91 50.74
CA PRO A 806 13.80 -27.73 50.82
C PRO A 806 12.66 -27.25 49.94
N THR A 807 12.63 -25.98 49.53
CA THR A 807 11.57 -25.56 48.63
C THR A 807 11.83 -26.02 47.20
N VAL A 808 13.07 -26.02 46.75
CA VAL A 808 13.34 -26.47 45.38
C VAL A 808 13.38 -28.00 45.30
N VAL A 809 13.83 -28.69 46.35
CA VAL A 809 13.67 -30.14 46.33
C VAL A 809 12.20 -30.50 46.64
N SER A 810 11.45 -29.57 47.23
CA SER A 810 10.00 -29.74 47.28
C SER A 810 9.38 -29.59 45.91
N HIS A 811 9.97 -28.76 45.06
CA HIS A 811 9.57 -28.72 43.67
C HIS A 811 9.97 -30.00 42.95
N LEU A 812 11.04 -30.66 43.42
CA LEU A 812 11.36 -31.98 42.89
C LEU A 812 10.37 -33.03 43.35
N LEU A 813 9.83 -32.89 44.56
CA LEU A 813 8.73 -33.78 44.97
C LEU A 813 7.39 -33.32 44.41
N GLN A 814 7.28 -32.05 44.01
CA GLN A 814 6.05 -31.54 43.42
C GLN A 814 5.77 -32.20 42.07
N LEU A 815 6.81 -32.69 41.41
CA LEU A 815 6.65 -33.39 40.15
C LEU A 815 5.99 -34.75 40.39
N VAL A 816 4.79 -34.91 39.86
CA VAL A 816 3.99 -36.12 40.06
C VAL A 816 3.74 -36.74 38.69
N ASP A 817 2.94 -37.81 38.67
CA ASP A 817 2.71 -38.58 37.44
C ASP A 817 1.98 -37.73 36.41
N GLU A 818 2.71 -37.27 35.40
CA GLU A 818 2.15 -36.40 34.37
C GLU A 818 2.52 -36.92 32.99
N LYS A 819 1.77 -36.45 31.99
CA LYS A 819 1.97 -36.83 30.60
C LYS A 819 2.33 -35.65 29.71
N GLU A 820 1.78 -34.47 30.01
CA GLU A 820 1.96 -33.29 29.19
C GLU A 820 3.35 -32.68 29.35
N SER A 821 4.11 -33.15 30.34
CA SER A 821 5.53 -32.81 30.50
C SER A 821 6.38 -33.15 29.28
N LEU A 822 5.95 -34.16 28.51
CA LEU A 822 6.59 -34.58 27.26
C LEU A 822 6.78 -33.41 26.30
N GLU A 823 5.66 -32.83 25.87
CA GLU A 823 5.76 -31.70 24.96
C GLU A 823 5.91 -30.36 25.69
N ASN A 824 5.78 -30.36 27.03
CA ASN A 824 6.28 -29.22 27.79
C ASN A 824 7.78 -29.05 27.60
N MET A 825 8.52 -30.16 27.60
CA MET A 825 9.92 -30.02 27.24
C MET A 825 10.08 -29.83 25.74
N SER A 826 9.39 -30.64 24.93
CA SER A 826 9.68 -30.70 23.50
C SER A 826 9.27 -29.43 22.76
N GLU A 827 8.43 -28.60 23.38
CA GLU A 827 8.05 -27.33 22.75
C GLU A 827 9.15 -26.28 22.87
N ASN A 828 10.01 -26.40 23.88
CA ASN A 828 11.00 -25.38 24.21
C ASN A 828 12.08 -25.31 23.14
N GLU A 829 12.83 -24.21 23.14
CA GLU A 829 13.80 -23.99 22.07
C GLU A 829 15.21 -24.37 22.49
N ASP A 830 15.73 -23.73 23.54
CA ASP A 830 17.14 -23.92 23.86
C ASP A 830 17.39 -25.23 24.58
N TYR A 831 18.40 -25.96 24.15
CA TYR A 831 18.95 -27.03 24.98
C TYR A 831 20.46 -26.90 24.99
N MET A 832 21.03 -27.04 26.18
CA MET A 832 22.22 -26.24 26.50
C MET A 832 23.51 -26.86 25.97
N LYS A 833 23.89 -28.01 26.50
CA LYS A 833 25.23 -28.54 26.30
C LYS A 833 25.22 -29.79 25.45
N LEU A 834 24.32 -30.72 25.75
CA LEU A 834 24.16 -31.94 24.99
C LEU A 834 22.95 -31.79 24.07
N HIS A 835 23.06 -30.83 23.13
CA HIS A 835 21.87 -30.25 22.50
C HIS A 835 21.16 -31.23 21.54
N PRO A 836 21.79 -31.79 20.49
CA PRO A 836 21.08 -32.83 19.73
C PRO A 836 20.93 -34.10 20.53
N GLN A 837 21.85 -34.32 21.47
CA GLN A 837 21.70 -35.39 22.45
C GLN A 837 20.46 -35.16 23.31
N THR A 838 20.13 -33.89 23.62
CA THR A 838 18.90 -33.61 24.38
C THR A 838 17.66 -33.95 23.57
N PHE A 839 17.68 -33.64 22.26
CA PHE A 839 16.65 -34.16 21.36
C PHE A 839 16.57 -35.69 21.43
N LEU A 840 17.73 -36.36 21.48
CA LEU A 840 17.73 -37.80 21.64
C LEU A 840 17.23 -38.26 23.01
N TRP A 841 17.44 -37.47 24.07
CA TRP A 841 16.90 -37.79 25.38
C TRP A 841 15.39 -37.79 25.35
N PHE A 842 14.81 -36.82 24.64
CA PHE A 842 13.36 -36.82 24.44
C PHE A 842 12.92 -38.04 23.65
N GLN A 843 13.70 -38.42 22.62
CA GLN A 843 13.34 -39.58 21.82
C GLN A 843 13.38 -40.87 22.63
N PHE A 844 14.37 -41.01 23.51
CA PHE A 844 14.50 -42.26 24.25
C PHE A 844 13.52 -42.32 25.41
N VAL A 845 13.26 -41.19 26.07
CA VAL A 845 12.30 -41.21 27.17
C VAL A 845 10.89 -41.40 26.63
N ARG A 846 10.61 -40.82 25.46
CA ARG A 846 9.38 -41.13 24.74
C ARG A 846 9.34 -42.60 24.34
N GLY A 847 10.50 -43.19 24.04
CA GLY A 847 10.56 -44.63 23.86
C GLY A 847 10.35 -45.42 25.13
N LEU A 848 10.65 -44.83 26.28
CA LEU A 848 10.44 -45.51 27.55
C LEU A 848 8.97 -45.55 27.91
N TRP A 849 8.28 -44.42 27.75
CA TRP A 849 6.83 -44.41 27.93
C TRP A 849 6.12 -45.16 26.82
N LEU A 850 6.77 -45.33 25.67
CA LEU A 850 6.21 -46.11 24.57
C LEU A 850 5.96 -47.56 24.96
N VAL A 851 6.82 -48.15 25.79
CA VAL A 851 6.68 -49.55 26.14
C VAL A 851 6.13 -49.71 27.55
N SER A 852 6.89 -49.24 28.53
CA SER A 852 6.59 -49.51 29.93
C SER A 852 6.37 -48.22 30.71
N PRO A 853 5.18 -48.02 31.28
CA PRO A 853 4.96 -46.81 32.07
C PRO A 853 5.77 -46.79 33.35
N GLU A 854 6.06 -47.96 33.92
CA GLU A 854 6.77 -48.00 35.20
C GLU A 854 8.29 -47.99 35.01
N SER A 855 8.77 -48.40 33.83
CA SER A 855 10.20 -48.27 33.56
C SER A 855 10.55 -46.85 33.16
N SER A 856 9.63 -46.17 32.46
CA SER A 856 9.79 -44.76 32.16
C SER A 856 9.84 -43.93 33.43
N SER A 857 8.85 -44.12 34.31
CA SER A 857 8.85 -43.45 35.60
C SER A 857 9.94 -43.97 36.52
N SER A 858 10.48 -45.16 36.24
CA SER A 858 11.61 -45.65 37.00
C SER A 858 12.88 -44.90 36.63
N PHE A 859 13.06 -44.62 35.33
CA PHE A 859 14.17 -43.78 34.90
C PHE A 859 13.99 -42.34 35.37
N VAL A 860 12.75 -41.85 35.38
CA VAL A 860 12.44 -40.55 35.97
C VAL A 860 12.81 -40.53 37.45
N SER A 861 12.51 -41.63 38.16
CA SER A 861 12.91 -41.75 39.55
C SER A 861 14.43 -41.82 39.70
N GLU A 862 15.13 -42.41 38.74
CA GLU A 862 16.59 -42.47 38.84
C GLU A 862 17.22 -41.10 38.67
N HIS A 863 16.71 -40.30 37.73
CA HIS A 863 17.34 -39.00 37.53
C HIS A 863 16.89 -37.99 38.58
N LEU A 864 15.62 -38.07 39.02
CA LEU A 864 15.14 -37.18 40.07
C LEU A 864 15.78 -37.49 41.41
N LEU A 865 15.84 -38.76 41.78
CA LEU A 865 16.52 -39.11 43.02
C LEU A 865 18.02 -38.93 42.91
N ARG A 866 18.58 -39.00 41.69
CA ARG A 866 20.02 -38.81 41.53
C ARG A 866 20.40 -37.34 41.68
N LEU A 867 19.77 -36.45 40.91
CA LEU A 867 20.09 -35.03 40.98
C LEU A 867 19.61 -34.43 42.29
N ALA A 868 18.50 -34.93 42.82
CA ALA A 868 18.04 -34.53 44.15
C ALA A 868 18.96 -35.07 45.24
N LEU A 869 19.66 -36.17 44.97
CA LEU A 869 20.61 -36.71 45.93
C LEU A 869 21.90 -35.90 45.93
N ILE A 870 22.39 -35.51 44.74
CA ILE A 870 23.57 -34.64 44.64
C ILE A 870 23.28 -33.29 45.27
N PHE A 871 22.10 -32.74 44.96
CA PHE A 871 21.73 -31.44 45.53
C PHE A 871 21.45 -31.54 47.03
N ALA A 872 20.97 -32.70 47.49
CA ALA A 872 20.65 -32.84 48.90
C ALA A 872 21.91 -33.00 49.75
N TYR A 873 22.86 -33.82 49.28
CA TYR A 873 24.09 -34.00 50.04
C TYR A 873 25.01 -32.79 49.93
N GLU A 874 25.12 -32.20 48.73
CA GLU A 874 25.95 -31.01 48.59
C GLU A 874 25.29 -29.79 49.23
N SER A 875 23.97 -29.81 49.38
CA SER A 875 23.29 -28.73 50.07
C SER A 875 23.35 -28.89 51.58
N ASN A 876 23.77 -30.08 52.05
CA ASN A 876 23.88 -30.46 53.45
C ASN A 876 22.57 -30.36 54.23
N THR A 877 21.43 -30.49 53.56
CA THR A 877 20.12 -30.55 54.21
C THR A 877 19.72 -32.00 54.50
N VAL A 878 20.65 -32.74 55.11
CA VAL A 878 20.50 -34.18 55.26
C VAL A 878 19.64 -34.58 56.44
N ALA A 879 19.63 -33.80 57.52
CA ALA A 879 18.70 -33.99 58.63
C ALA A 879 17.62 -32.94 58.66
N GLU A 880 17.68 -31.97 57.76
CA GLU A 880 16.65 -30.94 57.69
C GLU A 880 15.48 -31.39 56.82
N CYS A 881 15.75 -32.21 55.80
CA CYS A 881 14.71 -32.55 54.84
C CYS A 881 14.48 -34.05 54.78
N SER A 882 15.02 -34.81 55.74
CA SER A 882 15.04 -36.28 55.64
C SER A 882 13.66 -36.97 55.58
N PRO A 883 12.65 -36.67 56.43
CA PRO A 883 11.37 -37.36 56.24
C PRO A 883 10.61 -36.90 55.01
N PHE A 884 10.89 -35.68 54.54
CA PHE A 884 10.35 -35.25 53.26
C PHE A 884 11.00 -36.02 52.12
N ILE A 885 12.27 -36.38 52.27
CA ILE A 885 12.90 -37.28 51.30
C ILE A 885 12.33 -38.68 51.43
N LEU A 886 11.87 -39.07 52.62
CA LEU A 886 11.17 -40.33 52.78
C LEU A 886 9.83 -40.31 52.06
N GLN A 887 9.18 -39.15 52.00
CA GLN A 887 8.07 -38.97 51.08
C GLN A 887 8.50 -39.01 49.62
N PHE A 888 9.73 -38.57 49.33
CA PHE A 888 10.28 -38.58 47.97
C PHE A 888 10.74 -39.98 47.53
N LEU A 889 10.78 -40.95 48.45
CA LEU A 889 11.21 -42.31 48.14
C LEU A 889 10.06 -43.27 47.86
N ARG A 890 9.00 -43.21 48.66
CA ARG A 890 8.04 -44.29 48.78
C ARG A 890 7.24 -44.49 47.49
N GLY A 891 6.89 -45.76 47.22
CA GLY A 891 6.13 -46.11 46.04
C GLY A 891 6.94 -46.27 44.78
N LYS A 892 8.09 -45.61 44.67
CA LYS A 892 8.92 -45.67 43.49
C LYS A 892 9.72 -46.96 43.49
N THR A 893 9.69 -47.67 42.37
CA THR A 893 10.50 -48.86 42.22
C THR A 893 11.88 -48.50 41.70
N LEU A 894 12.90 -48.97 42.39
CA LEU A 894 14.25 -48.51 42.09
C LEU A 894 15.10 -49.67 41.61
N ALA A 895 15.83 -49.42 40.53
CA ALA A 895 16.87 -50.32 40.05
C ALA A 895 18.13 -49.97 40.84
N LEU A 896 18.99 -50.95 41.10
CA LEU A 896 20.07 -50.74 42.06
C LEU A 896 21.24 -49.98 41.44
N ARG A 897 21.32 -48.69 41.76
CA ARG A 897 22.45 -47.86 41.37
C ARG A 897 23.05 -47.21 42.61
N VAL A 898 24.21 -47.72 43.03
CA VAL A 898 24.96 -47.16 44.15
C VAL A 898 26.43 -47.05 43.73
N LEU A 899 26.81 -45.88 43.20
CA LEU A 899 28.22 -45.56 43.00
C LEU A 899 28.44 -44.10 43.37
N ASN A 900 27.33 -43.40 43.61
CA ASN A 900 27.33 -42.11 44.28
C ASN A 900 26.97 -42.33 45.75
N LEU A 901 27.51 -43.41 46.31
CA LEU A 901 27.18 -43.89 47.64
C LEU A 901 27.49 -42.89 48.75
N GLN A 902 28.49 -42.00 48.58
CA GLN A 902 28.81 -41.04 49.62
C GLN A 902 27.74 -39.97 49.75
N TYR A 903 26.96 -39.76 48.70
CA TYR A 903 25.79 -38.90 48.72
C TYR A 903 24.61 -39.57 49.41
N PHE A 904 24.63 -40.91 49.50
CA PHE A 904 23.44 -41.68 49.86
C PHE A 904 23.53 -42.33 51.23
N ARG A 905 24.72 -42.67 51.70
CA ARG A 905 24.92 -43.50 52.89
C ARG A 905 24.73 -42.75 54.20
N ASP A 906 24.17 -41.55 54.17
CA ASP A 906 23.97 -40.75 55.37
C ASP A 906 23.06 -41.46 56.37
N HIS A 907 21.92 -41.96 55.89
CA HIS A 907 21.09 -42.78 56.74
C HIS A 907 20.32 -43.76 55.88
N PRO A 908 20.93 -44.88 55.47
CA PRO A 908 20.28 -45.79 54.51
C PRO A 908 19.10 -46.55 55.09
N GLU A 909 19.02 -46.64 56.42
CA GLU A 909 17.93 -47.37 57.05
C GLU A 909 16.59 -46.68 56.84
N SER A 910 16.54 -45.36 57.04
CA SER A 910 15.39 -44.61 56.55
C SER A 910 15.36 -44.63 55.02
N LEU A 911 16.51 -44.43 54.38
CA LEU A 911 16.62 -44.49 52.92
C LEU A 911 16.68 -45.92 52.41
N LEU A 912 15.75 -46.75 52.87
CA LEU A 912 15.75 -48.18 52.60
C LEU A 912 14.34 -48.75 52.38
N LEU A 913 13.29 -47.94 52.50
CA LEU A 913 11.91 -48.42 52.43
C LEU A 913 11.33 -48.21 51.04
N LEU A 914 12.15 -48.43 50.02
CA LEU A 914 11.74 -48.30 48.62
C LEU A 914 10.73 -49.40 48.27
N ARG A 915 10.01 -49.20 47.18
CA ARG A 915 8.97 -50.14 46.77
C ARG A 915 9.56 -51.41 46.17
N SER A 916 10.57 -51.28 45.32
CA SER A 916 11.16 -52.45 44.69
C SER A 916 12.62 -52.16 44.38
N LEU A 917 13.34 -53.23 44.06
CA LEU A 917 14.74 -53.17 43.66
C LEU A 917 14.86 -53.99 42.40
N LYS A 918 15.63 -53.49 41.43
CA LYS A 918 15.62 -54.06 40.09
C LYS A 918 17.04 -54.17 39.56
N VAL A 919 17.40 -55.36 39.07
CA VAL A 919 18.56 -55.55 38.21
C VAL A 919 18.16 -56.38 37.00
N SER A 920 18.86 -56.16 35.90
CA SER A 920 18.65 -56.90 34.67
C SER A 920 20.00 -57.06 33.98
N ILE A 921 20.10 -58.03 33.08
CA ILE A 921 21.32 -58.22 32.30
C ILE A 921 21.00 -58.83 30.95
N PHE A 964 16.13 -53.98 28.57
CA PHE A 964 16.95 -54.43 27.44
C PHE A 964 18.21 -53.58 27.33
N ALA A 965 18.18 -52.59 26.45
CA ALA A 965 19.30 -51.66 26.28
C ALA A 965 19.28 -50.51 27.28
N GLN A 966 18.31 -50.52 28.20
CA GLN A 966 18.14 -49.44 29.15
C GLN A 966 19.32 -49.37 30.12
N ASP A 967 19.69 -50.51 30.70
CA ASP A 967 20.78 -50.53 31.67
C ASP A 967 22.12 -50.26 30.99
N GLU A 968 22.25 -50.65 29.72
CA GLU A 968 23.43 -50.29 28.94
C GLU A 968 23.52 -48.78 28.72
N GLU A 969 22.37 -48.14 28.45
CA GLU A 969 22.36 -46.68 28.37
C GLU A 969 22.63 -46.04 29.72
N ILE A 970 22.25 -46.69 30.83
CA ILE A 970 22.56 -46.14 32.15
C ILE A 970 24.05 -46.27 32.45
N ILE A 971 24.67 -47.35 31.96
CA ILE A 971 26.14 -47.48 31.98
C ILE A 971 26.77 -46.34 31.20
N LYS A 972 26.16 -45.95 30.08
CA LYS A 972 26.58 -44.74 29.39
C LYS A 972 26.32 -43.50 30.24
N ASN A 973 25.29 -43.53 31.09
CA ASN A 973 24.87 -42.33 31.81
C ASN A 973 25.80 -41.99 32.97
N TYR A 974 26.22 -42.97 33.77
CA TYR A 974 27.32 -42.68 34.67
C TYR A 974 28.63 -42.56 33.91
N GLU A 975 28.74 -43.22 32.75
CA GLU A 975 29.94 -43.13 31.94
C GLU A 975 30.06 -41.75 31.29
N ASN A 976 28.96 -41.00 31.22
CA ASN A 976 29.00 -39.59 30.84
C ASN A 976 29.76 -38.76 31.88
N ASP A 984 31.54 -52.66 41.86
CA ASP A 984 30.62 -51.57 41.51
C ASP A 984 29.37 -51.64 42.36
N ILE A 985 28.67 -52.77 42.23
CA ILE A 985 27.42 -52.97 42.96
C ILE A 985 27.69 -53.18 44.44
N SER A 986 28.45 -54.23 44.77
CA SER A 986 28.85 -54.50 46.15
C SER A 986 29.95 -53.56 46.63
N GLU A 987 30.61 -52.85 45.72
CA GLU A 987 31.59 -51.84 46.09
C GLU A 987 30.91 -50.67 46.79
N GLY A 988 29.98 -50.03 46.09
CA GLY A 988 29.22 -48.95 46.68
C GLY A 988 28.20 -49.44 47.68
N TYR A 989 27.83 -50.72 47.58
CA TYR A 989 26.75 -51.25 48.40
C TYR A 989 27.26 -51.71 49.77
N TRP A 990 28.42 -52.37 49.81
CA TRP A 990 29.01 -52.74 51.08
C TRP A 990 29.92 -51.65 51.63
N LYS A 991 30.56 -50.88 50.75
CA LYS A 991 31.24 -49.67 51.19
C LYS A 991 30.23 -48.65 51.71
N LEU A 992 29.00 -48.72 51.19
CA LEU A 992 27.87 -47.99 51.75
C LEU A 992 27.59 -48.43 53.19
N SER A 993 27.27 -49.70 53.39
CA SER A 993 26.91 -50.23 54.71
C SER A 993 27.75 -51.45 55.04
N PRO A 994 28.52 -51.43 56.12
CA PRO A 994 29.27 -52.64 56.52
C PRO A 994 28.37 -53.74 57.03
N LYS A 995 27.25 -53.40 57.65
CA LYS A 995 26.25 -54.38 58.07
C LYS A 995 24.87 -53.85 57.67
N PRO A 996 24.36 -54.20 56.50
CA PRO A 996 23.01 -53.76 56.11
C PRO A 996 21.94 -54.42 56.95
N CYS A 997 20.73 -53.86 56.90
CA CYS A 997 19.66 -54.30 57.78
C CYS A 997 18.32 -54.17 57.07
N LYS A 998 17.57 -55.27 57.00
CA LYS A 998 16.16 -55.31 56.60
C LYS A 998 15.96 -54.87 55.15
N ILE A 999 16.91 -55.25 54.31
CA ILE A 999 16.99 -54.87 52.90
C ILE A 999 15.77 -55.41 52.17
N PRO A 1000 15.02 -54.57 51.43
CA PRO A 1000 13.75 -55.03 50.85
C PRO A 1000 13.90 -55.98 49.67
N LYS A 1001 12.79 -56.33 49.03
CA LYS A 1001 12.74 -57.38 48.03
C LYS A 1001 13.42 -56.96 46.74
N LEU A 1002 13.61 -57.94 45.85
CA LEU A 1002 14.58 -57.85 44.77
C LEU A 1002 13.92 -58.21 43.44
N GLU A 1003 14.61 -57.93 42.34
CA GLU A 1003 14.10 -58.15 40.99
C GLU A 1003 15.23 -58.53 40.04
N VAL A 1004 15.00 -59.55 39.21
CA VAL A 1004 15.99 -60.11 38.30
C VAL A 1004 15.39 -60.22 36.92
N GLN A 1005 16.09 -59.72 35.90
CA GLN A 1005 15.83 -60.15 34.53
C GLN A 1005 17.12 -60.66 33.91
N VAL A 1006 17.05 -61.74 33.14
CA VAL A 1006 18.21 -62.20 32.39
C VAL A 1006 17.81 -62.44 30.93
N ASN A 1007 18.75 -62.15 30.03
CA ASN A 1007 18.56 -62.34 28.60
C ASN A 1007 19.37 -63.54 28.10
N ASN A 1008 19.35 -63.75 26.78
CA ASN A 1008 19.92 -64.96 26.21
C ASN A 1008 21.43 -64.88 26.01
N THR A 1009 22.03 -63.71 26.21
CA THR A 1009 23.46 -63.52 26.00
C THR A 1009 24.24 -63.47 27.31
N ASP A 1010 23.88 -64.30 28.29
CA ASP A 1010 24.48 -64.25 29.61
C ASP A 1010 25.43 -65.42 29.84
N ALA A 1011 26.60 -65.12 30.42
CA ALA A 1011 27.58 -66.11 30.82
C ALA A 1011 27.37 -66.49 32.29
N ALA A 1012 28.35 -67.16 32.88
CA ALA A 1012 28.26 -67.64 34.26
C ALA A 1012 29.52 -67.26 35.04
N ASP A 1013 29.89 -65.98 34.97
CA ASP A 1013 31.02 -65.46 35.76
C ASP A 1013 30.65 -65.45 37.23
N GLN A 1014 31.54 -65.96 38.08
CA GLN A 1014 31.18 -66.23 39.46
C GLN A 1014 31.34 -65.02 40.35
N ALA A 1015 31.98 -63.95 39.86
CA ALA A 1015 32.16 -62.75 40.68
C ALA A 1015 30.84 -62.02 40.88
N LEU A 1016 30.09 -61.83 39.80
CA LEU A 1016 28.75 -61.28 39.91
C LEU A 1016 27.81 -62.24 40.63
N LEU A 1017 28.13 -63.53 40.63
CA LEU A 1017 27.40 -64.49 41.45
C LEU A 1017 27.72 -64.33 42.93
N GLN A 1018 28.94 -63.87 43.26
CA GLN A 1018 29.24 -63.52 44.64
C GLN A 1018 28.54 -62.24 45.05
N VAL A 1019 28.41 -61.29 44.11
CA VAL A 1019 27.59 -60.11 44.32
C VAL A 1019 26.15 -60.51 44.58
N LEU A 1020 25.66 -61.50 43.83
CA LEU A 1020 24.33 -62.05 44.07
C LEU A 1020 24.25 -62.75 45.42
N MET A 1021 25.34 -63.36 45.87
CA MET A 1021 25.35 -63.97 47.19
C MET A 1021 25.22 -62.92 48.27
N GLU A 1022 25.89 -61.78 48.09
CA GLU A 1022 25.79 -60.69 49.06
C GLU A 1022 24.40 -60.09 49.08
N VAL A 1023 23.84 -59.76 47.91
CA VAL A 1023 22.55 -59.09 47.91
C VAL A 1023 21.39 -60.05 48.19
N PHE A 1024 21.57 -61.35 47.95
CA PHE A 1024 20.54 -62.30 48.35
C PHE A 1024 20.62 -62.56 49.85
N SER A 1025 21.84 -62.49 50.41
CA SER A 1025 21.99 -62.52 51.85
C SER A 1025 21.44 -61.26 52.51
N ALA A 1026 21.36 -60.16 51.77
CA ALA A 1026 20.86 -58.92 52.35
C ALA A 1026 19.34 -58.83 52.26
N SER A 1027 18.77 -59.12 51.08
CA SER A 1027 17.40 -58.75 50.76
C SER A 1027 16.39 -59.62 51.51
N GLN A 1028 15.12 -59.22 51.41
CA GLN A 1028 14.03 -60.03 51.96
C GLN A 1028 13.87 -61.32 51.17
N SER A 1029 13.54 -61.20 49.89
CA SER A 1029 13.31 -62.34 49.02
C SER A 1029 13.62 -61.88 47.60
N ILE A 1030 13.50 -62.78 46.63
CA ILE A 1030 13.92 -62.46 45.28
C ILE A 1030 12.75 -62.56 44.30
N GLU A 1031 12.72 -61.60 43.39
CA GLU A 1031 11.94 -61.65 42.17
C GLU A 1031 12.92 -62.03 41.06
N PHE A 1032 12.51 -62.89 40.15
CA PHE A 1032 13.45 -63.66 39.33
C PHE A 1032 12.82 -63.96 37.98
N ARG A 1033 13.48 -63.54 36.90
CA ARG A 1033 12.95 -63.65 35.55
C ARG A 1033 13.98 -64.22 34.60
N LEU A 1034 13.67 -65.39 34.04
CA LEU A 1034 14.51 -66.12 33.11
C LEU A 1034 14.04 -65.87 31.69
N PHE A 1035 14.85 -65.15 30.92
CA PHE A 1035 14.51 -64.81 29.53
C PHE A 1035 15.53 -65.46 28.61
N ASN A 1036 15.25 -66.71 28.20
CA ASN A 1036 16.01 -67.43 27.17
C ASN A 1036 17.48 -67.65 27.56
N SER A 1037 17.77 -67.63 28.86
CA SER A 1037 19.16 -67.54 29.30
C SER A 1037 19.82 -68.91 29.25
N SER A 1038 20.65 -69.12 28.22
CA SER A 1038 21.50 -70.30 28.16
C SER A 1038 22.83 -70.00 28.83
N GLY A 1039 23.49 -71.06 29.28
CA GLY A 1039 24.67 -70.89 30.12
C GLY A 1039 24.32 -70.47 31.53
N PHE A 1040 23.03 -70.61 31.89
CA PHE A 1040 22.56 -70.27 33.23
C PHE A 1040 22.37 -71.49 34.11
N LEU A 1041 22.28 -72.69 33.54
CA LEU A 1041 22.35 -73.92 34.32
C LEU A 1041 23.64 -73.97 35.14
N GLU A 1042 24.77 -73.73 34.46
CA GLU A 1042 26.08 -73.54 35.10
C GLU A 1042 26.16 -72.28 35.94
N SER A 1043 25.16 -71.40 35.88
CA SER A 1043 25.07 -70.26 36.77
C SER A 1043 24.04 -70.45 37.87
N ILE A 1044 22.96 -71.20 37.63
CA ILE A 1044 21.97 -71.43 38.67
C ILE A 1044 22.44 -72.48 39.67
N CYS A 1045 23.39 -73.34 39.29
CA CYS A 1045 23.96 -74.26 40.29
C CYS A 1045 24.77 -73.53 41.37
N PRO A 1046 25.73 -72.60 41.05
CA PRO A 1046 26.37 -71.87 42.16
C PRO A 1046 25.49 -70.80 42.77
N ALA A 1047 24.47 -70.33 42.06
CA ALA A 1047 23.59 -69.31 42.62
C ALA A 1047 22.74 -69.89 43.76
N LEU A 1048 22.05 -70.99 43.49
CA LEU A 1048 21.29 -71.67 44.54
C LEU A 1048 22.20 -72.39 45.51
N GLU A 1049 23.43 -72.72 45.09
CA GLU A 1049 24.40 -73.28 46.03
C GLU A 1049 24.80 -72.26 47.08
N LEU A 1050 25.08 -71.02 46.66
CA LEU A 1050 25.40 -69.96 47.59
C LEU A 1050 24.18 -69.46 48.36
N SER A 1051 23.00 -69.51 47.77
CA SER A 1051 21.82 -68.96 48.42
C SER A 1051 21.19 -70.00 49.34
N LYS A 1052 20.30 -69.51 50.19
CA LYS A 1052 19.51 -70.37 51.06
C LYS A 1052 18.06 -70.40 50.55
N ALA A 1053 17.19 -71.05 51.32
CA ALA A 1053 15.80 -71.23 50.92
C ALA A 1053 15.00 -69.96 51.22
N SER A 1054 15.20 -68.96 50.39
CA SER A 1054 14.34 -67.77 50.39
C SER A 1054 14.24 -67.26 48.96
N VAL A 1055 13.26 -67.74 48.22
CA VAL A 1055 13.05 -67.42 46.81
C VAL A 1055 11.56 -67.28 46.58
N THR A 1056 11.11 -66.12 46.10
CA THR A 1056 9.69 -66.00 45.77
C THR A 1056 9.40 -66.23 44.29
N LYS A 1057 9.89 -65.37 43.40
CA LYS A 1057 9.39 -65.38 42.03
C LYS A 1057 10.41 -65.94 41.05
N CYS A 1058 9.96 -66.89 40.23
CA CYS A 1058 10.77 -67.47 39.16
C CYS A 1058 9.93 -67.49 37.89
N SER A 1059 10.46 -66.89 36.84
CA SER A 1059 9.82 -66.87 35.53
C SER A 1059 10.63 -67.77 34.60
N MET A 1060 9.94 -68.65 33.89
CA MET A 1060 10.66 -69.72 33.20
C MET A 1060 10.62 -69.58 31.69
N SER A 1061 10.93 -68.38 31.20
CA SER A 1061 10.86 -68.06 29.77
C SER A 1061 11.91 -68.87 28.99
N ARG A 1062 11.42 -69.87 28.27
CA ARG A 1062 12.11 -70.70 27.24
C ARG A 1062 13.49 -71.18 27.70
N LEU A 1063 13.45 -72.05 28.70
CA LEU A 1063 14.62 -72.70 29.26
C LEU A 1063 15.02 -73.92 28.43
N GLU A 1064 15.95 -74.71 28.97
CA GLU A 1064 16.33 -75.96 28.32
C GLU A 1064 15.52 -77.14 28.87
N LEU A 1065 14.99 -76.97 30.08
CA LEU A 1065 14.24 -77.99 30.84
C LEU A 1065 15.09 -79.26 31.03
N SER A 1066 16.16 -79.10 31.81
CA SER A 1066 16.95 -80.24 32.28
C SER A 1066 16.58 -80.55 33.72
N ARG A 1067 16.99 -81.74 34.17
CA ARG A 1067 16.44 -82.27 35.42
C ARG A 1067 17.13 -81.71 36.65
N ALA A 1068 18.45 -81.53 36.60
CA ALA A 1068 19.21 -81.27 37.83
C ALA A 1068 18.93 -79.87 38.38
N GLU A 1069 18.85 -78.86 37.52
CA GLU A 1069 18.62 -77.51 38.02
C GLU A 1069 17.19 -77.29 38.50
N GLN A 1070 16.23 -78.09 38.03
CA GLN A 1070 14.89 -78.02 38.59
C GLN A 1070 14.72 -78.96 39.78
N GLU A 1071 15.64 -79.89 39.99
CA GLU A 1071 15.73 -80.53 41.29
C GLU A 1071 16.30 -79.56 42.32
N LEU A 1072 17.27 -78.73 41.90
CA LEU A 1072 17.88 -77.76 42.82
C LEU A 1072 16.92 -76.61 43.11
N LEU A 1073 16.21 -76.13 42.08
CA LEU A 1073 15.08 -75.23 42.31
C LEU A 1073 13.96 -75.91 43.09
N LEU A 1074 13.82 -77.22 42.92
CA LEU A 1074 12.73 -77.97 43.54
C LEU A 1074 12.92 -78.09 45.04
N THR A 1075 14.16 -78.29 45.48
CA THR A 1075 14.42 -78.61 46.89
C THR A 1075 14.42 -77.39 47.80
N LEU A 1076 14.16 -76.19 47.30
CA LEU A 1076 14.07 -75.02 48.15
C LEU A 1076 12.62 -74.73 48.47
N PRO A 1077 12.22 -74.72 49.75
CA PRO A 1077 10.84 -74.37 50.11
C PRO A 1077 10.57 -72.88 50.08
N ALA A 1078 9.37 -72.50 50.53
CA ALA A 1078 8.88 -71.12 50.59
C ALA A 1078 8.90 -70.43 49.23
N LEU A 1079 8.70 -71.21 48.17
CA LEU A 1079 8.50 -70.64 46.84
C LEU A 1079 7.07 -70.14 46.72
N GLN A 1080 6.91 -69.00 46.07
CA GLN A 1080 5.61 -68.35 46.04
C GLN A 1080 5.10 -68.15 44.61
N SER A 1081 6.02 -68.05 43.66
CA SER A 1081 5.66 -67.66 42.30
C SER A 1081 6.53 -68.38 41.28
N LEU A 1082 5.89 -69.05 40.32
CA LEU A 1082 6.54 -69.80 39.26
C LEU A 1082 5.69 -69.73 37.99
N GLU A 1083 6.13 -68.98 36.97
CA GLU A 1083 5.31 -68.93 35.75
C GLU A 1083 5.93 -69.78 34.65
N VAL A 1084 5.12 -70.69 34.09
CA VAL A 1084 5.61 -71.71 33.16
C VAL A 1084 4.72 -71.76 31.91
N SER A 1085 5.14 -71.08 30.84
CA SER A 1085 4.24 -70.90 29.71
C SER A 1085 4.88 -71.11 28.34
N GLU A 1086 6.01 -71.80 28.25
CA GLU A 1086 6.87 -71.66 27.07
C GLU A 1086 7.09 -72.97 26.32
N THR A 1087 7.57 -74.02 26.98
CA THR A 1087 8.12 -75.18 26.29
C THR A 1087 7.03 -76.21 26.00
N ASN A 1088 7.10 -76.79 24.80
CA ASN A 1088 6.33 -77.97 24.46
C ASN A 1088 6.75 -79.18 25.28
N GLN A 1089 8.02 -79.23 25.67
CA GLN A 1089 8.55 -80.24 26.57
C GLN A 1089 7.98 -79.92 27.96
N LEU A 1090 7.45 -80.93 28.63
CA LEU A 1090 6.69 -80.73 29.86
C LEU A 1090 7.51 -81.13 31.07
N PRO A 1091 7.65 -80.27 32.08
CA PRO A 1091 8.30 -80.69 33.33
C PRO A 1091 7.44 -81.67 34.10
N GLU A 1092 8.11 -82.70 34.62
CA GLU A 1092 7.39 -83.78 35.31
C GLU A 1092 7.77 -83.87 36.78
N GLN A 1093 9.08 -83.97 37.07
CA GLN A 1093 9.52 -84.03 38.46
C GLN A 1093 9.33 -82.70 39.16
N LEU A 1094 9.56 -81.60 38.43
CA LEU A 1094 9.31 -80.27 38.96
C LEU A 1094 7.82 -80.04 39.17
N PHE A 1095 6.98 -80.70 38.37
CA PHE A 1095 5.53 -80.59 38.54
C PHE A 1095 5.05 -81.40 39.75
N HIS A 1096 5.26 -82.71 39.71
CA HIS A 1096 4.67 -83.60 40.71
C HIS A 1096 5.38 -83.45 42.05
N ASN A 1097 6.63 -82.99 42.03
CA ASN A 1097 7.33 -82.64 43.25
C ASN A 1097 7.15 -81.18 43.60
N LEU A 1098 6.66 -80.35 42.67
CA LEU A 1098 6.18 -79.01 43.03
C LEU A 1098 4.85 -79.11 43.76
N HIS A 1099 4.18 -80.27 43.69
CA HIS A 1099 2.97 -80.48 44.47
C HIS A 1099 3.24 -80.85 45.93
N LYS A 1100 4.43 -80.53 46.48
CA LYS A 1100 4.75 -80.85 47.86
C LYS A 1100 4.66 -79.63 48.78
N PHE A 1101 5.38 -78.56 48.45
CA PHE A 1101 5.67 -77.49 49.39
C PHE A 1101 4.48 -76.54 49.54
N LEU A 1102 4.69 -75.44 50.25
CA LEU A 1102 3.66 -74.46 50.54
C LEU A 1102 4.13 -73.06 50.13
N GLY A 1103 3.16 -72.21 49.83
CA GLY A 1103 3.41 -70.83 49.45
C GLY A 1103 3.15 -70.49 48.01
N LEU A 1104 3.15 -71.47 47.11
CA LEU A 1104 3.14 -71.21 45.67
C LEU A 1104 1.80 -70.65 45.21
N LYS A 1105 1.85 -69.59 44.42
CA LYS A 1105 0.65 -68.92 43.92
C LYS A 1105 0.68 -68.58 42.44
N GLU A 1106 1.67 -69.03 41.67
CA GLU A 1106 1.80 -68.69 40.25
C GLU A 1106 2.28 -69.92 39.48
N LEU A 1107 1.79 -70.07 38.25
CA LEU A 1107 2.01 -71.26 37.45
C LEU A 1107 2.26 -70.79 36.02
N CYS A 1108 2.16 -71.69 35.06
CA CYS A 1108 1.37 -71.53 33.82
C CYS A 1108 1.59 -72.81 33.03
N VAL A 1109 0.66 -73.12 32.13
CA VAL A 1109 0.57 -74.44 31.50
C VAL A 1109 0.36 -74.21 29.99
N ARG A 1110 0.96 -73.17 29.44
CA ARG A 1110 0.77 -72.92 28.02
C ARG A 1110 1.60 -73.90 27.18
N LEU A 1111 0.93 -74.51 26.20
CA LEU A 1111 1.52 -75.39 25.18
C LEU A 1111 2.22 -76.60 25.78
N ASP A 1112 1.52 -77.38 26.60
CA ASP A 1112 2.11 -78.58 27.20
C ASP A 1112 1.42 -79.86 26.74
N GLY A 1113 0.12 -79.99 27.00
CA GLY A 1113 -0.60 -81.18 26.64
C GLY A 1113 -0.56 -82.21 27.75
N LYS A 1114 -1.69 -82.44 28.44
CA LYS A 1114 -1.73 -83.39 29.54
C LYS A 1114 -3.13 -83.98 29.71
N PRO A 1115 -3.31 -85.26 29.39
CA PRO A 1115 -4.50 -85.96 29.86
C PRO A 1115 -4.29 -86.65 31.21
N ASP A 1116 -3.03 -86.97 31.56
CA ASP A 1116 -2.74 -87.90 32.64
C ASP A 1116 -1.61 -87.45 33.56
N VAL A 1117 -1.13 -86.21 33.45
CA VAL A 1117 -0.01 -85.75 34.26
C VAL A 1117 -0.50 -85.33 35.66
N LEU A 1118 -1.82 -85.29 35.86
CA LEU A 1118 -2.47 -84.79 37.07
C LEU A 1118 -2.42 -85.74 38.25
N SER A 1119 -1.54 -86.75 38.27
CA SER A 1119 -1.61 -87.84 39.24
C SER A 1119 -1.14 -87.47 40.64
N VAL A 1120 -0.11 -86.62 40.77
CA VAL A 1120 0.37 -86.24 42.10
C VAL A 1120 -0.08 -84.82 42.44
N LEU A 1121 -0.88 -84.19 41.58
CA LEU A 1121 -1.70 -83.04 41.91
C LEU A 1121 -2.59 -83.24 43.15
N PRO A 1122 -3.18 -84.42 43.42
CA PRO A 1122 -3.78 -84.63 44.75
C PRO A 1122 -2.76 -84.80 45.87
N GLY A 1123 -1.47 -84.76 45.59
CA GLY A 1123 -0.52 -84.46 46.64
C GLY A 1123 -0.51 -83.02 47.06
N GLU A 1124 -0.66 -82.09 46.11
CA GLU A 1124 -0.87 -80.68 46.39
C GLU A 1124 -2.20 -80.42 47.07
N PHE A 1125 -3.21 -81.26 46.78
CA PHE A 1125 -4.57 -80.98 47.27
C PHE A 1125 -4.75 -80.93 48.80
N PRO A 1126 -3.93 -81.56 49.65
CA PRO A 1126 -4.00 -81.17 51.08
C PRO A 1126 -3.22 -79.91 51.42
N ASN A 1127 -2.33 -79.43 50.55
CA ASN A 1127 -1.37 -78.42 50.98
C ASN A 1127 -1.97 -77.02 50.98
N LEU A 1128 -2.31 -76.49 49.81
CA LEU A 1128 -2.39 -75.05 49.62
C LEU A 1128 -3.78 -74.59 49.25
N HIS A 1129 -4.43 -73.89 50.18
CA HIS A 1129 -5.52 -72.98 49.87
C HIS A 1129 -5.00 -71.58 49.59
N HIS A 1130 -3.74 -71.45 49.19
CA HIS A 1130 -3.09 -70.17 48.89
C HIS A 1130 -2.65 -70.23 47.44
N MET A 1131 -3.43 -69.63 46.55
CA MET A 1131 -3.21 -69.67 45.11
C MET A 1131 -3.75 -68.40 44.49
N GLU A 1132 -2.93 -67.73 43.67
CA GLU A 1132 -3.33 -66.44 43.12
C GLU A 1132 -3.10 -66.30 41.61
N LYS A 1133 -2.54 -67.31 40.94
CA LYS A 1133 -2.50 -67.27 39.48
C LYS A 1133 -2.67 -68.67 38.93
N LEU A 1134 -3.74 -68.88 38.16
CA LEU A 1134 -4.02 -70.14 37.51
C LEU A 1134 -4.18 -69.87 36.02
N SER A 1135 -3.42 -70.60 35.21
CA SER A 1135 -3.37 -70.39 33.78
C SER A 1135 -3.04 -71.69 33.08
N ILE A 1136 -4.07 -72.39 32.59
CA ILE A 1136 -3.90 -73.77 32.17
C ILE A 1136 -4.10 -73.87 30.66
N ARG A 1137 -3.28 -74.71 30.02
CA ARG A 1137 -3.55 -75.20 28.67
C ARG A 1137 -3.28 -76.69 28.64
N THR A 1138 -4.16 -77.43 28.00
CA THR A 1138 -3.91 -78.83 27.64
C THR A 1138 -4.13 -78.98 26.15
N SER A 1139 -3.62 -80.08 25.60
CA SER A 1139 -3.85 -80.37 24.19
C SER A 1139 -5.15 -81.14 23.99
N THR A 1140 -5.60 -81.84 25.02
CA THR A 1140 -6.79 -82.66 24.95
C THR A 1140 -7.46 -82.65 26.33
N GLU A 1141 -8.39 -83.57 26.54
CA GLU A 1141 -9.12 -83.59 27.81
C GLU A 1141 -8.31 -84.32 28.87
N SER A 1142 -8.20 -83.67 30.04
CA SER A 1142 -7.56 -84.24 31.22
C SER A 1142 -8.63 -84.93 32.07
N ASP A 1143 -8.27 -85.25 33.30
CA ASP A 1143 -9.24 -85.74 34.28
C ASP A 1143 -9.79 -84.55 35.04
N LEU A 1144 -11.12 -84.44 35.11
CA LEU A 1144 -11.75 -83.23 35.60
C LEU A 1144 -12.33 -83.35 37.00
N SER A 1145 -12.36 -84.56 37.58
CA SER A 1145 -12.96 -84.73 38.91
C SER A 1145 -12.09 -84.10 40.00
N LYS A 1146 -10.77 -84.25 39.87
CA LYS A 1146 -9.84 -83.57 40.76
C LYS A 1146 -9.92 -82.07 40.59
N LEU A 1147 -10.12 -81.60 39.35
CA LEU A 1147 -10.16 -80.18 39.06
C LEU A 1147 -11.43 -79.55 39.66
N VAL A 1148 -12.57 -80.21 39.49
CA VAL A 1148 -13.80 -79.67 40.07
C VAL A 1148 -13.75 -79.82 41.60
N LYS A 1149 -13.04 -80.83 42.10
CA LYS A 1149 -12.94 -81.04 43.55
C LYS A 1149 -12.15 -79.93 44.24
N PHE A 1150 -10.87 -79.80 43.91
CA PHE A 1150 -10.07 -78.86 44.67
C PHE A 1150 -10.05 -77.46 44.07
N ILE A 1151 -10.32 -77.34 42.77
CA ILE A 1151 -10.59 -76.01 42.24
C ILE A 1151 -11.96 -75.52 42.74
N GLN A 1152 -12.87 -76.45 43.06
CA GLN A 1152 -14.03 -76.07 43.87
C GLN A 1152 -13.60 -75.67 45.28
N ASN A 1153 -12.53 -76.25 45.79
CA ASN A 1153 -12.08 -75.96 47.15
C ASN A 1153 -11.19 -74.70 47.22
N PHE A 1154 -11.32 -73.77 46.27
CA PHE A 1154 -10.54 -72.53 46.34
C PHE A 1154 -11.33 -71.45 47.09
N PRO A 1155 -10.75 -70.85 48.14
CA PRO A 1155 -11.44 -69.74 48.81
C PRO A 1155 -10.98 -68.36 48.36
N ASN A 1156 -9.90 -68.29 47.59
CA ASN A 1156 -9.17 -67.05 47.34
C ASN A 1156 -8.93 -66.83 45.84
N LEU A 1157 -10.02 -66.86 45.08
CA LEU A 1157 -10.00 -66.72 43.62
C LEU A 1157 -9.41 -65.40 43.15
N HIS A 1158 -9.12 -65.33 41.86
CA HIS A 1158 -8.14 -64.38 41.33
C HIS A 1158 -8.36 -64.30 39.82
N VAL A 1159 -7.37 -63.74 39.12
CA VAL A 1159 -7.38 -63.76 37.66
C VAL A 1159 -7.12 -65.17 37.16
N PHE A 1160 -7.78 -65.55 36.07
CA PHE A 1160 -7.62 -66.88 35.48
C PHE A 1160 -7.32 -66.75 34.00
N HIS A 1161 -6.42 -67.59 33.50
CA HIS A 1161 -6.21 -67.75 32.07
C HIS A 1161 -6.51 -69.21 31.72
N LEU A 1162 -7.56 -69.43 30.92
CA LEU A 1162 -7.96 -70.74 30.46
C LEU A 1162 -8.22 -70.70 28.96
N LYS A 1163 -7.73 -71.70 28.25
CA LYS A 1163 -7.80 -71.69 26.78
C LYS A 1163 -7.59 -73.08 26.20
N CYS A 1164 -8.24 -73.31 25.06
CA CYS A 1164 -7.75 -74.14 23.95
C CYS A 1164 -7.53 -75.62 24.29
N ASP A 1165 -8.60 -76.36 24.56
CA ASP A 1165 -8.55 -77.80 24.33
C ASP A 1165 -9.93 -78.30 23.93
N PHE A 1166 -9.97 -79.57 23.51
CA PHE A 1166 -11.22 -80.26 23.33
C PHE A 1166 -11.82 -80.61 24.68
N LEU A 1167 -12.51 -79.65 25.28
CA LEU A 1167 -13.04 -79.83 26.63
C LEU A 1167 -14.28 -80.73 26.59
N SER A 1168 -15.33 -80.26 25.90
CA SER A 1168 -16.63 -80.92 25.75
C SER A 1168 -17.27 -81.29 27.09
N ASN A 1169 -17.07 -80.44 28.09
CA ASN A 1169 -17.68 -80.66 29.40
C ASN A 1169 -18.01 -79.32 30.04
N CYS A 1170 -19.23 -78.85 29.83
CA CYS A 1170 -19.73 -77.67 30.49
C CYS A 1170 -20.35 -77.96 31.84
N GLU A 1171 -20.43 -79.22 32.24
CA GLU A 1171 -21.11 -79.60 33.47
C GLU A 1171 -20.18 -79.65 34.66
N SER A 1172 -18.96 -80.18 34.48
CA SER A 1172 -17.95 -80.09 35.52
C SER A 1172 -17.51 -78.65 35.73
N LEU A 1173 -17.29 -77.93 34.63
CA LEU A 1173 -16.95 -76.51 34.72
C LEU A 1173 -18.13 -75.69 35.21
N MET A 1174 -19.35 -76.15 34.90
CA MET A 1174 -20.54 -75.53 35.47
C MET A 1174 -20.61 -75.76 36.99
N ALA A 1175 -20.13 -76.92 37.43
CA ALA A 1175 -20.16 -77.23 38.86
C ALA A 1175 -19.11 -76.42 39.61
N VAL A 1176 -17.88 -76.33 39.07
CA VAL A 1176 -16.84 -75.62 39.79
C VAL A 1176 -17.04 -74.11 39.71
N LEU A 1177 -17.50 -73.59 38.57
CA LEU A 1177 -17.78 -72.17 38.49
C LEU A 1177 -19.10 -71.81 39.15
N ALA A 1178 -19.96 -72.79 39.43
CA ALA A 1178 -21.20 -72.51 40.15
C ALA A 1178 -21.00 -72.69 41.64
N SER A 1179 -19.92 -73.34 42.05
CA SER A 1179 -19.66 -73.61 43.46
C SER A 1179 -18.52 -72.78 44.03
N CYS A 1180 -18.37 -71.53 43.60
CA CYS A 1180 -17.31 -70.65 44.09
C CYS A 1180 -17.84 -69.24 44.27
N LYS A 1181 -16.94 -68.32 44.64
CA LYS A 1181 -17.36 -67.06 45.24
C LYS A 1181 -16.81 -65.80 44.58
N LYS A 1182 -15.59 -65.82 44.06
CA LYS A 1182 -14.84 -64.59 43.75
C LYS A 1182 -14.37 -64.57 42.30
N LEU A 1183 -15.28 -64.84 41.36
CA LEU A 1183 -14.93 -65.02 39.95
C LEU A 1183 -14.90 -63.66 39.25
N ARG A 1184 -13.93 -62.80 39.60
CA ARG A 1184 -14.01 -61.43 39.11
C ARG A 1184 -12.97 -61.02 38.07
N GLU A 1185 -12.01 -61.88 37.71
CA GLU A 1185 -11.15 -61.63 36.54
C GLU A 1185 -11.03 -62.93 35.75
N ILE A 1186 -11.87 -63.08 34.73
CA ILE A 1186 -11.96 -64.32 33.98
C ILE A 1186 -11.41 -64.13 32.57
N GLU A 1187 -10.41 -64.94 32.23
CA GLU A 1187 -9.81 -65.05 30.91
C GLU A 1187 -10.19 -66.42 30.36
N PHE A 1188 -11.18 -66.47 29.48
CA PHE A 1188 -11.60 -67.75 28.91
C PHE A 1188 -11.41 -67.65 27.39
N SER A 1189 -10.23 -67.22 26.98
CA SER A 1189 -10.00 -66.92 25.57
C SER A 1189 -9.92 -68.20 24.73
N GLY A 1190 -11.07 -68.58 24.18
CA GLY A 1190 -11.10 -69.56 23.11
C GLY A 1190 -10.84 -71.00 23.49
N ARG A 1191 -11.64 -71.54 24.40
CA ARG A 1191 -11.63 -72.97 24.67
C ARG A 1191 -12.85 -73.57 24.00
N CYS A 1192 -12.72 -74.78 23.47
CA CYS A 1192 -13.85 -75.47 22.85
C CYS A 1192 -14.86 -75.81 23.95
N PHE A 1193 -15.98 -75.09 23.94
CA PHE A 1193 -16.86 -75.01 25.09
C PHE A 1193 -18.22 -74.49 24.64
N GLU A 1194 -19.28 -74.97 25.29
CA GLU A 1194 -20.63 -74.47 25.06
C GLU A 1194 -21.01 -73.49 26.15
N ALA A 1195 -21.33 -72.26 25.75
CA ALA A 1195 -21.53 -71.14 26.66
C ALA A 1195 -22.93 -71.11 27.30
N MET A 1196 -23.63 -72.24 27.34
CA MET A 1196 -24.86 -72.34 28.11
C MET A 1196 -24.59 -72.18 29.60
N THR A 1197 -23.38 -72.51 30.04
CA THR A 1197 -23.00 -72.33 31.44
C THR A 1197 -22.98 -70.87 31.84
N PHE A 1198 -22.45 -70.01 30.96
CA PHE A 1198 -22.15 -68.62 31.33
C PHE A 1198 -23.40 -67.81 31.59
N VAL A 1199 -24.51 -68.13 30.94
CA VAL A 1199 -25.75 -67.44 31.24
C VAL A 1199 -26.40 -67.96 32.51
N ASN A 1200 -25.83 -69.00 33.12
CA ASN A 1200 -26.23 -69.44 34.44
C ASN A 1200 -25.28 -68.99 35.53
N ILE A 1201 -23.98 -68.98 35.30
CA ILE A 1201 -23.03 -68.66 36.36
C ILE A 1201 -22.65 -67.18 36.39
N LEU A 1202 -22.75 -66.48 35.26
CA LEU A 1202 -22.67 -65.03 35.27
C LEU A 1202 -23.78 -64.33 36.09
N PRO A 1203 -25.03 -64.82 36.16
CA PRO A 1203 -25.93 -64.26 37.18
C PRO A 1203 -25.55 -64.62 38.62
N ASN A 1204 -24.77 -65.67 38.86
CA ASN A 1204 -24.41 -66.00 40.24
C ASN A 1204 -23.38 -65.04 40.83
N PHE A 1205 -22.66 -64.28 40.00
CA PHE A 1205 -21.64 -63.38 40.49
C PHE A 1205 -21.70 -62.06 39.73
N VAL A 1206 -21.75 -60.96 40.48
CA VAL A 1206 -22.09 -59.66 39.92
C VAL A 1206 -20.89 -58.71 39.99
N SER A 1207 -19.91 -59.03 40.85
CA SER A 1207 -18.78 -58.14 41.09
C SER A 1207 -17.60 -58.40 40.17
N LEU A 1208 -17.85 -58.91 38.97
CA LEU A 1208 -16.78 -59.20 38.02
C LEU A 1208 -16.27 -57.90 37.42
N LYS A 1209 -14.98 -57.87 37.08
CA LYS A 1209 -14.38 -56.64 36.58
C LYS A 1209 -13.70 -56.79 35.22
N ILE A 1210 -13.14 -57.97 34.92
CA ILE A 1210 -12.40 -58.19 33.68
C ILE A 1210 -12.86 -59.49 33.06
N LEU A 1211 -13.32 -59.44 31.80
CA LEU A 1211 -13.74 -60.63 31.08
C LEU A 1211 -13.15 -60.63 29.66
N ASN A 1212 -12.45 -61.72 29.35
CA ASN A 1212 -11.87 -61.91 28.01
C ASN A 1212 -12.43 -63.19 27.42
N LEU A 1213 -12.86 -63.12 26.17
CA LEU A 1213 -13.31 -64.29 25.42
C LEU A 1213 -12.81 -64.21 23.97
N LYS A 1214 -12.28 -65.33 23.48
CA LYS A 1214 -11.86 -65.48 22.09
C LYS A 1214 -12.90 -66.39 21.42
N ASP A 1215 -12.74 -66.61 20.11
CA ASP A 1215 -13.75 -67.02 19.13
C ASP A 1215 -14.60 -68.20 19.58
N GLN A 1216 -15.90 -67.96 19.70
CA GLN A 1216 -16.87 -68.98 20.10
C GLN A 1216 -18.09 -68.97 19.20
N GLN A 1217 -19.11 -69.75 19.55
CA GLN A 1217 -20.38 -69.69 18.85
C GLN A 1217 -21.27 -68.65 19.52
N PHE A 1218 -21.92 -67.81 18.71
CA PHE A 1218 -22.58 -66.61 19.21
C PHE A 1218 -23.67 -66.18 18.23
N PRO A 1219 -24.87 -66.82 18.29
CA PRO A 1219 -25.99 -66.36 17.46
C PRO A 1219 -26.66 -65.10 18.00
N ASP A 1220 -27.76 -64.67 17.36
CA ASP A 1220 -28.34 -63.36 17.61
C ASP A 1220 -29.69 -63.41 18.33
N LYS A 1221 -30.12 -64.57 18.82
CA LYS A 1221 -31.28 -64.55 19.72
C LYS A 1221 -31.00 -65.35 21.00
N GLU A 1222 -30.28 -66.46 20.88
CA GLU A 1222 -29.98 -67.28 22.05
C GLU A 1222 -28.93 -66.60 22.92
N THR A 1223 -27.74 -66.39 22.38
CA THR A 1223 -26.68 -65.73 23.12
C THR A 1223 -26.92 -64.24 23.23
N SER A 1224 -27.67 -63.66 22.29
CA SER A 1224 -27.92 -62.22 22.36
C SER A 1224 -28.97 -61.88 23.41
N GLU A 1225 -30.03 -62.69 23.52
CA GLU A 1225 -31.02 -62.42 24.55
C GLU A 1225 -30.54 -62.89 25.93
N LYS A 1226 -30.04 -64.12 26.00
CA LYS A 1226 -29.58 -64.66 27.28
C LYS A 1226 -28.30 -63.99 27.78
N PHE A 1227 -27.34 -63.71 26.90
CA PHE A 1227 -26.21 -62.89 27.29
C PHE A 1227 -26.56 -61.39 27.35
N ALA A 1228 -27.70 -60.98 26.80
CA ALA A 1228 -28.16 -59.62 27.04
C ALA A 1228 -28.67 -59.45 28.46
N GLN A 1229 -29.31 -60.47 29.00
CA GLN A 1229 -29.69 -60.43 30.41
C GLN A 1229 -28.48 -60.64 31.31
N ALA A 1230 -27.66 -61.65 31.02
CA ALA A 1230 -26.54 -62.02 31.87
C ALA A 1230 -25.47 -60.94 31.89
N LEU A 1231 -25.12 -60.40 30.72
CA LEU A 1231 -24.27 -59.22 30.68
C LEU A 1231 -25.02 -57.97 31.12
N GLY A 1232 -26.35 -57.97 30.98
CA GLY A 1232 -27.13 -56.81 31.34
C GLY A 1232 -27.15 -56.53 32.84
N SER A 1233 -26.99 -57.57 33.66
CA SER A 1233 -26.92 -57.41 35.10
C SER A 1233 -25.49 -57.40 35.64
N LEU A 1234 -24.53 -56.85 34.91
CA LEU A 1234 -23.11 -56.98 35.22
C LEU A 1234 -22.43 -55.62 35.11
N ARG A 1235 -22.94 -54.63 35.83
CA ARG A 1235 -22.44 -53.27 35.67
C ARG A 1235 -21.12 -52.98 36.42
N ASN A 1236 -20.46 -54.01 36.98
CA ASN A 1236 -19.22 -53.82 37.71
C ASN A 1236 -17.97 -54.01 36.86
N LEU A 1237 -18.11 -54.27 35.56
CA LEU A 1237 -16.98 -54.69 34.75
C LEU A 1237 -16.17 -53.48 34.26
N GLU A 1238 -14.89 -53.73 33.97
CA GLU A 1238 -13.99 -52.67 33.53
C GLU A 1238 -13.39 -52.99 32.15
N GLU A 1239 -13.11 -54.26 31.89
CA GLU A 1239 -12.42 -54.68 30.68
C GLU A 1239 -13.24 -55.75 29.98
N LEU A 1240 -13.62 -55.51 28.72
CA LEU A 1240 -14.56 -56.36 28.00
C LEU A 1240 -13.93 -56.77 26.68
N LEU A 1241 -13.91 -58.08 26.42
CA LEU A 1241 -13.35 -58.65 25.19
C LEU A 1241 -14.35 -59.66 24.62
N VAL A 1242 -15.21 -59.26 23.69
CA VAL A 1242 -16.27 -60.14 23.20
C VAL A 1242 -15.98 -60.54 21.76
N PRO A 1243 -16.04 -61.85 21.45
CA PRO A 1243 -15.67 -62.33 20.11
C PRO A 1243 -16.81 -62.69 19.16
N THR A 1244 -16.53 -62.54 17.86
CA THR A 1244 -16.72 -63.56 16.82
C THR A 1244 -18.07 -64.27 16.90
N GLY A 1245 -19.10 -63.53 16.50
CA GLY A 1245 -20.40 -64.11 16.30
C GLY A 1245 -21.15 -63.47 15.15
N ASP A 1246 -22.17 -64.20 14.69
CA ASP A 1246 -23.24 -63.61 13.91
C ASP A 1246 -24.35 -63.06 14.81
N GLY A 1247 -24.09 -62.96 16.12
CA GLY A 1247 -24.88 -62.15 17.01
C GLY A 1247 -24.86 -60.71 16.53
N ILE A 1248 -26.01 -60.24 16.08
CA ILE A 1248 -26.06 -59.06 15.22
C ILE A 1248 -26.84 -58.00 15.99
N HIS A 1249 -27.08 -56.83 15.37
CA HIS A 1249 -27.16 -55.52 16.02
C HIS A 1249 -28.18 -55.40 17.16
N GLN A 1250 -29.04 -56.40 17.37
CA GLN A 1250 -29.83 -56.46 18.60
C GLN A 1250 -28.92 -56.62 19.82
N VAL A 1251 -27.82 -57.35 19.65
CA VAL A 1251 -26.82 -57.46 20.71
C VAL A 1251 -26.08 -56.14 20.89
N ALA A 1252 -26.06 -55.29 19.86
CA ALA A 1252 -25.51 -53.96 20.03
C ALA A 1252 -26.52 -53.03 20.68
N LYS A 1253 -27.81 -53.27 20.44
CA LYS A 1253 -28.86 -52.53 21.12
C LYS A 1253 -28.82 -52.77 22.62
N LEU A 1254 -28.95 -54.02 23.03
CA LEU A 1254 -29.04 -54.31 24.46
C LEU A 1254 -27.66 -54.26 25.11
N ILE A 1255 -26.64 -54.81 24.46
CA ILE A 1255 -25.32 -54.87 25.08
C ILE A 1255 -24.62 -53.51 25.02
N VAL A 1256 -24.70 -52.83 23.87
CA VAL A 1256 -24.14 -51.48 23.79
C VAL A 1256 -24.99 -50.51 24.62
N ARG A 1257 -26.27 -50.83 24.82
CA ARG A 1257 -27.11 -50.11 25.77
C ARG A 1257 -26.56 -50.22 27.19
N GLN A 1258 -26.37 -51.46 27.67
CA GLN A 1258 -26.01 -51.65 29.07
C GLN A 1258 -24.56 -51.30 29.36
N CYS A 1259 -23.63 -51.58 28.42
CA CYS A 1259 -22.25 -51.19 28.64
C CYS A 1259 -22.07 -49.71 28.42
N LEU A 1260 -22.95 -49.10 27.60
CA LEU A 1260 -23.05 -47.65 27.59
C LEU A 1260 -23.48 -47.12 28.95
N GLN A 1261 -24.43 -47.80 29.60
CA GLN A 1261 -24.99 -47.29 30.85
C GLN A 1261 -24.40 -47.94 32.09
N LEU A 1262 -23.09 -48.25 32.10
CA LEU A 1262 -22.45 -48.68 33.32
C LEU A 1262 -21.15 -47.90 33.51
N PRO A 1263 -20.88 -47.40 34.72
CA PRO A 1263 -19.60 -46.72 34.97
C PRO A 1263 -18.49 -47.70 35.30
N CYS A 1264 -17.31 -47.16 35.67
CA CYS A 1264 -16.09 -47.89 36.03
C CYS A 1264 -15.63 -48.85 34.94
N LEU A 1265 -15.61 -48.41 33.68
CA LEU A 1265 -15.32 -49.27 32.55
C LEU A 1265 -14.20 -48.66 31.73
N ARG A 1266 -13.21 -49.47 31.34
CA ARG A 1266 -12.04 -48.89 30.69
C ARG A 1266 -11.72 -49.50 29.32
N VAL A 1267 -11.80 -50.83 29.20
CA VAL A 1267 -11.37 -51.54 27.99
C VAL A 1267 -12.59 -52.17 27.34
N LEU A 1268 -12.66 -52.10 26.01
CA LEU A 1268 -13.82 -52.60 25.28
C LEU A 1268 -13.38 -53.06 23.89
N THR A 1269 -13.81 -54.26 23.51
CA THR A 1269 -13.32 -54.88 22.28
C THR A 1269 -14.39 -55.73 21.62
N PHE A 1270 -14.63 -55.46 20.34
CA PHE A 1270 -15.68 -56.02 19.50
C PHE A 1270 -15.07 -56.64 18.24
N HIS A 1271 -14.09 -57.51 18.42
CA HIS A 1271 -13.40 -58.12 17.27
C HIS A 1271 -14.32 -59.11 16.57
N ASP A 1272 -14.18 -59.17 15.22
CA ASP A 1272 -14.92 -60.07 14.32
C ASP A 1272 -16.43 -59.85 14.33
N ILE A 1273 -16.89 -58.71 14.86
CA ILE A 1273 -18.30 -58.36 14.89
C ILE A 1273 -18.44 -56.90 14.49
N LEU A 1274 -19.63 -56.35 14.73
CA LEU A 1274 -19.99 -54.95 14.46
C LEU A 1274 -19.95 -54.57 12.99
N ASP A 1275 -20.89 -55.13 12.23
CA ASP A 1275 -21.30 -54.57 10.94
C ASP A 1275 -21.93 -53.20 11.18
N ASP A 1276 -22.15 -52.44 10.09
CA ASP A 1276 -22.23 -50.99 10.18
C ASP A 1276 -23.45 -50.48 10.94
N ASP A 1277 -24.48 -51.32 11.10
CA ASP A 1277 -25.60 -50.88 11.94
C ASP A 1277 -25.26 -51.02 13.42
N SER A 1278 -24.35 -51.92 13.76
CA SER A 1278 -23.92 -52.01 15.14
C SER A 1278 -23.00 -50.86 15.51
N VAL A 1279 -22.30 -50.28 14.53
CA VAL A 1279 -21.58 -49.07 14.84
C VAL A 1279 -22.48 -47.84 14.65
N ILE A 1280 -23.64 -47.99 14.03
CA ILE A 1280 -24.70 -47.01 14.27
C ILE A 1280 -25.12 -47.07 15.74
N GLU A 1281 -25.17 -48.27 16.32
CA GLU A 1281 -25.52 -48.38 17.74
C GLU A 1281 -24.44 -47.78 18.64
N ILE A 1282 -23.17 -47.95 18.28
CA ILE A 1282 -22.14 -47.28 19.06
C ILE A 1282 -22.09 -45.79 18.71
N ALA A 1283 -22.68 -45.39 17.58
CA ALA A 1283 -22.70 -43.98 17.23
C ALA A 1283 -23.75 -43.21 18.03
N ARG A 1284 -25.02 -43.60 17.89
CA ARG A 1284 -26.10 -42.96 18.62
C ARG A 1284 -26.00 -43.24 20.12
N ALA A 1285 -25.47 -44.40 20.49
CA ALA A 1285 -25.14 -44.66 21.89
C ALA A 1285 -24.00 -43.76 22.36
N ALA A 1286 -22.97 -43.60 21.53
CA ALA A 1286 -21.81 -42.83 21.92
C ALA A 1286 -22.03 -41.32 21.80
N THR A 1287 -23.20 -40.90 21.32
CA THR A 1287 -23.50 -39.47 21.29
C THR A 1287 -23.86 -38.92 22.66
N SER A 1288 -24.74 -39.62 23.39
CA SER A 1288 -25.29 -39.09 24.63
C SER A 1288 -24.29 -39.12 25.78
N GLY A 1289 -23.42 -40.11 25.83
CA GLY A 1289 -22.47 -40.18 26.91
C GLY A 1289 -22.75 -41.32 27.88
N GLY A 1290 -22.47 -41.04 29.15
CA GLY A 1290 -22.39 -42.10 30.15
C GLY A 1290 -21.19 -42.98 29.95
N PHE A 1291 -20.16 -42.45 29.31
CA PHE A 1291 -19.09 -43.22 28.69
C PHE A 1291 -17.75 -42.70 29.16
N GLN A 1292 -17.78 -41.61 29.92
CA GLN A 1292 -16.64 -40.74 30.20
C GLN A 1292 -15.53 -41.41 31.00
N LYS A 1293 -15.78 -42.58 31.57
CA LYS A 1293 -14.74 -43.36 32.22
C LYS A 1293 -13.85 -44.09 31.22
N LEU A 1294 -14.36 -44.41 30.03
CA LEU A 1294 -13.69 -45.31 29.10
C LEU A 1294 -12.43 -44.71 28.51
N GLU A 1295 -11.42 -45.55 28.33
CA GLU A 1295 -10.21 -45.18 27.64
C GLU A 1295 -9.84 -46.10 26.49
N ASN A 1296 -10.16 -47.38 26.55
CA ASN A 1296 -9.64 -48.35 25.60
C ASN A 1296 -10.76 -49.00 24.80
N LEU A 1297 -10.55 -49.11 23.48
CA LEU A 1297 -11.60 -49.53 22.57
C LEU A 1297 -11.04 -50.01 21.24
N ASP A 1298 -11.63 -51.09 20.72
CA ASP A 1298 -11.16 -51.85 19.57
C ASP A 1298 -12.33 -52.19 18.66
N ILE A 1299 -12.27 -51.71 17.40
CA ILE A 1299 -13.27 -52.04 16.39
C ILE A 1299 -12.55 -52.71 15.23
N SER A 1300 -11.58 -53.57 15.55
CA SER A 1300 -10.96 -54.40 14.51
C SER A 1300 -11.99 -55.34 13.89
N MET A 1301 -11.77 -55.67 12.62
CA MET A 1301 -12.62 -56.57 11.82
C MET A 1301 -14.06 -56.10 11.68
N ASN A 1302 -14.27 -54.98 10.99
CA ASN A 1302 -15.59 -54.65 10.47
C ASN A 1302 -15.78 -55.40 9.16
N HIS A 1303 -16.96 -55.27 8.55
CA HIS A 1303 -17.12 -55.75 7.20
C HIS A 1303 -16.69 -54.71 6.17
N LYS A 1304 -17.05 -53.45 6.37
CA LYS A 1304 -16.67 -52.36 5.49
C LYS A 1304 -16.78 -51.04 6.22
N ILE A 1305 -15.68 -50.29 6.24
CA ILE A 1305 -15.70 -48.91 6.72
C ILE A 1305 -15.63 -47.98 5.52
N THR A 1306 -16.49 -46.97 5.53
CA THR A 1306 -16.65 -46.00 4.46
C THR A 1306 -17.14 -44.70 5.09
N GLU A 1307 -17.80 -43.86 4.29
CA GLU A 1307 -18.46 -42.66 4.80
C GLU A 1307 -19.52 -42.98 5.86
N GLU A 1308 -20.09 -44.20 5.80
CA GLU A 1308 -20.81 -44.76 6.94
C GLU A 1308 -19.96 -44.72 8.20
N GLY A 1309 -18.75 -45.27 8.14
CA GLY A 1309 -17.81 -45.21 9.24
C GLY A 1309 -17.35 -43.81 9.54
N TYR A 1310 -17.42 -42.89 8.57
CA TYR A 1310 -17.22 -41.50 8.91
C TYR A 1310 -18.35 -40.93 9.75
N ARG A 1311 -19.59 -41.36 9.53
CA ARG A 1311 -20.68 -40.89 10.40
C ARG A 1311 -20.59 -41.52 11.77
N ASN A 1312 -20.43 -42.84 11.80
CA ASN A 1312 -20.47 -43.58 13.05
C ASN A 1312 -19.24 -43.32 13.89
N PHE A 1313 -18.08 -43.26 13.25
CA PHE A 1313 -16.88 -42.82 13.92
C PHE A 1313 -16.76 -41.31 13.95
N PHE A 1314 -17.72 -40.59 13.37
CA PHE A 1314 -17.76 -39.14 13.57
C PHE A 1314 -18.37 -38.81 14.92
N GLN A 1315 -19.58 -39.30 15.18
CA GLN A 1315 -20.14 -39.07 16.51
C GLN A 1315 -19.44 -39.92 17.56
N ALA A 1316 -19.20 -41.20 17.24
CA ALA A 1316 -18.58 -42.12 18.18
C ALA A 1316 -17.11 -41.80 18.39
N LEU A 1317 -16.43 -41.29 17.36
CA LEU A 1317 -15.10 -40.75 17.62
C LEU A 1317 -15.13 -39.24 17.81
N ASP A 1318 -16.28 -38.70 18.21
CA ASP A 1318 -16.30 -37.28 18.54
C ASP A 1318 -16.56 -37.02 20.02
N ASN A 1319 -17.68 -37.47 20.57
CA ASN A 1319 -18.22 -36.82 21.77
C ASN A 1319 -17.74 -37.46 23.07
N LEU A 1320 -16.54 -38.04 23.12
CA LEU A 1320 -16.19 -38.91 24.23
C LEU A 1320 -14.79 -38.64 24.81
N PRO A 1321 -14.55 -37.49 25.47
CA PRO A 1321 -13.18 -37.02 25.75
C PRO A 1321 -12.43 -37.78 26.85
N ASN A 1322 -12.38 -39.10 26.76
CA ASN A 1322 -11.42 -39.85 27.57
C ASN A 1322 -10.78 -41.03 26.84
N LEU A 1323 -11.19 -41.37 25.62
CA LEU A 1323 -10.78 -42.59 24.96
C LEU A 1323 -9.35 -42.47 24.44
N GLN A 1324 -8.64 -43.61 24.33
CA GLN A 1324 -7.27 -43.59 23.82
C GLN A 1324 -6.87 -44.75 22.92
N GLU A 1325 -7.74 -45.74 22.67
CA GLU A 1325 -7.37 -46.96 21.96
C GLU A 1325 -8.35 -47.27 20.84
N LEU A 1326 -7.81 -47.55 19.65
CA LEU A 1326 -8.57 -47.82 18.44
C LEU A 1326 -7.73 -48.65 17.48
N ASN A 1327 -8.27 -49.78 17.04
CA ASN A 1327 -7.71 -50.52 15.92
C ASN A 1327 -8.73 -50.61 14.80
N ILE A 1328 -8.32 -50.23 13.60
CA ILE A 1328 -9.12 -50.45 12.38
C ILE A 1328 -8.15 -51.08 11.38
N CYS A 1329 -8.29 -52.38 11.16
CA CYS A 1329 -7.22 -53.16 10.57
C CYS A 1329 -7.75 -54.49 10.05
N ARG A 1330 -6.81 -55.32 9.57
CA ARG A 1330 -6.97 -56.72 9.14
C ARG A 1330 -8.18 -56.98 8.24
N ASN A 1331 -8.44 -56.05 7.33
CA ASN A 1331 -9.34 -56.23 6.20
C ASN A 1331 -8.52 -56.18 4.92
N ILE A 1332 -7.44 -56.95 4.92
CA ILE A 1332 -6.16 -56.63 4.29
C ILE A 1332 -6.09 -56.34 2.79
N PRO A 1333 -6.97 -56.86 1.88
CA PRO A 1333 -6.46 -56.65 0.50
C PRO A 1333 -6.65 -55.29 -0.18
N GLY A 1334 -7.81 -54.65 -0.02
CA GLY A 1334 -8.11 -53.52 -0.88
C GLY A 1334 -8.95 -52.37 -0.35
N ARG A 1335 -8.94 -52.10 0.96
CA ARG A 1335 -9.95 -51.24 1.56
C ARG A 1335 -9.63 -49.75 1.38
N ILE A 1336 -9.47 -49.32 0.13
CA ILE A 1336 -9.43 -47.89 -0.19
C ILE A 1336 -10.79 -47.40 -0.70
N GLN A 1337 -11.87 -48.07 -0.27
CA GLN A 1337 -13.24 -47.63 -0.52
C GLN A 1337 -13.73 -46.79 0.67
N VAL A 1338 -12.85 -45.95 1.21
CA VAL A 1338 -13.12 -45.27 2.46
C VAL A 1338 -13.45 -43.79 2.24
N GLN A 1339 -13.35 -43.31 1.00
CA GLN A 1339 -13.49 -41.88 0.63
C GLN A 1339 -12.45 -41.06 1.38
N ALA A 1340 -11.19 -41.22 0.97
CA ALA A 1340 -9.98 -40.74 1.63
C ALA A 1340 -9.98 -39.28 2.10
N THR A 1341 -10.64 -38.38 1.38
CA THR A 1341 -10.70 -37.01 1.88
C THR A 1341 -11.71 -36.87 3.01
N THR A 1342 -12.76 -37.68 3.00
CA THR A 1342 -13.65 -37.75 4.14
C THR A 1342 -12.99 -38.51 5.29
N VAL A 1343 -12.01 -39.36 4.97
CA VAL A 1343 -11.14 -39.92 6.00
C VAL A 1343 -10.23 -38.84 6.59
N LYS A 1344 -9.82 -37.86 5.77
CA LYS A 1344 -9.09 -36.72 6.31
C LYS A 1344 -9.98 -35.89 7.24
N ALA A 1345 -11.26 -35.78 6.90
CA ALA A 1345 -12.21 -35.16 7.83
C ALA A 1345 -12.41 -36.03 9.07
N LEU A 1346 -12.24 -37.35 8.95
CA LEU A 1346 -12.29 -38.21 10.12
C LEU A 1346 -11.04 -38.04 10.95
N GLY A 1347 -9.93 -37.64 10.33
CA GLY A 1347 -8.75 -37.29 11.09
C GLY A 1347 -8.90 -35.97 11.82
N GLN A 1348 -9.63 -35.03 11.23
CA GLN A 1348 -10.09 -33.85 11.97
C GLN A 1348 -10.91 -34.28 13.18
N CYS A 1349 -11.79 -35.26 12.98
CA CYS A 1349 -12.66 -35.76 14.04
C CYS A 1349 -11.91 -36.48 15.15
N VAL A 1350 -10.86 -37.25 14.82
CA VAL A 1350 -10.05 -37.87 15.85
C VAL A 1350 -9.22 -36.81 16.57
N SER A 1351 -8.81 -35.78 15.83
CA SER A 1351 -8.13 -34.66 16.49
C SER A 1351 -9.06 -33.83 17.37
N ARG A 1352 -10.38 -33.98 17.24
CA ARG A 1352 -11.28 -33.40 18.24
C ARG A 1352 -11.08 -34.07 19.60
N LEU A 1353 -10.76 -35.35 19.60
CA LEU A 1353 -10.62 -36.10 20.85
C LEU A 1353 -9.33 -35.71 21.57
N PRO A 1354 -9.40 -35.19 22.79
CA PRO A 1354 -8.17 -34.74 23.46
C PRO A 1354 -7.28 -35.87 23.98
N SER A 1355 -7.87 -36.84 24.67
CA SER A 1355 -7.12 -37.76 25.50
C SER A 1355 -6.72 -39.04 24.78
N LEU A 1356 -6.52 -39.00 23.47
CA LEU A 1356 -6.20 -40.22 22.75
C LEU A 1356 -4.70 -40.44 22.68
N ILE A 1357 -4.30 -41.70 22.57
CA ILE A 1357 -2.91 -42.05 22.39
C ILE A 1357 -2.73 -42.86 21.11
N ARG A 1358 -3.33 -44.05 21.04
CA ARG A 1358 -3.05 -44.95 19.93
C ARG A 1358 -4.26 -45.23 19.05
N LEU A 1359 -4.13 -44.73 17.82
CA LEU A 1359 -5.01 -44.98 16.69
C LEU A 1359 -4.25 -45.82 15.68
N HIS A 1360 -4.88 -46.88 15.19
CA HIS A 1360 -4.26 -47.78 14.24
C HIS A 1360 -5.09 -47.81 12.96
N MET A 1361 -4.57 -47.16 11.92
CA MET A 1361 -5.29 -46.85 10.70
C MET A 1361 -4.92 -47.81 9.57
N LEU A 1362 -4.63 -49.05 9.93
CA LEU A 1362 -4.04 -50.02 9.01
C LEU A 1362 -5.05 -50.47 7.95
N SER A 1363 -4.52 -51.17 6.95
CA SER A 1363 -5.24 -51.88 5.90
C SER A 1363 -5.98 -50.92 4.96
N TRP A 1364 -5.29 -49.82 4.63
CA TRP A 1364 -5.60 -49.03 3.44
C TRP A 1364 -4.38 -48.19 3.06
N LEU A 1365 -4.40 -47.71 1.82
CA LEU A 1365 -3.35 -46.84 1.31
C LEU A 1365 -3.51 -45.45 1.90
N LEU A 1366 -2.39 -44.80 2.17
CA LEU A 1366 -2.33 -43.37 2.37
C LEU A 1366 -2.00 -42.70 1.04
N ASP A 1367 -1.66 -41.42 1.10
CA ASP A 1367 -0.89 -40.78 0.04
C ASP A 1367 0.03 -39.75 0.69
N GLU A 1368 0.59 -38.88 -0.14
CA GLU A 1368 1.33 -37.73 0.39
C GLU A 1368 0.40 -36.79 1.14
N GLU A 1369 -0.83 -36.65 0.64
CA GLU A 1369 -1.76 -35.64 1.15
C GLU A 1369 -2.21 -35.95 2.56
N ASP A 1370 -2.78 -37.14 2.81
CA ASP A 1370 -3.25 -37.47 4.15
C ASP A 1370 -2.10 -37.69 5.13
N MET A 1371 -0.90 -37.96 4.63
CA MET A 1371 0.28 -37.89 5.47
C MET A 1371 0.48 -36.47 5.99
N LYS A 1372 0.38 -35.47 5.09
CA LYS A 1372 0.45 -34.09 5.54
C LYS A 1372 -0.74 -33.69 6.40
N VAL A 1373 -1.92 -34.26 6.14
CA VAL A 1373 -3.11 -33.95 6.91
C VAL A 1373 -3.05 -34.49 8.33
N ILE A 1374 -2.80 -35.78 8.50
CA ILE A 1374 -2.74 -36.36 9.84
C ILE A 1374 -1.46 -35.91 10.55
N ASN A 1375 -0.44 -35.49 9.80
CA ASN A 1375 0.71 -34.85 10.41
C ASN A 1375 0.33 -33.50 11.02
N ASP A 1376 -0.27 -32.62 10.20
CA ASP A 1376 -0.56 -31.26 10.64
C ASP A 1376 -1.65 -31.22 11.70
N VAL A 1377 -2.65 -32.08 11.59
CA VAL A 1377 -3.71 -32.07 12.59
C VAL A 1377 -3.31 -32.95 13.75
N LYS A 1378 -2.26 -33.77 13.58
CA LYS A 1378 -1.63 -34.40 14.73
C LYS A 1378 -0.87 -33.37 15.55
N GLU A 1379 -0.32 -32.36 14.89
CA GLU A 1379 0.43 -31.34 15.61
C GLU A 1379 -0.46 -30.23 16.18
N ARG A 1380 -1.77 -30.39 16.16
CA ARG A 1380 -2.64 -29.41 16.79
C ARG A 1380 -2.65 -29.57 18.31
N HIS A 1381 -3.09 -30.71 18.83
CA HIS A 1381 -2.62 -31.02 20.17
C HIS A 1381 -1.69 -32.23 20.13
N PRO A 1382 -0.49 -32.13 20.70
CA PRO A 1382 0.48 -33.21 20.58
C PRO A 1382 0.36 -34.25 21.69
N GLN A 1383 -0.78 -34.27 22.37
CA GLN A 1383 -1.04 -35.20 23.46
C GLN A 1383 -1.02 -36.65 22.98
N SER A 1384 -1.44 -36.88 21.74
CA SER A 1384 -1.25 -38.19 21.15
C SER A 1384 0.14 -38.30 20.53
N LYS A 1385 0.64 -39.53 20.47
CA LYS A 1385 1.87 -39.84 19.78
C LYS A 1385 1.76 -41.05 18.87
N ARG A 1386 0.80 -41.94 19.09
CA ARG A 1386 0.78 -43.22 18.40
C ARG A 1386 -0.30 -43.22 17.33
N LEU A 1387 0.08 -42.74 16.15
CA LEU A 1387 -0.63 -43.13 14.94
C LEU A 1387 0.17 -44.22 14.26
N ILE A 1388 -0.49 -45.32 13.93
CA ILE A 1388 0.21 -46.46 13.33
C ILE A 1388 -0.44 -46.78 11.98
N ILE A 1389 0.38 -46.73 10.92
CA ILE A 1389 -0.03 -46.92 9.55
C ILE A 1389 -0.49 -48.36 9.32
N GLU B 95 52.32 29.99 -7.80
CA GLU B 95 51.45 28.86 -8.12
C GLU B 95 51.74 27.72 -7.15
N GLU B 96 52.90 27.80 -6.51
CA GLU B 96 53.35 26.76 -5.59
C GLU B 96 52.44 26.63 -4.38
N ASP B 97 51.85 27.75 -3.94
CA ASP B 97 50.80 27.71 -2.92
C ASP B 97 49.60 26.89 -3.39
N LEU B 98 49.14 27.16 -4.62
CA LEU B 98 48.03 26.40 -5.19
C LEU B 98 48.43 24.96 -5.48
N ASN B 99 49.71 24.74 -5.81
CA ASN B 99 50.16 23.39 -6.13
C ASN B 99 50.20 22.51 -4.88
N VAL B 100 50.71 23.07 -3.78
CA VAL B 100 50.82 22.29 -2.56
C VAL B 100 49.45 22.16 -1.89
N LEU B 101 48.77 23.28 -1.66
CA LEU B 101 47.48 23.25 -0.98
C LEU B 101 46.42 22.54 -1.82
N ALA B 102 46.33 22.89 -3.10
CA ALA B 102 45.41 22.20 -3.98
C ALA B 102 45.83 20.76 -4.22
N GLN B 103 47.12 20.45 -4.08
CA GLN B 103 47.55 19.06 -4.15
C GLN B 103 47.01 18.25 -2.97
N ASN B 104 47.16 18.78 -1.75
CA ASN B 104 46.65 18.11 -0.57
C ASN B 104 45.13 18.12 -0.50
N LEU B 105 44.46 19.01 -1.23
CA LEU B 105 43.01 18.94 -1.30
C LEU B 105 42.54 17.99 -2.39
N LYS B 106 43.31 17.84 -3.47
CA LYS B 106 43.03 16.79 -4.44
C LYS B 106 43.22 15.42 -3.82
N ASP B 107 44.19 15.27 -2.92
CA ASP B 107 44.42 13.99 -2.29
C ASP B 107 43.73 13.89 -0.94
N LEU B 108 43.06 14.96 -0.49
CA LEU B 108 42.45 14.96 0.83
C LEU B 108 41.05 14.38 0.81
N TYR B 109 40.41 14.38 -0.34
CA TYR B 109 38.98 14.11 -0.41
C TYR B 109 38.65 12.64 -0.63
N ASN B 110 39.51 11.74 -0.16
CA ASN B 110 39.15 10.33 -0.07
C ASN B 110 39.04 9.89 1.39
N SER B 111 38.65 10.79 2.29
CA SER B 111 38.64 10.49 3.71
C SER B 111 37.44 9.60 4.04
N PRO B 112 37.60 8.66 4.97
CA PRO B 112 36.46 7.79 5.34
C PRO B 112 35.32 8.56 6.00
N ALA B 113 35.62 9.64 6.71
CA ALA B 113 34.54 10.52 7.17
C ALA B 113 33.93 11.29 6.02
N PHE B 114 34.74 11.61 5.01
CA PHE B 114 34.23 12.28 3.82
C PHE B 114 33.47 11.31 2.93
N LEU B 115 33.72 10.01 3.06
CA LEU B 115 33.07 9.00 2.24
C LEU B 115 31.96 8.25 2.96
N ASN B 116 31.81 8.41 4.27
CA ASN B 116 30.79 7.69 5.01
C ASN B 116 30.12 8.62 6.01
N PHE B 117 28.82 8.42 6.20
CA PHE B 117 28.08 9.15 7.21
C PHE B 117 26.92 8.28 7.68
N TYR B 118 26.01 8.87 8.45
CA TYR B 118 24.81 8.17 8.87
C TYR B 118 23.65 8.56 7.98
N PRO B 119 23.15 7.67 7.12
CA PRO B 119 22.09 8.04 6.18
C PRO B 119 20.75 8.37 6.83
N LEU B 120 20.58 8.18 8.12
CA LEU B 120 19.41 8.68 8.83
C LEU B 120 19.81 9.73 9.87
N GLY B 121 20.72 10.61 9.49
CA GLY B 121 21.06 11.77 10.30
C GLY B 121 22.33 11.62 11.10
N GLU B 122 22.21 11.56 12.42
CA GLU B 122 23.35 11.49 13.31
C GLU B 122 23.14 10.57 14.50
N ASP B 123 22.03 9.87 14.60
CA ASP B 123 21.69 9.22 15.85
C ASP B 123 22.07 7.75 15.86
N ILE B 124 22.00 7.09 14.70
CA ILE B 124 22.07 5.63 14.63
C ILE B 124 23.24 5.24 13.73
N ASP B 125 24.01 4.24 14.16
CA ASP B 125 25.14 3.72 13.40
C ASP B 125 24.68 2.99 12.15
N ILE B 126 24.73 3.64 11.00
CA ILE B 126 24.16 3.12 9.76
C ILE B 126 25.22 3.19 8.66
N ILE B 127 25.27 2.14 7.85
CA ILE B 127 26.23 1.98 6.76
C ILE B 127 25.99 3.05 5.71
N PHE B 128 27.06 3.73 5.31
CA PHE B 128 27.10 4.45 4.04
C PHE B 128 28.41 4.14 3.34
N ASN B 129 28.38 4.12 2.00
CA ASN B 129 29.57 3.94 1.18
C ASN B 129 29.32 4.48 -0.22
N LEU B 130 30.05 5.54 -0.59
CA LEU B 130 30.01 6.06 -1.96
C LEU B 130 30.44 5.04 -3.00
N GLU B 131 31.29 4.08 -2.62
CA GLU B 131 31.63 2.97 -3.49
C GLU B 131 30.43 2.05 -3.71
N LYS B 132 29.57 1.88 -2.70
CA LYS B 132 28.51 0.89 -2.79
C LYS B 132 27.11 1.50 -2.80
N THR B 133 26.77 2.31 -1.79
CA THR B 133 25.43 2.88 -1.62
C THR B 133 25.03 3.81 -2.76
N PHE B 134 25.99 4.48 -3.39
CA PHE B 134 25.70 5.37 -4.50
C PHE B 134 25.22 4.60 -5.73
N THR B 135 24.07 5.01 -6.24
CA THR B 135 23.56 4.58 -7.53
C THR B 135 23.45 5.81 -8.42
N GLU B 136 22.84 5.64 -9.59
CA GLU B 136 22.65 6.79 -10.48
C GLU B 136 21.20 7.26 -10.43
N PRO B 137 20.90 8.38 -9.78
CA PRO B 137 19.52 8.85 -9.72
C PRO B 137 19.12 9.60 -10.97
N ILE B 138 17.83 9.74 -11.21
CA ILE B 138 17.34 10.47 -12.37
C ILE B 138 17.20 11.94 -11.99
N MET B 139 17.33 12.79 -13.00
CA MET B 139 17.26 14.23 -12.81
C MET B 139 16.42 14.81 -13.95
N TRP B 140 16.04 16.07 -13.80
CA TRP B 140 15.25 16.76 -14.82
C TRP B 140 15.75 18.18 -14.94
N LYS B 141 16.16 18.56 -16.15
CA LYS B 141 16.46 19.95 -16.47
C LYS B 141 15.18 20.77 -16.43
N LYS B 142 15.18 21.79 -15.60
CA LYS B 142 13.98 22.61 -15.41
C LYS B 142 13.95 23.73 -16.43
N ASP B 143 12.94 24.59 -16.30
CA ASP B 143 12.73 25.68 -17.23
C ASP B 143 11.89 26.73 -16.49
N HIS B 144 11.57 27.83 -17.16
CA HIS B 144 10.71 28.84 -16.56
C HIS B 144 9.29 28.34 -16.35
N ARG B 145 8.84 27.39 -17.18
CA ARG B 145 7.53 26.78 -17.01
C ARG B 145 7.57 25.66 -15.96
N HIS B 146 8.70 25.51 -15.27
CA HIS B 146 8.98 24.39 -14.34
C HIS B 146 8.79 23.05 -15.03
N HIS B 147 9.26 22.95 -16.27
CA HIS B 147 9.05 21.75 -17.05
C HIS B 147 10.24 20.81 -16.94
N ARG B 148 9.94 19.53 -16.82
CA ARG B 148 10.96 18.50 -16.84
C ARG B 148 11.45 18.31 -18.27
N VAL B 149 12.40 19.15 -18.69
CA VAL B 149 12.81 19.19 -20.09
C VAL B 149 13.68 17.99 -20.44
N GLU B 150 14.83 17.87 -19.80
CA GLU B 150 15.80 16.84 -20.16
C GLU B 150 16.11 16.01 -18.92
N GLN B 151 15.98 14.68 -19.05
CA GLN B 151 16.24 13.78 -17.94
C GLN B 151 17.74 13.71 -17.72
N LEU B 152 18.26 14.57 -16.85
CA LEU B 152 19.68 14.70 -16.64
C LEU B 152 20.19 13.59 -15.72
N THR B 153 21.31 12.99 -16.11
CA THR B 153 22.05 12.12 -15.22
C THR B 153 23.08 12.97 -14.47
N LEU B 154 24.00 12.32 -13.76
CA LEU B 154 25.05 13.06 -13.07
C LEU B 154 26.05 13.64 -14.06
N GLY B 155 26.58 12.79 -14.95
CA GLY B 155 27.54 13.24 -15.93
C GLY B 155 26.96 14.20 -16.94
N SER B 156 25.70 14.00 -17.33
CA SER B 156 25.04 14.94 -18.22
C SER B 156 24.80 16.28 -17.54
N LEU B 157 24.63 16.28 -16.22
CA LEU B 157 24.60 17.54 -15.49
C LEU B 157 25.98 18.18 -15.45
N LEU B 158 27.03 17.35 -15.41
CA LEU B 158 28.39 17.88 -15.47
C LEU B 158 28.70 18.43 -16.87
N GLU B 159 28.12 17.81 -17.90
CA GLU B 159 28.32 18.26 -19.26
C GLU B 159 27.54 19.52 -19.60
N ALA B 160 26.58 19.91 -18.76
CA ALA B 160 25.68 21.03 -19.03
C ALA B 160 25.87 22.10 -17.98
N LEU B 161 27.13 22.45 -17.72
CA LEU B 161 27.49 23.33 -16.61
C LEU B 161 27.06 24.77 -16.89
N LYS B 162 26.25 25.31 -15.98
CA LYS B 162 25.84 26.72 -15.98
C LYS B 162 25.94 27.23 -14.55
N SER B 163 26.98 27.98 -14.25
CA SER B 163 27.07 28.59 -12.94
C SER B 163 26.17 29.82 -12.87
N PRO B 164 25.40 30.00 -11.78
CA PRO B 164 25.24 29.15 -10.59
C PRO B 164 24.37 27.94 -10.83
N CYS B 165 24.87 26.76 -10.49
CA CYS B 165 24.13 25.52 -10.71
C CYS B 165 23.14 25.33 -9.56
N LEU B 166 21.85 25.49 -9.86
CA LEU B 166 20.81 25.31 -8.86
C LEU B 166 20.22 23.91 -8.96
N ILE B 167 20.37 23.14 -7.88
CA ILE B 167 19.89 21.77 -7.81
C ILE B 167 18.89 21.69 -6.66
N GLU B 168 17.69 21.21 -6.96
CA GLU B 168 16.68 21.02 -5.92
C GLU B 168 16.08 19.64 -6.02
N GLY B 169 15.46 19.22 -4.93
CA GLY B 169 14.85 17.90 -4.86
C GLY B 169 13.83 17.76 -3.75
N GLU B 170 13.70 16.55 -3.23
CA GLU B 170 12.64 16.23 -2.28
C GLU B 170 13.15 16.43 -0.85
N SER B 171 12.37 15.97 0.12
CA SER B 171 12.66 16.18 1.53
C SER B 171 13.46 15.02 2.10
N GLY B 172 14.45 15.34 2.92
CA GLY B 172 15.24 14.33 3.61
C GLY B 172 16.09 13.47 2.71
N LYS B 173 16.53 14.00 1.58
CA LYS B 173 17.23 13.18 0.60
C LYS B 173 18.67 12.92 1.00
N GLY B 174 19.38 13.95 1.45
CA GLY B 174 20.80 13.80 1.71
C GLY B 174 21.55 13.66 0.41
N LYS B 175 21.56 14.73 -0.38
CA LYS B 175 22.24 14.77 -1.67
C LYS B 175 23.74 15.06 -1.53
N SER B 176 24.25 15.06 -0.30
CA SER B 176 25.69 15.02 -0.08
C SER B 176 26.29 13.71 -0.55
N THR B 177 25.48 12.66 -0.70
CA THR B 177 25.86 11.50 -1.49
C THR B 177 26.26 11.90 -2.90
N LEU B 178 25.44 12.73 -3.53
CA LEU B 178 25.72 13.18 -4.89
C LEU B 178 26.93 14.11 -4.92
N LEU B 179 26.96 15.09 -4.01
CA LEU B 179 28.00 16.10 -4.06
C LEU B 179 29.35 15.56 -3.63
N GLN B 180 29.38 14.76 -2.56
CA GLN B 180 30.60 14.06 -2.17
C GLN B 180 31.00 12.97 -3.16
N ARG B 181 30.05 12.44 -3.93
CA ARG B 181 30.42 11.58 -5.05
C ARG B 181 31.14 12.40 -6.12
N ILE B 182 30.69 13.63 -6.36
CA ILE B 182 31.33 14.50 -7.35
C ILE B 182 32.74 14.87 -6.92
N ALA B 183 32.90 15.33 -5.68
CA ALA B 183 34.22 15.70 -5.18
C ALA B 183 35.11 14.47 -4.99
N MET B 184 34.52 13.32 -4.68
CA MET B 184 35.31 12.11 -4.48
C MET B 184 35.83 11.58 -5.81
N LEU B 185 34.99 11.59 -6.85
CA LEU B 185 35.45 11.22 -8.18
C LEU B 185 36.38 12.28 -8.75
N TRP B 186 36.27 13.52 -8.27
CA TRP B 186 37.29 14.51 -8.57
C TRP B 186 38.62 14.16 -7.91
N ALA B 187 38.55 13.56 -6.71
CA ALA B 187 39.76 13.07 -6.07
C ALA B 187 40.19 11.72 -6.62
N SER B 188 39.38 11.10 -7.48
CA SER B 188 39.67 9.78 -8.02
C SER B 188 39.76 9.77 -9.55
N GLY B 189 39.56 10.90 -10.21
CA GLY B 189 39.57 10.95 -11.65
C GLY B 189 38.28 10.44 -12.26
N GLY B 190 37.18 11.13 -11.98
CA GLY B 190 35.88 10.66 -12.44
C GLY B 190 35.58 10.97 -13.88
N CYS B 191 35.57 12.25 -14.26
CA CYS B 191 35.24 12.65 -15.61
C CYS B 191 36.30 13.61 -16.13
N ARG B 192 36.30 13.80 -17.46
CA ARG B 192 37.21 14.77 -18.06
C ARG B 192 36.80 16.19 -17.70
N ALA B 193 35.50 16.47 -17.68
CA ALA B 193 35.02 17.78 -17.24
C ALA B 193 35.32 18.00 -15.77
N LEU B 194 35.28 16.93 -14.97
CA LEU B 194 35.75 17.02 -13.60
C LEU B 194 37.26 17.21 -13.53
N LYS B 195 38.00 16.62 -14.48
CA LYS B 195 39.45 16.76 -14.50
C LYS B 195 39.87 18.19 -14.85
N GLY B 196 39.05 18.88 -15.63
CA GLY B 196 39.34 20.26 -16.01
C GLY B 196 39.27 21.27 -14.88
N PHE B 197 38.72 20.88 -13.73
CA PHE B 197 38.66 21.75 -12.55
C PHE B 197 39.99 21.74 -11.82
N ARG B 198 40.15 22.73 -10.95
CA ARG B 198 41.26 22.80 -10.01
C ARG B 198 40.79 23.01 -8.59
N LEU B 199 39.71 23.77 -8.39
CA LEU B 199 39.18 24.04 -7.05
C LEU B 199 37.80 23.43 -6.93
N VAL B 200 37.66 22.51 -5.99
CA VAL B 200 36.38 21.89 -5.64
C VAL B 200 36.23 21.97 -4.13
N PHE B 201 35.16 22.60 -3.68
CA PHE B 201 34.88 22.69 -2.25
C PHE B 201 33.51 22.08 -1.96
N PHE B 202 33.20 21.99 -0.67
CA PHE B 202 31.93 21.46 -0.20
C PHE B 202 31.74 21.86 1.24
N ILE B 203 30.60 22.45 1.56
CA ILE B 203 30.29 22.84 2.93
C ILE B 203 28.86 22.49 3.29
N HIS B 204 28.68 22.12 4.56
CA HIS B 204 27.36 22.07 5.18
C HIS B 204 26.93 23.48 5.52
N LEU B 205 25.93 23.99 4.79
CA LEU B 205 25.37 25.29 5.10
C LEU B 205 24.57 25.27 6.40
N ARG B 206 24.19 24.08 6.87
CA ARG B 206 23.48 23.96 8.14
C ARG B 206 24.37 24.20 9.34
N SER B 207 25.69 24.20 9.17
CA SER B 207 26.61 24.38 10.27
C SER B 207 27.75 25.34 9.93
N ALA B 208 27.69 25.99 8.77
CA ALA B 208 28.73 26.94 8.37
C ALA B 208 28.61 28.22 9.18
N ARG B 209 29.74 28.71 9.68
CA ARG B 209 29.75 29.91 10.50
C ARG B 209 31.12 30.56 10.42
N GLY B 210 31.15 31.86 10.74
CA GLY B 210 32.38 32.62 10.61
C GLY B 210 32.59 33.05 9.16
N GLY B 211 33.68 33.80 8.95
CA GLY B 211 34.05 34.24 7.62
C GLY B 211 34.45 33.09 6.73
N LEU B 212 34.48 33.37 5.41
CA LEU B 212 34.65 32.33 4.39
C LEU B 212 36.02 31.65 4.49
N PHE B 213 37.07 32.45 4.66
CA PHE B 213 38.39 31.92 4.98
C PHE B 213 38.38 31.15 6.29
N GLU B 214 37.61 31.62 7.26
CA GLU B 214 37.57 30.96 8.56
C GLU B 214 36.65 29.74 8.53
N THR B 215 35.53 29.81 7.79
CA THR B 215 34.63 28.68 7.70
C THR B 215 35.24 27.54 6.90
N LEU B 216 35.94 27.86 5.81
CA LEU B 216 36.72 26.84 5.14
C LEU B 216 37.91 26.42 5.97
N TYR B 217 38.40 27.29 6.85
CA TYR B 217 39.41 26.88 7.81
C TYR B 217 38.81 26.05 8.94
N ASP B 218 37.49 26.12 9.16
CA ASP B 218 36.85 25.34 10.22
C ASP B 218 36.79 23.85 9.89
N GLN B 219 36.90 23.47 8.61
CA GLN B 219 36.83 22.08 8.23
C GLN B 219 38.01 21.62 7.40
N LEU B 220 39.05 22.43 7.28
CA LEU B 220 40.30 22.00 6.68
C LEU B 220 41.49 22.10 7.63
N LEU B 221 41.61 23.23 8.33
CA LEU B 221 42.57 23.46 9.43
C LEU B 221 44.03 23.42 9.00
N ASN B 222 44.31 23.38 7.70
CA ASN B 222 45.65 23.18 7.18
C ASN B 222 46.11 24.42 6.42
N ILE B 223 45.74 25.58 6.94
CA ILE B 223 46.12 26.84 6.29
C ILE B 223 47.14 27.56 7.17
N PRO B 224 48.39 27.64 6.77
CA PRO B 224 49.38 28.37 7.55
C PRO B 224 49.19 29.88 7.43
N ASP B 225 50.04 30.61 8.17
CA ASP B 225 50.04 32.06 8.10
C ASP B 225 50.56 32.55 6.76
N PHE B 226 51.37 31.76 6.07
CA PHE B 226 51.95 32.10 4.79
C PHE B 226 50.91 32.25 3.67
N ILE B 227 49.74 31.65 3.83
CA ILE B 227 48.62 31.86 2.93
C ILE B 227 47.62 32.74 3.65
N SER B 228 47.65 34.04 3.34
CA SER B 228 46.83 35.01 4.04
C SER B 228 45.42 35.07 3.47
N LYS B 229 44.54 35.78 4.17
CA LYS B 229 43.17 35.94 3.71
C LYS B 229 43.03 36.80 2.45
N PRO B 230 43.79 37.91 2.24
CA PRO B 230 43.77 38.51 0.90
C PRO B 230 44.41 37.63 -0.16
N THR B 231 45.39 36.80 0.22
CA THR B 231 45.91 35.80 -0.71
C THR B 231 44.84 34.75 -1.01
N PHE B 232 44.01 34.44 0.00
CA PHE B 232 42.94 33.47 -0.17
C PHE B 232 41.85 33.98 -1.11
N LYS B 233 41.20 35.10 -0.74
CA LYS B 233 40.07 35.59 -1.53
C LYS B 233 40.53 36.20 -2.83
N ALA B 234 41.68 36.88 -2.82
CA ALA B 234 42.24 37.40 -4.07
C ALA B 234 42.76 36.26 -4.96
N LEU B 235 43.08 35.11 -4.36
CA LEU B 235 43.37 33.93 -5.16
C LEU B 235 42.12 33.36 -5.79
N LEU B 236 41.01 33.33 -5.04
CA LEU B 236 39.75 32.79 -5.55
C LEU B 236 39.20 33.64 -6.68
N LEU B 237 39.20 34.97 -6.49
CA LEU B 237 38.84 35.86 -7.58
C LEU B 237 39.91 35.90 -8.66
N LYS B 238 41.15 35.53 -8.32
CA LYS B 238 42.24 35.59 -9.27
C LYS B 238 42.16 34.46 -10.29
N LEU B 239 41.79 33.26 -9.85
CA LEU B 239 41.76 32.13 -10.77
C LEU B 239 40.55 32.21 -11.69
N HIS B 240 39.36 32.44 -11.13
CA HIS B 240 38.18 32.99 -11.79
C HIS B 240 37.48 32.02 -12.76
N LYS B 241 38.12 30.91 -13.10
CA LYS B 241 37.46 29.96 -13.98
C LYS B 241 37.50 28.53 -13.46
N GLU B 242 38.61 28.13 -12.84
CA GLU B 242 38.74 26.79 -12.30
C GLU B 242 38.28 26.70 -10.86
N VAL B 243 37.51 27.68 -10.41
CA VAL B 243 37.05 27.75 -9.03
C VAL B 243 35.66 27.12 -8.96
N LEU B 244 35.46 26.25 -7.97
CA LEU B 244 34.23 25.48 -7.88
C LEU B 244 33.85 25.23 -6.43
N PHE B 245 32.60 25.52 -6.10
CA PHE B 245 32.07 25.36 -4.77
C PHE B 245 30.88 24.42 -4.78
N LEU B 246 30.83 23.54 -3.79
CA LEU B 246 29.70 22.66 -3.54
C LEU B 246 29.06 23.09 -2.23
N LEU B 247 27.84 23.62 -2.32
CA LEU B 247 27.20 24.30 -1.21
C LEU B 247 25.91 23.56 -0.87
N ASP B 248 25.84 22.99 0.33
CA ASP B 248 24.68 22.18 0.66
C ASP B 248 24.18 22.46 2.06
N GLY B 249 22.87 22.47 2.22
CA GLY B 249 22.26 22.59 3.53
C GLY B 249 21.57 23.92 3.75
N TYR B 250 20.98 24.48 2.69
CA TYR B 250 20.35 25.78 2.79
C TYR B 250 19.06 25.74 3.59
N ASN B 251 18.52 24.54 3.81
CA ASN B 251 17.36 24.36 4.70
C ASN B 251 17.62 24.87 6.11
N GLU B 252 18.87 24.78 6.59
CA GLU B 252 19.25 25.35 7.88
C GLU B 252 20.39 26.36 7.75
N PHE B 253 20.51 27.03 6.61
CA PHE B 253 21.46 28.13 6.49
C PHE B 253 20.92 29.36 7.18
N HIS B 254 21.82 30.14 7.77
CA HIS B 254 21.47 31.41 8.38
C HIS B 254 22.47 32.46 7.91
N PRO B 255 22.03 33.54 7.27
CA PRO B 255 22.99 34.47 6.65
C PRO B 255 23.80 35.29 7.63
N GLN B 256 23.38 35.38 8.90
CA GLN B 256 24.19 36.08 9.88
C GLN B 256 25.41 35.27 10.30
N ASN B 257 25.40 33.95 10.07
CA ASN B 257 26.61 33.16 10.32
C ASN B 257 27.71 33.51 9.33
N CYS B 258 27.36 33.73 8.07
CA CYS B 258 28.32 34.22 7.08
C CYS B 258 27.56 34.96 5.99
N PRO B 259 27.61 36.29 5.99
CA PRO B 259 27.06 37.03 4.85
C PRO B 259 27.89 36.90 3.58
N GLU B 260 29.16 36.50 3.70
CA GLU B 260 30.00 36.33 2.52
C GLU B 260 29.57 35.15 1.68
N ILE B 261 29.10 34.08 2.33
CA ILE B 261 28.61 32.91 1.60
C ILE B 261 27.30 33.24 0.90
N GLU B 262 26.41 33.98 1.57
CA GLU B 262 25.18 34.44 0.95
C GLU B 262 25.46 35.41 -0.19
N ALA B 263 26.52 36.20 -0.07
CA ALA B 263 26.96 37.03 -1.19
C ALA B 263 27.51 36.18 -2.32
N LEU B 264 28.16 35.07 -2.00
CA LEU B 264 28.62 34.15 -3.04
C LEU B 264 27.45 33.48 -3.74
N ILE B 265 26.34 33.27 -3.02
CA ILE B 265 25.12 32.79 -3.64
C ILE B 265 24.55 33.85 -4.57
N LYS B 266 24.22 35.02 -4.01
CA LYS B 266 23.46 36.00 -4.77
C LYS B 266 24.34 36.81 -5.71
N GLU B 267 25.27 37.58 -5.14
CA GLU B 267 26.12 38.46 -5.93
C GLU B 267 27.26 37.62 -6.47
N ASN B 268 26.98 36.89 -7.54
CA ASN B 268 28.06 36.13 -8.17
C ASN B 268 28.93 37.03 -9.03
N HIS B 269 28.43 38.20 -9.44
CA HIS B 269 29.15 39.10 -10.31
C HIS B 269 30.42 39.66 -9.67
N ARG B 270 30.47 39.80 -8.35
CA ARG B 270 31.67 40.19 -7.65
C ARG B 270 32.61 39.01 -7.41
N PHE B 271 32.17 37.80 -7.72
CA PHE B 271 33.02 36.62 -7.67
C PHE B 271 33.28 36.01 -9.04
N LYS B 272 32.20 35.68 -9.76
CA LYS B 272 32.25 35.01 -11.07
C LYS B 272 33.07 33.73 -11.02
N ASN B 273 32.86 32.96 -9.95
CA ASN B 273 33.45 31.65 -9.77
C ASN B 273 32.35 30.61 -9.91
N MET B 274 32.74 29.40 -10.23
CA MET B 274 31.77 28.34 -10.47
C MET B 274 31.21 27.84 -9.15
N VAL B 275 29.92 28.07 -8.93
CA VAL B 275 29.25 27.75 -7.67
C VAL B 275 28.06 26.83 -7.93
N ILE B 276 27.85 25.90 -7.01
CA ILE B 276 26.76 24.93 -7.07
C ILE B 276 26.02 24.98 -5.75
N VAL B 277 24.73 25.25 -5.81
CA VAL B 277 23.88 25.33 -4.63
C VAL B 277 22.87 24.20 -4.69
N THR B 278 22.75 23.48 -3.58
CA THR B 278 21.81 22.36 -3.48
C THR B 278 20.94 22.57 -2.26
N THR B 279 19.63 22.52 -2.44
CA THR B 279 18.68 22.76 -1.36
C THR B 279 17.37 22.06 -1.69
N THR B 280 16.38 22.27 -0.83
CA THR B 280 15.03 21.80 -1.07
C THR B 280 14.16 22.98 -1.50
N THR B 281 12.85 22.74 -1.59
CA THR B 281 11.89 23.77 -1.97
C THR B 281 11.37 24.56 -0.78
N GLU B 282 12.03 24.43 0.39
CA GLU B 282 11.59 25.14 1.58
C GLU B 282 11.81 26.64 1.46
N CYS B 283 12.98 27.03 0.94
CA CYS B 283 13.28 28.43 0.69
C CYS B 283 13.90 28.61 -0.69
N LEU B 284 13.47 27.79 -1.65
CA LEU B 284 13.94 27.88 -3.03
C LEU B 284 13.56 29.20 -3.69
N ARG B 285 12.44 29.80 -3.27
CA ARG B 285 11.98 31.07 -3.81
C ARG B 285 12.97 32.21 -3.54
N HIS B 286 13.81 32.09 -2.52
CA HIS B 286 14.75 33.15 -2.19
C HIS B 286 15.94 33.21 -3.14
N ILE B 287 16.26 32.11 -3.82
CA ILE B 287 17.49 32.01 -4.59
C ILE B 287 17.20 31.89 -6.09
N ARG B 288 16.11 31.20 -6.45
CA ARG B 288 15.76 30.74 -7.79
C ARG B 288 15.87 31.79 -8.89
N HIS B 289 15.40 33.01 -8.61
CA HIS B 289 15.43 34.08 -9.59
C HIS B 289 16.84 34.55 -9.91
N VAL B 290 17.80 34.36 -9.01
CA VAL B 290 19.16 34.79 -9.25
C VAL B 290 19.88 33.84 -10.18
N GLY B 291 19.91 32.56 -9.82
CA GLY B 291 20.76 31.61 -10.52
C GLY B 291 20.23 31.24 -11.90
N ALA B 292 21.14 30.67 -12.69
CA ALA B 292 20.81 30.33 -14.08
C ALA B 292 20.33 28.89 -14.21
N LEU B 293 21.17 27.94 -13.84
CA LEU B 293 20.82 26.53 -13.97
C LEU B 293 19.81 26.15 -12.90
N THR B 294 18.85 25.33 -13.31
CA THR B 294 17.88 24.77 -12.38
C THR B 294 17.57 23.35 -12.81
N ALA B 295 17.72 22.40 -11.89
CA ALA B 295 17.39 21.01 -12.18
C ALA B 295 16.93 20.34 -10.90
N GLU B 296 16.10 19.32 -11.05
CA GLU B 296 15.61 18.58 -9.90
C GLU B 296 16.12 17.14 -9.92
N VAL B 297 16.19 16.56 -8.73
CA VAL B 297 16.43 15.14 -8.58
C VAL B 297 15.08 14.44 -8.61
N GLY B 298 14.88 13.58 -9.58
CA GLY B 298 13.61 12.89 -9.74
C GLY B 298 13.45 11.74 -8.77
N ASP B 299 12.81 10.69 -9.26
CA ASP B 299 12.56 9.51 -8.46
C ASP B 299 13.77 8.57 -8.51
N MET B 300 13.55 7.34 -8.07
CA MET B 300 14.58 6.31 -8.14
C MET B 300 14.01 5.11 -8.88
N THR B 301 14.77 4.60 -9.85
CA THR B 301 14.29 3.48 -10.65
C THR B 301 14.38 2.17 -9.85
N GLU B 302 13.54 1.21 -10.25
CA GLU B 302 13.51 -0.07 -9.56
C GLU B 302 14.75 -0.91 -9.81
N ASP B 303 15.51 -0.62 -10.86
CA ASP B 303 16.74 -1.37 -11.11
C ASP B 303 17.90 -0.77 -10.32
N SER B 304 17.91 0.55 -10.16
CA SER B 304 18.89 1.16 -9.26
C SER B 304 18.55 0.85 -7.81
N ALA B 305 17.26 0.77 -7.48
CA ALA B 305 16.84 0.30 -6.17
C ALA B 305 17.22 -1.16 -5.98
N LYS B 306 17.14 -1.96 -7.06
CA LYS B 306 17.63 -3.33 -7.03
C LYS B 306 19.14 -3.36 -6.78
N ASP B 307 19.87 -2.40 -7.35
CA ASP B 307 21.30 -2.31 -7.09
C ASP B 307 21.58 -1.92 -5.64
N LEU B 308 20.72 -1.09 -5.05
CA LEU B 308 20.94 -0.65 -3.68
C LEU B 308 20.62 -1.77 -2.69
N ILE B 309 19.52 -2.49 -2.93
CA ILE B 309 19.15 -3.59 -2.05
C ILE B 309 20.14 -4.74 -2.18
N GLU B 310 20.52 -5.09 -3.41
CA GLU B 310 21.50 -6.15 -3.63
C GLU B 310 22.90 -5.73 -3.22
N ALA B 311 23.13 -4.43 -3.04
CA ALA B 311 24.45 -3.95 -2.68
C ALA B 311 24.79 -4.16 -1.21
N VAL B 312 23.83 -4.02 -0.29
CA VAL B 312 24.15 -3.82 1.12
C VAL B 312 23.58 -4.91 2.03
N LEU B 313 23.16 -6.06 1.51
CA LEU B 313 22.48 -7.03 2.36
C LEU B 313 22.65 -8.43 1.78
N VAL B 314 22.50 -9.43 2.66
CA VAL B 314 22.61 -10.85 2.31
C VAL B 314 21.49 -11.24 1.35
N PRO B 315 21.74 -12.15 0.40
CA PRO B 315 20.76 -12.38 -0.67
C PRO B 315 19.48 -13.09 -0.23
N ASP B 316 19.43 -13.64 1.00
CA ASP B 316 18.18 -14.22 1.47
C ASP B 316 17.16 -13.13 1.79
N GLN B 317 17.56 -12.14 2.58
CA GLN B 317 16.72 -11.00 2.88
C GLN B 317 16.43 -10.16 1.64
N VAL B 318 17.39 -10.07 0.72
CA VAL B 318 17.17 -9.39 -0.55
C VAL B 318 16.15 -10.15 -1.39
N GLU B 319 16.22 -11.48 -1.36
CA GLU B 319 15.35 -12.27 -2.23
C GLU B 319 13.91 -12.28 -1.72
N ARG B 320 13.72 -12.49 -0.42
CA ARG B 320 12.36 -12.62 0.11
C ARG B 320 11.75 -11.24 0.36
N LEU B 321 12.59 -10.28 0.77
CA LEU B 321 12.13 -8.89 0.83
C LEU B 321 11.79 -8.38 -0.56
N TRP B 322 12.57 -8.77 -1.56
CA TRP B 322 12.27 -8.44 -2.94
C TRP B 322 11.01 -9.16 -3.41
N ALA B 323 10.72 -10.33 -2.85
CA ALA B 323 9.45 -10.98 -3.11
C ALA B 323 8.29 -10.21 -2.50
N GLN B 324 8.52 -9.55 -1.36
CA GLN B 324 7.50 -8.62 -0.86
C GLN B 324 7.38 -7.39 -1.74
N ILE B 325 8.48 -6.99 -2.38
CA ILE B 325 8.44 -5.85 -3.29
C ILE B 325 7.64 -6.18 -4.54
N GLN B 326 7.86 -7.38 -5.10
CA GLN B 326 7.19 -7.75 -6.33
C GLN B 326 5.82 -8.35 -6.10
N GLU B 327 5.22 -8.14 -4.93
CA GLU B 327 3.80 -8.46 -4.76
C GLU B 327 2.96 -7.20 -4.71
N SER B 328 3.30 -6.28 -3.82
CA SER B 328 2.53 -5.06 -3.64
C SER B 328 2.88 -4.05 -4.73
N ARG B 329 1.88 -3.67 -5.52
CA ARG B 329 2.07 -2.62 -6.50
C ARG B 329 2.23 -1.26 -5.83
N CYS B 330 1.59 -1.08 -4.67
CA CYS B 330 1.73 0.15 -3.90
C CYS B 330 3.15 0.33 -3.41
N LEU B 331 3.79 -0.76 -2.98
CA LEU B 331 5.19 -0.70 -2.59
C LEU B 331 6.09 -0.44 -3.79
N ARG B 332 5.70 -0.89 -4.98
CA ARG B 332 6.44 -0.54 -6.18
C ARG B 332 6.24 0.92 -6.54
N ASN B 333 5.13 1.53 -6.10
CA ASN B 333 5.05 2.98 -6.18
C ASN B 333 5.92 3.63 -5.11
N LEU B 334 6.13 2.95 -3.98
CA LEU B 334 6.98 3.49 -2.92
C LEU B 334 8.45 3.38 -3.23
N MET B 335 8.84 2.68 -4.29
CA MET B 335 10.24 2.58 -4.70
C MET B 335 10.73 3.80 -5.45
N LYS B 336 9.94 4.86 -5.53
CA LYS B 336 10.31 6.09 -6.22
C LYS B 336 11.04 7.07 -5.31
N THR B 337 11.55 6.61 -4.18
CA THR B 337 12.38 7.37 -3.26
C THR B 337 13.36 6.44 -2.57
N PRO B 338 14.59 6.88 -2.33
CA PRO B 338 15.58 5.97 -1.73
C PRO B 338 15.39 5.75 -0.25
N LEU B 339 14.63 6.61 0.44
CA LEU B 339 14.63 6.59 1.89
C LEU B 339 13.84 5.40 2.43
N PHE B 340 12.72 5.09 1.78
CA PHE B 340 12.01 3.83 2.04
C PHE B 340 12.90 2.63 1.80
N VAL B 341 13.72 2.68 0.76
CA VAL B 341 14.62 1.59 0.44
C VAL B 341 15.69 1.45 1.52
N VAL B 342 16.10 2.56 2.12
CA VAL B 342 17.03 2.53 3.25
C VAL B 342 16.37 1.87 4.45
N ILE B 343 15.10 2.18 4.70
CA ILE B 343 14.43 1.62 5.88
C ILE B 343 14.14 0.13 5.69
N THR B 344 13.80 -0.27 4.45
CA THR B 344 13.60 -1.70 4.19
C THR B 344 14.92 -2.46 4.21
N CYS B 345 16.02 -1.81 3.82
CA CYS B 345 17.33 -2.42 4.02
C CYS B 345 17.87 -2.18 5.42
N ALA B 346 17.06 -1.61 6.31
CA ALA B 346 17.49 -1.40 7.69
C ALA B 346 16.77 -2.35 8.63
N ILE B 347 15.47 -2.56 8.43
CA ILE B 347 14.70 -3.44 9.31
C ILE B 347 15.06 -4.90 9.05
N GLN B 348 15.05 -5.31 7.78
CA GLN B 348 15.42 -6.67 7.42
C GLN B 348 16.91 -6.94 7.60
N MET B 349 17.71 -5.89 7.78
CA MET B 349 19.11 -6.07 8.14
C MET B 349 19.23 -6.63 9.54
N GLY B 350 20.03 -7.68 9.67
CA GLY B 350 20.09 -8.46 10.89
C GLY B 350 20.42 -9.91 10.57
N ARG B 351 19.58 -10.84 11.02
CA ARG B 351 19.79 -12.25 10.72
C ARG B 351 18.54 -12.94 10.17
N GLN B 352 17.35 -12.43 10.46
CA GLN B 352 16.14 -13.17 10.15
C GLN B 352 15.23 -12.45 9.17
N GLU B 353 14.32 -13.19 8.54
CA GLU B 353 13.25 -12.62 7.73
C GLU B 353 12.25 -11.97 8.67
N PHE B 354 12.42 -10.68 8.92
CA PHE B 354 11.44 -9.91 9.70
C PHE B 354 10.21 -9.55 8.89
N GLN B 355 9.47 -10.56 8.42
CA GLN B 355 8.40 -10.36 7.45
C GLN B 355 7.08 -9.98 8.11
N ALA B 356 7.07 -9.75 9.43
CA ALA B 356 5.91 -9.15 10.07
C ALA B 356 5.73 -7.70 9.67
N HIS B 357 6.81 -7.02 9.28
CA HIS B 357 6.74 -5.65 8.77
C HIS B 357 6.19 -5.69 7.34
N THR B 358 4.87 -5.83 7.25
CA THR B 358 4.22 -5.99 5.95
C THR B 358 4.33 -4.74 5.08
N GLN B 359 3.53 -3.71 5.40
CA GLN B 359 3.84 -2.34 5.02
C GLN B 359 3.39 -1.31 6.03
N THR B 360 2.51 -1.64 6.98
CA THR B 360 2.02 -0.65 7.92
C THR B 360 3.08 -0.32 8.96
N MET B 361 3.84 -1.33 9.38
CA MET B 361 5.00 -1.08 10.23
C MET B 361 6.09 -0.33 9.49
N LEU B 362 6.11 -0.40 8.15
CA LEU B 362 7.04 0.39 7.37
C LEU B 362 6.67 1.87 7.40
N PHE B 363 5.38 2.18 7.30
CA PHE B 363 4.96 3.57 7.44
C PHE B 363 5.08 4.07 8.87
N GLN B 364 4.90 3.18 9.85
CA GLN B 364 5.10 3.58 11.23
C GLN B 364 6.57 3.85 11.52
N THR B 365 7.45 3.03 10.94
CA THR B 365 8.88 3.20 11.11
C THR B 365 9.37 4.45 10.38
N PHE B 366 8.79 4.74 9.23
CA PHE B 366 9.16 5.94 8.49
C PHE B 366 8.64 7.20 9.18
N TYR B 367 7.39 7.14 9.67
CA TYR B 367 6.80 8.26 10.39
C TYR B 367 7.59 8.58 11.66
N ASP B 368 7.67 7.61 12.57
CA ASP B 368 8.36 7.84 13.84
C ASP B 368 9.86 7.98 13.66
N LEU B 369 10.40 7.47 12.57
CA LEU B 369 11.81 7.69 12.28
C LEU B 369 12.07 9.12 11.83
N LEU B 370 11.12 9.71 11.10
CA LEU B 370 11.24 11.14 10.79
C LEU B 370 10.96 12.00 12.00
N ILE B 371 10.16 11.50 12.95
CA ILE B 371 10.05 12.16 14.25
C ILE B 371 11.38 12.09 14.98
N GLN B 372 12.11 10.98 14.84
CA GLN B 372 13.42 10.86 15.48
C GLN B 372 14.44 11.78 14.83
N LYS B 373 14.49 11.80 13.49
CA LYS B 373 15.47 12.63 12.81
C LYS B 373 15.17 14.11 12.95
N ASN B 374 13.90 14.47 12.99
CA ASN B 374 13.50 15.88 13.09
C ASN B 374 12.90 16.17 14.46
N SER B 375 13.43 15.49 15.49
CA SER B 375 13.05 15.83 16.86
C SER B 375 13.61 17.18 17.26
N HIS B 376 14.92 17.35 17.13
CA HIS B 376 15.55 18.64 17.43
C HIS B 376 16.56 19.03 16.36
N ARG B 377 16.38 18.50 15.15
CA ARG B 377 17.13 19.02 14.01
C ARG B 377 16.65 20.42 13.64
N TYR B 378 15.35 20.55 13.37
CA TYR B 378 14.71 21.84 13.20
C TYR B 378 14.10 22.34 14.51
N ARG B 379 14.56 21.80 15.63
CA ARG B 379 14.09 22.00 16.99
C ARG B 379 12.62 21.63 17.18
N GLY B 380 12.08 20.76 16.33
CA GLY B 380 10.70 20.31 16.34
C GLY B 380 9.73 21.47 16.18
N GLY B 381 8.85 21.59 17.16
CA GLY B 381 8.02 22.78 17.28
C GLY B 381 8.71 23.80 18.16
N ALA B 382 9.35 24.79 17.54
CA ALA B 382 10.11 25.81 18.27
C ALA B 382 9.17 26.74 19.03
N SER B 383 8.29 27.44 18.31
CA SER B 383 7.27 28.28 18.93
C SER B 383 5.93 27.56 18.78
N GLY B 384 5.42 27.05 19.90
CA GLY B 384 4.30 26.11 19.86
C GLY B 384 4.85 24.70 19.78
N ASP B 385 4.30 23.78 20.56
CA ASP B 385 4.95 22.48 20.73
C ASP B 385 4.74 21.58 19.52
N PHE B 386 5.34 20.39 19.60
CA PHE B 386 5.49 19.52 18.44
C PHE B 386 4.22 18.75 18.16
N ALA B 387 3.57 18.22 19.20
CA ALA B 387 2.37 17.42 19.04
C ALA B 387 1.18 18.23 18.55
N ARG B 388 1.17 19.55 18.79
CA ARG B 388 0.16 20.41 18.20
C ARG B 388 0.27 20.44 16.69
N SER B 389 1.49 20.55 16.17
CA SER B 389 1.69 20.54 14.73
C SER B 389 1.46 19.15 14.15
N LEU B 390 1.72 18.09 14.95
CA LEU B 390 1.32 16.75 14.54
C LEU B 390 -0.18 16.64 14.38
N ASP B 391 -0.93 17.22 15.33
CA ASP B 391 -2.38 17.27 15.23
C ASP B 391 -2.82 18.09 14.02
N TYR B 392 -2.07 19.14 13.68
CA TYR B 392 -2.40 19.95 12.51
C TYR B 392 -2.20 19.16 11.23
N CYS B 393 -1.11 18.38 11.14
CA CYS B 393 -0.87 17.56 9.96
C CYS B 393 -1.92 16.47 9.82
N GLY B 394 -2.28 15.84 10.94
CA GLY B 394 -3.31 14.81 10.90
C GLY B 394 -4.68 15.36 10.55
N ASP B 395 -4.98 16.58 11.00
CA ASP B 395 -6.25 17.19 10.63
C ASP B 395 -6.25 17.61 9.16
N LEU B 396 -5.09 17.99 8.62
CA LEU B 396 -4.97 18.18 7.18
C LEU B 396 -5.20 16.89 6.42
N ALA B 397 -4.77 15.77 6.99
CA ALA B 397 -4.99 14.48 6.35
C ALA B 397 -6.45 14.05 6.40
N LEU B 398 -7.12 14.26 7.53
CA LEU B 398 -8.52 13.87 7.64
C LEU B 398 -9.42 14.76 6.80
N GLU B 399 -9.26 16.07 6.92
CA GLU B 399 -10.05 17.01 6.14
C GLU B 399 -9.72 16.90 4.65
N GLY B 400 -8.48 16.57 4.32
CA GLY B 400 -8.14 16.36 2.92
C GLY B 400 -8.73 15.09 2.34
N VAL B 401 -8.43 13.94 2.93
CA VAL B 401 -8.80 12.64 2.38
C VAL B 401 -10.30 12.39 2.48
N PHE B 402 -10.92 12.75 3.62
CA PHE B 402 -12.35 12.53 3.77
C PHE B 402 -13.18 13.41 2.84
N ALA B 403 -12.74 14.63 2.58
CA ALA B 403 -13.42 15.48 1.61
C ALA B 403 -12.83 15.36 0.22
N HIS B 404 -11.95 14.37 0.00
CA HIS B 404 -11.29 14.09 -1.28
C HIS B 404 -10.53 15.31 -1.79
N LYS B 405 -9.54 15.73 -1.01
CA LYS B 405 -8.73 16.91 -1.31
C LYS B 405 -7.27 16.50 -1.13
N PHE B 406 -6.44 16.77 -2.13
CA PHE B 406 -5.06 16.30 -2.10
C PHE B 406 -4.06 17.36 -2.51
N ASP B 407 -4.51 18.47 -3.08
CA ASP B 407 -3.76 19.71 -3.08
C ASP B 407 -4.13 20.50 -1.84
N PHE B 408 -3.23 21.37 -1.40
CA PHE B 408 -3.42 22.10 -0.15
C PHE B 408 -2.83 23.50 -0.30
N GLU B 409 -3.70 24.46 -0.61
CA GLU B 409 -3.31 25.87 -0.72
C GLU B 409 -4.19 26.68 0.23
N PRO B 410 -3.77 26.80 1.49
CA PRO B 410 -4.49 27.67 2.42
C PRO B 410 -4.17 29.14 2.14
N GLU B 411 -4.89 30.02 2.83
CA GLU B 411 -4.72 31.44 2.62
C GLU B 411 -3.41 31.93 3.23
N HIS B 412 -2.98 33.11 2.79
CA HIS B 412 -1.76 33.72 3.30
C HIS B 412 -1.97 34.19 4.72
N GLY B 413 -0.97 33.96 5.56
CA GLY B 413 -1.07 34.33 6.97
C GLY B 413 -1.48 33.16 7.85
N SER B 414 -2.36 32.31 7.33
CA SER B 414 -2.77 31.10 8.03
C SER B 414 -1.91 29.90 7.67
N SER B 415 -0.77 30.13 7.02
CA SER B 415 0.16 29.06 6.65
C SER B 415 1.29 28.91 7.65
N MET B 416 1.02 29.16 8.93
CA MET B 416 2.07 29.09 9.95
C MET B 416 2.47 27.65 10.22
N ASN B 417 1.53 26.84 10.70
CA ASN B 417 1.82 25.44 10.99
C ASN B 417 2.06 24.64 9.73
N GLU B 418 1.56 25.13 8.58
CA GLU B 418 1.94 24.60 7.28
C GLU B 418 3.45 24.63 7.10
N ASP B 419 4.04 25.82 7.21
CA ASP B 419 5.47 25.98 7.05
C ASP B 419 6.26 25.38 8.21
N VAL B 420 5.63 25.20 9.37
CA VAL B 420 6.26 24.45 10.45
C VAL B 420 6.43 22.99 10.03
N LEU B 421 5.36 22.39 9.48
CA LEU B 421 5.42 20.98 9.12
C LEU B 421 6.28 20.74 7.88
N VAL B 422 6.34 21.71 6.98
CA VAL B 422 7.25 21.59 5.84
C VAL B 422 8.69 21.80 6.31
N THR B 423 8.88 22.69 7.28
CA THR B 423 10.20 22.89 7.88
C THR B 423 10.69 21.63 8.57
N ILE B 424 9.77 20.88 9.20
CA ILE B 424 10.10 19.55 9.69
C ILE B 424 10.37 18.60 8.53
N GLY B 425 9.50 18.62 7.53
CA GLY B 425 9.69 17.75 6.38
C GLY B 425 8.56 16.77 6.19
N LEU B 426 7.36 17.15 6.62
CA LEU B 426 6.19 16.30 6.40
C LEU B 426 5.81 16.26 4.94
N LEU B 427 5.46 17.41 4.36
CA LEU B 427 4.97 17.43 3.00
C LEU B 427 5.79 18.45 2.20
N CYS B 428 5.67 18.35 0.89
CA CYS B 428 6.37 19.26 0.01
C CYS B 428 5.53 20.52 -0.22
N LYS B 429 6.15 21.66 0.07
CA LYS B 429 5.60 22.95 -0.31
C LYS B 429 6.05 23.24 -1.73
N TYR B 430 5.34 24.13 -2.39
CA TYR B 430 5.70 24.51 -3.77
C TYR B 430 5.46 26.00 -3.91
N THR B 431 6.55 26.76 -3.90
CA THR B 431 6.54 28.17 -4.28
C THR B 431 6.91 28.35 -5.75
N ALA B 432 6.49 27.39 -6.58
CA ALA B 432 6.74 27.38 -8.01
C ALA B 432 5.76 28.29 -8.74
N GLN B 433 5.65 28.10 -10.05
CA GLN B 433 4.91 29.01 -10.91
C GLN B 433 3.41 28.89 -10.68
N ARG B 434 2.95 29.51 -9.60
CA ARG B 434 1.56 29.49 -9.16
C ARG B 434 1.37 30.68 -8.24
N LEU B 435 0.17 31.27 -8.27
CA LEU B 435 -0.11 32.51 -7.58
C LEU B 435 0.03 32.38 -6.07
N LYS B 436 -0.75 31.50 -5.47
CA LYS B 436 -0.59 31.14 -4.06
C LYS B 436 0.14 29.82 -3.98
N PRO B 437 1.03 29.64 -3.01
CA PRO B 437 1.95 28.50 -3.04
C PRO B 437 1.24 27.18 -2.73
N THR B 438 1.76 26.11 -3.32
CA THR B 438 1.11 24.81 -3.29
C THR B 438 1.73 23.93 -2.21
N TYR B 439 0.87 23.25 -1.46
CA TYR B 439 1.27 22.39 -0.36
C TYR B 439 0.65 21.02 -0.53
N LYS B 440 1.46 20.01 -0.82
CA LYS B 440 0.93 18.65 -0.95
C LYS B 440 1.92 17.63 -0.43
N PHE B 441 1.39 16.47 -0.05
CA PHE B 441 2.21 15.35 0.39
C PHE B 441 2.93 14.74 -0.79
N PHE B 442 4.08 14.11 -0.51
CA PHE B 442 4.86 13.50 -1.58
C PHE B 442 4.21 12.24 -2.10
N HIS B 443 3.39 11.58 -1.28
CA HIS B 443 2.63 10.43 -1.73
C HIS B 443 1.22 10.50 -1.18
N LYS B 444 0.26 10.11 -2.03
CA LYS B 444 -1.15 10.24 -1.69
C LYS B 444 -1.55 9.23 -0.63
N SER B 445 -1.17 7.97 -0.81
CA SER B 445 -1.44 6.96 0.20
C SER B 445 -0.62 7.16 1.47
N PHE B 446 0.47 7.94 1.41
CA PHE B 446 1.16 8.31 2.64
C PHE B 446 0.33 9.29 3.45
N GLN B 447 -0.33 10.24 2.78
CA GLN B 447 -1.33 11.06 3.43
C GLN B 447 -2.46 10.20 3.99
N GLU B 448 -2.83 9.14 3.24
CA GLU B 448 -3.82 8.20 3.75
C GLU B 448 -3.33 7.49 5.01
N TYR B 449 -2.02 7.25 5.11
CA TYR B 449 -1.48 6.72 6.36
C TYR B 449 -1.55 7.76 7.47
N THR B 450 -1.33 9.04 7.14
CA THR B 450 -1.39 10.09 8.15
C THR B 450 -2.80 10.23 8.70
N ALA B 451 -3.80 10.11 7.84
CA ALA B 451 -5.19 10.07 8.31
C ALA B 451 -5.50 8.75 8.98
N GLY B 452 -4.74 7.69 8.69
CA GLY B 452 -4.97 6.43 9.35
C GLY B 452 -4.52 6.45 10.80
N ARG B 453 -3.25 6.80 11.02
CA ARG B 453 -2.73 6.88 12.38
C ARG B 453 -3.32 8.05 13.14
N ARG B 454 -3.71 9.11 12.43
CA ARG B 454 -4.50 10.17 13.05
C ARG B 454 -5.87 9.65 13.47
N LEU B 455 -6.46 8.80 12.64
CA LEU B 455 -7.81 8.30 12.92
C LEU B 455 -7.80 7.35 14.12
N SER B 456 -6.85 6.41 14.14
CA SER B 456 -6.68 5.54 15.29
C SER B 456 -6.28 6.32 16.53
N SER B 457 -5.50 7.40 16.34
CA SER B 457 -5.14 8.27 17.44
C SER B 457 -6.34 9.00 18.03
N LEU B 458 -7.32 9.35 17.19
CA LEU B 458 -8.53 9.98 17.72
C LEU B 458 -9.51 8.94 18.23
N LEU B 459 -9.29 7.67 17.87
CA LEU B 459 -10.03 6.60 18.52
C LEU B 459 -9.33 6.11 19.77
N THR B 460 -8.14 6.62 20.05
CA THR B 460 -7.32 6.09 21.13
C THR B 460 -7.70 6.67 22.48
N SER B 461 -7.84 7.99 22.56
CA SER B 461 -8.00 8.67 23.84
C SER B 461 -9.36 8.39 24.47
N LYS B 462 -9.50 8.74 25.73
CA LYS B 462 -10.74 8.50 26.47
C LYS B 462 -11.76 9.61 26.29
N GLU B 463 -11.48 10.60 25.45
CA GLU B 463 -12.46 11.64 25.17
C GLU B 463 -13.56 11.09 24.28
N PRO B 464 -14.83 11.21 24.69
CA PRO B 464 -15.92 10.70 23.84
C PRO B 464 -16.16 11.55 22.61
N GLU B 465 -15.72 12.81 22.61
CA GLU B 465 -15.96 13.69 21.47
C GLU B 465 -15.05 13.34 20.30
N GLU B 466 -13.81 12.91 20.59
CA GLU B 466 -12.91 12.55 19.51
C GLU B 466 -13.13 11.13 19.03
N VAL B 467 -13.59 10.23 19.91
CA VAL B 467 -13.87 8.87 19.50
C VAL B 467 -15.20 8.80 18.77
N SER B 468 -16.24 9.42 19.33
CA SER B 468 -17.52 9.49 18.64
C SER B 468 -17.43 10.39 17.40
N LYS B 469 -16.55 11.39 17.42
CA LYS B 469 -16.31 12.16 16.21
C LYS B 469 -15.56 11.32 15.18
N GLY B 470 -14.69 10.42 15.64
CA GLY B 470 -14.12 9.43 14.74
C GLY B 470 -15.16 8.48 14.18
N ASN B 471 -16.21 8.20 14.97
CA ASN B 471 -17.35 7.47 14.44
C ASN B 471 -18.14 8.31 13.44
N SER B 472 -18.08 9.64 13.57
CA SER B 472 -18.65 10.48 12.54
C SER B 472 -17.80 10.50 11.28
N TYR B 473 -16.48 10.31 11.43
CA TYR B 473 -15.64 10.08 10.25
C TYR B 473 -15.96 8.72 9.64
N LEU B 474 -16.31 7.73 10.45
CA LEU B 474 -16.82 6.47 9.93
C LEU B 474 -18.15 6.66 9.22
N ASN B 475 -18.94 7.65 9.65
CA ASN B 475 -20.27 7.89 9.09
C ASN B 475 -20.19 8.48 7.67
N LYS B 476 -18.99 8.83 7.21
CA LYS B 476 -18.78 9.21 5.81
C LYS B 476 -18.64 8.01 4.87
N MET B 477 -19.02 6.81 5.32
CA MET B 477 -18.93 5.59 4.52
C MET B 477 -20.25 4.83 4.66
N VAL B 478 -21.13 4.97 3.67
CA VAL B 478 -22.39 4.25 3.66
C VAL B 478 -22.47 3.42 2.37
N SER B 479 -21.63 3.76 1.40
CA SER B 479 -21.54 3.04 0.14
C SER B 479 -20.30 2.15 0.17
N ILE B 480 -20.54 0.84 0.12
CA ILE B 480 -19.46 -0.11 0.32
C ILE B 480 -18.49 -0.17 -0.85
N SER B 481 -18.93 0.25 -2.04
CA SER B 481 -18.03 0.23 -3.19
C SER B 481 -17.03 1.36 -3.13
N ASP B 482 -17.43 2.52 -2.60
CA ASP B 482 -16.50 3.64 -2.49
C ASP B 482 -15.50 3.42 -1.36
N ILE B 483 -15.83 2.55 -0.42
CA ILE B 483 -14.86 2.12 0.58
C ILE B 483 -13.75 1.32 -0.09
N THR B 484 -14.12 0.49 -1.06
CA THR B 484 -13.11 -0.28 -1.78
C THR B 484 -12.30 0.59 -2.72
N SER B 485 -12.91 1.63 -3.29
CA SER B 485 -12.19 2.45 -4.26
C SER B 485 -11.34 3.50 -3.58
N LEU B 486 -11.79 4.03 -2.44
CA LEU B 486 -11.09 5.11 -1.78
C LEU B 486 -10.62 4.76 -0.37
N TYR B 487 -11.50 4.22 0.47
CA TYR B 487 -11.24 4.06 1.88
C TYR B 487 -10.52 2.76 2.22
N GLY B 488 -10.11 2.00 1.21
CA GLY B 488 -9.49 0.71 1.42
C GLY B 488 -8.13 0.79 2.08
N ASN B 489 -7.23 1.60 1.51
CA ASN B 489 -5.91 1.76 2.11
C ASN B 489 -5.97 2.58 3.39
N LEU B 490 -6.99 3.42 3.55
CA LEU B 490 -7.15 4.21 4.75
C LEU B 490 -7.46 3.33 5.96
N LEU B 491 -8.55 2.56 5.89
CA LEU B 491 -8.89 1.65 6.98
C LEU B 491 -7.94 0.47 7.05
N LEU B 492 -7.26 0.16 5.95
CA LEU B 492 -6.20 -0.84 5.97
C LEU B 492 -5.05 -0.37 6.87
N TYR B 493 -4.60 0.86 6.69
CA TYR B 493 -3.53 1.40 7.51
C TYR B 493 -4.03 1.67 8.93
N THR B 494 -5.31 1.98 9.07
CA THR B 494 -5.87 2.30 10.38
C THR B 494 -5.96 1.05 11.23
N CYS B 495 -6.46 -0.04 10.66
CA CYS B 495 -6.53 -1.30 11.38
C CYS B 495 -5.14 -1.90 11.58
N GLY B 496 -4.26 -1.75 10.59
CA GLY B 496 -2.92 -2.29 10.74
C GLY B 496 -2.07 -1.52 11.71
N SER B 497 -2.41 -0.26 11.97
CA SER B 497 -1.59 0.57 12.84
C SER B 497 -1.83 0.28 14.31
N SER B 498 -3.06 -0.10 14.68
CA SER B 498 -3.38 -0.35 16.07
C SER B 498 -4.56 -1.31 16.17
N THR B 499 -4.61 -2.04 17.28
CA THR B 499 -5.68 -3.00 17.52
C THR B 499 -6.97 -2.30 17.94
N GLU B 500 -6.83 -1.11 18.54
CA GLU B 500 -7.99 -0.41 19.10
C GLU B 500 -8.94 0.08 18.02
N ALA B 501 -8.41 0.56 16.89
CA ALA B 501 -9.26 1.10 15.84
C ALA B 501 -9.97 -0.01 15.07
N THR B 502 -9.41 -1.23 15.11
CA THR B 502 -10.00 -2.37 14.42
C THR B 502 -11.41 -2.66 14.91
N ARG B 503 -11.64 -2.53 16.22
CA ARG B 503 -12.93 -2.88 16.80
C ARG B 503 -14.00 -1.88 16.38
N ALA B 504 -13.62 -0.61 16.28
CA ALA B 504 -14.56 0.40 15.77
C ALA B 504 -14.82 0.19 14.28
N VAL B 505 -13.81 -0.25 13.53
CA VAL B 505 -14.03 -0.61 12.13
C VAL B 505 -14.98 -1.81 12.02
N MET B 506 -14.92 -2.71 13.00
CA MET B 506 -15.89 -3.81 13.05
C MET B 506 -17.30 -3.32 13.38
N ARG B 507 -17.42 -2.35 14.30
CA ARG B 507 -18.74 -1.84 14.67
C ARG B 507 -19.39 -1.09 13.52
N HIS B 508 -18.60 -0.37 12.73
CA HIS B 508 -19.20 0.40 11.65
C HIS B 508 -19.39 -0.46 10.40
N LEU B 509 -18.34 -1.15 9.96
CA LEU B 509 -18.44 -1.92 8.72
C LEU B 509 -19.20 -3.22 8.91
N ALA B 510 -19.48 -3.60 10.15
CA ALA B 510 -20.36 -4.75 10.37
C ALA B 510 -21.80 -4.42 10.03
N MET B 511 -22.15 -3.13 9.96
CA MET B 511 -23.53 -2.73 9.74
C MET B 511 -23.75 -2.20 8.33
N VAL B 512 -22.75 -1.59 7.72
CA VAL B 512 -22.90 -0.93 6.43
C VAL B 512 -23.01 -1.97 5.33
N TYR B 513 -24.08 -1.88 4.53
CA TYR B 513 -24.36 -2.88 3.51
C TYR B 513 -24.77 -2.30 2.16
N GLN B 514 -25.11 -1.01 2.09
CA GLN B 514 -25.62 -0.42 0.86
C GLN B 514 -24.51 -0.32 -0.19
N HIS B 515 -24.85 -0.70 -1.43
CA HIS B 515 -23.85 -0.86 -2.47
C HIS B 515 -23.32 0.49 -2.94
N GLY B 516 -24.18 1.32 -3.49
CA GLY B 516 -23.78 2.59 -4.04
C GLY B 516 -23.62 2.54 -5.54
N SER B 517 -22.61 3.24 -6.03
CA SER B 517 -22.40 3.38 -7.47
C SER B 517 -21.87 2.07 -8.07
N LEU B 518 -22.50 1.66 -9.16
CA LEU B 518 -22.02 0.53 -9.94
C LEU B 518 -21.91 0.83 -11.42
N GLN B 519 -22.75 1.71 -11.97
CA GLN B 519 -22.67 2.06 -13.38
C GLN B 519 -21.42 2.88 -13.66
N GLY B 520 -21.09 3.80 -12.74
CA GLY B 520 -19.84 4.52 -12.84
C GLY B 520 -18.66 3.77 -12.26
N LEU B 521 -18.91 2.59 -11.68
CA LEU B 521 -17.87 1.76 -11.08
C LEU B 521 -17.87 0.34 -11.65
N SER B 522 -17.92 0.20 -12.97
CA SER B 522 -17.79 -1.10 -13.60
C SER B 522 -16.36 -1.61 -13.45
N VAL B 523 -16.19 -2.92 -13.69
CA VAL B 523 -14.92 -3.58 -13.44
C VAL B 523 -13.93 -3.23 -14.55
N THR B 524 -12.78 -2.70 -14.17
CA THR B 524 -11.75 -2.33 -15.13
C THR B 524 -10.93 -3.55 -15.56
N LYS B 525 -10.33 -4.25 -14.60
CA LYS B 525 -9.56 -5.46 -14.88
C LYS B 525 -10.14 -6.60 -14.07
N ARG B 526 -10.28 -7.76 -14.72
CA ARG B 526 -10.81 -8.93 -14.06
C ARG B 526 -10.23 -10.20 -14.68
N PRO B 527 -10.12 -11.29 -13.90
CA PRO B 527 -9.78 -12.57 -14.51
C PRO B 527 -10.95 -13.23 -15.22
N LEU B 528 -12.17 -12.69 -15.11
CA LEU B 528 -13.33 -13.17 -15.85
C LEU B 528 -13.18 -12.69 -17.30
N TRP B 529 -12.40 -13.45 -18.07
CA TRP B 529 -12.13 -13.08 -19.45
C TRP B 529 -13.08 -13.73 -20.43
N ARG B 530 -13.90 -14.69 -20.00
CA ARG B 530 -14.88 -15.34 -20.84
C ARG B 530 -16.25 -14.74 -20.51
N GLN B 531 -16.92 -14.20 -21.52
CA GLN B 531 -18.22 -13.57 -21.30
C GLN B 531 -19.25 -14.17 -22.24
N GLU B 532 -19.87 -15.26 -21.80
CA GLU B 532 -20.85 -15.96 -22.61
C GLU B 532 -22.27 -15.49 -22.32
N SER B 533 -23.22 -16.00 -23.07
CA SER B 533 -24.62 -15.67 -22.90
C SER B 533 -25.27 -16.61 -21.91
N ILE B 534 -24.56 -17.69 -21.60
CA ILE B 534 -25.01 -18.66 -20.60
C ILE B 534 -24.72 -18.07 -19.23
N GLN B 535 -23.62 -17.31 -19.15
CA GLN B 535 -23.35 -16.49 -17.97
C GLN B 535 -24.41 -15.41 -17.80
N SER B 536 -24.96 -14.91 -18.91
CA SER B 536 -26.11 -14.01 -18.82
C SER B 536 -27.40 -14.78 -18.57
N LEU B 537 -27.38 -16.10 -18.77
CA LEU B 537 -28.57 -16.90 -18.54
C LEU B 537 -28.65 -17.39 -17.10
N ARG B 538 -27.51 -17.36 -16.38
CA ARG B 538 -27.53 -17.48 -14.93
C ARG B 538 -28.36 -16.37 -14.31
N ASN B 539 -27.94 -15.12 -14.54
CA ASN B 539 -28.71 -13.95 -14.16
C ASN B 539 -28.65 -12.96 -15.30
N THR B 540 -29.82 -12.51 -15.76
CA THR B 540 -29.88 -11.52 -16.82
C THR B 540 -29.38 -10.16 -16.34
N THR B 541 -29.60 -9.84 -15.07
CA THR B 541 -29.13 -8.60 -14.49
C THR B 541 -27.62 -8.69 -14.25
N GLU B 542 -26.85 -8.13 -15.19
CA GLU B 542 -25.40 -8.04 -15.03
C GLU B 542 -25.01 -7.18 -13.85
N GLN B 543 -25.84 -6.20 -13.48
CA GLN B 543 -25.57 -5.35 -12.33
C GLN B 543 -25.64 -6.11 -11.00
N ASP B 544 -26.38 -7.22 -10.95
CA ASP B 544 -26.34 -8.05 -9.75
C ASP B 544 -25.05 -8.86 -9.68
N VAL B 545 -24.50 -9.23 -10.84
CA VAL B 545 -23.18 -9.83 -10.86
C VAL B 545 -22.14 -8.80 -10.43
N LEU B 546 -22.34 -7.54 -10.81
CA LEU B 546 -21.48 -6.47 -10.32
C LEU B 546 -21.68 -6.23 -8.82
N LYS B 547 -22.88 -6.51 -8.30
CA LYS B 547 -23.08 -6.51 -6.85
C LYS B 547 -22.28 -7.63 -6.20
N ALA B 548 -22.20 -8.80 -6.84
CA ALA B 548 -21.39 -9.88 -6.31
C ALA B 548 -19.90 -9.54 -6.36
N ILE B 549 -19.49 -8.79 -7.38
CA ILE B 549 -18.10 -8.33 -7.44
C ILE B 549 -17.84 -7.28 -6.35
N ASN B 550 -18.85 -6.45 -6.05
CA ASN B 550 -18.72 -5.47 -4.98
C ASN B 550 -18.61 -6.14 -3.62
N VAL B 551 -19.44 -7.16 -3.37
CA VAL B 551 -19.41 -7.85 -2.09
C VAL B 551 -18.12 -8.67 -1.96
N ASN B 552 -17.69 -9.33 -3.03
CA ASN B 552 -16.51 -10.17 -2.97
C ASN B 552 -15.24 -9.34 -2.84
N SER B 553 -15.18 -8.18 -3.52
CA SER B 553 -14.05 -7.28 -3.33
C SER B 553 -14.10 -6.62 -1.95
N PHE B 554 -15.29 -6.44 -1.40
CA PHE B 554 -15.43 -5.99 -0.03
C PHE B 554 -14.87 -7.02 0.96
N VAL B 555 -15.06 -8.30 0.64
CA VAL B 555 -14.49 -9.37 1.46
C VAL B 555 -12.98 -9.44 1.25
N GLU B 556 -12.50 -9.08 0.04
CA GLU B 556 -11.06 -8.94 -0.18
C GLU B 556 -10.47 -7.84 0.68
N CYS B 557 -11.18 -6.73 0.83
CA CYS B 557 -10.77 -5.68 1.74
C CYS B 557 -10.86 -6.13 3.19
N GLY B 558 -11.79 -7.03 3.51
CA GLY B 558 -11.90 -7.52 4.87
C GLY B 558 -10.78 -8.47 5.26
N ILE B 559 -10.45 -9.41 4.39
CA ILE B 559 -9.40 -10.38 4.70
C ILE B 559 -8.03 -9.74 4.59
N ASN B 560 -7.86 -8.82 3.63
CA ASN B 560 -6.64 -8.03 3.58
C ASN B 560 -6.53 -7.12 4.80
N LEU B 561 -7.68 -6.66 5.30
CA LEU B 561 -7.71 -5.84 6.51
C LEU B 561 -7.28 -6.64 7.73
N PHE B 562 -7.81 -7.85 7.89
CA PHE B 562 -7.41 -8.67 9.04
C PHE B 562 -5.98 -9.16 8.91
N SER B 563 -5.53 -9.40 7.68
CA SER B 563 -4.15 -9.85 7.47
C SER B 563 -3.16 -8.74 7.80
N GLU B 564 -3.42 -7.53 7.33
CA GLU B 564 -2.56 -6.41 7.67
C GLU B 564 -2.73 -5.92 9.11
N SER B 565 -3.83 -6.29 9.76
CA SER B 565 -4.03 -5.89 11.15
C SER B 565 -3.09 -6.64 12.08
N MET B 566 -2.88 -7.93 11.81
CA MET B 566 -2.05 -8.85 12.62
C MET B 566 -2.54 -8.95 14.06
N SER B 567 -3.84 -8.76 14.29
CA SER B 567 -4.47 -9.12 15.55
C SER B 567 -4.95 -10.56 15.41
N LYS B 568 -3.98 -11.47 15.45
CA LYS B 568 -4.10 -12.76 14.78
C LYS B 568 -5.08 -13.72 15.47
N SER B 569 -5.36 -13.53 16.75
CA SER B 569 -6.27 -14.45 17.43
C SER B 569 -7.17 -13.77 18.45
N ASP B 570 -7.58 -12.52 18.22
CA ASP B 570 -8.27 -11.79 19.28
C ASP B 570 -9.75 -11.57 19.01
N LEU B 571 -10.10 -10.91 17.91
CA LEU B 571 -11.49 -10.51 17.71
C LEU B 571 -12.24 -11.55 16.89
N SER B 572 -12.19 -12.82 17.32
CA SER B 572 -12.65 -13.92 16.47
C SER B 572 -14.16 -13.96 16.37
N GLN B 573 -14.87 -13.58 17.44
CA GLN B 573 -16.32 -13.56 17.39
C GLN B 573 -16.84 -12.44 16.50
N GLU B 574 -16.09 -11.34 16.40
CA GLU B 574 -16.51 -10.19 15.61
C GLU B 574 -16.28 -10.42 14.13
N PHE B 575 -15.09 -10.92 13.77
CA PHE B 575 -14.82 -11.25 12.37
C PHE B 575 -15.65 -12.44 11.91
N GLU B 576 -15.92 -13.38 12.83
CA GLU B 576 -16.84 -14.47 12.49
C GLU B 576 -18.27 -13.96 12.34
N ALA B 577 -18.64 -12.94 13.12
CA ALA B 577 -19.93 -12.30 12.95
C ALA B 577 -19.92 -11.26 11.83
N PHE B 578 -18.76 -11.02 11.22
CA PHE B 578 -18.67 -10.08 10.11
C PHE B 578 -19.02 -10.74 8.79
N PHE B 579 -18.29 -11.79 8.43
CA PHE B 579 -18.42 -12.40 7.11
C PHE B 579 -19.62 -13.34 6.99
N GLN B 580 -20.45 -13.45 8.03
CA GLN B 580 -21.72 -14.12 7.87
C GLN B 580 -22.64 -13.26 7.00
N GLY B 581 -23.36 -13.91 6.09
CA GLY B 581 -24.07 -13.18 5.08
C GLY B 581 -23.18 -12.50 4.06
N LYS B 582 -21.98 -13.03 3.84
CA LYS B 582 -21.03 -12.52 2.86
C LYS B 582 -20.43 -13.68 2.10
N SER B 583 -20.18 -13.47 0.81
CA SER B 583 -19.67 -14.51 -0.06
C SER B 583 -18.17 -14.39 -0.25
N LEU B 584 -17.58 -15.23 -1.11
CA LEU B 584 -16.15 -15.16 -1.37
C LEU B 584 -15.84 -15.73 -2.75
N TYR B 585 -15.26 -14.89 -3.60
CA TYR B 585 -14.82 -15.27 -4.94
C TYR B 585 -13.32 -15.47 -4.93
N ILE B 586 -12.86 -16.65 -5.35
CA ILE B 586 -11.43 -16.94 -5.38
C ILE B 586 -11.06 -17.43 -6.77
N ASN B 587 -10.10 -16.76 -7.39
CA ASN B 587 -9.36 -17.33 -8.50
C ASN B 587 -8.33 -18.30 -7.95
N SER B 588 -8.40 -19.55 -8.40
CA SER B 588 -7.44 -20.55 -7.95
C SER B 588 -6.09 -20.43 -8.65
N GLU B 589 -5.97 -19.59 -9.67
CA GLU B 589 -4.74 -19.52 -10.44
C GLU B 589 -3.79 -18.46 -9.89
N ASN B 590 -4.20 -17.71 -8.88
CA ASN B 590 -3.30 -16.76 -8.23
C ASN B 590 -3.76 -16.63 -6.78
N ILE B 591 -3.12 -17.37 -5.87
CA ILE B 591 -3.51 -17.40 -4.47
C ILE B 591 -2.31 -16.99 -3.62
N PRO B 592 -2.35 -15.84 -2.97
CA PRO B 592 -1.25 -15.48 -2.06
C PRO B 592 -1.36 -16.18 -0.72
N ASP B 593 -0.39 -15.94 0.16
CA ASP B 593 -0.28 -16.66 1.42
C ASP B 593 -1.12 -16.08 2.56
N TYR B 594 -1.69 -14.88 2.37
CA TYR B 594 -2.56 -14.36 3.42
C TYR B 594 -3.89 -15.08 3.49
N LEU B 595 -4.25 -15.82 2.44
CA LEU B 595 -5.37 -16.74 2.54
C LEU B 595 -5.02 -17.91 3.46
N PHE B 596 -3.79 -18.44 3.33
CA PHE B 596 -3.30 -19.45 4.27
C PHE B 596 -3.26 -18.90 5.69
N ASP B 597 -2.93 -17.63 5.84
CA ASP B 597 -3.02 -17.02 7.17
C ASP B 597 -4.48 -16.84 7.60
N PHE B 598 -5.40 -16.69 6.65
CA PHE B 598 -6.79 -16.51 7.00
C PHE B 598 -7.41 -17.80 7.52
N PHE B 599 -7.22 -18.90 6.78
CA PHE B 599 -7.70 -20.18 7.28
C PHE B 599 -6.89 -20.65 8.49
N GLU B 600 -5.62 -20.21 8.58
CA GLU B 600 -4.79 -20.55 9.71
C GLU B 600 -5.29 -19.93 11.00
N TYR B 601 -5.38 -18.61 11.03
CA TYR B 601 -5.60 -17.87 12.27
C TYR B 601 -7.04 -17.95 12.73
N LEU B 602 -7.99 -17.59 11.86
CA LEU B 602 -9.42 -17.62 12.17
C LEU B 602 -10.11 -18.50 11.14
N PRO B 603 -10.14 -19.81 11.36
CA PRO B 603 -10.89 -20.69 10.46
C PRO B 603 -12.39 -20.67 10.70
N ASN B 604 -12.84 -20.18 11.86
CA ASN B 604 -14.27 -20.07 12.13
C ASN B 604 -14.93 -19.02 11.25
N CYS B 605 -14.16 -18.03 10.78
CA CYS B 605 -14.67 -17.10 9.78
C CYS B 605 -14.95 -17.83 8.47
N ALA B 606 -14.10 -18.79 8.11
CA ALA B 606 -14.40 -19.65 6.97
C ALA B 606 -15.54 -20.61 7.28
N SER B 607 -15.78 -20.89 8.56
CA SER B 607 -16.97 -21.67 8.93
C SER B 607 -18.23 -20.82 8.78
N ALA B 608 -18.12 -19.51 8.87
CA ALA B 608 -19.30 -18.64 8.80
C ALA B 608 -19.49 -17.99 7.44
N LEU B 609 -18.80 -18.43 6.40
CA LEU B 609 -18.97 -17.83 5.09
C LEU B 609 -20.26 -18.30 4.42
N ASP B 610 -20.52 -17.80 3.22
CA ASP B 610 -21.64 -18.29 2.44
C ASP B 610 -21.18 -19.30 1.40
N PHE B 611 -20.31 -18.88 0.48
CA PHE B 611 -19.73 -19.77 -0.50
C PHE B 611 -18.43 -19.19 -1.00
N VAL B 612 -17.74 -19.97 -1.83
CA VAL B 612 -16.65 -19.50 -2.65
C VAL B 612 -16.96 -19.86 -4.09
N LYS B 613 -17.11 -18.85 -4.93
CA LYS B 613 -17.05 -19.07 -6.37
C LYS B 613 -15.59 -19.26 -6.76
N LEU B 614 -15.24 -20.50 -7.10
CA LEU B 614 -13.84 -20.87 -7.27
C LEU B 614 -13.57 -21.09 -8.75
N ASP B 615 -12.54 -20.42 -9.26
CA ASP B 615 -12.20 -20.47 -10.67
C ASP B 615 -11.37 -21.71 -10.98
N PHE B 616 -11.52 -22.20 -12.21
CA PHE B 616 -10.70 -23.31 -12.72
C PHE B 616 -10.45 -23.07 -14.21
N TYR B 617 -9.28 -22.51 -14.51
CA TYR B 617 -8.88 -22.22 -15.88
C TYR B 617 -8.11 -23.40 -16.47
N GLU B 618 -8.29 -23.59 -17.78
CA GLU B 618 -7.54 -24.54 -18.60
C GLU B 618 -7.64 -25.98 -18.13
N PRO B 645 -3.40 -28.45 -10.47
CA PRO B 645 -3.19 -27.18 -9.75
C PRO B 645 -2.91 -27.41 -8.27
N PRO B 646 -1.68 -27.77 -7.92
CA PRO B 646 -1.40 -28.23 -6.55
C PRO B 646 -1.48 -27.16 -5.49
N ARG B 647 -1.48 -25.88 -5.86
CA ARG B 647 -1.50 -24.81 -4.85
C ARG B 647 -2.84 -24.74 -4.15
N ALA B 648 -3.93 -24.83 -4.91
CA ALA B 648 -5.26 -24.82 -4.29
C ALA B 648 -5.54 -26.13 -3.58
N VAL B 649 -4.97 -27.23 -4.08
CA VAL B 649 -5.01 -28.51 -3.37
C VAL B 649 -4.35 -28.37 -2.01
N SER B 650 -3.23 -27.64 -1.96
CA SER B 650 -2.61 -27.30 -0.69
C SER B 650 -3.51 -26.40 0.13
N LEU B 651 -4.22 -25.48 -0.52
CA LEU B 651 -5.00 -24.47 0.18
C LEU B 651 -6.18 -25.09 0.92
N PHE B 652 -6.94 -25.94 0.25
CA PHE B 652 -7.99 -26.65 0.97
C PHE B 652 -7.42 -27.76 1.84
N PHE B 653 -6.26 -28.30 1.49
CA PHE B 653 -5.68 -29.39 2.28
C PHE B 653 -4.68 -28.91 3.33
N ASN B 654 -5.03 -27.91 4.13
CA ASN B 654 -4.37 -27.69 5.42
C ASN B 654 -5.34 -27.75 6.57
N TRP B 655 -6.42 -26.97 6.53
CA TRP B 655 -7.46 -27.04 7.53
C TRP B 655 -8.79 -27.25 6.83
N LYS B 656 -9.68 -27.99 7.49
CA LYS B 656 -11.00 -28.26 6.95
C LYS B 656 -12.01 -27.88 8.01
N GLN B 657 -12.92 -26.99 7.64
CA GLN B 657 -13.96 -26.54 8.56
C GLN B 657 -15.30 -26.71 7.85
N GLU B 658 -16.34 -26.16 8.45
CA GLU B 658 -17.70 -26.36 7.99
C GLU B 658 -18.03 -25.32 6.93
N PHE B 659 -17.48 -25.48 5.73
CA PHE B 659 -17.91 -24.71 4.59
C PHE B 659 -19.33 -25.09 4.23
N LYS B 660 -20.15 -24.11 3.87
CA LYS B 660 -21.53 -24.40 3.49
C LYS B 660 -21.58 -24.96 2.08
N THR B 661 -21.15 -24.18 1.10
CA THR B 661 -21.30 -24.55 -0.31
C THR B 661 -20.06 -24.08 -1.05
N LEU B 662 -19.59 -24.86 -2.03
CA LEU B 662 -18.53 -24.43 -2.92
C LEU B 662 -19.00 -24.46 -4.36
N GLU B 663 -18.56 -23.47 -5.12
CA GLU B 663 -18.89 -23.35 -6.55
C GLU B 663 -17.64 -23.66 -7.36
N VAL B 664 -17.77 -24.60 -8.29
CA VAL B 664 -16.64 -25.06 -9.08
C VAL B 664 -16.82 -24.59 -10.52
N THR B 665 -15.91 -23.76 -10.99
CA THR B 665 -15.94 -23.23 -12.35
C THR B 665 -14.96 -24.05 -13.19
N LEU B 666 -15.49 -24.96 -14.00
CA LEU B 666 -14.63 -25.78 -14.84
C LEU B 666 -14.52 -25.18 -16.24
N ARG B 667 -13.30 -24.80 -16.62
CA ARG B 667 -13.06 -24.07 -17.87
C ARG B 667 -12.08 -24.85 -18.74
N ASP B 668 -12.60 -25.45 -19.82
CA ASP B 668 -11.81 -25.96 -20.95
C ASP B 668 -10.81 -27.04 -20.54
N ILE B 669 -11.29 -28.16 -20.01
CA ILE B 669 -10.43 -29.24 -19.57
C ILE B 669 -10.06 -30.06 -20.79
N ASN B 670 -8.78 -29.99 -21.19
CA ASN B 670 -8.28 -30.75 -22.33
C ASN B 670 -7.25 -31.80 -21.93
N LYS B 671 -6.17 -31.40 -21.26
CA LYS B 671 -5.25 -32.35 -20.67
C LYS B 671 -5.91 -33.05 -19.49
N LEU B 672 -5.60 -34.33 -19.32
CA LEU B 672 -6.25 -35.10 -18.27
C LEU B 672 -5.30 -36.17 -17.77
N ASN B 673 -4.64 -35.88 -16.66
CA ASN B 673 -3.78 -36.85 -16.00
C ASN B 673 -4.40 -37.24 -14.67
N LYS B 674 -4.00 -38.41 -14.18
CA LYS B 674 -4.62 -39.01 -13.00
C LYS B 674 -4.36 -38.22 -11.72
N GLN B 675 -3.26 -37.47 -11.67
CA GLN B 675 -2.90 -36.73 -10.47
C GLN B 675 -3.87 -35.58 -10.24
N ASP B 676 -4.22 -34.85 -11.30
CA ASP B 676 -5.25 -33.81 -11.18
C ASP B 676 -6.63 -34.41 -10.98
N ILE B 677 -6.88 -35.60 -11.51
CA ILE B 677 -8.15 -36.28 -11.27
C ILE B 677 -8.33 -36.60 -9.79
N LYS B 678 -7.29 -37.15 -9.17
CA LYS B 678 -7.40 -37.50 -7.77
C LYS B 678 -7.34 -36.27 -6.86
N TYR B 679 -6.53 -35.26 -7.20
CA TYR B 679 -6.43 -34.08 -6.35
C TYR B 679 -7.70 -33.24 -6.43
N LEU B 680 -8.10 -32.87 -7.64
CA LEU B 680 -9.32 -32.10 -7.83
C LEU B 680 -10.56 -32.90 -7.45
N GLY B 681 -10.45 -34.23 -7.48
CA GLY B 681 -11.51 -35.05 -6.91
C GLY B 681 -11.59 -34.95 -5.40
N LYS B 682 -10.44 -34.98 -4.72
CA LYS B 682 -10.44 -34.97 -3.26
C LYS B 682 -10.62 -33.59 -2.66
N ILE B 683 -10.55 -32.52 -3.46
CA ILE B 683 -10.85 -31.18 -2.95
C ILE B 683 -12.31 -31.07 -2.53
N PHE B 684 -13.20 -31.70 -3.28
CA PHE B 684 -14.62 -31.36 -3.33
C PHE B 684 -15.41 -31.77 -2.09
N SER B 685 -14.76 -32.20 -1.01
CA SER B 685 -15.44 -32.59 0.21
C SER B 685 -15.26 -31.54 1.30
N SER B 686 -14.92 -30.30 0.91
CA SER B 686 -14.71 -29.25 1.89
C SER B 686 -16.02 -28.65 2.38
N ALA B 687 -17.05 -28.66 1.54
CA ALA B 687 -18.32 -28.05 1.88
C ALA B 687 -19.38 -29.11 2.14
N THR B 688 -20.55 -28.65 2.60
CA THR B 688 -21.69 -29.53 2.78
C THR B 688 -22.52 -29.67 1.52
N ASN B 689 -22.31 -28.80 0.53
CA ASN B 689 -23.01 -28.85 -0.73
C ASN B 689 -22.05 -28.46 -1.84
N LEU B 690 -22.23 -29.06 -3.02
CA LEU B 690 -21.32 -28.82 -4.13
C LEU B 690 -22.09 -28.36 -5.36
N ARG B 691 -21.60 -27.28 -5.95
CA ARG B 691 -22.19 -26.70 -7.16
C ARG B 691 -21.18 -26.87 -8.29
N LEU B 692 -21.38 -27.90 -9.10
CA LEU B 692 -20.43 -28.21 -10.17
C LEU B 692 -20.85 -27.46 -11.43
N HIS B 693 -19.87 -26.84 -12.07
CA HIS B 693 -20.11 -26.11 -13.31
C HIS B 693 -19.22 -26.63 -14.42
N ILE B 694 -19.85 -27.20 -15.45
CA ILE B 694 -19.18 -27.66 -16.66
C ILE B 694 -19.14 -26.49 -17.64
N LYS B 695 -17.95 -26.13 -18.09
CA LYS B 695 -17.77 -25.06 -19.06
C LYS B 695 -16.81 -25.56 -20.14
N ARG B 696 -17.38 -26.14 -21.21
CA ARG B 696 -16.69 -26.49 -22.45
C ARG B 696 -15.48 -27.41 -22.22
N CYS B 697 -15.69 -28.44 -21.42
CA CYS B 697 -14.62 -29.33 -20.99
C CYS B 697 -14.59 -30.53 -21.93
N ALA B 698 -13.50 -30.65 -22.70
CA ALA B 698 -13.39 -31.72 -23.68
C ALA B 698 -12.91 -33.04 -23.10
N ALA B 699 -12.06 -33.01 -22.07
CA ALA B 699 -11.54 -34.26 -21.51
C ALA B 699 -12.56 -34.97 -20.63
N MET B 700 -13.64 -34.29 -20.23
CA MET B 700 -14.69 -34.89 -19.43
C MET B 700 -15.85 -35.40 -20.27
N ALA B 701 -15.58 -35.84 -21.50
CA ALA B 701 -16.64 -36.34 -22.37
C ALA B 701 -17.14 -37.70 -21.89
N GLY B 702 -16.30 -38.46 -21.20
CA GLY B 702 -16.69 -39.76 -20.71
C GLY B 702 -16.21 -40.03 -19.30
N ARG B 703 -15.54 -39.04 -18.71
CA ARG B 703 -14.94 -39.18 -17.39
C ARG B 703 -15.78 -38.52 -16.30
N LEU B 704 -17.10 -38.54 -16.48
CA LEU B 704 -17.99 -37.92 -15.50
C LEU B 704 -18.06 -38.76 -14.22
N SER B 705 -18.47 -40.01 -14.36
CA SER B 705 -18.60 -40.90 -13.22
C SER B 705 -17.26 -41.32 -12.63
N SER B 706 -16.18 -41.31 -13.42
CA SER B 706 -14.88 -41.75 -12.94
C SER B 706 -14.29 -40.76 -11.95
N VAL B 707 -14.40 -39.47 -12.26
CA VAL B 707 -13.87 -38.46 -11.36
C VAL B 707 -14.79 -38.26 -10.16
N LEU B 708 -16.10 -38.21 -10.41
CA LEU B 708 -17.06 -37.92 -9.36
C LEU B 708 -17.46 -39.14 -8.55
N ARG B 709 -16.76 -40.26 -8.68
CA ARG B 709 -17.12 -41.46 -7.93
C ARG B 709 -16.85 -41.26 -6.44
N THR B 710 -15.71 -40.66 -6.10
CA THR B 710 -15.44 -40.26 -4.73
C THR B 710 -16.34 -39.12 -4.28
N CYS B 711 -16.70 -38.23 -5.21
CA CYS B 711 -17.46 -37.03 -4.89
C CYS B 711 -18.91 -37.40 -4.61
N LYS B 712 -19.17 -37.82 -3.37
CA LYS B 712 -20.53 -38.11 -2.96
C LYS B 712 -21.32 -36.82 -2.74
N ASN B 713 -20.65 -35.81 -2.19
CA ASN B 713 -21.25 -34.51 -1.92
C ASN B 713 -21.46 -33.78 -3.24
N MET B 714 -22.72 -33.57 -3.63
CA MET B 714 -23.04 -32.73 -4.78
C MET B 714 -24.44 -32.19 -4.61
N HIS B 715 -24.62 -30.90 -4.92
CA HIS B 715 -25.92 -30.26 -4.78
C HIS B 715 -26.54 -29.90 -6.13
N THR B 716 -25.82 -29.14 -6.96
CA THR B 716 -26.34 -28.80 -8.28
C THR B 716 -25.25 -28.98 -9.33
N LEU B 717 -25.67 -28.97 -10.59
CA LEU B 717 -24.72 -29.13 -11.68
C LEU B 717 -25.19 -28.38 -12.91
N MET B 718 -24.22 -27.86 -13.67
CA MET B 718 -24.48 -27.14 -14.90
C MET B 718 -23.70 -27.78 -16.03
N VAL B 719 -24.30 -27.87 -17.21
CA VAL B 719 -23.65 -28.43 -18.39
C VAL B 719 -23.54 -27.34 -19.44
N GLU B 720 -22.30 -26.94 -19.73
CA GLU B 720 -22.03 -25.89 -20.71
C GLU B 720 -21.12 -26.45 -21.80
N ALA B 721 -21.74 -26.96 -22.87
CA ALA B 721 -21.12 -27.19 -24.17
C ALA B 721 -19.98 -28.20 -24.10
N SER B 722 -20.29 -29.38 -23.58
CA SER B 722 -19.32 -30.46 -23.50
C SER B 722 -19.97 -31.76 -23.94
N PRO B 723 -19.21 -32.66 -24.57
CA PRO B 723 -19.77 -33.95 -24.96
C PRO B 723 -20.10 -34.81 -23.75
N LEU B 724 -21.03 -35.74 -23.96
CA LEU B 724 -21.60 -36.50 -22.86
C LEU B 724 -22.09 -37.84 -23.39
N THR B 725 -21.99 -38.87 -22.56
CA THR B 725 -22.44 -40.20 -22.95
C THR B 725 -23.72 -40.57 -22.22
N THR B 726 -24.27 -41.72 -22.62
CA THR B 726 -25.51 -42.21 -22.03
C THR B 726 -25.30 -42.69 -20.59
N ASP B 727 -24.21 -43.43 -20.36
CA ASP B 727 -23.93 -43.95 -19.03
C ASP B 727 -23.54 -42.85 -18.06
N ASP B 728 -22.99 -41.75 -18.57
CA ASP B 728 -22.73 -40.59 -17.72
C ASP B 728 -24.04 -39.92 -17.30
N GLU B 729 -25.02 -39.89 -18.21
CA GLU B 729 -26.36 -39.43 -17.82
C GLU B 729 -27.00 -40.38 -16.82
N GLN B 730 -26.72 -41.68 -16.94
CA GLN B 730 -27.15 -42.63 -15.94
C GLN B 730 -26.43 -42.40 -14.61
N TYR B 731 -25.22 -41.86 -14.65
CA TYR B 731 -24.58 -41.44 -13.41
C TYR B 731 -25.20 -40.18 -12.85
N ILE B 732 -25.70 -39.31 -13.73
CA ILE B 732 -26.42 -38.11 -13.27
C ILE B 732 -27.70 -38.52 -12.56
N THR B 733 -28.45 -39.45 -13.14
CA THR B 733 -29.65 -39.94 -12.49
C THR B 733 -29.35 -40.92 -11.36
N SER B 734 -28.12 -41.39 -11.25
CA SER B 734 -27.78 -42.36 -10.20
C SER B 734 -27.75 -41.68 -8.84
N VAL B 735 -27.20 -40.46 -8.78
CA VAL B 735 -27.12 -39.74 -7.52
C VAL B 735 -28.51 -39.22 -7.17
N THR B 736 -28.78 -39.09 -5.86
CA THR B 736 -30.05 -38.60 -5.38
C THR B 736 -29.97 -37.22 -4.75
N GLY B 737 -28.79 -36.81 -4.30
CA GLY B 737 -28.64 -35.49 -3.71
C GLY B 737 -28.60 -34.35 -4.72
N LEU B 738 -28.56 -34.67 -6.01
CA LEU B 738 -28.66 -33.64 -7.04
C LEU B 738 -30.04 -33.02 -7.03
N GLN B 739 -30.11 -31.73 -6.72
CA GLN B 739 -31.39 -31.04 -6.67
C GLN B 739 -31.64 -30.12 -7.85
N ASN B 740 -30.62 -29.51 -8.44
CA ASN B 740 -30.84 -28.57 -9.53
C ASN B 740 -29.86 -28.90 -10.66
N LEU B 741 -30.36 -28.87 -11.89
CA LEU B 741 -29.57 -29.33 -13.02
C LEU B 741 -29.80 -28.44 -14.23
N SER B 742 -28.71 -28.09 -14.92
CA SER B 742 -28.78 -27.30 -16.14
C SER B 742 -28.06 -28.04 -17.26
N ILE B 743 -28.55 -27.91 -18.49
CA ILE B 743 -27.89 -28.49 -19.65
C ILE B 743 -28.08 -27.59 -20.87
N HIS B 744 -26.98 -27.35 -21.58
CA HIS B 744 -26.97 -26.44 -22.72
C HIS B 744 -26.14 -27.03 -23.84
N ARG B 745 -26.58 -26.79 -25.08
CA ARG B 745 -25.83 -27.05 -26.32
C ARG B 745 -25.47 -28.53 -26.47
N LEU B 746 -26.51 -29.33 -26.66
CA LEU B 746 -26.35 -30.75 -27.01
C LEU B 746 -26.64 -30.89 -28.50
N HIS B 747 -25.59 -31.03 -29.30
CA HIS B 747 -25.78 -31.22 -30.73
C HIS B 747 -26.20 -32.64 -31.07
N THR B 748 -25.63 -33.63 -30.39
CA THR B 748 -25.90 -35.02 -30.71
C THR B 748 -27.31 -35.42 -30.27
N GLN B 749 -27.83 -36.45 -30.92
CA GLN B 749 -29.15 -36.97 -30.61
C GLN B 749 -29.16 -37.60 -29.23
N GLN B 750 -30.22 -37.32 -28.47
CA GLN B 750 -30.35 -37.91 -27.13
C GLN B 750 -30.66 -39.40 -27.24
N LEU B 751 -29.71 -40.22 -26.82
CA LEU B 751 -29.88 -41.66 -26.86
C LEU B 751 -30.85 -42.13 -25.78
N PRO B 752 -31.61 -43.18 -26.04
CA PRO B 752 -32.48 -43.74 -24.99
C PRO B 752 -31.67 -44.42 -23.91
N GLY B 753 -32.33 -44.68 -22.78
CA GLY B 753 -31.66 -45.25 -21.64
C GLY B 753 -30.72 -44.32 -20.92
N GLY B 754 -30.92 -43.01 -21.05
CA GLY B 754 -30.02 -42.02 -20.48
C GLY B 754 -30.71 -41.12 -19.48
N LEU B 755 -30.55 -39.82 -19.69
CA LEU B 755 -31.08 -38.82 -18.77
C LEU B 755 -32.61 -38.79 -18.82
N ILE B 756 -33.16 -38.66 -20.03
CA ILE B 756 -34.60 -38.53 -20.19
C ILE B 756 -35.34 -39.83 -19.96
N ASP B 757 -34.64 -40.96 -19.96
CA ASP B 757 -35.30 -42.26 -19.84
C ASP B 757 -35.30 -42.74 -18.40
N SER B 758 -34.29 -42.37 -17.62
CA SER B 758 -34.22 -42.67 -16.19
C SER B 758 -34.40 -41.39 -15.38
N LEU B 759 -35.31 -40.52 -15.85
CA LEU B 759 -35.46 -39.19 -15.30
C LEU B 759 -36.02 -39.20 -13.89
N GLY B 760 -36.91 -40.15 -13.58
CA GLY B 760 -37.63 -40.14 -12.32
C GLY B 760 -36.86 -40.60 -11.10
N ASN B 761 -35.53 -40.52 -11.11
CA ASN B 761 -34.74 -40.89 -9.95
C ASN B 761 -34.28 -39.69 -9.14
N LEU B 762 -34.21 -38.50 -9.75
CA LEU B 762 -33.77 -37.30 -9.06
C LEU B 762 -34.91 -36.75 -8.21
N LYS B 763 -35.13 -37.42 -7.07
CA LYS B 763 -36.32 -37.25 -6.26
C LYS B 763 -36.37 -35.91 -5.54
N ASN B 764 -35.30 -35.12 -5.57
CA ASN B 764 -35.31 -33.78 -5.01
C ASN B 764 -35.10 -32.72 -6.08
N LEU B 765 -35.51 -32.98 -7.32
CA LEU B 765 -35.37 -32.00 -8.39
C LEU B 765 -36.33 -30.84 -8.18
N GLU B 766 -35.79 -29.62 -8.25
CA GLU B 766 -36.60 -28.41 -8.11
C GLU B 766 -36.38 -27.42 -9.25
N ARG B 767 -35.14 -27.27 -9.73
CA ARG B 767 -34.82 -26.35 -10.80
C ARG B 767 -34.14 -27.11 -11.93
N LEU B 768 -34.78 -27.11 -13.10
CA LEU B 768 -34.30 -27.89 -14.22
C LEU B 768 -34.22 -27.00 -15.46
N ILE B 769 -33.08 -27.00 -16.13
CA ILE B 769 -32.81 -26.08 -17.23
C ILE B 769 -32.45 -26.90 -18.46
N LEU B 770 -33.21 -26.72 -19.53
CA LEU B 770 -33.02 -27.43 -20.80
C LEU B 770 -32.81 -26.42 -21.92
N ASP B 771 -31.70 -26.56 -22.65
CA ASP B 771 -31.50 -25.73 -23.84
C ASP B 771 -30.72 -26.52 -24.88
N ASP B 772 -31.19 -26.43 -26.13
CA ASP B 772 -30.50 -26.91 -27.35
C ASP B 772 -30.23 -28.42 -27.26
N ILE B 773 -31.31 -29.19 -27.24
CA ILE B 773 -31.25 -30.63 -27.08
C ILE B 773 -31.81 -31.28 -28.33
N ARG B 774 -31.05 -32.21 -28.90
CA ARG B 774 -31.49 -32.91 -30.11
C ARG B 774 -32.23 -34.18 -29.73
N MET B 775 -33.53 -34.21 -30.03
CA MET B 775 -34.42 -35.29 -29.62
C MET B 775 -35.39 -35.59 -30.76
N ASN B 776 -36.42 -36.37 -30.46
CA ASN B 776 -37.58 -36.46 -31.34
C ASN B 776 -38.86 -36.48 -30.52
N GLU B 777 -39.98 -36.88 -31.15
CA GLU B 777 -41.26 -36.86 -30.44
C GLU B 777 -41.35 -37.89 -29.34
N GLU B 778 -40.95 -39.14 -29.63
CA GLU B 778 -41.06 -40.21 -28.65
C GLU B 778 -40.10 -40.01 -27.48
N ASP B 779 -38.93 -39.41 -27.74
CA ASP B 779 -38.04 -39.04 -26.66
C ASP B 779 -38.66 -37.99 -25.76
N ALA B 780 -39.43 -37.06 -26.33
CA ALA B 780 -40.18 -36.11 -25.52
C ALA B 780 -41.34 -36.77 -24.79
N LYS B 781 -41.89 -37.85 -25.35
CA LYS B 781 -42.96 -38.58 -24.69
C LYS B 781 -42.45 -39.30 -23.45
N ASN B 782 -41.35 -40.06 -23.60
CA ASN B 782 -40.77 -40.74 -22.45
C ASN B 782 -40.12 -39.76 -21.49
N LEU B 783 -39.68 -38.62 -22.01
CA LEU B 783 -39.28 -37.50 -21.16
C LEU B 783 -40.43 -37.05 -20.28
N ALA B 784 -41.61 -36.88 -20.86
CA ALA B 784 -42.79 -36.49 -20.10
C ALA B 784 -43.24 -37.61 -19.17
N GLU B 785 -42.94 -38.86 -19.52
CA GLU B 785 -43.17 -39.97 -18.59
C GLU B 785 -42.22 -39.88 -17.40
N GLY B 786 -40.99 -39.40 -17.62
CA GLY B 786 -40.12 -39.09 -16.52
C GLY B 786 -40.59 -37.88 -15.73
N LEU B 787 -41.33 -36.98 -16.38
CA LEU B 787 -41.87 -35.82 -15.69
C LEU B 787 -43.06 -36.20 -14.81
N ARG B 788 -43.72 -37.31 -15.11
CA ARG B 788 -44.83 -37.77 -14.28
C ARG B 788 -44.35 -38.33 -12.95
N SER B 789 -43.07 -38.68 -12.86
CA SER B 789 -42.56 -39.30 -11.64
C SER B 789 -42.24 -38.25 -10.58
N LEU B 790 -41.37 -37.30 -10.90
CA LEU B 790 -40.83 -36.37 -9.92
C LEU B 790 -41.88 -35.31 -9.58
N LYS B 791 -42.30 -35.29 -8.32
CA LYS B 791 -43.34 -34.38 -7.88
C LYS B 791 -42.86 -33.33 -6.88
N LYS B 792 -41.64 -32.84 -7.01
CA LYS B 792 -41.13 -31.76 -6.17
C LYS B 792 -40.52 -30.63 -6.98
N MET B 793 -40.82 -30.56 -8.28
CA MET B 793 -40.20 -29.56 -9.14
C MET B 793 -40.86 -28.19 -8.93
N ARG B 794 -40.05 -27.14 -9.09
CA ARG B 794 -40.53 -25.78 -8.87
C ARG B 794 -40.19 -24.84 -10.01
N LEU B 795 -39.38 -25.27 -10.97
CA LEU B 795 -38.79 -24.37 -11.94
C LEU B 795 -38.35 -25.17 -13.15
N LEU B 796 -38.90 -24.84 -14.33
CA LEU B 796 -38.63 -25.63 -15.52
C LEU B 796 -38.29 -24.75 -16.70
N HIS B 797 -37.26 -25.14 -17.44
CA HIS B 797 -36.85 -24.48 -18.67
C HIS B 797 -36.79 -25.50 -19.79
N LEU B 798 -37.51 -25.21 -20.87
CA LEU B 798 -37.52 -26.07 -22.05
C LEU B 798 -37.22 -25.25 -23.29
N THR B 799 -36.16 -24.46 -23.23
CA THR B 799 -35.90 -23.46 -24.25
C THR B 799 -35.20 -24.08 -25.46
N HIS B 800 -35.53 -23.56 -26.64
CA HIS B 800 -34.82 -23.82 -27.90
C HIS B 800 -34.83 -25.31 -28.27
N LEU B 801 -36.03 -25.83 -28.52
CA LEU B 801 -36.21 -27.25 -28.76
C LEU B 801 -36.91 -27.44 -30.10
N SER B 802 -36.44 -28.40 -30.89
CA SER B 802 -37.02 -28.77 -32.16
C SER B 802 -37.33 -30.27 -32.17
N ASP B 803 -38.01 -30.69 -33.23
CA ASP B 803 -38.47 -32.07 -33.44
C ASP B 803 -39.35 -32.53 -32.27
N ILE B 804 -40.25 -31.63 -31.85
CA ILE B 804 -41.06 -31.85 -30.67
C ILE B 804 -42.54 -31.68 -31.00
N GLY B 805 -42.91 -32.00 -32.24
CA GLY B 805 -44.28 -31.93 -32.69
C GLY B 805 -45.21 -32.84 -31.91
N GLU B 806 -46.20 -32.22 -31.24
CA GLU B 806 -47.22 -32.84 -30.40
C GLU B 806 -46.65 -33.55 -29.17
N GLY B 807 -45.39 -33.30 -28.80
CA GLY B 807 -44.89 -33.78 -27.53
C GLY B 807 -45.31 -32.89 -26.38
N MET B 808 -45.70 -31.65 -26.68
CA MET B 808 -46.09 -30.71 -25.65
C MET B 808 -47.43 -31.06 -25.02
N ASP B 809 -48.25 -31.85 -25.72
CA ASP B 809 -49.46 -32.38 -25.11
C ASP B 809 -49.12 -33.35 -23.99
N TYR B 810 -48.08 -34.16 -24.19
CA TYR B 810 -47.62 -35.08 -23.16
C TYR B 810 -46.86 -34.35 -22.06
N ILE B 811 -46.14 -33.29 -22.40
CA ILE B 811 -45.37 -32.55 -21.41
C ILE B 811 -46.31 -31.76 -20.50
N VAL B 812 -47.16 -30.93 -21.11
CA VAL B 812 -48.14 -30.13 -20.35
C VAL B 812 -49.16 -31.04 -19.66
N LYS B 813 -49.49 -32.17 -20.30
CA LYS B 813 -50.33 -33.18 -19.65
C LYS B 813 -49.63 -33.76 -18.41
N SER B 814 -48.31 -33.93 -18.49
CA SER B 814 -47.56 -34.41 -17.34
C SER B 814 -47.45 -33.35 -16.25
N LEU B 815 -47.43 -32.07 -16.62
CA LEU B 815 -47.25 -31.02 -15.63
C LEU B 815 -48.54 -30.63 -14.94
N SER B 816 -49.67 -30.64 -15.65
CA SER B 816 -50.93 -30.14 -15.14
C SER B 816 -51.76 -31.20 -14.43
N GLU B 817 -51.13 -32.24 -13.89
CA GLU B 817 -51.84 -33.31 -13.22
C GLU B 817 -52.38 -32.92 -11.85
N GLU B 818 -51.50 -32.57 -10.92
CA GLU B 818 -51.91 -32.24 -9.56
C GLU B 818 -51.44 -30.81 -9.31
N SER B 819 -51.89 -30.23 -8.19
CA SER B 819 -51.38 -28.94 -7.78
C SER B 819 -49.94 -29.10 -7.33
N CYS B 820 -49.01 -28.90 -8.25
CA CYS B 820 -47.60 -29.17 -8.01
C CYS B 820 -46.94 -27.94 -7.39
N ASP B 821 -45.64 -28.05 -7.12
CA ASP B 821 -44.86 -26.95 -6.55
C ASP B 821 -44.26 -26.05 -7.63
N LEU B 822 -44.67 -26.23 -8.88
CA LEU B 822 -44.12 -25.46 -9.98
C LEU B 822 -44.47 -23.98 -9.85
N GLN B 823 -43.45 -23.13 -9.98
CA GLN B 823 -43.63 -21.70 -9.77
C GLN B 823 -43.03 -20.92 -10.93
N GLU B 824 -42.17 -21.56 -11.72
CA GLU B 824 -41.68 -20.98 -12.97
C GLU B 824 -41.79 -22.00 -14.08
N MET B 825 -42.48 -21.62 -15.15
CA MET B 825 -42.52 -22.47 -16.34
C MET B 825 -42.11 -21.62 -17.54
N LYS B 826 -40.94 -21.94 -18.11
CA LYS B 826 -40.36 -21.12 -19.17
C LYS B 826 -40.05 -21.96 -20.39
N LEU B 827 -40.73 -21.65 -21.49
CA LEU B 827 -40.62 -22.36 -22.76
C LEU B 827 -40.56 -21.33 -23.88
N VAL B 828 -39.43 -21.27 -24.59
CA VAL B 828 -39.31 -20.45 -25.79
C VAL B 828 -38.71 -21.30 -26.90
N ALA B 829 -38.99 -20.88 -28.14
CA ALA B 829 -38.51 -21.51 -29.38
C ALA B 829 -38.88 -23.00 -29.43
N CYS B 830 -40.09 -23.30 -28.99
CA CYS B 830 -40.58 -24.67 -28.92
C CYS B 830 -41.85 -24.78 -29.74
N CYS B 831 -42.03 -25.93 -30.38
CA CYS B 831 -43.14 -26.15 -31.30
C CYS B 831 -44.42 -26.37 -30.51
N LEU B 832 -45.00 -25.28 -29.99
CA LEU B 832 -46.29 -25.35 -29.31
C LEU B 832 -47.40 -25.44 -30.34
N THR B 833 -48.48 -26.07 -29.94
CA THR B 833 -49.68 -26.19 -30.76
C THR B 833 -50.85 -25.53 -30.04
N ALA B 834 -51.96 -25.40 -30.76
CA ALA B 834 -53.22 -25.05 -30.13
C ALA B 834 -53.77 -26.15 -29.23
N ASN B 835 -53.30 -27.38 -29.42
CA ASN B 835 -53.62 -28.46 -28.49
C ASN B 835 -52.86 -28.30 -27.18
N SER B 836 -51.61 -27.85 -27.25
CA SER B 836 -50.82 -27.64 -26.05
C SER B 836 -51.36 -26.50 -25.22
N VAL B 837 -51.62 -25.36 -25.86
CA VAL B 837 -52.23 -24.21 -25.19
C VAL B 837 -53.67 -24.54 -24.80
N LYS B 838 -54.31 -25.43 -25.57
CA LYS B 838 -55.69 -25.83 -25.29
C LYS B 838 -55.79 -26.62 -24.00
N VAL B 839 -55.07 -27.75 -23.92
CA VAL B 839 -55.09 -28.61 -22.74
C VAL B 839 -54.45 -27.89 -21.56
N LEU B 840 -53.48 -27.00 -21.82
CA LEU B 840 -52.99 -26.09 -20.80
C LEU B 840 -54.11 -25.20 -20.26
N ALA B 841 -54.99 -24.75 -21.15
CA ALA B 841 -56.18 -24.00 -20.78
C ALA B 841 -57.34 -24.89 -20.37
N GLN B 842 -57.12 -26.19 -20.24
CA GLN B 842 -58.12 -27.13 -19.74
C GLN B 842 -57.75 -27.74 -18.40
N ASN B 843 -56.47 -27.69 -18.03
CA ASN B 843 -56.00 -28.29 -16.79
C ASN B 843 -55.06 -27.34 -16.06
N LEU B 844 -55.00 -26.08 -16.50
CA LEU B 844 -54.21 -25.07 -15.81
C LEU B 844 -54.81 -24.70 -14.46
N HIS B 845 -56.11 -24.95 -14.26
CA HIS B 845 -56.78 -24.63 -13.01
C HIS B 845 -56.25 -25.44 -11.83
N ASN B 846 -55.70 -26.62 -12.10
CA ASN B 846 -55.12 -27.43 -11.04
C ASN B 846 -53.83 -26.83 -10.52
N LEU B 847 -53.00 -26.30 -11.42
CA LEU B 847 -51.74 -25.66 -11.05
C LEU B 847 -52.05 -24.31 -10.42
N ILE B 848 -51.48 -24.07 -9.24
CA ILE B 848 -51.86 -22.90 -8.46
C ILE B 848 -50.67 -21.95 -8.29
N LYS B 849 -49.53 -22.47 -7.82
CA LYS B 849 -48.40 -21.61 -7.49
C LYS B 849 -47.58 -21.18 -8.68
N LEU B 850 -47.99 -21.53 -9.91
CA LEU B 850 -47.23 -21.17 -11.10
C LEU B 850 -47.39 -19.69 -11.37
N SER B 851 -46.52 -18.89 -10.74
CA SER B 851 -46.63 -17.44 -10.78
C SER B 851 -45.81 -16.80 -11.88
N ILE B 852 -44.97 -17.57 -12.58
CA ILE B 852 -44.07 -17.03 -13.59
C ILE B 852 -44.21 -17.86 -14.86
N LEU B 853 -44.62 -17.19 -15.95
CA LEU B 853 -45.05 -17.84 -17.18
C LEU B 853 -44.32 -17.27 -18.38
N ASP B 854 -43.64 -18.14 -19.12
CA ASP B 854 -43.00 -17.80 -20.38
C ASP B 854 -43.45 -18.81 -21.42
N ILE B 855 -44.23 -18.35 -22.40
CA ILE B 855 -44.60 -19.18 -23.54
C ILE B 855 -44.27 -18.42 -24.81
N SER B 856 -43.42 -17.40 -24.68
CA SER B 856 -43.11 -16.51 -25.78
C SER B 856 -42.16 -17.16 -26.77
N GLU B 857 -41.78 -16.37 -27.79
CA GLU B 857 -40.92 -16.77 -28.90
C GLU B 857 -41.43 -18.01 -29.63
N ASN B 858 -42.76 -18.08 -29.79
CA ASN B 858 -43.40 -19.24 -30.39
C ASN B 858 -44.46 -18.77 -31.37
N TYR B 859 -45.11 -19.70 -32.05
CA TYR B 859 -46.16 -19.37 -33.00
C TYR B 859 -47.31 -20.35 -32.87
N LEU B 860 -48.53 -19.84 -32.95
CA LEU B 860 -49.72 -20.67 -32.98
C LEU B 860 -50.34 -20.60 -34.37
N GLU B 861 -50.59 -21.77 -34.96
CA GLU B 861 -51.07 -21.83 -36.33
C GLU B 861 -52.52 -21.39 -36.44
N LYS B 862 -53.43 -22.12 -35.80
CA LYS B 862 -54.85 -21.83 -35.82
C LYS B 862 -55.35 -21.72 -34.39
N ASP B 863 -56.41 -20.93 -34.21
CA ASP B 863 -57.11 -20.72 -32.94
C ASP B 863 -56.20 -20.17 -31.84
N GLY B 864 -55.11 -19.49 -32.21
CA GLY B 864 -54.34 -18.77 -31.23
C GLY B 864 -55.11 -17.63 -30.59
N ASN B 865 -55.99 -17.01 -31.35
CA ASN B 865 -57.01 -16.12 -30.78
C ASN B 865 -57.89 -16.88 -29.80
N GLU B 866 -58.40 -18.04 -30.20
CA GLU B 866 -59.38 -18.75 -29.38
C GLU B 866 -58.72 -19.40 -28.17
N ALA B 867 -57.62 -20.13 -28.37
CA ALA B 867 -56.93 -20.73 -27.25
C ALA B 867 -56.23 -19.69 -26.38
N LEU B 868 -55.92 -18.53 -26.97
CA LEU B 868 -55.39 -17.44 -26.16
C LEU B 868 -56.46 -16.85 -25.25
N GLN B 869 -57.65 -16.57 -25.79
CA GLN B 869 -58.71 -15.98 -24.99
C GLN B 869 -59.26 -16.97 -23.95
N GLU B 870 -59.34 -18.25 -24.32
CA GLU B 870 -59.68 -19.28 -23.34
C GLU B 870 -58.58 -19.44 -22.30
N LEU B 871 -57.32 -19.25 -22.73
CA LEU B 871 -56.19 -19.34 -21.82
C LEU B 871 -56.20 -18.23 -20.78
N ILE B 872 -56.41 -16.98 -21.22
CA ILE B 872 -56.45 -15.86 -20.30
C ILE B 872 -57.71 -15.90 -19.45
N GLY B 873 -58.81 -16.42 -20.02
CA GLY B 873 -60.01 -16.68 -19.22
C GLY B 873 -59.77 -17.72 -18.14
N ARG B 874 -58.87 -18.67 -18.38
CA ARG B 874 -58.37 -19.50 -17.29
C ARG B 874 -57.44 -18.73 -16.36
N LEU B 875 -56.67 -17.78 -16.90
CA LEU B 875 -55.72 -17.01 -16.09
C LEU B 875 -56.40 -16.06 -15.13
N GLY B 876 -57.68 -15.74 -15.34
CA GLY B 876 -58.42 -14.98 -14.36
C GLY B 876 -58.67 -15.72 -13.06
N VAL B 877 -58.57 -17.05 -13.08
CA VAL B 877 -58.76 -17.85 -11.87
C VAL B 877 -57.56 -17.71 -10.95
N LEU B 878 -56.38 -17.51 -11.52
CA LEU B 878 -55.14 -17.41 -10.75
C LEU B 878 -55.10 -16.15 -9.90
N GLY B 879 -54.24 -16.17 -8.89
CA GLY B 879 -54.08 -15.05 -7.99
C GLY B 879 -52.65 -14.80 -7.56
N GLU B 880 -51.70 -15.36 -8.30
CA GLU B 880 -50.28 -15.18 -7.99
C GLU B 880 -49.45 -14.77 -9.20
N LEU B 881 -50.03 -14.85 -10.41
CA LEU B 881 -49.28 -14.66 -11.64
C LEU B 881 -48.80 -13.23 -11.79
N THR B 882 -47.47 -13.06 -11.81
CA THR B 882 -46.85 -11.75 -11.97
C THR B 882 -45.94 -11.65 -13.18
N THR B 883 -45.67 -12.75 -13.87
CA THR B 883 -44.77 -12.76 -15.01
C THR B 883 -45.47 -13.40 -16.20
N LEU B 884 -45.61 -12.63 -17.28
CA LEU B 884 -46.27 -13.10 -18.49
C LEU B 884 -45.40 -12.78 -19.69
N MET B 885 -45.04 -13.82 -20.45
CA MET B 885 -44.26 -13.67 -21.67
C MET B 885 -45.02 -14.34 -22.80
N LEU B 886 -45.50 -13.52 -23.75
CA LEU B 886 -46.49 -13.99 -24.72
C LEU B 886 -45.98 -13.95 -26.15
N PRO B 887 -46.22 -15.03 -26.93
CA PRO B 887 -45.68 -15.14 -28.29
C PRO B 887 -46.53 -14.44 -29.34
N TRP B 888 -46.19 -14.68 -30.59
CA TRP B 888 -46.86 -14.06 -31.73
C TRP B 888 -47.66 -15.10 -32.50
N CYS B 889 -48.87 -14.74 -32.89
CA CYS B 889 -49.71 -15.55 -33.75
C CYS B 889 -50.59 -14.62 -34.58
N TRP B 890 -51.67 -15.15 -35.13
CA TRP B 890 -52.46 -14.44 -36.12
C TRP B 890 -53.78 -13.94 -35.54
N ASP B 891 -54.21 -12.75 -35.97
CA ASP B 891 -55.47 -12.10 -35.57
C ASP B 891 -55.53 -11.91 -34.04
N VAL B 892 -54.67 -11.03 -33.54
CA VAL B 892 -54.40 -11.01 -32.11
C VAL B 892 -54.95 -9.79 -31.40
N HIS B 893 -55.16 -8.68 -32.11
CA HIS B 893 -55.58 -7.46 -31.44
C HIS B 893 -57.08 -7.45 -31.17
N THR B 894 -57.77 -8.54 -31.48
CA THR B 894 -59.08 -8.79 -30.89
C THR B 894 -58.94 -9.48 -29.55
N SER B 895 -57.83 -10.21 -29.36
CA SER B 895 -57.51 -10.78 -28.05
C SER B 895 -56.85 -9.78 -27.13
N LEU B 896 -56.33 -8.67 -27.67
CA LEU B 896 -55.80 -7.61 -26.82
C LEU B 896 -56.84 -6.98 -25.86
N PRO B 897 -58.08 -6.65 -26.25
CA PRO B 897 -59.01 -6.09 -25.24
C PRO B 897 -59.49 -7.12 -24.22
N LYS B 898 -59.36 -8.41 -24.51
CA LYS B 898 -59.76 -9.40 -23.51
C LYS B 898 -58.60 -9.76 -22.59
N LEU B 899 -57.38 -9.73 -23.12
CA LEU B 899 -56.19 -9.76 -22.27
C LEU B 899 -56.17 -8.58 -21.32
N LEU B 900 -56.30 -7.37 -21.87
CA LEU B 900 -56.36 -6.17 -21.05
C LEU B 900 -57.63 -6.09 -20.22
N LYS B 901 -58.68 -6.80 -20.60
CA LYS B 901 -59.89 -6.84 -19.78
C LYS B 901 -59.71 -7.76 -18.57
N GLN B 902 -59.07 -8.91 -18.77
CA GLN B 902 -58.73 -9.74 -17.63
C GLN B 902 -57.65 -9.12 -16.76
N LEU B 903 -56.80 -8.25 -17.32
CA LEU B 903 -55.93 -7.43 -16.50
C LEU B 903 -56.63 -6.22 -15.90
N GLU B 904 -57.83 -5.87 -16.38
CA GLU B 904 -58.70 -5.02 -15.59
C GLU B 904 -59.31 -5.81 -14.45
N GLY B 905 -59.40 -7.13 -14.61
CA GLY B 905 -59.76 -8.00 -13.51
C GLY B 905 -58.56 -8.38 -12.65
N THR B 906 -57.35 -8.11 -13.13
CA THR B 906 -56.15 -8.49 -12.39
C THR B 906 -55.41 -7.26 -11.88
N PRO B 907 -55.46 -6.98 -10.58
CA PRO B 907 -54.79 -5.78 -10.05
C PRO B 907 -53.32 -5.97 -9.73
N GLY B 908 -52.69 -7.04 -10.24
CA GLY B 908 -51.28 -7.27 -9.96
C GLY B 908 -50.49 -7.87 -11.09
N LEU B 909 -49.37 -7.23 -11.46
CA LEU B 909 -48.48 -7.71 -12.50
C LEU B 909 -47.12 -7.05 -12.29
N ALA B 910 -46.05 -7.78 -12.60
CA ALA B 910 -44.71 -7.26 -12.41
C ALA B 910 -43.76 -7.48 -13.59
N LYS B 911 -44.02 -8.46 -14.45
CA LYS B 911 -43.15 -8.73 -15.58
C LYS B 911 -44.02 -8.91 -16.82
N LEU B 912 -43.83 -8.06 -17.83
CA LEU B 912 -44.64 -8.14 -19.03
C LEU B 912 -43.76 -8.15 -20.27
N GLY B 913 -43.87 -9.22 -21.05
CA GLY B 913 -43.18 -9.33 -22.32
C GLY B 913 -44.13 -9.72 -23.43
N LEU B 914 -44.16 -8.93 -24.49
CA LEU B 914 -45.16 -9.04 -25.55
C LEU B 914 -44.44 -9.04 -26.90
N LYS B 915 -44.40 -10.20 -27.56
CA LYS B 915 -43.57 -10.38 -28.74
C LYS B 915 -44.40 -10.33 -30.01
N ASN B 916 -44.13 -9.33 -30.86
CA ASN B 916 -44.55 -9.23 -32.26
C ASN B 916 -46.08 -9.28 -32.41
N TRP B 917 -46.72 -8.25 -31.89
CA TRP B 917 -48.17 -8.17 -31.88
C TRP B 917 -48.74 -7.29 -32.98
N ARG B 918 -47.88 -6.51 -33.67
CA ARG B 918 -48.24 -5.67 -34.81
C ARG B 918 -49.33 -4.67 -34.48
N LEU B 919 -49.26 -4.07 -33.29
CA LEU B 919 -50.34 -3.24 -32.79
C LEU B 919 -50.35 -1.87 -33.47
N ARG B 920 -51.44 -1.15 -33.26
CA ARG B 920 -51.69 0.15 -33.87
C ARG B 920 -52.08 1.13 -32.78
N ASP B 921 -52.62 2.28 -33.21
CA ASP B 921 -52.94 3.37 -32.29
C ASP B 921 -54.10 3.00 -31.37
N GLU B 922 -55.07 2.23 -31.88
CA GLU B 922 -56.26 1.89 -31.11
C GLU B 922 -55.92 0.96 -29.94
N GLU B 923 -54.97 0.05 -30.16
CA GLU B 923 -54.60 -0.86 -29.09
C GLU B 923 -53.73 -0.17 -28.06
N ILE B 924 -52.90 0.79 -28.50
CA ILE B 924 -52.03 1.46 -27.56
C ILE B 924 -52.80 2.52 -26.78
N LYS B 925 -53.94 2.99 -27.31
CA LYS B 925 -54.80 3.85 -26.51
C LYS B 925 -55.78 3.04 -25.66
N SER B 926 -56.05 1.79 -26.05
CA SER B 926 -56.73 0.88 -25.13
C SER B 926 -55.86 0.60 -23.92
N LEU B 927 -54.55 0.38 -24.15
CA LEU B 927 -53.59 0.33 -23.07
C LEU B 927 -53.50 1.67 -22.35
N GLY B 928 -53.74 2.76 -23.07
CA GLY B 928 -53.78 4.07 -22.45
C GLY B 928 -54.90 4.23 -21.44
N GLU B 929 -56.11 3.81 -21.80
CA GLU B 929 -57.20 3.84 -20.85
C GLU B 929 -57.00 2.80 -19.75
N PHE B 930 -56.27 1.72 -20.05
CA PHE B 930 -55.96 0.74 -19.03
C PHE B 930 -55.06 1.33 -17.93
N LEU B 931 -53.92 1.89 -18.32
CA LEU B 931 -53.01 2.45 -17.32
C LEU B 931 -53.53 3.74 -16.72
N GLU B 932 -54.41 4.45 -17.44
CA GLU B 932 -55.02 5.65 -16.88
C GLU B 932 -56.27 5.32 -16.07
N MET B 933 -56.68 4.05 -16.01
CA MET B 933 -57.73 3.67 -15.06
C MET B 933 -57.20 2.69 -14.01
N ASN B 934 -56.29 1.79 -14.41
CA ASN B 934 -55.67 0.87 -13.46
C ASN B 934 -54.22 1.27 -13.24
N PRO B 935 -53.89 1.84 -12.07
CA PRO B 935 -52.48 2.13 -11.77
C PRO B 935 -51.73 0.86 -11.41
N LEU B 936 -50.89 0.38 -12.33
CA LEU B 936 -50.08 -0.81 -12.12
C LEU B 936 -48.61 -0.43 -12.32
N ARG B 937 -47.91 -0.16 -11.23
CA ARG B 937 -46.51 0.23 -11.26
C ARG B 937 -45.65 -0.70 -10.38
N ASP B 938 -45.98 -1.99 -10.38
CA ASP B 938 -45.05 -3.01 -9.97
C ASP B 938 -44.28 -3.61 -11.14
N LEU B 939 -44.53 -3.12 -12.36
CA LEU B 939 -43.96 -3.74 -13.55
C LEU B 939 -42.52 -3.27 -13.71
N GLN B 940 -41.63 -4.22 -14.00
CA GLN B 940 -40.20 -3.92 -14.06
C GLN B 940 -39.55 -4.20 -15.40
N GLN B 941 -39.90 -5.27 -16.10
CA GLN B 941 -39.41 -5.45 -17.46
C GLN B 941 -40.59 -5.52 -18.41
N LEU B 942 -40.41 -4.93 -19.58
CA LEU B 942 -41.48 -4.82 -20.55
C LEU B 942 -40.92 -5.04 -21.95
N ASP B 943 -41.57 -5.90 -22.71
CA ASP B 943 -41.24 -6.06 -24.12
C ASP B 943 -42.43 -5.69 -24.96
N LEU B 944 -42.20 -4.88 -25.99
CA LEU B 944 -43.21 -4.57 -27.01
C LEU B 944 -42.53 -4.70 -28.35
N ALA B 945 -42.51 -5.92 -28.89
CA ALA B 945 -41.77 -6.21 -30.12
C ALA B 945 -42.68 -6.01 -31.33
N GLY B 946 -42.06 -5.60 -32.43
CA GLY B 946 -42.60 -5.65 -33.78
C GLY B 946 -44.01 -5.12 -34.04
N HIS B 947 -44.18 -3.82 -33.93
CA HIS B 947 -45.51 -3.23 -34.10
C HIS B 947 -45.39 -1.96 -34.94
N CYS B 948 -46.49 -1.62 -35.60
CA CYS B 948 -46.54 -0.55 -36.58
C CYS B 948 -47.42 0.60 -36.10
N VAL B 949 -47.25 0.96 -34.83
CA VAL B 949 -47.91 2.13 -34.27
C VAL B 949 -47.35 3.38 -34.94
N SER B 950 -48.24 4.26 -35.40
CA SER B 950 -47.84 5.49 -36.06
C SER B 950 -47.25 6.49 -35.07
N SER B 951 -46.62 7.54 -35.62
CA SER B 951 -45.84 8.51 -34.85
C SER B 951 -46.67 9.26 -33.83
N ASP B 952 -47.92 9.58 -34.13
CA ASP B 952 -48.77 10.22 -33.14
C ASP B 952 -49.18 9.23 -32.04
N GLY B 953 -49.29 7.95 -32.39
CA GLY B 953 -49.46 6.94 -31.36
C GLY B 953 -48.19 6.66 -30.60
N TRP B 954 -47.04 7.02 -31.17
CA TRP B 954 -45.80 7.00 -30.38
C TRP B 954 -45.78 8.18 -29.41
N LEU B 955 -46.31 9.32 -29.83
CA LEU B 955 -46.35 10.49 -28.95
C LEU B 955 -47.34 10.29 -27.82
N TYR B 956 -48.55 9.84 -28.14
CA TYR B 956 -49.51 9.44 -27.12
C TYR B 956 -49.00 8.25 -26.33
N PHE B 957 -48.18 7.39 -26.94
CA PHE B 957 -47.48 6.36 -26.20
C PHE B 957 -46.44 6.95 -25.25
N MET B 958 -45.95 8.15 -25.51
CA MET B 958 -45.15 8.83 -24.50
C MET B 958 -46.00 9.55 -23.47
N ASN B 959 -47.29 9.74 -23.75
CA ASN B 959 -48.19 10.15 -22.67
C ASN B 959 -48.50 8.97 -21.75
N VAL B 960 -48.72 7.80 -22.33
CA VAL B 960 -49.00 6.60 -21.54
C VAL B 960 -47.76 6.16 -20.78
N PHE B 961 -46.61 6.20 -21.44
CA PHE B 961 -45.34 5.91 -20.79
C PHE B 961 -44.96 7.04 -19.83
N GLU B 962 -45.44 8.25 -20.10
CA GLU B 962 -45.29 9.36 -19.16
C GLU B 962 -46.06 9.09 -17.88
N ASN B 963 -47.20 8.40 -17.98
CA ASN B 963 -47.96 8.03 -16.79
C ASN B 963 -47.20 7.04 -15.90
N LEU B 964 -46.39 6.16 -16.49
CA LEU B 964 -45.64 5.16 -15.76
C LEU B 964 -44.54 5.81 -14.92
N LYS B 965 -44.12 5.10 -13.87
CA LYS B 965 -43.05 5.58 -13.01
C LYS B 965 -42.01 4.52 -12.66
N GLN B 966 -42.34 3.23 -12.76
CA GLN B 966 -41.50 2.21 -12.14
C GLN B 966 -40.95 1.17 -13.12
N LEU B 967 -40.94 1.47 -14.41
CA LEU B 967 -40.37 0.51 -15.37
C LEU B 967 -38.86 0.55 -15.32
N VAL B 968 -38.24 -0.62 -15.29
CA VAL B 968 -36.81 -0.75 -15.05
C VAL B 968 -36.06 -1.18 -16.31
N PHE B 969 -36.41 -2.33 -16.87
CA PHE B 969 -35.74 -2.91 -18.03
C PHE B 969 -36.77 -3.09 -19.13
N PHE B 970 -36.50 -2.54 -20.32
CA PHE B 970 -37.52 -2.69 -21.34
C PHE B 970 -36.94 -2.66 -22.75
N ASP B 971 -37.82 -2.98 -23.70
CA ASP B 971 -37.47 -3.20 -25.10
C ASP B 971 -38.65 -2.73 -25.93
N PHE B 972 -38.46 -1.64 -26.67
CA PHE B 972 -39.47 -1.11 -27.58
C PHE B 972 -39.01 -1.23 -29.03
N SER B 973 -38.36 -2.34 -29.36
CA SER B 973 -37.87 -2.53 -30.71
C SER B 973 -39.02 -2.91 -31.65
N THR B 974 -38.93 -2.45 -32.88
CA THR B 974 -39.94 -2.72 -33.89
C THR B 974 -39.25 -2.74 -35.25
N GLU B 975 -40.04 -2.61 -36.32
CA GLU B 975 -39.51 -2.55 -37.67
C GLU B 975 -38.79 -1.21 -37.90
N GLU B 976 -38.22 -1.06 -39.09
CA GLU B 976 -37.36 0.09 -39.42
C GLU B 976 -38.24 1.33 -39.51
N PHE B 977 -38.31 2.04 -38.39
CA PHE B 977 -39.21 3.17 -38.21
C PHE B 977 -38.38 4.43 -38.04
N LEU B 978 -38.69 5.46 -38.81
CA LEU B 978 -38.12 6.77 -38.59
C LEU B 978 -38.96 7.53 -37.57
N PRO B 979 -38.43 7.83 -36.40
CA PRO B 979 -39.20 8.58 -35.40
C PRO B 979 -39.23 10.06 -35.76
N ASP B 980 -40.15 10.77 -35.13
CA ASP B 980 -40.19 12.22 -35.22
C ASP B 980 -39.47 12.82 -34.02
N ALA B 981 -39.09 14.10 -34.17
CA ALA B 981 -38.30 14.75 -33.12
C ALA B 981 -39.13 15.03 -31.89
N ALA B 982 -40.46 15.07 -32.03
CA ALA B 982 -41.33 15.13 -30.86
C ALA B 982 -41.27 13.86 -30.05
N LEU B 983 -41.22 12.71 -30.73
CA LEU B 983 -41.01 11.44 -30.05
C LEU B 983 -39.63 11.39 -29.39
N VAL B 984 -38.62 11.95 -30.05
CA VAL B 984 -37.27 11.97 -29.51
C VAL B 984 -37.21 12.84 -28.26
N ARG B 985 -37.89 13.98 -28.29
CA ARG B 985 -37.78 14.92 -27.18
C ARG B 985 -38.64 14.50 -26.00
N LYS B 986 -39.79 13.87 -26.27
CA LYS B 986 -40.52 13.25 -25.17
C LYS B 986 -39.79 12.05 -24.62
N LEU B 987 -39.00 11.39 -25.46
CA LEU B 987 -38.19 10.27 -24.99
C LEU B 987 -37.07 10.77 -24.08
N SER B 988 -36.49 11.93 -24.41
CA SER B 988 -35.46 12.49 -23.54
C SER B 988 -36.06 13.04 -22.26
N GLN B 989 -37.26 13.63 -22.33
CA GLN B 989 -37.87 14.21 -21.14
C GLN B 989 -38.36 13.13 -20.19
N VAL B 990 -39.03 12.10 -20.70
CA VAL B 990 -39.62 11.11 -19.82
C VAL B 990 -38.59 10.05 -19.43
N LEU B 991 -37.71 9.66 -20.36
CA LEU B 991 -36.63 8.75 -20.01
C LEU B 991 -35.61 9.41 -19.09
N SER B 992 -35.37 10.71 -19.28
CA SER B 992 -34.61 11.45 -18.29
C SER B 992 -35.40 11.62 -16.99
N LYS B 993 -36.73 11.60 -17.08
CA LYS B 993 -37.57 11.84 -15.91
C LYS B 993 -37.64 10.62 -15.00
N LEU B 994 -37.75 9.43 -15.57
CA LEU B 994 -37.88 8.25 -14.74
C LEU B 994 -36.53 7.84 -14.16
N THR B 995 -36.59 7.04 -13.11
CA THR B 995 -35.45 6.83 -12.23
C THR B 995 -34.74 5.50 -12.45
N LEU B 996 -35.48 4.42 -12.67
CA LEU B 996 -34.93 3.07 -12.60
C LEU B 996 -34.44 2.56 -13.95
N LEU B 997 -33.98 3.44 -14.82
CA LEU B 997 -33.53 3.03 -16.16
C LEU B 997 -32.23 2.25 -16.05
N GLN B 998 -32.33 0.93 -16.12
CA GLN B 998 -31.15 0.08 -16.18
C GLN B 998 -30.75 -0.24 -17.62
N GLU B 999 -31.66 -0.81 -18.41
CA GLU B 999 -31.31 -1.13 -19.78
C GLU B 999 -32.52 -1.02 -20.70
N VAL B 1000 -32.30 -0.32 -21.80
CA VAL B 1000 -33.31 0.04 -22.78
C VAL B 1000 -32.87 -0.50 -24.13
N LYS B 1001 -33.77 -1.21 -24.81
CA LYS B 1001 -33.45 -1.77 -26.12
C LYS B 1001 -34.39 -1.20 -27.17
N LEU B 1002 -33.82 -0.55 -28.19
CA LEU B 1002 -34.56 -0.12 -29.37
C LEU B 1002 -33.75 -0.51 -30.60
N THR B 1003 -34.23 -1.54 -31.31
CA THR B 1003 -33.57 -2.06 -32.49
C THR B 1003 -34.47 -1.85 -33.70
N GLY B 1004 -33.88 -1.37 -34.79
CA GLY B 1004 -34.63 -1.02 -35.98
C GLY B 1004 -35.03 0.43 -36.02
N TRP B 1005 -34.08 1.34 -35.80
CA TRP B 1005 -34.40 2.74 -35.59
C TRP B 1005 -33.36 3.62 -36.28
N GLU B 1006 -33.68 4.91 -36.38
CA GLU B 1006 -32.79 5.88 -37.01
C GLU B 1006 -32.60 7.06 -36.07
N PHE B 1007 -31.40 7.14 -35.47
CA PHE B 1007 -31.01 8.25 -34.63
C PHE B 1007 -29.58 8.59 -35.04
N ASP B 1008 -29.38 9.72 -35.72
CA ASP B 1008 -28.16 9.87 -36.52
C ASP B 1008 -27.03 10.56 -35.77
N ASP B 1009 -27.19 11.84 -35.44
CA ASP B 1009 -26.17 12.50 -34.64
C ASP B 1009 -26.74 13.18 -33.41
N TYR B 1010 -27.69 14.09 -33.63
CA TYR B 1010 -28.22 14.91 -32.54
C TYR B 1010 -29.20 14.12 -31.69
N ASP B 1011 -30.07 13.35 -32.34
CA ASP B 1011 -31.04 12.53 -31.63
C ASP B 1011 -30.36 11.42 -30.83
N ILE B 1012 -29.36 10.74 -31.40
CA ILE B 1012 -28.64 9.73 -30.66
C ILE B 1012 -27.74 10.36 -29.58
N SER B 1013 -27.27 11.58 -29.78
CA SER B 1013 -26.39 12.19 -28.79
C SER B 1013 -27.18 13.04 -27.79
N ALA B 1014 -28.50 13.03 -27.89
CA ALA B 1014 -29.31 13.87 -27.00
C ALA B 1014 -30.13 13.06 -26.01
N ILE B 1015 -29.81 11.80 -25.76
CA ILE B 1015 -30.63 10.98 -24.88
C ILE B 1015 -29.89 10.54 -23.62
N LYS B 1016 -28.58 10.25 -23.74
CA LYS B 1016 -27.85 9.31 -22.88
C LYS B 1016 -27.91 9.68 -21.40
N GLY B 1017 -28.17 8.66 -20.59
CA GLY B 1017 -28.29 8.83 -19.15
C GLY B 1017 -27.87 7.60 -18.38
N THR B 1018 -28.66 7.21 -17.38
CA THR B 1018 -28.33 6.11 -16.48
C THR B 1018 -28.68 4.74 -17.06
N PHE B 1019 -29.26 4.69 -18.25
CA PHE B 1019 -29.68 3.44 -18.85
C PHE B 1019 -28.51 2.81 -19.62
N LYS B 1020 -28.78 1.68 -20.26
CA LYS B 1020 -27.85 1.06 -21.19
C LYS B 1020 -28.58 0.88 -22.52
N LEU B 1021 -28.13 1.59 -23.54
CA LEU B 1021 -28.82 1.56 -24.82
C LEU B 1021 -28.43 0.31 -25.58
N VAL B 1022 -29.40 -0.25 -26.31
CA VAL B 1022 -29.15 -1.33 -27.26
C VAL B 1022 -29.75 -0.90 -28.60
N THR B 1023 -28.92 -0.85 -29.63
CA THR B 1023 -29.38 -0.49 -30.98
C THR B 1023 -30.16 -1.62 -31.60
N GLU C 95 43.11 55.39 -18.79
CA GLU C 95 41.95 54.87 -19.50
C GLU C 95 41.77 53.40 -19.11
N GLU C 96 42.84 52.81 -18.59
CA GLU C 96 42.86 51.39 -18.22
C GLU C 96 41.87 51.09 -17.11
N ASP C 97 41.66 52.04 -16.19
CA ASP C 97 40.59 51.92 -15.21
C ASP C 97 39.23 51.82 -15.88
N LEU C 98 38.96 52.71 -16.85
CA LEU C 98 37.71 52.67 -17.59
C LEU C 98 37.64 51.45 -18.49
N ASN C 99 38.78 50.98 -18.98
CA ASN C 99 38.78 49.82 -19.87
C ASN C 99 38.45 48.55 -19.11
N VAL C 100 39.03 48.39 -17.92
CA VAL C 100 38.78 47.18 -17.14
C VAL C 100 37.41 47.23 -16.48
N LEU C 101 37.13 48.32 -15.76
CA LEU C 101 35.85 48.43 -15.05
C LEU C 101 34.68 48.53 -16.01
N ALA C 102 34.81 49.39 -17.03
CA ALA C 102 33.76 49.48 -18.04
C ALA C 102 33.70 48.22 -18.89
N GLN C 103 34.80 47.48 -19.00
CA GLN C 103 34.75 46.18 -19.68
C GLN C 103 33.89 45.19 -18.90
N ASN C 104 34.13 45.09 -17.59
CA ASN C 104 33.33 44.18 -16.76
C ASN C 104 31.91 44.66 -16.57
N LEU C 105 31.63 45.94 -16.81
CA LEU C 105 30.24 46.39 -16.78
C LEU C 105 29.55 46.19 -18.12
N LYS C 106 30.31 46.27 -19.23
CA LYS C 106 29.78 45.88 -20.53
C LYS C 106 29.44 44.39 -20.56
N ASP C 107 30.26 43.57 -19.88
CA ASP C 107 30.00 42.15 -19.85
C ASP C 107 29.22 41.72 -18.62
N LEU C 108 28.91 42.66 -17.72
CA LEU C 108 28.25 42.30 -16.47
C LEU C 108 26.74 42.28 -16.61
N TYR C 109 26.22 42.97 -17.61
CA TYR C 109 24.80 43.25 -17.68
C TYR C 109 24.01 42.21 -18.46
N ASN C 110 24.47 40.97 -18.48
CA ASN C 110 23.67 39.85 -18.94
C ASN C 110 23.32 38.91 -17.80
N SER C 111 23.19 39.42 -16.59
CA SER C 111 22.98 38.57 -15.43
C SER C 111 21.53 38.08 -15.41
N PRO C 112 21.30 36.84 -14.96
CA PRO C 112 19.91 36.34 -14.90
C PRO C 112 19.05 37.07 -13.89
N ALA C 113 19.64 37.60 -12.82
CA ALA C 113 18.90 38.49 -11.95
C ALA C 113 18.66 39.83 -12.62
N PHE C 114 19.59 40.27 -13.47
CA PHE C 114 19.42 41.49 -14.23
C PHE C 114 18.43 41.29 -15.38
N LEU C 115 18.24 40.06 -15.82
CA LEU C 115 17.35 39.76 -16.93
C LEU C 115 16.00 39.19 -16.51
N ASN C 116 15.83 38.83 -15.24
CA ASN C 116 14.58 38.24 -14.78
C ASN C 116 14.19 38.84 -13.45
N PHE C 117 12.89 39.01 -13.25
CA PHE C 117 12.35 39.45 -11.97
C PHE C 117 10.95 38.89 -11.82
N TYR C 118 10.23 39.37 -10.80
CA TYR C 118 8.84 39.00 -10.61
C TYR C 118 7.94 40.08 -11.17
N PRO C 119 7.24 39.85 -12.28
CA PRO C 119 6.42 40.92 -12.89
C PRO C 119 5.22 41.36 -12.06
N LEU C 120 4.91 40.71 -10.95
CA LEU C 120 3.93 41.23 -10.00
C LEU C 120 4.58 41.54 -8.66
N GLY C 121 5.76 42.16 -8.71
CA GLY C 121 6.40 42.67 -7.52
C GLY C 121 7.49 41.80 -6.96
N GLU C 122 7.26 41.24 -5.78
CA GLU C 122 8.26 40.43 -5.10
C GLU C 122 7.68 39.22 -4.39
N ASP C 123 6.38 38.96 -4.51
CA ASP C 123 5.76 37.99 -3.61
C ASP C 123 5.63 36.62 -4.26
N ILE C 124 5.42 36.56 -5.57
CA ILE C 124 5.02 35.34 -6.25
C ILE C 124 6.05 35.00 -7.31
N ASP C 125 6.42 33.72 -7.41
CA ASP C 125 7.36 33.22 -8.40
C ASP C 125 6.77 33.27 -9.80
N ILE C 126 7.12 34.31 -10.57
CA ILE C 126 6.50 34.56 -11.87
C ILE C 126 7.58 34.74 -12.92
N ILE C 127 7.35 34.17 -14.10
CA ILE C 127 8.27 34.17 -15.22
C ILE C 127 8.48 35.60 -15.72
N PHE C 128 9.74 35.99 -15.88
CA PHE C 128 10.10 37.11 -16.72
C PHE C 128 11.28 36.72 -17.60
N ASN C 129 11.34 37.27 -18.82
CA ASN C 129 12.45 37.08 -19.73
C ASN C 129 12.49 38.20 -20.74
N LEU C 130 13.55 39.01 -20.69
CA LEU C 130 13.80 40.03 -21.71
C LEU C 130 13.93 39.47 -23.11
N GLU C 131 14.39 38.23 -23.25
CA GLU C 131 14.39 37.53 -24.53
C GLU C 131 12.97 37.24 -25.01
N LYS C 132 12.05 36.95 -24.09
CA LYS C 132 10.72 36.51 -24.51
C LYS C 132 9.60 37.49 -24.14
N THR C 133 9.49 37.86 -22.87
CA THR C 133 8.40 38.71 -22.38
C THR C 133 8.41 40.10 -22.99
N PHE C 134 9.58 40.62 -23.36
CA PHE C 134 9.68 41.94 -23.96
C PHE C 134 9.06 41.96 -25.35
N THR C 135 8.14 42.90 -25.56
CA THR C 135 7.63 43.24 -26.87
C THR C 135 7.99 44.69 -27.16
N GLU C 136 7.44 45.24 -28.23
CA GLU C 136 7.69 46.64 -28.54
C GLU C 136 6.49 47.49 -28.18
N PRO C 137 6.53 48.27 -27.10
CA PRO C 137 5.38 49.10 -26.73
C PRO C 137 5.34 50.39 -27.53
N ILE C 138 4.19 51.04 -27.58
CA ILE C 138 4.05 52.29 -28.29
C ILE C 138 4.38 53.42 -27.33
N MET C 139 4.85 54.53 -27.89
CA MET C 139 5.25 55.70 -27.12
C MET C 139 4.73 56.94 -27.84
N TRP C 140 4.78 58.06 -27.14
CA TRP C 140 4.35 59.33 -27.72
C TRP C 140 5.29 60.43 -27.28
N LYS C 141 5.89 61.12 -28.26
CA LYS C 141 6.65 62.32 -27.98
C LYS C 141 5.71 63.43 -27.50
N LYS C 142 5.99 63.95 -26.32
CA LYS C 142 5.13 64.95 -25.71
C LYS C 142 5.54 66.34 -26.16
N ASP C 143 4.86 67.34 -25.62
CA ASP C 143 5.09 68.73 -25.98
C ASP C 143 4.59 69.58 -24.80
N HIS C 144 4.70 70.90 -24.93
CA HIS C 144 4.19 71.78 -23.89
C HIS C 144 2.67 71.74 -23.80
N ARG C 145 1.99 71.43 -24.91
CA ARG C 145 0.55 71.27 -24.91
C ARG C 145 0.14 69.88 -24.44
N HIS C 146 1.11 69.08 -23.95
CA HIS C 146 0.94 67.66 -23.61
C HIS C 146 0.36 66.88 -24.78
N HIS C 147 0.86 67.15 -25.97
CA HIS C 147 0.31 66.53 -27.17
C HIS C 147 1.11 65.30 -27.55
N ARG C 148 0.39 64.27 -27.96
CA ARG C 148 1.03 63.06 -28.49
C ARG C 148 1.52 63.35 -29.90
N VAL C 149 2.73 63.91 -30.00
CA VAL C 149 3.22 64.40 -31.28
C VAL C 149 3.66 63.25 -32.18
N GLU C 150 4.67 62.50 -31.74
CA GLU C 150 5.25 61.45 -32.56
C GLU C 150 5.19 60.14 -31.82
N GLN C 151 4.63 59.11 -32.48
CA GLN C 151 4.51 57.79 -31.86
C GLN C 151 5.88 57.15 -31.81
N LEU C 152 6.58 57.34 -30.71
CA LEU C 152 7.95 56.89 -30.58
C LEU C 152 8.00 55.41 -30.26
N THR C 153 8.89 54.69 -30.95
CA THR C 153 9.23 53.34 -30.56
C THR C 153 10.42 53.41 -29.61
N LEU C 154 11.03 52.27 -29.31
CA LEU C 154 12.22 52.25 -28.46
C LEU C 154 13.42 52.83 -29.20
N GLY C 155 13.69 52.30 -30.39
CA GLY C 155 14.82 52.78 -31.17
C GLY C 155 14.66 54.21 -31.65
N SER C 156 13.43 54.61 -31.97
CA SER C 156 13.18 56.00 -32.34
C SER C 156 13.36 56.93 -31.14
N LEU C 157 13.11 56.43 -29.94
CA LEU C 157 13.44 57.20 -28.75
C LEU C 157 14.95 57.27 -28.56
N LEU C 158 15.66 56.21 -28.94
CA LEU C 158 17.12 56.24 -28.89
C LEU C 158 17.69 57.18 -29.95
N GLU C 159 17.02 57.28 -31.09
CA GLU C 159 17.45 58.17 -32.16
C GLU C 159 17.14 59.64 -31.88
N ALA C 160 16.32 59.92 -30.89
CA ALA C 160 15.86 61.28 -30.58
C ALA C 160 16.32 61.70 -29.20
N LEU C 161 17.60 61.46 -28.92
CA LEU C 161 18.16 61.63 -27.59
C LEU C 161 18.25 63.10 -27.18
N LYS C 162 17.61 63.44 -26.08
CA LYS C 162 17.70 64.77 -25.46
C LYS C 162 17.84 64.57 -23.96
N SER C 163 19.06 64.74 -23.46
CA SER C 163 19.25 64.67 -22.02
C SER C 163 18.80 65.98 -21.38
N PRO C 164 18.07 65.92 -20.25
CA PRO C 164 17.55 64.77 -19.52
C PRO C 164 16.34 64.13 -20.17
N CYS C 165 16.40 62.82 -20.40
CA CYS C 165 15.32 62.11 -21.05
C CYS C 165 14.23 61.79 -20.02
N LEU C 166 13.09 62.47 -20.12
CA LEU C 166 11.99 62.26 -19.20
C LEU C 166 10.99 61.30 -19.83
N ILE C 167 10.80 60.14 -19.18
CA ILE C 167 9.88 59.12 -19.65
C ILE C 167 8.83 58.89 -18.56
N GLU C 168 7.55 59.01 -18.94
CA GLU C 168 6.48 58.75 -17.99
C GLU C 168 5.46 57.82 -18.62
N GLY C 169 4.65 57.21 -17.75
CA GLY C 169 3.65 56.26 -18.19
C GLY C 169 2.57 56.02 -17.17
N GLU C 170 2.00 54.82 -17.19
CA GLU C 170 0.83 54.49 -16.38
C GLU C 170 1.28 53.90 -15.05
N SER C 171 0.32 53.36 -14.30
CA SER C 171 0.58 52.85 -12.96
C SER C 171 0.90 51.36 -12.99
N GLY C 172 1.89 50.97 -12.19
CA GLY C 172 2.24 49.56 -12.05
C GLY C 172 2.82 48.94 -13.28
N LYS C 173 3.48 49.72 -14.13
CA LYS C 173 3.94 49.20 -15.41
C LYS C 173 5.18 48.34 -15.27
N GLY C 174 6.16 48.78 -14.49
CA GLY C 174 7.43 48.08 -14.44
C GLY C 174 8.18 48.26 -15.73
N LYS C 175 8.59 49.50 -16.01
CA LYS C 175 9.34 49.84 -17.21
C LYS C 175 10.83 49.54 -17.08
N SER C 176 11.23 48.85 -16.00
CA SER C 176 12.56 48.26 -15.93
C SER C 176 12.72 47.14 -16.95
N THR C 177 11.62 46.59 -17.46
CA THR C 177 11.65 45.80 -18.69
C THR C 177 12.26 46.61 -19.83
N LEU C 178 11.81 47.85 -19.99
CA LEU C 178 12.32 48.71 -21.06
C LEU C 178 13.75 49.11 -20.79
N LEU C 179 14.05 49.54 -19.57
CA LEU C 179 15.37 50.08 -19.27
C LEU C 179 16.43 48.98 -19.22
N GLN C 180 16.12 47.86 -18.59
CA GLN C 180 17.01 46.71 -18.62
C GLN C 180 17.09 46.06 -19.99
N ARG C 181 16.07 46.25 -20.84
CA ARG C 181 16.22 45.87 -22.25
C ARG C 181 17.24 46.77 -22.93
N ILE C 182 17.24 48.07 -22.60
CA ILE C 182 18.20 49.00 -23.19
C ILE C 182 19.61 48.67 -22.75
N ALA C 183 19.83 48.49 -21.44
CA ALA C 183 21.16 48.15 -20.95
C ALA C 183 21.59 46.75 -21.35
N MET C 184 20.63 45.84 -21.51
CA MET C 184 20.95 44.47 -21.91
C MET C 184 21.36 44.42 -23.37
N LEU C 185 20.65 45.13 -24.23
CA LEU C 185 21.06 45.22 -25.62
C LEU C 185 22.31 46.06 -25.78
N TRP C 186 22.60 46.93 -24.82
CA TRP C 186 23.91 47.57 -24.76
C TRP C 186 24.98 46.55 -24.40
N ALA C 187 24.64 45.56 -23.58
CA ALA C 187 25.57 44.48 -23.30
C ALA C 187 25.57 43.43 -24.39
N SER C 188 24.66 43.53 -25.36
CA SER C 188 24.53 42.55 -26.43
C SER C 188 24.71 43.15 -27.81
N GLY C 189 24.95 44.45 -27.91
CA GLY C 189 25.08 45.08 -29.22
C GLY C 189 23.74 45.33 -29.87
N GLY C 190 22.91 46.17 -29.24
CA GLY C 190 21.57 46.39 -29.75
C GLY C 190 21.49 47.36 -30.91
N CYS C 191 21.93 48.59 -30.72
CA CYS C 191 21.84 49.62 -31.75
C CYS C 191 23.20 50.30 -31.90
N ARG C 192 23.35 51.01 -33.02
CA ARG C 192 24.56 51.79 -33.23
C ARG C 192 24.63 52.97 -32.28
N ALA C 193 23.50 53.63 -32.05
CA ALA C 193 23.44 54.71 -31.07
C ALA C 193 23.70 54.18 -29.66
N LEU C 194 23.26 52.96 -29.38
CA LEU C 194 23.63 52.29 -28.14
C LEU C 194 25.11 51.94 -28.12
N LYS C 195 25.67 51.59 -29.29
CA LYS C 195 27.08 51.24 -29.37
C LYS C 195 27.97 52.46 -29.12
N GLY C 196 27.49 53.65 -29.46
CA GLY C 196 28.25 54.88 -29.25
C GLY C 196 28.45 55.27 -27.80
N PHE C 197 27.71 54.65 -26.88
CA PHE C 197 27.87 54.91 -25.46
C PHE C 197 29.06 54.15 -24.90
N ARG C 198 29.47 54.57 -23.72
CA ARG C 198 30.48 53.88 -22.92
C ARG C 198 30.00 53.61 -21.50
N LEU C 199 29.23 54.52 -20.92
CA LEU C 199 28.73 54.37 -19.56
C LEU C 199 27.22 54.26 -19.59
N VAL C 200 26.71 53.12 -19.11
CA VAL C 200 25.29 52.88 -18.96
C VAL C 200 25.06 52.36 -17.54
N PHE C 201 24.23 53.06 -16.78
CA PHE C 201 23.90 52.62 -15.44
C PHE C 201 22.39 52.45 -15.31
N PHE C 202 21.98 51.93 -14.16
CA PHE C 202 20.57 51.71 -13.85
C PHE C 202 20.44 51.50 -12.36
N ILE C 203 19.52 52.24 -11.73
CA ILE C 203 19.27 52.09 -10.30
C ILE C 203 17.78 52.13 -10.02
N HIS C 204 17.40 51.35 -9.01
CA HIS C 204 16.11 51.46 -8.36
C HIS C 204 16.13 52.67 -7.43
N LEU C 205 15.41 53.72 -7.80
CA LEU C 205 15.30 54.88 -6.93
C LEU C 205 14.45 54.59 -5.70
N ARG C 206 13.66 53.51 -5.74
CA ARG C 206 12.86 53.11 -4.59
C ARG C 206 13.70 52.51 -3.46
N SER C 207 14.95 52.14 -3.73
CA SER C 207 15.81 51.55 -2.72
C SER C 207 17.21 52.12 -2.73
N ALA C 208 17.46 53.17 -3.50
CA ALA C 208 18.78 53.81 -3.56
C ALA C 208 19.04 54.58 -2.28
N ARG C 209 20.23 54.42 -1.71
CA ARG C 209 20.57 55.09 -0.46
C ARG C 209 22.09 55.23 -0.38
N GLY C 210 22.52 56.18 0.44
CA GLY C 210 23.94 56.48 0.55
C GLY C 210 24.39 57.38 -0.59
N GLY C 211 25.67 57.74 -0.56
CA GLY C 211 26.26 58.54 -1.61
C GLY C 211 26.31 57.81 -2.94
N LEU C 212 26.53 58.60 -4.01
CA LEU C 212 26.41 58.08 -5.37
C LEU C 212 27.46 57.02 -5.67
N PHE C 213 28.71 57.29 -5.28
CA PHE C 213 29.75 56.27 -5.31
C PHE C 213 29.40 55.07 -4.45
N GLU C 214 28.77 55.31 -3.30
CA GLU C 214 28.41 54.22 -2.41
C GLU C 214 27.15 53.51 -2.87
N THR C 215 26.18 54.25 -3.42
CA THR C 215 24.95 53.62 -3.90
C THR C 215 25.20 52.79 -5.15
N LEU C 216 26.05 53.28 -6.06
CA LEU C 216 26.49 52.45 -7.17
C LEU C 216 27.41 51.34 -6.68
N TYR C 217 28.09 51.56 -5.56
CA TYR C 217 28.84 50.48 -4.94
C TYR C 217 27.93 49.50 -4.21
N ASP C 218 26.69 49.91 -3.87
CA ASP C 218 25.76 49.01 -3.19
C ASP C 218 25.23 47.91 -4.10
N GLN C 219 25.30 48.08 -5.42
CA GLN C 219 24.79 47.09 -6.35
C GLN C 219 25.81 46.65 -7.39
N LEU C 220 27.07 47.04 -7.24
CA LEU C 220 28.15 46.53 -8.07
C LEU C 220 29.23 45.83 -7.26
N LEU C 221 29.68 46.44 -6.16
CA LEU C 221 30.57 45.87 -5.15
C LEU C 221 31.96 45.52 -5.68
N ASN C 222 32.30 45.95 -6.89
CA ASN C 222 33.54 45.55 -7.55
C ASN C 222 34.43 46.77 -7.74
N ILE C 223 34.43 47.66 -6.77
CA ILE C 223 35.24 48.87 -6.86
C ILE C 223 36.38 48.78 -5.84
N PRO C 224 37.63 48.59 -6.29
CA PRO C 224 38.75 48.57 -5.34
C PRO C 224 39.07 49.96 -4.80
N ASP C 225 40.06 49.98 -3.90
CA ASP C 225 40.55 51.24 -3.36
C ASP C 225 41.29 52.06 -4.41
N PHE C 226 41.84 51.40 -5.43
CA PHE C 226 42.60 52.04 -6.50
C PHE C 226 41.74 52.97 -7.36
N ILE C 227 40.42 52.78 -7.37
CA ILE C 227 39.50 53.70 -8.01
C ILE C 227 38.81 54.48 -6.90
N SER C 228 39.28 55.70 -6.65
CA SER C 228 38.79 56.50 -5.55
C SER C 228 37.52 57.25 -5.94
N LYS C 229 36.88 57.84 -4.93
CA LYS C 229 35.68 58.63 -5.17
C LYS C 229 35.91 59.93 -5.93
N PRO C 230 37.00 60.70 -5.72
CA PRO C 230 37.28 61.78 -6.70
C PRO C 230 37.67 61.27 -8.06
N THR C 231 38.29 60.09 -8.15
CA THR C 231 38.51 59.47 -9.45
C THR C 231 37.17 59.05 -10.07
N PHE C 232 36.23 58.64 -9.22
CA PHE C 232 34.90 58.24 -9.69
C PHE C 232 34.11 59.42 -10.24
N LYS C 233 33.85 60.42 -9.39
CA LYS C 233 33.01 61.53 -9.81
C LYS C 233 33.74 62.46 -10.77
N ALA C 234 35.05 62.65 -10.57
CA ALA C 234 35.83 63.41 -11.54
C ALA C 234 35.99 62.66 -12.85
N LEU C 235 35.88 61.33 -12.81
CA LEU C 235 35.82 60.58 -14.06
C LEU C 235 34.48 60.76 -14.76
N LEU C 236 33.39 60.79 -14.00
CA LEU C 236 32.06 60.96 -14.60
C LEU C 236 31.90 62.34 -15.21
N LEU C 237 32.33 63.38 -14.49
CA LEU C 237 32.36 64.71 -15.08
C LEU C 237 33.46 64.85 -16.12
N LYS C 238 34.47 63.98 -16.07
CA LYS C 238 35.58 64.07 -17.00
C LYS C 238 35.21 63.57 -18.38
N LEU C 239 34.44 62.49 -18.45
CA LEU C 239 34.09 61.92 -19.76
C LEU C 239 33.04 62.78 -20.47
N HIS C 240 31.97 63.13 -19.76
CA HIS C 240 31.07 64.26 -20.04
C HIS C 240 30.18 64.07 -21.27
N LYS C 241 30.43 63.07 -22.08
CA LYS C 241 29.55 62.85 -23.24
C LYS C 241 29.08 61.42 -23.35
N GLU C 242 29.94 60.45 -23.06
CA GLU C 242 29.60 59.04 -23.13
C GLU C 242 29.02 58.51 -21.82
N VAL C 243 28.58 59.41 -20.95
CA VAL C 243 28.09 59.04 -19.63
C VAL C 243 26.58 58.94 -19.72
N LEU C 244 26.02 57.85 -19.17
CA LEU C 244 24.60 57.57 -19.31
C LEU C 244 24.06 56.87 -18.07
N PHE C 245 22.96 57.40 -17.56
CA PHE C 245 22.32 56.87 -16.37
C PHE C 245 20.88 56.48 -16.67
N LEU C 246 20.48 55.32 -16.15
CA LEU C 246 19.10 54.86 -16.19
C LEU C 246 18.55 54.88 -14.79
N LEU C 247 17.59 55.76 -14.54
CA LEU C 247 17.14 56.08 -13.20
C LEU C 247 15.66 55.74 -13.10
N ASP C 248 15.31 54.78 -12.24
CA ASP C 248 13.93 54.34 -12.20
C ASP C 248 13.46 54.16 -10.77
N GLY C 249 12.21 54.52 -10.52
CA GLY C 249 11.59 54.28 -9.24
C GLY C 249 11.36 55.53 -8.43
N TYR C 250 11.07 56.65 -9.11
CA TYR C 250 10.91 57.93 -8.42
C TYR C 250 9.61 57.97 -7.61
N ASN C 251 8.69 57.04 -7.86
CA ASN C 251 7.48 56.90 -7.04
C ASN C 251 7.80 56.65 -5.57
N GLU C 252 8.90 55.96 -5.28
CA GLU C 252 9.37 55.79 -3.91
C GLU C 252 10.78 56.32 -3.69
N PHE C 253 11.20 57.32 -4.45
CA PHE C 253 12.46 57.99 -4.18
C PHE C 253 12.32 58.93 -3.00
N HIS C 254 13.39 59.04 -2.21
CA HIS C 254 13.43 59.97 -1.09
C HIS C 254 14.75 60.73 -1.16
N PRO C 255 14.74 62.06 -1.26
CA PRO C 255 16.00 62.79 -1.52
C PRO C 255 16.95 62.80 -0.34
N GLN C 256 16.50 62.49 0.88
CA GLN C 256 17.43 62.40 2.00
C GLN C 256 18.27 61.13 1.94
N ASN C 257 17.85 60.13 1.17
CA ASN C 257 18.69 58.96 0.97
C ASN C 257 19.92 59.30 0.14
N CYS C 258 19.76 60.13 -0.89
CA CYS C 258 20.89 60.64 -1.66
C CYS C 258 20.49 61.98 -2.27
N PRO C 259 20.99 63.09 -1.72
CA PRO C 259 20.80 64.38 -2.40
C PRO C 259 21.62 64.52 -3.66
N GLU C 260 22.68 63.72 -3.83
CA GLU C 260 23.50 63.78 -5.03
C GLU C 260 22.75 63.27 -6.25
N ILE C 261 21.91 62.25 -6.08
CA ILE C 261 21.11 61.73 -7.18
C ILE C 261 20.04 62.74 -7.58
N GLU C 262 19.41 63.37 -6.59
CA GLU C 262 18.44 64.43 -6.87
C GLU C 262 19.10 65.64 -7.51
N ALA C 263 20.35 65.90 -7.16
CA ALA C 263 21.12 66.93 -7.86
C ALA C 263 21.44 66.51 -9.28
N LEU C 264 21.67 65.21 -9.51
CA LEU C 264 21.86 64.72 -10.87
C LEU C 264 20.59 64.84 -11.69
N ILE C 265 19.43 64.72 -11.04
CA ILE C 265 18.16 64.97 -11.71
C ILE C 265 18.04 66.45 -12.05
N LYS C 266 18.07 67.31 -11.05
CA LYS C 266 17.72 68.71 -11.25
C LYS C 266 18.91 69.49 -11.83
N GLU C 267 19.99 69.61 -11.07
CA GLU C 267 21.14 70.40 -11.49
C GLU C 267 21.98 69.55 -12.42
N ASN C 268 21.54 69.46 -13.68
CA ASN C 268 22.35 68.73 -14.64
C ASN C 268 23.53 69.57 -15.11
N HIS C 269 23.46 70.89 -14.96
CA HIS C 269 24.51 71.78 -15.42
C HIS C 269 25.84 71.57 -14.72
N ARG C 270 25.84 71.13 -13.47
CA ARG C 270 27.06 70.76 -12.77
C ARG C 270 27.53 69.36 -13.11
N PHE C 271 26.74 68.61 -13.87
CA PHE C 271 27.14 67.30 -14.38
C PHE C 271 27.28 67.28 -15.89
N LYS C 272 26.20 67.64 -16.60
CA LYS C 272 26.11 67.63 -18.07
C LYS C 272 26.47 66.25 -18.62
N ASN C 273 25.94 65.22 -17.96
CA ASN C 273 26.05 63.85 -18.39
C ASN C 273 24.67 63.38 -18.86
N MET C 274 24.67 62.35 -19.70
CA MET C 274 23.41 61.88 -20.27
C MET C 274 22.63 61.08 -19.23
N VAL C 275 21.48 61.62 -18.84
CA VAL C 275 20.65 61.03 -17.78
C VAL C 275 19.25 60.76 -18.30
N ILE C 276 18.68 59.65 -17.84
CA ILE C 276 17.35 59.22 -18.21
C ILE C 276 16.57 58.94 -16.94
N VAL C 277 15.44 59.63 -16.77
CA VAL C 277 14.59 59.49 -15.61
C VAL C 277 13.27 58.89 -16.04
N THR C 278 12.84 57.84 -15.35
CA THR C 278 11.58 57.17 -15.64
C THR C 278 10.74 57.12 -14.38
N THR C 279 9.50 57.59 -14.46
CA THR C 279 8.61 57.64 -13.31
C THR C 279 7.17 57.63 -13.79
N THR C 280 6.26 57.77 -12.85
CA THR C 280 4.84 57.91 -13.16
C THR C 280 4.44 59.38 -12.99
N THR C 281 3.14 59.64 -13.06
CA THR C 281 2.60 60.99 -12.90
C THR C 281 2.30 61.33 -11.44
N GLU C 282 2.78 60.51 -10.49
CA GLU C 282 2.52 60.76 -9.09
C GLU C 282 3.24 62.01 -8.60
N CYS C 283 4.51 62.18 -8.99
CA CYS C 283 5.27 63.36 -8.65
C CYS C 283 6.00 63.90 -9.88
N LEU C 284 5.40 63.75 -11.06
CA LEU C 284 5.97 64.24 -12.30
C LEU C 284 6.09 65.76 -12.31
N ARG C 285 5.21 66.46 -11.60
CA ARG C 285 5.24 67.91 -11.51
C ARG C 285 6.52 68.44 -10.88
N HIS C 286 7.21 67.63 -10.08
CA HIS C 286 8.41 68.08 -9.41
C HIS C 286 9.62 68.14 -10.34
N ILE C 287 9.61 67.39 -11.44
CA ILE C 287 10.78 67.21 -12.28
C ILE C 287 10.58 67.85 -13.65
N ARG C 288 9.36 67.76 -14.19
CA ARG C 288 8.96 68.06 -15.57
C ARG C 288 9.49 69.37 -16.14
N HIS C 289 9.44 70.43 -15.34
CA HIS C 289 9.89 71.75 -15.78
C HIS C 289 11.39 71.82 -15.99
N VAL C 290 12.16 70.96 -15.33
CA VAL C 290 13.60 70.99 -15.47
C VAL C 290 14.03 70.33 -16.77
N GLY C 291 13.61 69.08 -16.97
CA GLY C 291 14.14 68.29 -18.07
C GLY C 291 13.62 68.72 -19.43
N ALA C 292 14.33 68.28 -20.47
CA ALA C 292 14.01 68.69 -21.83
C ALA C 292 13.10 67.68 -22.51
N LEU C 293 13.55 66.43 -22.64
CA LEU C 293 12.76 65.42 -23.32
C LEU C 293 11.60 64.98 -22.43
N THR C 294 10.45 64.77 -23.06
CA THR C 294 9.29 64.22 -22.37
C THR C 294 8.57 63.30 -23.34
N ALA C 295 8.33 62.07 -22.91
CA ALA C 295 7.59 61.12 -23.73
C ALA C 295 6.84 60.17 -22.81
N GLU C 296 5.73 59.64 -23.31
CA GLU C 296 4.93 58.69 -22.53
C GLU C 296 4.95 57.32 -23.20
N VAL C 297 4.74 56.31 -22.36
CA VAL C 297 4.47 54.96 -22.83
C VAL C 297 2.97 54.83 -23.04
N GLY C 298 2.57 54.57 -24.28
CA GLY C 298 1.17 54.47 -24.60
C GLY C 298 0.56 53.14 -24.19
N ASP C 299 -0.36 52.68 -25.02
CA ASP C 299 -1.03 51.42 -24.77
C ASP C 299 -0.20 50.25 -25.31
N MET C 300 -0.84 49.09 -25.40
CA MET C 300 -0.21 47.92 -25.99
C MET C 300 -1.10 47.39 -27.10
N THR C 301 -0.49 47.11 -28.26
CA THR C 301 -1.25 46.66 -29.41
C THR C 301 -1.66 45.20 -29.25
N GLU C 302 -2.74 44.83 -29.93
CA GLU C 302 -3.24 43.46 -29.84
C GLU C 302 -2.33 42.44 -30.51
N ASP C 303 -1.45 42.88 -31.41
CA ASP C 303 -0.53 41.95 -32.04
C ASP C 303 0.72 41.75 -31.17
N SER C 304 1.16 42.79 -30.47
CA SER C 304 2.21 42.60 -29.48
C SER C 304 1.69 41.84 -28.27
N ALA C 305 0.42 42.07 -27.91
CA ALA C 305 -0.21 41.25 -26.89
C ALA C 305 -0.36 39.81 -27.35
N LYS C 306 -0.62 39.62 -28.65
CA LYS C 306 -0.62 38.29 -29.23
C LYS C 306 0.77 37.67 -29.14
N ASP C 307 1.82 38.47 -29.32
CA ASP C 307 3.19 37.97 -29.16
C ASP C 307 3.47 37.60 -27.71
N LEU C 308 2.90 38.34 -26.76
CA LEU C 308 3.15 38.06 -25.35
C LEU C 308 2.41 36.81 -24.90
N ILE C 309 1.15 36.66 -25.32
CA ILE C 309 0.38 35.47 -24.96
C ILE C 309 0.95 34.24 -25.63
N GLU C 310 1.27 34.33 -26.92
CA GLU C 310 1.85 33.20 -27.64
C GLU C 310 3.28 32.93 -27.20
N ALA C 311 3.92 33.87 -26.52
CA ALA C 311 5.29 33.70 -26.10
C ALA C 311 5.45 32.79 -24.88
N VAL C 312 4.53 32.84 -23.92
CA VAL C 312 4.78 32.30 -22.59
C VAL C 312 3.83 31.20 -22.17
N LEU C 313 3.09 30.58 -23.08
CA LEU C 313 2.06 29.64 -22.67
C LEU C 313 1.80 28.63 -23.79
N VAL C 314 1.27 27.47 -23.40
CA VAL C 314 0.93 26.37 -24.31
C VAL C 314 -0.18 26.81 -25.26
N PRO C 315 -0.19 26.35 -26.51
CA PRO C 315 -1.12 26.92 -27.51
C PRO C 315 -2.58 26.57 -27.30
N ASP C 316 -2.90 25.62 -26.42
CA ASP C 316 -4.30 25.33 -26.12
C ASP C 316 -4.92 26.45 -25.30
N GLN C 317 -4.27 26.83 -24.21
CA GLN C 317 -4.70 27.95 -23.39
C GLN C 317 -4.61 29.27 -24.14
N VAL C 318 -3.62 29.41 -25.01
CA VAL C 318 -3.51 30.59 -25.86
C VAL C 318 -4.66 30.64 -26.86
N GLU C 319 -5.04 29.48 -27.39
CA GLU C 319 -6.05 29.45 -28.43
C GLU C 319 -7.45 29.70 -27.87
N ARG C 320 -7.78 29.04 -26.76
CA ARG C 320 -9.14 29.17 -26.24
C ARG C 320 -9.28 30.42 -25.37
N LEU C 321 -8.21 30.80 -24.67
CA LEU C 321 -8.18 32.09 -24.01
C LEU C 321 -8.24 33.22 -25.03
N TRP C 322 -7.56 33.06 -26.15
CA TRP C 322 -7.64 34.01 -27.24
C TRP C 322 -9.03 34.01 -27.87
N ALA C 323 -9.73 32.88 -27.81
CA ALA C 323 -11.13 32.87 -28.23
C ALA C 323 -12.00 33.64 -27.26
N GLN C 324 -11.65 33.64 -25.97
CA GLN C 324 -12.33 34.55 -25.05
C GLN C 324 -11.97 36.00 -25.33
N ILE C 325 -10.76 36.25 -25.83
CA ILE C 325 -10.35 37.61 -26.17
C ILE C 325 -11.13 38.12 -27.38
N GLN C 326 -11.28 37.26 -28.39
CA GLN C 326 -11.94 37.69 -29.62
C GLN C 326 -13.46 37.53 -29.55
N GLU C 327 -14.03 37.42 -28.36
CA GLU C 327 -15.49 37.54 -28.22
C GLU C 327 -15.87 38.86 -27.59
N SER C 328 -15.30 39.16 -26.41
CA SER C 328 -15.63 40.37 -25.69
C SER C 328 -14.90 41.56 -26.28
N ARG C 329 -15.66 42.54 -26.75
CA ARG C 329 -15.06 43.79 -27.22
C ARG C 329 -14.50 44.58 -26.06
N CYS C 330 -15.14 44.48 -24.89
CA CYS C 330 -14.65 45.15 -23.69
C CYS C 330 -13.28 44.62 -23.28
N LEU C 331 -13.08 43.31 -23.40
CA LEU C 331 -11.76 42.74 -23.13
C LEU C 331 -10.73 43.18 -24.18
N ARG C 332 -11.18 43.41 -25.41
CA ARG C 332 -10.28 43.97 -26.41
C ARG C 332 -9.95 45.42 -26.12
N ASN C 333 -10.83 46.12 -25.38
CA ASN C 333 -10.43 47.41 -24.82
C ASN C 333 -9.46 47.22 -23.66
N LEU C 334 -9.57 46.10 -22.94
CA LEU C 334 -8.67 45.85 -21.83
C LEU C 334 -7.29 45.39 -22.26
N MET C 335 -7.08 45.11 -23.56
CA MET C 335 -5.78 44.74 -24.07
C MET C 335 -4.86 45.93 -24.28
N LYS C 336 -5.24 47.11 -23.85
CA LYS C 336 -4.44 48.32 -23.99
C LYS C 336 -3.49 48.54 -22.82
N THR C 337 -3.24 47.50 -22.02
CA THR C 337 -2.28 47.50 -20.94
C THR C 337 -1.71 46.09 -20.78
N PRO C 338 -0.43 45.96 -20.47
CA PRO C 338 0.17 44.62 -20.39
C PRO C 338 -0.18 43.88 -19.13
N LEU C 339 -0.67 44.56 -18.10
CA LEU C 339 -0.77 43.93 -16.78
C LEU C 339 -1.95 42.96 -16.73
N PHE C 340 -3.07 43.33 -17.36
CA PHE C 340 -4.17 42.40 -17.58
C PHE C 340 -3.72 41.18 -18.37
N VAL C 341 -2.85 41.39 -19.37
CA VAL C 341 -2.34 40.30 -20.19
C VAL C 341 -1.45 39.39 -19.35
N VAL C 342 -0.75 39.94 -18.37
CA VAL C 342 0.04 39.13 -17.44
C VAL C 342 -0.88 38.29 -16.58
N ILE C 343 -1.98 38.87 -16.11
CA ILE C 343 -2.89 38.12 -15.23
C ILE C 343 -3.63 37.04 -16.01
N THR C 344 -4.00 37.32 -17.26
CA THR C 344 -4.65 36.30 -18.07
C THR C 344 -3.67 35.21 -18.49
N CYS C 345 -2.39 35.56 -18.64
CA CYS C 345 -1.37 34.53 -18.83
C CYS C 345 -0.89 33.96 -17.50
N ALA C 346 -1.51 34.35 -16.39
CA ALA C 346 -1.14 33.81 -15.10
C ALA C 346 -2.20 32.84 -14.58
N ILE C 347 -3.48 33.17 -14.75
CA ILE C 347 -4.55 32.32 -14.25
C ILE C 347 -4.68 31.08 -15.13
N GLN C 348 -4.74 31.26 -16.45
CA GLN C 348 -4.81 30.14 -17.37
C GLN C 348 -3.51 29.34 -17.43
N MET C 349 -2.42 29.89 -16.91
CA MET C 349 -1.19 29.13 -16.77
C MET C 349 -1.36 28.02 -15.74
N GLY C 350 -0.96 26.81 -16.12
CA GLY C 350 -1.26 25.63 -15.34
C GLY C 350 -1.40 24.44 -16.27
N ARG C 351 -2.53 23.73 -16.19
CA ARG C 351 -2.78 22.60 -17.06
C ARG C 351 -4.14 22.65 -17.75
N GLN C 352 -5.11 23.35 -17.18
CA GLN C 352 -6.48 23.26 -17.67
C GLN C 352 -7.02 24.57 -18.19
N GLU C 353 -8.09 24.50 -18.98
CA GLU C 353 -8.84 25.69 -19.40
C GLU C 353 -9.64 26.16 -18.20
N PHE C 354 -9.07 27.10 -17.45
CA PHE C 354 -9.78 27.74 -16.36
C PHE C 354 -10.77 28.79 -16.84
N GLN C 355 -11.77 28.38 -17.61
CA GLN C 355 -12.64 29.31 -18.31
C GLN C 355 -13.81 29.78 -17.46
N ALA C 356 -13.83 29.44 -16.17
CA ALA C 356 -14.77 30.06 -15.25
C ALA C 356 -14.43 31.51 -14.99
N HIS C 357 -13.16 31.89 -15.15
CA HIS C 357 -12.74 33.28 -15.03
C HIS C 357 -13.16 34.04 -16.30
N THR C 358 -14.45 34.40 -16.34
CA THR C 358 -15.02 35.01 -17.53
C THR C 358 -14.45 36.40 -17.80
N GLN C 359 -14.88 37.39 -17.03
CA GLN C 359 -14.10 38.61 -16.81
C GLN C 359 -14.26 39.21 -15.43
N THR C 360 -15.26 38.81 -14.65
CA THR C 360 -15.46 39.43 -13.34
C THR C 360 -14.43 38.92 -12.35
N MET C 361 -14.08 37.64 -12.44
CA MET C 361 -12.96 37.11 -11.68
C MET C 361 -11.63 37.70 -12.12
N LEU C 362 -11.55 38.21 -13.35
CA LEU C 362 -10.34 38.89 -13.80
C LEU C 362 -10.20 40.25 -13.12
N PHE C 363 -11.32 40.98 -12.99
CA PHE C 363 -11.27 42.24 -12.26
C PHE C 363 -11.09 42.02 -10.76
N GLN C 364 -11.61 40.90 -10.23
CA GLN C 364 -11.39 40.60 -8.82
C GLN C 364 -9.94 40.23 -8.58
N THR C 365 -9.34 39.49 -9.50
CA THR C 365 -7.95 39.09 -9.39
C THR C 365 -7.03 40.29 -9.57
N PHE C 366 -7.40 41.21 -10.45
CA PHE C 366 -6.60 42.42 -10.64
C PHE C 366 -6.72 43.36 -9.46
N TYR C 367 -7.94 43.52 -8.93
CA TYR C 367 -8.19 44.36 -7.77
C TYR C 367 -7.42 43.84 -6.55
N ASP C 368 -7.73 42.62 -6.13
CA ASP C 368 -7.10 42.04 -4.94
C ASP C 368 -5.63 41.76 -5.16
N LEU C 369 -5.20 41.61 -6.41
CA LEU C 369 -3.79 41.44 -6.69
C LEU C 369 -3.05 42.75 -6.53
N LEU C 370 -3.70 43.87 -6.87
CA LEU C 370 -3.08 45.16 -6.56
C LEU C 370 -3.15 45.48 -5.08
N ILE C 371 -4.13 44.93 -4.37
CA ILE C 371 -4.10 44.98 -2.92
C ILE C 371 -2.92 44.18 -2.38
N GLN C 372 -2.60 43.06 -3.02
CA GLN C 372 -1.46 42.26 -2.61
C GLN C 372 -0.14 42.97 -2.89
N LYS C 373 0.01 43.54 -4.09
CA LYS C 373 1.26 44.19 -4.44
C LYS C 373 1.45 45.49 -3.68
N ASN C 374 0.37 46.20 -3.38
CA ASN C 374 0.45 47.47 -2.68
C ASN C 374 -0.11 47.34 -1.27
N SER C 375 0.09 46.17 -0.67
CA SER C 375 -0.24 46.00 0.74
C SER C 375 0.70 46.80 1.63
N HIS C 376 2.00 46.57 1.48
CA HIS C 376 2.99 47.32 2.24
C HIS C 376 4.15 47.76 1.35
N ARG C 377 3.90 47.88 0.05
CA ARG C 377 4.85 48.55 -0.83
C ARG C 377 4.88 50.04 -0.54
N TYR C 378 3.73 50.71 -0.63
CA TYR C 378 3.55 52.09 -0.19
C TYR C 378 3.06 52.15 1.24
N ARG C 379 3.24 51.07 2.00
CA ARG C 379 2.77 50.83 3.36
C ARG C 379 1.25 50.92 3.48
N GLY C 380 0.51 50.72 2.40
CA GLY C 380 -0.94 50.78 2.34
C GLY C 380 -1.46 52.14 2.75
N GLY C 381 -2.32 52.13 3.76
CA GLY C 381 -2.70 53.36 4.43
C GLY C 381 -1.78 53.63 5.59
N ALA C 382 -0.80 54.52 5.39
CA ALA C 382 0.18 54.82 6.42
C ALA C 382 -0.44 55.61 7.58
N SER C 383 -0.98 56.79 7.29
CA SER C 383 -1.71 57.57 8.28
C SER C 383 -3.20 57.46 7.95
N GLY C 384 -3.93 56.73 8.78
CA GLY C 384 -5.27 56.32 8.45
C GLY C 384 -5.23 54.99 7.74
N ASP C 385 -6.11 54.05 8.10
CA ASP C 385 -5.93 52.68 7.67
C ASP C 385 -6.34 52.49 6.21
N PHE C 386 -6.18 51.25 5.75
CA PHE C 386 -6.24 50.95 4.32
C PHE C 386 -7.69 50.83 3.84
N ALA C 387 -8.54 50.16 4.62
CA ALA C 387 -9.93 49.95 4.24
C ALA C 387 -10.74 51.24 4.22
N ARG C 388 -10.33 52.24 5.00
CA ARG C 388 -10.96 53.56 4.91
C ARG C 388 -10.74 54.18 3.53
N SER C 389 -9.51 54.10 3.02
CA SER C 389 -9.23 54.61 1.69
C SER C 389 -9.87 53.75 0.60
N LEU C 390 -10.03 52.46 0.86
CA LEU C 390 -10.81 51.62 -0.04
C LEU C 390 -12.27 52.08 -0.10
N ASP C 391 -12.83 52.42 1.06
CA ASP C 391 -14.18 52.98 1.10
C ASP C 391 -14.24 54.33 0.38
N TYR C 392 -13.16 55.11 0.46
CA TYR C 392 -13.12 56.39 -0.24
C TYR C 392 -13.10 56.20 -1.75
N CYS C 393 -12.33 55.22 -2.24
CA CYS C 393 -12.29 54.93 -3.67
C CYS C 393 -13.63 54.41 -4.17
N GLY C 394 -14.27 53.54 -3.38
CA GLY C 394 -15.56 53.02 -3.78
C GLY C 394 -16.65 54.07 -3.75
N ASP C 395 -16.55 55.02 -2.81
CA ASP C 395 -17.53 56.11 -2.79
C ASP C 395 -17.29 57.09 -3.94
N LEU C 396 -16.03 57.25 -4.36
CA LEU C 396 -15.76 57.98 -5.60
C LEU C 396 -16.35 57.28 -6.80
N ALA C 397 -16.34 55.94 -6.79
CA ALA C 397 -16.93 55.19 -7.90
C ALA C 397 -18.45 55.29 -7.91
N LEU C 398 -19.10 55.22 -6.74
CA LEU C 398 -20.56 55.30 -6.69
C LEU C 398 -21.04 56.70 -7.02
N GLU C 399 -20.46 57.72 -6.37
CA GLU C 399 -20.85 59.09 -6.63
C GLU C 399 -20.47 59.52 -8.05
N GLY C 400 -19.39 58.97 -8.59
CA GLY C 400 -19.05 59.26 -9.97
C GLY C 400 -19.98 58.63 -10.97
N VAL C 401 -20.11 57.30 -10.94
CA VAL C 401 -20.86 56.56 -11.95
C VAL C 401 -22.36 56.80 -11.84
N PHE C 402 -22.90 56.83 -10.62
CA PHE C 402 -24.34 57.05 -10.46
C PHE C 402 -24.75 58.45 -10.86
N ALA C 403 -23.92 59.46 -10.63
CA ALA C 403 -24.21 60.80 -11.09
C ALA C 403 -23.60 61.09 -12.46
N HIS C 404 -23.08 60.05 -13.13
CA HIS C 404 -22.46 60.13 -14.46
C HIS C 404 -21.31 61.14 -14.47
N LYS C 405 -20.28 60.83 -13.68
CA LYS C 405 -19.11 61.69 -13.52
C LYS C 405 -17.90 60.79 -13.64
N PHE C 406 -16.96 61.17 -14.51
CA PHE C 406 -15.81 60.30 -14.78
C PHE C 406 -14.49 61.03 -14.79
N ASP C 407 -14.50 62.37 -14.80
CA ASP C 407 -13.39 63.17 -14.34
C ASP C 407 -13.57 63.45 -12.86
N PHE C 408 -12.46 63.70 -12.18
CA PHE C 408 -12.48 63.85 -10.72
C PHE C 408 -11.47 64.91 -10.33
N GLU C 409 -11.93 66.13 -10.14
CA GLU C 409 -11.10 67.24 -9.68
C GLU C 409 -11.71 67.82 -8.41
N PRO C 410 -11.38 67.26 -7.25
CA PRO C 410 -11.83 67.85 -5.99
C PRO C 410 -11.02 69.10 -5.66
N GLU C 411 -11.45 69.79 -4.61
CA GLU C 411 -10.81 71.03 -4.22
C GLU C 411 -9.46 70.75 -3.57
N HIS C 412 -8.63 71.80 -3.51
CA HIS C 412 -7.32 71.70 -2.90
C HIS C 412 -7.45 71.58 -1.38
N GLY C 413 -6.65 70.69 -0.80
CA GLY C 413 -6.72 70.45 0.63
C GLY C 413 -7.54 69.23 0.97
N SER C 414 -8.62 69.01 0.23
CA SER C 414 -9.46 67.83 0.39
C SER C 414 -9.02 66.68 -0.52
N SER C 415 -7.83 66.77 -1.10
CA SER C 415 -7.28 65.73 -1.95
C SER C 415 -6.34 64.80 -1.20
N MET C 416 -6.61 64.56 0.09
CA MET C 416 -5.70 63.75 0.89
C MET C 416 -5.82 62.27 0.51
N ASN C 417 -7.01 61.69 0.68
CA ASN C 417 -7.22 60.29 0.34
C ASN C 417 -7.18 60.06 -1.16
N GLU C 418 -7.40 61.11 -1.95
CA GLU C 418 -7.13 61.09 -3.38
C GLU C 418 -5.69 60.69 -3.65
N ASP C 419 -4.74 61.47 -3.10
CA ASP C 419 -3.33 61.19 -3.30
C ASP C 419 -2.87 59.95 -2.56
N VAL C 420 -3.60 59.52 -1.53
CA VAL C 420 -3.34 58.21 -0.93
C VAL C 420 -3.64 57.10 -1.93
N LEU C 421 -4.79 57.17 -2.59
CA LEU C 421 -5.18 56.11 -3.50
C LEU C 421 -4.37 56.14 -4.79
N VAL C 422 -3.93 57.33 -5.21
CA VAL C 422 -3.03 57.40 -6.36
C VAL C 422 -1.64 56.91 -5.97
N THR C 423 -1.23 57.19 -4.74
CA THR C 423 0.04 56.67 -4.21
C THR C 423 0.03 55.15 -4.16
N ILE C 424 -1.13 54.57 -3.82
CA ILE C 424 -1.29 53.12 -3.95
C ILE C 424 -1.27 52.72 -5.41
N GLY C 425 -2.01 53.44 -6.25
CA GLY C 425 -2.04 53.12 -7.67
C GLY C 425 -3.42 52.74 -8.17
N LEU C 426 -4.46 53.28 -7.52
CA LEU C 426 -5.81 53.03 -7.97
C LEU C 426 -6.09 53.73 -9.30
N LEU C 427 -6.00 55.07 -9.30
CA LEU C 427 -6.35 55.82 -10.50
C LEU C 427 -5.19 56.73 -10.85
N CYS C 428 -5.24 57.25 -12.07
CA CYS C 428 -4.22 58.17 -12.55
C CYS C 428 -4.57 59.61 -12.16
N LYS C 429 -3.63 60.24 -11.47
CA LYS C 429 -3.70 61.67 -11.23
C LYS C 429 -3.09 62.36 -12.43
N TYR C 430 -3.41 63.64 -12.61
CA TYR C 430 -2.86 64.41 -13.72
C TYR C 430 -2.58 65.82 -13.21
N THR C 431 -1.29 66.10 -12.97
CA THR C 431 -0.81 67.45 -12.72
C THR C 431 -0.31 68.09 -14.01
N ALA C 432 -0.96 67.77 -15.12
CA ALA C 432 -0.63 68.27 -16.45
C ALA C 432 -1.19 69.67 -16.65
N GLN C 433 -1.27 70.09 -17.91
CA GLN C 433 -1.60 71.47 -18.25
C GLN C 433 -3.07 71.76 -17.96
N ARG C 434 -3.37 72.00 -16.70
CA ARG C 434 -4.72 72.24 -16.20
C ARG C 434 -4.57 72.92 -14.85
N LEU C 435 -5.51 73.83 -14.54
CA LEU C 435 -5.40 74.69 -13.37
C LEU C 435 -5.42 73.89 -12.07
N LYS C 436 -6.49 73.16 -11.82
CA LYS C 436 -6.56 72.22 -10.72
C LYS C 436 -6.31 70.82 -11.27
N PRO C 437 -5.60 69.97 -10.52
CA PRO C 437 -5.12 68.71 -11.10
C PRO C 437 -6.23 67.71 -11.32
N THR C 438 -6.07 66.87 -12.33
CA THR C 438 -7.10 65.97 -12.81
C THR C 438 -6.88 64.58 -12.23
N TYR C 439 -7.97 63.97 -11.78
CA TYR C 439 -7.95 62.64 -11.16
C TYR C 439 -8.99 61.77 -11.85
N LYS C 440 -8.55 60.75 -12.59
CA LYS C 440 -9.48 59.84 -13.23
C LYS C 440 -8.92 58.43 -13.26
N PHE C 441 -9.82 57.47 -13.37
CA PHE C 441 -9.46 56.07 -13.50
C PHE C 441 -8.90 55.80 -14.89
N PHE C 442 -8.05 54.78 -14.98
CA PHE C 442 -7.43 54.45 -16.26
C PHE C 442 -8.44 53.81 -17.21
N HIS C 443 -9.48 53.19 -16.68
CA HIS C 443 -10.54 52.65 -17.51
C HIS C 443 -11.89 52.95 -16.87
N LYS C 444 -12.86 53.29 -17.71
CA LYS C 444 -14.17 53.71 -17.25
C LYS C 444 -14.95 52.55 -16.68
N SER C 445 -14.99 51.43 -17.40
CA SER C 445 -15.66 50.24 -16.88
C SER C 445 -14.90 49.61 -15.71
N PHE C 446 -13.63 49.94 -15.52
CA PHE C 446 -12.94 49.51 -14.33
C PHE C 446 -13.45 50.27 -13.11
N GLN C 447 -13.70 51.56 -13.27
CA GLN C 447 -14.42 52.32 -12.25
C GLN C 447 -15.81 51.74 -12.02
N GLU C 448 -16.46 51.27 -13.10
CA GLU C 448 -17.73 50.59 -12.96
C GLU C 448 -17.59 49.29 -12.16
N TYR C 449 -16.44 48.62 -12.27
CA TYR C 449 -16.20 47.48 -11.40
C TYR C 449 -16.00 47.91 -9.95
N THR C 450 -15.35 49.05 -9.75
CA THR C 450 -15.13 49.54 -8.39
C THR C 450 -16.45 49.89 -7.72
N ALA C 451 -17.37 50.49 -8.47
CA ALA C 451 -18.72 50.70 -7.93
C ALA C 451 -19.50 49.41 -7.85
N GLY C 452 -19.11 48.39 -8.63
CA GLY C 452 -19.79 47.11 -8.53
C GLY C 452 -19.46 46.38 -7.25
N ARG C 453 -18.17 46.17 -7.00
CA ARG C 453 -17.74 45.49 -5.78
C ARG C 453 -17.98 46.36 -4.56
N ARG C 454 -17.93 47.68 -4.73
CA ARG C 454 -18.37 48.58 -3.67
C ARG C 454 -19.85 48.41 -3.40
N LEU C 455 -20.65 48.24 -4.45
CA LEU C 455 -22.10 48.13 -4.29
C LEU C 455 -22.48 46.84 -3.61
N SER C 456 -21.90 45.72 -4.05
CA SER C 456 -22.12 44.44 -3.39
C SER C 456 -21.56 44.45 -1.97
N SER C 457 -20.47 45.18 -1.77
CA SER C 457 -19.90 45.34 -0.43
C SER C 457 -20.83 46.11 0.50
N LEU C 458 -21.59 47.07 -0.03
CA LEU C 458 -22.55 47.78 0.81
C LEU C 458 -23.85 47.02 0.91
N LEU C 459 -24.04 46.03 0.03
CA LEU C 459 -25.14 45.09 0.23
C LEU C 459 -24.73 43.92 1.11
N THR C 460 -23.45 43.85 1.48
CA THR C 460 -22.94 42.67 2.18
C THR C 460 -23.20 42.73 3.67
N SER C 461 -22.91 43.86 4.31
CA SER C 461 -22.92 43.95 5.75
C SER C 461 -24.33 43.89 6.31
N LYS C 462 -24.43 43.71 7.63
CA LYS C 462 -25.72 43.60 8.29
C LYS C 462 -26.30 44.95 8.67
N GLU C 463 -25.66 46.04 8.30
CA GLU C 463 -26.22 47.36 8.55
C GLU C 463 -27.38 47.63 7.61
N PRO C 464 -28.56 47.98 8.13
CA PRO C 464 -29.70 48.27 7.23
C PRO C 464 -29.55 49.59 6.50
N GLU C 465 -28.72 50.50 6.99
CA GLU C 465 -28.58 51.80 6.34
C GLU C 465 -27.76 51.69 5.06
N GLU C 466 -26.76 50.80 5.04
CA GLU C 466 -25.94 50.65 3.85
C GLU C 466 -26.59 49.73 2.83
N VAL C 467 -27.37 48.75 3.30
CA VAL C 467 -28.06 47.86 2.38
C VAL C 467 -29.30 48.54 1.79
N SER C 468 -30.09 49.18 2.64
CA SER C 468 -31.23 49.95 2.15
C SER C 468 -30.77 51.20 1.40
N LYS C 469 -29.61 51.74 1.76
CA LYS C 469 -29.03 52.82 0.97
C LYS C 469 -28.54 52.31 -0.37
N GLY C 470 -28.06 51.06 -0.40
CA GLY C 470 -27.79 50.41 -1.68
C GLY C 470 -29.04 50.19 -2.50
N ASN C 471 -30.18 49.97 -1.81
CA ASN C 471 -31.46 49.94 -2.51
C ASN C 471 -31.85 51.33 -3.01
N SER C 472 -31.36 52.38 -2.33
CA SER C 472 -31.56 53.72 -2.87
C SER C 472 -30.65 53.97 -4.07
N TYR C 473 -29.48 53.32 -4.12
CA TYR C 473 -28.70 53.33 -5.35
C TYR C 473 -29.39 52.56 -6.45
N LEU C 474 -30.11 51.49 -6.09
CA LEU C 474 -30.97 50.81 -7.06
C LEU C 474 -32.11 51.71 -7.50
N ASN C 475 -32.55 52.61 -6.64
CA ASN C 475 -33.67 53.50 -6.94
C ASN C 475 -33.32 54.56 -7.98
N LYS C 476 -32.04 54.66 -8.36
CA LYS C 476 -31.62 55.49 -9.47
C LYS C 476 -31.82 54.83 -10.84
N MET C 477 -32.61 53.75 -10.91
CA MET C 477 -32.88 53.02 -12.14
C MET C 477 -34.37 52.76 -12.23
N VAL C 478 -35.09 53.59 -13.00
CA VAL C 478 -36.51 53.38 -13.22
C VAL C 478 -36.77 53.26 -14.72
N SER C 479 -35.80 53.68 -15.52
CA SER C 479 -35.87 53.55 -16.97
C SER C 479 -35.01 52.39 -17.41
N ILE C 480 -35.65 51.38 -17.98
CA ILE C 480 -34.95 50.12 -18.28
C ILE C 480 -33.99 50.25 -19.45
N SER C 481 -34.18 51.26 -20.32
CA SER C 481 -33.27 51.42 -21.44
C SER C 481 -31.94 52.02 -20.99
N ASP C 482 -31.98 52.91 -19.99
CA ASP C 482 -30.74 53.51 -19.50
C ASP C 482 -29.95 52.53 -18.65
N ILE C 483 -30.62 51.50 -18.13
CA ILE C 483 -29.92 50.40 -17.49
C ILE C 483 -29.10 49.64 -18.51
N THR C 484 -29.64 49.46 -19.71
CA THR C 484 -28.90 48.78 -20.77
C THR C 484 -27.78 49.65 -21.32
N SER C 485 -27.98 50.96 -21.36
CA SER C 485 -26.96 51.83 -21.95
C SER C 485 -25.85 52.16 -20.95
N LEU C 486 -26.19 52.27 -19.67
CA LEU C 486 -25.21 52.68 -18.67
C LEU C 486 -24.99 51.64 -17.59
N TYR C 487 -26.05 51.12 -16.98
CA TYR C 487 -25.96 50.31 -15.78
C TYR C 487 -25.73 48.83 -16.08
N GLY C 488 -25.53 48.47 -17.34
CA GLY C 488 -25.38 47.08 -17.74
C GLY C 488 -24.12 46.43 -17.21
N ASN C 489 -22.97 47.05 -17.47
CA ASN C 489 -21.72 46.52 -16.97
C ASN C 489 -21.59 46.67 -15.46
N LEU C 490 -22.29 47.67 -14.89
CA LEU C 490 -22.27 47.88 -13.44
C LEU C 490 -22.93 46.73 -12.71
N LEU C 491 -24.20 46.48 -13.00
CA LEU C 491 -24.89 45.36 -12.36
C LEU C 491 -24.39 44.02 -12.87
N LEU C 492 -23.79 43.99 -14.05
CA LEU C 492 -23.12 42.79 -14.53
C LEU C 492 -21.96 42.43 -13.61
N TYR C 493 -21.10 43.40 -13.31
CA TYR C 493 -19.98 43.15 -12.41
C TYR C 493 -20.45 42.96 -10.98
N THR C 494 -21.56 43.59 -10.62
CA THR C 494 -22.08 43.49 -9.26
C THR C 494 -22.65 42.10 -9.00
N CYS C 495 -23.44 41.59 -9.93
CA CYS C 495 -23.96 40.24 -9.80
C CYS C 495 -22.87 39.19 -9.98
N GLY C 496 -21.92 39.44 -10.88
CA GLY C 496 -20.86 38.48 -11.08
C GLY C 496 -19.86 38.44 -9.95
N SER C 497 -19.79 39.52 -9.15
CA SER C 497 -18.79 39.58 -8.10
C SER C 497 -19.22 38.80 -6.86
N SER C 498 -20.53 38.74 -6.59
CA SER C 498 -21.01 38.04 -5.41
C SER C 498 -22.45 37.58 -5.62
N THR C 499 -22.81 36.51 -4.92
CA THR C 499 -24.16 35.96 -5.03
C THR C 499 -25.16 36.79 -4.24
N GLU C 500 -24.69 37.51 -3.21
CA GLU C 500 -25.58 38.23 -2.33
C GLU C 500 -26.24 39.43 -3.02
N ALA C 501 -25.50 40.12 -3.88
CA ALA C 501 -26.05 41.30 -4.55
C ALA C 501 -27.03 40.92 -5.65
N THR C 502 -26.91 39.69 -6.16
CA THR C 502 -27.80 39.20 -7.21
C THR C 502 -29.24 39.22 -6.78
N ARG C 503 -29.51 38.84 -5.53
CA ARG C 503 -30.89 38.73 -5.04
C ARG C 503 -31.53 40.12 -4.92
N ALA C 504 -30.75 41.11 -4.51
CA ALA C 504 -31.25 42.48 -4.48
C ALA C 504 -31.48 43.02 -5.89
N VAL C 505 -30.62 42.63 -6.83
CA VAL C 505 -30.85 42.97 -8.24
C VAL C 505 -32.12 42.32 -8.76
N MET C 506 -32.45 41.13 -8.26
CA MET C 506 -33.72 40.50 -8.59
C MET C 506 -34.90 41.23 -7.97
N ARG C 507 -34.77 41.72 -6.72
CA ARG C 507 -35.86 42.42 -6.07
C ARG C 507 -36.14 43.75 -6.75
N HIS C 508 -35.10 44.44 -7.22
CA HIS C 508 -35.34 45.74 -7.84
C HIS C 508 -35.72 45.59 -9.31
N LEU C 509 -34.92 44.85 -10.08
CA LEU C 509 -35.18 44.75 -11.51
C LEU C 509 -36.35 43.83 -11.83
N ALA C 510 -36.83 43.06 -10.84
CA ALA C 510 -38.05 42.29 -11.04
C ALA C 510 -39.27 43.19 -11.11
N MET C 511 -39.17 44.43 -10.60
CA MET C 511 -40.32 45.31 -10.53
C MET C 511 -40.25 46.42 -11.57
N VAL C 512 -39.06 46.86 -11.94
CA VAL C 512 -38.90 48.02 -12.82
C VAL C 512 -39.27 47.63 -14.24
N TYR C 513 -40.19 48.39 -14.84
CA TYR C 513 -40.71 48.06 -16.16
C TYR C 513 -40.82 49.25 -17.10
N GLN C 514 -40.70 50.48 -16.61
CA GLN C 514 -40.90 51.68 -17.43
C GLN C 514 -39.76 51.83 -18.43
N HIS C 515 -40.12 52.14 -19.68
CA HIS C 515 -39.15 52.11 -20.78
C HIS C 515 -38.17 53.27 -20.68
N GLY C 516 -38.67 54.49 -20.77
CA GLY C 516 -37.82 55.67 -20.76
C GLY C 516 -37.61 56.21 -22.16
N SER C 517 -36.38 56.66 -22.39
CA SER C 517 -36.03 57.31 -23.65
C SER C 517 -35.92 56.29 -24.78
N LEU C 518 -36.58 56.60 -25.89
CA LEU C 518 -36.45 55.82 -27.10
C LEU C 518 -36.14 56.65 -28.33
N GLN C 519 -36.60 57.90 -28.39
CA GLN C 519 -36.31 58.77 -29.53
C GLN C 519 -34.84 59.17 -29.54
N GLY C 520 -34.29 59.45 -28.35
CA GLY C 520 -32.87 59.68 -28.24
C GLY C 520 -32.05 58.42 -28.12
N LEU C 521 -32.71 57.26 -28.07
CA LEU C 521 -32.05 55.98 -27.96
C LEU C 521 -32.49 55.01 -29.06
N SER C 522 -32.49 55.46 -30.31
CA SER C 522 -32.75 54.58 -31.43
C SER C 522 -31.59 53.60 -31.63
N VAL C 523 -31.84 52.55 -32.40
CA VAL C 523 -30.88 51.47 -32.55
C VAL C 523 -29.76 51.91 -33.48
N THR C 524 -28.52 51.81 -33.01
CA THR C 524 -27.37 52.19 -33.82
C THR C 524 -26.97 51.08 -34.78
N LYS C 525 -26.71 49.88 -34.24
CA LYS C 525 -26.36 48.72 -35.07
C LYS C 525 -27.34 47.60 -34.75
N ARG C 526 -27.81 46.94 -35.81
CA ARG C 526 -28.75 45.85 -35.67
C ARG C 526 -28.58 44.84 -36.80
N PRO C 527 -28.89 43.57 -36.57
CA PRO C 527 -28.96 42.62 -37.69
C PRO C 527 -30.23 42.73 -38.50
N LEU C 528 -31.19 43.55 -38.07
CA LEU C 528 -32.39 43.84 -38.86
C LEU C 528 -32.00 44.80 -39.98
N TRP C 529 -31.46 44.22 -41.06
CA TRP C 529 -30.99 45.02 -42.18
C TRP C 529 -32.03 45.20 -43.27
N ARG C 530 -33.13 44.48 -43.20
CA ARG C 530 -34.23 44.61 -44.16
C ARG C 530 -35.33 45.42 -43.51
N GLN C 531 -35.71 46.52 -44.13
CA GLN C 531 -36.74 47.39 -43.57
C GLN C 531 -37.85 47.61 -44.59
N GLU C 532 -38.83 46.71 -44.60
CA GLU C 532 -39.92 46.78 -45.55
C GLU C 532 -41.12 47.52 -44.97
N SER C 533 -42.14 47.71 -45.80
CA SER C 533 -43.35 48.39 -45.39
C SER C 533 -44.35 47.39 -44.84
N ILE C 534 -44.06 46.12 -45.05
CA ILE C 534 -44.87 45.03 -44.52
C ILE C 534 -44.49 44.85 -43.05
N GLN C 535 -43.21 45.10 -42.76
CA GLN C 535 -42.78 45.21 -41.37
C GLN C 535 -43.42 46.40 -40.67
N SER C 536 -43.70 47.48 -41.42
CA SER C 536 -44.49 48.57 -40.89
C SER C 536 -45.98 48.24 -40.87
N LEU C 537 -46.38 47.20 -41.60
CA LEU C 537 -47.79 46.82 -41.64
C LEU C 537 -48.12 45.83 -40.53
N ARG C 538 -47.09 45.18 -39.96
CA ARG C 538 -47.25 44.47 -38.70
C ARG C 538 -47.70 45.43 -37.60
N ASN C 539 -46.88 46.44 -37.32
CA ASN C 539 -47.24 47.52 -36.42
C ASN C 539 -46.78 48.83 -37.06
N THR C 540 -47.70 49.77 -37.19
CA THR C 540 -47.35 51.08 -37.73
C THR C 540 -46.47 51.86 -36.77
N THR C 541 -46.66 51.68 -35.47
CA THR C 541 -45.84 52.32 -34.47
C THR C 541 -44.47 51.66 -34.41
N GLU C 542 -43.49 52.26 -35.08
CA GLU C 542 -42.11 51.80 -35.02
C GLU C 542 -41.54 51.91 -33.61
N GLN C 543 -42.02 52.86 -32.82
CA GLN C 543 -41.56 53.00 -31.43
C GLN C 543 -41.98 51.83 -30.55
N ASP C 544 -43.04 51.11 -30.89
CA ASP C 544 -43.37 49.89 -30.16
C ASP C 544 -42.42 48.75 -30.54
N VAL C 545 -41.95 48.74 -31.78
CA VAL C 545 -40.90 47.81 -32.16
C VAL C 545 -39.61 48.15 -31.43
N LEU C 546 -39.36 49.45 -31.23
CA LEU C 546 -38.23 49.86 -30.40
C LEU C 546 -38.44 49.50 -28.94
N LYS C 547 -39.70 49.46 -28.48
CA LYS C 547 -39.99 48.91 -27.16
C LYS C 547 -39.65 47.43 -27.10
N ALA C 548 -39.92 46.68 -28.17
CA ALA C 548 -39.55 45.28 -28.22
C ALA C 548 -38.04 45.10 -28.23
N ILE C 549 -37.32 46.02 -28.88
CA ILE C 549 -35.87 45.98 -28.85
C ILE C 549 -35.36 46.32 -27.45
N ASN C 550 -36.05 47.23 -26.75
CA ASN C 550 -35.67 47.57 -25.37
C ASN C 550 -35.88 46.40 -24.43
N VAL C 551 -37.02 45.71 -24.57
CA VAL C 551 -37.31 44.57 -23.71
C VAL C 551 -36.38 43.40 -24.02
N ASN C 552 -36.13 43.16 -25.31
CA ASN C 552 -35.29 42.03 -25.70
C ASN C 552 -33.83 42.26 -25.33
N SER C 553 -33.35 43.50 -25.47
CA SER C 553 -32.00 43.82 -25.01
C SER C 553 -31.92 43.81 -23.49
N PHE C 554 -33.02 44.12 -22.82
CA PHE C 554 -33.09 43.97 -21.37
C PHE C 554 -32.98 42.51 -20.96
N VAL C 555 -33.57 41.62 -21.75
CA VAL C 555 -33.43 40.18 -21.51
C VAL C 555 -32.01 39.72 -21.85
N GLU C 556 -31.37 40.36 -22.83
CA GLU C 556 -29.95 40.11 -23.09
C GLU C 556 -29.09 40.47 -21.90
N CYS C 557 -29.41 41.60 -21.25
CA CYS C 557 -28.73 41.96 -20.01
C CYS C 557 -29.06 41.01 -18.88
N GLY C 558 -30.27 40.41 -18.90
CA GLY C 558 -30.62 39.47 -17.86
C GLY C 558 -29.92 38.13 -17.98
N ILE C 559 -29.85 37.59 -19.20
CA ILE C 559 -29.21 36.30 -19.40
C ILE C 559 -27.70 36.44 -19.35
N ASN C 560 -27.16 37.56 -19.85
CA ASN C 560 -25.74 37.86 -19.67
C ASN C 560 -25.43 38.07 -18.18
N LEU C 561 -26.39 38.63 -17.44
CA LEU C 561 -26.24 38.82 -16.00
C LEU C 561 -26.18 37.49 -15.27
N PHE C 562 -27.09 36.57 -15.58
CA PHE C 562 -27.08 35.28 -14.93
C PHE C 562 -25.88 34.44 -15.37
N SER C 563 -25.44 34.60 -16.61
CA SER C 563 -24.29 33.86 -17.09
C SER C 563 -23.00 34.33 -16.41
N GLU C 564 -22.82 35.64 -16.31
CA GLU C 564 -21.65 36.17 -15.61
C GLU C 564 -21.75 36.02 -14.09
N SER C 565 -22.96 35.80 -13.57
CA SER C 565 -23.12 35.62 -12.13
C SER C 565 -22.54 34.30 -11.66
N MET C 566 -22.76 33.25 -12.46
CA MET C 566 -22.34 31.87 -12.18
C MET C 566 -22.93 31.33 -10.88
N SER C 567 -24.11 31.83 -10.49
CA SER C 567 -24.90 31.19 -9.44
C SER C 567 -25.82 30.20 -10.13
N LYS C 568 -25.22 29.09 -10.56
CA LYS C 568 -25.71 28.31 -11.68
C LYS C 568 -26.99 27.54 -11.39
N SER C 569 -27.28 27.25 -10.13
CA SER C 569 -28.49 26.49 -9.83
C SER C 569 -29.19 26.94 -8.55
N ASP C 570 -29.14 28.23 -8.20
CA ASP C 570 -29.62 28.63 -6.88
C ASP C 570 -30.92 29.41 -6.92
N LEU C 571 -30.97 30.54 -7.61
CA LEU C 571 -32.12 31.42 -7.52
C LEU C 571 -33.12 31.13 -8.63
N SER C 572 -33.51 29.86 -8.77
CA SER C 572 -34.25 29.44 -9.97
C SER C 572 -35.69 29.96 -9.96
N GLN C 573 -36.29 30.05 -8.77
CA GLN C 573 -37.66 30.57 -8.68
C GLN C 573 -37.71 32.06 -8.98
N GLU C 574 -36.64 32.78 -8.68
CA GLU C 574 -36.60 34.23 -8.89
C GLU C 574 -36.35 34.58 -10.34
N PHE C 575 -35.37 33.92 -10.96
CA PHE C 575 -35.13 34.13 -12.39
C PHE C 575 -36.27 33.58 -13.24
N GLU C 576 -36.91 32.50 -12.78
CA GLU C 576 -38.10 32.02 -13.46
C GLU C 576 -39.26 32.99 -13.28
N ALA C 577 -39.33 33.65 -12.11
CA ALA C 577 -40.33 34.69 -11.90
C ALA C 577 -39.90 36.02 -12.49
N PHE C 578 -38.68 36.11 -13.02
CA PHE C 578 -38.21 37.34 -13.64
C PHE C 578 -38.67 37.44 -15.09
N PHE C 579 -38.30 36.46 -15.91
CA PHE C 579 -38.53 36.54 -17.34
C PHE C 579 -39.96 36.20 -17.74
N GLN C 580 -40.85 35.93 -16.79
CA GLN C 580 -42.26 35.86 -17.12
C GLN C 580 -42.78 37.25 -17.47
N GLY C 581 -43.61 37.32 -18.51
CA GLY C 581 -43.96 38.60 -19.06
C GLY C 581 -42.83 39.30 -19.77
N LYS C 582 -41.86 38.54 -20.28
CA LYS C 582 -40.74 39.09 -21.03
C LYS C 582 -40.49 38.21 -22.26
N SER C 583 -40.10 38.86 -23.35
CA SER C 583 -39.90 38.17 -24.63
C SER C 583 -38.43 37.87 -24.86
N LEU C 584 -38.10 37.32 -26.04
CA LEU C 584 -36.72 37.02 -26.36
C LEU C 584 -36.52 37.01 -27.87
N TYR C 585 -35.63 37.89 -28.34
CA TYR C 585 -35.25 37.97 -29.74
C TYR C 585 -33.91 37.31 -29.93
N ILE C 586 -33.84 36.34 -30.84
CA ILE C 586 -32.60 35.64 -31.11
C ILE C 586 -32.30 35.67 -32.60
N ASN C 587 -31.13 36.20 -32.95
CA ASN C 587 -30.56 35.93 -34.26
C ASN C 587 -29.94 34.54 -34.24
N SER C 588 -30.39 33.69 -35.17
CA SER C 588 -29.84 32.35 -35.26
C SER C 588 -28.48 32.29 -35.94
N GLU C 589 -28.03 33.40 -36.54
CA GLU C 589 -26.79 33.37 -37.29
C GLU C 589 -25.58 33.72 -36.43
N ASN C 590 -25.79 34.07 -35.17
CA ASN C 590 -24.68 34.30 -34.25
C ASN C 590 -25.16 33.96 -32.85
N ILE C 591 -24.88 32.75 -32.39
CA ILE C 591 -25.34 32.26 -31.10
C ILE C 591 -24.15 31.86 -30.27
N PRO C 592 -23.84 32.57 -29.19
CA PRO C 592 -22.75 32.13 -28.31
C PRO C 592 -23.18 31.02 -27.36
N ASP C 593 -22.25 30.54 -26.54
CA ASP C 593 -22.47 29.36 -25.72
C ASP C 593 -23.15 29.66 -24.39
N TYR C 594 -23.29 30.92 -24.00
CA TYR C 594 -23.99 31.21 -22.76
C TYR C 594 -25.49 31.01 -22.90
N LEU C 595 -26.00 30.95 -24.13
CA LEU C 595 -27.38 30.49 -24.34
C LEU C 595 -27.49 29.01 -24.02
N PHE C 596 -26.50 28.21 -24.45
CA PHE C 596 -26.43 26.80 -24.07
C PHE C 596 -26.32 26.64 -22.56
N ASP C 597 -25.60 27.56 -21.90
CA ASP C 597 -25.57 27.55 -20.45
C ASP C 597 -26.91 27.99 -19.87
N PHE C 598 -27.66 28.82 -20.59
CA PHE C 598 -28.95 29.30 -20.09
C PHE C 598 -29.99 28.18 -20.10
N PHE C 599 -30.12 27.50 -21.24
CA PHE C 599 -31.02 26.36 -21.29
C PHE C 599 -30.51 25.20 -20.46
N GLU C 600 -29.19 25.11 -20.30
CA GLU C 600 -28.59 24.07 -19.48
C GLU C 600 -28.94 24.22 -18.01
N TYR C 601 -28.58 25.36 -17.42
CA TYR C 601 -28.63 25.54 -15.98
C TYR C 601 -30.05 25.75 -15.47
N LEU C 602 -30.76 26.73 -16.04
CA LEU C 602 -32.14 27.05 -15.66
C LEU C 602 -33.02 26.96 -16.90
N PRO C 603 -33.49 25.77 -17.25
CA PRO C 603 -34.44 25.65 -18.37
C PRO C 603 -35.85 26.06 -18.03
N ASN C 604 -36.19 26.13 -16.74
CA ASN C 604 -37.51 26.59 -16.33
C ASN C 604 -37.73 28.07 -16.64
N CYS C 605 -36.63 28.84 -16.72
CA CYS C 605 -36.74 30.21 -17.20
C CYS C 605 -37.16 30.24 -18.66
N ALA C 606 -36.65 29.29 -19.45
CA ALA C 606 -37.14 29.15 -20.81
C ALA C 606 -38.56 28.58 -20.84
N SER C 607 -38.97 27.89 -19.78
CA SER C 607 -40.36 27.47 -19.68
C SER C 607 -41.26 28.65 -19.36
N ALA C 608 -40.72 29.70 -18.74
CA ALA C 608 -41.54 30.84 -18.34
C ALA C 608 -41.41 32.03 -19.29
N LEU C 609 -40.84 31.87 -20.47
CA LEU C 609 -40.70 32.98 -21.40
C LEU C 609 -42.02 33.28 -22.10
N ASP C 610 -42.01 34.30 -22.95
CA ASP C 610 -43.19 34.58 -23.78
C ASP C 610 -43.01 34.00 -25.18
N PHE C 611 -41.99 34.46 -25.89
CA PHE C 611 -41.68 33.93 -27.21
C PHE C 611 -40.21 34.20 -27.52
N VAL C 612 -39.78 33.66 -28.66
CA VAL C 612 -38.53 34.04 -29.29
C VAL C 612 -38.85 34.44 -30.72
N LYS C 613 -38.58 35.70 -31.05
CA LYS C 613 -38.51 36.09 -32.44
C LYS C 613 -37.17 35.62 -32.99
N LEU C 614 -37.22 34.59 -33.84
CA LEU C 614 -36.03 33.89 -34.27
C LEU C 614 -35.73 34.23 -35.72
N ASP C 615 -34.51 34.67 -35.98
CA ASP C 615 -34.11 35.12 -37.31
C ASP C 615 -33.71 33.93 -38.18
N PHE C 616 -33.93 34.08 -39.48
CA PHE C 616 -33.49 33.08 -40.46
C PHE C 616 -33.08 33.83 -41.73
N TYR C 617 -31.77 34.04 -41.86
CA TYR C 617 -31.20 34.72 -43.01
C TYR C 617 -30.83 33.72 -44.10
N GLU C 618 -30.96 34.17 -45.35
CA GLU C 618 -30.51 33.47 -46.55
C GLU C 618 -31.12 32.07 -46.73
N PRO C 645 -28.48 25.39 -41.15
CA PRO C 645 -27.92 26.09 -39.99
C PRO C 645 -27.84 25.19 -38.76
N PRO C 646 -26.82 24.33 -38.70
CA PRO C 646 -26.80 23.28 -37.68
C PRO C 646 -26.59 23.76 -36.26
N ARG C 647 -26.15 25.00 -36.06
CA ARG C 647 -25.88 25.47 -34.71
C ARG C 647 -27.17 25.70 -33.93
N ALA C 648 -28.18 26.30 -34.57
CA ALA C 648 -29.46 26.48 -33.90
C ALA C 648 -30.21 25.16 -33.78
N VAL C 649 -30.00 24.26 -34.73
CA VAL C 649 -30.51 22.89 -34.62
C VAL C 649 -29.94 22.22 -33.38
N SER C 650 -28.65 22.45 -33.13
CA SER C 650 -28.04 22.00 -31.89
C SER C 650 -28.65 22.71 -30.68
N LEU C 651 -28.96 24.00 -30.84
CA LEU C 651 -29.42 24.82 -29.73
C LEU C 651 -30.78 24.37 -29.22
N PHE C 652 -31.74 24.18 -30.12
CA PHE C 652 -33.00 23.62 -29.68
C PHE C 652 -32.90 22.14 -29.39
N PHE C 653 -31.96 21.44 -30.03
CA PHE C 653 -31.83 20.00 -29.82
C PHE C 653 -30.81 19.64 -28.75
N ASN C 654 -30.85 20.27 -27.58
CA ASN C 654 -30.25 19.70 -26.38
C ASN C 654 -31.27 19.47 -25.28
N TRP C 655 -32.02 20.50 -24.91
CA TRP C 655 -33.10 20.38 -23.94
C TRP C 655 -34.36 20.94 -24.56
N LYS C 656 -35.49 20.32 -24.20
CA LYS C 656 -36.79 20.74 -24.70
C LYS C 656 -37.69 20.97 -23.50
N GLN C 657 -38.23 22.17 -23.39
CA GLN C 657 -39.12 22.50 -22.30
C GLN C 657 -40.39 23.10 -22.89
N GLU C 658 -41.22 23.65 -22.03
CA GLU C 658 -42.54 24.12 -22.44
C GLU C 658 -42.43 25.56 -22.92
N PHE C 659 -41.89 25.74 -24.12
CA PHE C 659 -41.95 27.02 -24.80
C PHE C 659 -43.39 27.31 -25.18
N LYS C 660 -43.81 28.56 -25.02
CA LYS C 660 -45.17 28.93 -25.38
C LYS C 660 -45.31 29.06 -26.89
N THR C 661 -44.58 29.98 -27.50
CA THR C 661 -44.74 30.31 -28.90
C THR C 661 -43.37 30.62 -29.49
N LEU C 662 -43.13 30.22 -30.72
CA LEU C 662 -41.91 30.60 -31.44
C LEU C 662 -42.27 31.34 -32.71
N GLU C 663 -41.47 32.34 -33.03
CA GLU C 663 -41.65 33.15 -34.23
C GLU C 663 -40.52 32.82 -35.21
N VAL C 664 -40.88 32.46 -36.43
CA VAL C 664 -39.92 32.03 -37.43
C VAL C 664 -39.83 33.09 -38.52
N THR C 665 -38.67 33.68 -38.67
CA THR C 665 -38.43 34.71 -39.68
C THR C 665 -37.72 34.06 -40.86
N LEU C 666 -38.47 33.79 -41.94
CA LEU C 666 -37.86 33.17 -43.11
C LEU C 666 -37.45 34.23 -44.13
N ARG C 667 -36.16 34.31 -44.42
CA ARG C 667 -35.61 35.37 -45.26
C ARG C 667 -34.89 34.76 -46.44
N ASP C 668 -35.50 34.87 -47.64
CA ASP C 668 -34.85 34.64 -48.93
C ASP C 668 -34.29 33.23 -49.09
N ILE C 669 -35.15 32.22 -49.04
CA ILE C 669 -34.71 30.84 -49.15
C ILE C 669 -34.56 30.53 -50.64
N ASN C 670 -33.31 30.35 -51.08
CA ASN C 670 -33.01 30.01 -52.46
C ASN C 670 -32.41 28.62 -52.61
N LYS C 671 -31.31 28.32 -51.93
CA LYS C 671 -30.81 26.97 -51.87
C LYS C 671 -31.75 26.09 -51.05
N LEU C 672 -31.88 24.84 -51.45
CA LEU C 672 -32.82 23.97 -50.77
C LEU C 672 -32.32 22.53 -50.83
N ASN C 673 -31.68 22.10 -49.76
CA ASN C 673 -31.23 20.72 -49.64
C ASN C 673 -32.04 20.03 -48.54
N LYS C 674 -32.09 18.70 -48.62
CA LYS C 674 -32.96 17.91 -47.75
C LYS C 674 -32.54 17.96 -46.29
N GLN C 675 -31.26 18.21 -46.02
CA GLN C 675 -30.76 18.22 -44.65
C GLN C 675 -31.30 19.41 -43.88
N ASP C 676 -31.32 20.59 -44.51
CA ASP C 676 -31.95 21.74 -43.89
C ASP C 676 -33.46 21.62 -43.84
N ILE C 677 -34.06 20.91 -44.80
CA ILE C 677 -35.50 20.65 -44.78
C ILE C 677 -35.87 19.83 -43.55
N LYS C 678 -35.12 18.76 -43.30
CA LYS C 678 -35.44 17.91 -42.15
C LYS C 678 -35.03 18.55 -40.83
N TYR C 679 -33.91 19.29 -40.79
CA TYR C 679 -33.49 19.89 -39.53
C TYR C 679 -34.40 21.05 -39.15
N LEU C 680 -34.58 22.00 -40.06
CA LEU C 680 -35.45 23.13 -39.81
C LEU C 680 -36.90 22.70 -39.72
N GLY C 681 -37.25 21.56 -40.29
CA GLY C 681 -38.55 20.98 -40.04
C GLY C 681 -38.69 20.44 -38.62
N LYS C 682 -37.67 19.76 -38.11
CA LYS C 682 -37.78 19.16 -36.78
C LYS C 682 -37.53 20.15 -35.65
N ILE C 683 -37.05 21.36 -35.94
CA ILE C 683 -36.92 22.37 -34.89
C ILE C 683 -38.29 22.77 -34.35
N PHE C 684 -39.28 22.85 -35.23
CA PHE C 684 -40.50 23.62 -35.02
C PHE C 684 -41.47 23.00 -33.99
N SER C 685 -41.07 21.98 -33.25
CA SER C 685 -41.93 21.37 -32.25
C SER C 685 -41.49 21.75 -30.84
N SER C 686 -40.74 22.84 -30.71
CA SER C 686 -40.26 23.25 -29.41
C SER C 686 -41.32 23.99 -28.60
N ALA C 687 -42.23 24.67 -29.28
CA ALA C 687 -43.26 25.46 -28.62
C ALA C 687 -44.62 24.80 -28.75
N THR C 688 -45.59 25.38 -28.04
CA THR C 688 -46.98 24.94 -28.15
C THR C 688 -47.72 25.62 -29.28
N ASN C 689 -47.16 26.70 -29.83
CA ASN C 689 -47.75 27.42 -30.95
C ASN C 689 -46.64 27.90 -31.86
N LEU C 690 -46.94 27.95 -33.16
CA LEU C 690 -45.92 28.31 -34.14
C LEU C 690 -46.40 29.46 -35.00
N ARG C 691 -45.53 30.47 -35.13
CA ARG C 691 -45.81 31.65 -35.93
C ARG C 691 -44.85 31.66 -37.10
N LEU C 692 -45.31 31.19 -38.25
CA LEU C 692 -44.44 31.06 -39.41
C LEU C 692 -44.50 32.35 -40.22
N HIS C 693 -43.33 32.84 -40.62
CA HIS C 693 -43.23 34.05 -41.42
C HIS C 693 -42.50 33.78 -42.72
N ILE C 694 -43.21 33.94 -43.83
CA ILE C 694 -42.64 33.84 -45.16
C ILE C 694 -42.15 35.22 -45.57
N LYS C 695 -40.87 35.32 -45.93
CA LYS C 695 -40.28 36.58 -46.38
C LYS C 695 -39.46 36.30 -47.64
N ARG C 696 -40.12 36.42 -48.79
CA ARG C 696 -39.50 36.43 -50.12
C ARG C 696 -38.69 35.16 -50.39
N CYS C 697 -39.28 34.02 -50.08
CA CYS C 697 -38.59 32.73 -50.16
C CYS C 697 -38.90 32.11 -51.50
N ALA C 698 -37.87 31.97 -52.34
CA ALA C 698 -38.04 31.44 -53.69
C ALA C 698 -38.07 29.91 -53.74
N ALA C 699 -37.33 29.24 -52.87
CA ALA C 699 -37.29 27.77 -52.91
C ALA C 699 -38.56 27.14 -52.34
N MET C 700 -39.37 27.90 -51.61
CA MET C 700 -40.62 27.41 -51.05
C MET C 700 -41.82 27.71 -51.93
N ALA C 701 -41.62 27.76 -53.25
CA ALA C 701 -42.72 28.04 -54.16
C ALA C 701 -43.68 26.86 -54.25
N GLY C 702 -43.18 25.65 -54.02
CA GLY C 702 -44.02 24.47 -54.08
C GLY C 702 -43.77 23.50 -52.96
N ARG C 703 -42.84 23.86 -52.07
CA ARG C 703 -42.42 22.99 -50.97
C ARG C 703 -43.07 23.38 -49.66
N LEU C 704 -44.30 23.87 -49.71
CA LEU C 704 -45.00 24.27 -48.49
C LEU C 704 -45.43 23.06 -47.69
N SER C 705 -46.23 22.18 -48.30
CA SER C 705 -46.72 20.99 -47.62
C SER C 705 -45.64 19.95 -47.38
N SER C 706 -44.56 19.94 -48.17
CA SER C 706 -43.53 18.93 -48.03
C SER C 706 -42.71 19.17 -46.76
N VAL C 707 -42.36 20.42 -46.49
CA VAL C 707 -41.59 20.73 -45.30
C VAL C 707 -42.47 20.70 -44.06
N LEU C 708 -43.67 21.26 -44.16
CA LEU C 708 -44.55 21.40 -43.01
C LEU C 708 -45.39 20.16 -42.76
N ARG C 709 -45.10 19.03 -43.40
CA ARG C 709 -45.88 17.82 -43.18
C ARG C 709 -45.67 17.28 -41.77
N THR C 710 -44.42 17.27 -41.31
CA THR C 710 -44.12 16.94 -39.93
C THR C 710 -44.62 18.02 -38.97
N CYS C 711 -44.61 19.27 -39.41
CA CYS C 711 -44.94 20.41 -38.56
C CYS C 711 -46.44 20.45 -38.34
N LYS C 712 -46.92 19.67 -37.38
CA LYS C 712 -48.33 19.70 -37.02
C LYS C 712 -48.66 20.95 -36.21
N ASN C 713 -47.73 21.36 -35.35
CA ASN C 713 -47.90 22.55 -34.52
C ASN C 713 -47.74 23.79 -35.39
N MET C 714 -48.84 24.54 -35.55
CA MET C 714 -48.79 25.83 -36.22
C MET C 714 -49.94 26.69 -35.73
N HIS C 715 -49.65 27.96 -35.46
CA HIS C 715 -50.67 28.87 -34.96
C HIS C 715 -51.03 29.95 -35.99
N THR C 716 -50.05 30.70 -36.47
CA THR C 716 -50.33 31.71 -37.49
C THR C 716 -49.30 31.65 -38.61
N LEU C 717 -49.61 32.33 -39.71
CA LEU C 717 -48.70 32.32 -40.84
C LEU C 717 -48.80 33.64 -41.60
N MET C 718 -47.67 34.07 -42.15
CA MET C 718 -47.58 35.29 -42.94
C MET C 718 -46.97 34.96 -44.30
N VAL C 719 -47.49 35.57 -45.35
CA VAL C 719 -46.99 35.38 -46.70
C VAL C 719 -46.44 36.70 -47.21
N GLU C 720 -45.13 36.76 -47.39
CA GLU C 720 -44.46 37.97 -47.88
C GLU C 720 -43.71 37.65 -49.16
N ALA C 721 -44.39 37.88 -50.30
CA ALA C 721 -43.78 38.02 -51.63
C ALA C 721 -43.04 36.75 -52.07
N SER C 722 -43.77 35.64 -52.07
CA SER C 722 -43.22 34.37 -52.52
C SER C 722 -44.23 33.68 -53.42
N PRO C 723 -43.76 32.93 -54.41
CA PRO C 723 -44.70 32.19 -55.27
C PRO C 723 -45.38 31.05 -54.50
N LEU C 724 -46.55 30.67 -55.00
CA LEU C 724 -47.41 29.75 -54.28
C LEU C 724 -48.29 29.00 -55.28
N THR C 725 -48.59 27.75 -54.96
CA THR C 725 -49.41 26.93 -55.84
C THR C 725 -50.80 26.74 -55.24
N THR C 726 -51.68 26.11 -56.02
CA THR C 726 -53.05 25.85 -55.59
C THR C 726 -53.10 24.78 -54.52
N ASP C 727 -52.34 23.69 -54.70
CA ASP C 727 -52.33 22.60 -53.73
C ASP C 727 -51.68 23.00 -52.43
N ASP C 728 -50.76 23.97 -52.47
CA ASP C 728 -50.19 24.50 -51.25
C ASP C 728 -51.22 25.32 -50.49
N GLU C 729 -52.08 26.06 -51.20
CA GLU C 729 -53.22 26.72 -50.56
C GLU C 729 -54.20 25.71 -50.00
N GLN C 730 -54.36 24.57 -50.67
CA GLN C 730 -55.15 23.48 -50.12
C GLN C 730 -54.50 22.89 -48.88
N TYR C 731 -53.17 22.97 -48.79
CA TYR C 731 -52.51 22.58 -47.55
C TYR C 731 -52.71 23.62 -46.47
N ILE C 732 -52.84 24.90 -46.85
CA ILE C 732 -53.15 25.95 -45.89
C ILE C 732 -54.54 25.74 -45.31
N THR C 733 -55.51 25.43 -46.16
CA THR C 733 -56.86 25.14 -45.69
C THR C 733 -56.98 23.75 -45.10
N SER C 734 -55.98 22.88 -45.29
CA SER C 734 -56.05 21.53 -44.77
C SER C 734 -55.89 21.52 -43.26
N VAL C 735 -54.98 22.34 -42.74
CA VAL C 735 -54.76 22.40 -41.30
C VAL C 735 -55.91 23.14 -40.66
N THR C 736 -56.21 22.79 -39.40
CA THR C 736 -57.29 23.42 -38.66
C THR C 736 -56.80 24.30 -37.52
N GLY C 737 -55.57 24.08 -37.03
CA GLY C 737 -55.04 24.90 -35.97
C GLY C 737 -54.55 26.27 -36.40
N LEU C 738 -54.52 26.53 -37.71
CA LEU C 738 -54.20 27.86 -38.20
C LEU C 738 -55.31 28.83 -37.83
N GLN C 739 -54.96 29.82 -37.00
CA GLN C 739 -55.94 30.80 -36.56
C GLN C 739 -55.79 32.16 -37.23
N ASN C 740 -54.59 32.59 -37.58
CA ASN C 740 -54.41 33.91 -38.18
C ASN C 740 -53.53 33.78 -39.40
N LEU C 741 -53.90 34.49 -40.47
CA LEU C 741 -53.23 34.32 -41.74
C LEU C 741 -53.06 35.66 -42.44
N SER C 742 -51.88 35.88 -43.02
CA SER C 742 -51.59 37.08 -43.79
C SER C 742 -51.08 36.68 -45.17
N ILE C 743 -51.41 37.48 -46.18
CA ILE C 743 -50.90 37.25 -47.53
C ILE C 743 -50.70 38.59 -48.24
N HIS C 744 -49.53 38.73 -48.88
CA HIS C 744 -49.14 39.96 -49.53
C HIS C 744 -48.48 39.66 -50.86
N ARG C 745 -48.73 40.53 -51.85
CA ARG C 745 -48.03 40.59 -53.13
C ARG C 745 -48.16 39.27 -53.91
N LEU C 746 -49.39 39.01 -54.34
CA LEU C 746 -49.69 37.92 -55.26
C LEU C 746 -49.91 38.51 -56.65
N HIS C 747 -48.90 38.38 -57.51
CA HIS C 747 -49.05 38.89 -58.87
C HIS C 747 -49.89 37.97 -59.74
N THR C 748 -49.74 36.65 -59.58
CA THR C 748 -50.43 35.70 -60.43
C THR C 748 -51.90 35.64 -60.08
N GLN C 749 -52.69 35.22 -61.06
CA GLN C 749 -54.13 35.09 -60.89
C GLN C 749 -54.45 33.97 -59.90
N GLN C 750 -55.40 34.23 -59.01
CA GLN C 750 -55.81 33.22 -58.04
C GLN C 750 -56.59 32.12 -58.73
N LEU C 751 -56.00 30.92 -58.77
CA LEU C 751 -56.63 29.77 -59.40
C LEU C 751 -57.77 29.25 -58.53
N PRO C 752 -58.83 28.72 -59.14
CA PRO C 752 -59.89 28.09 -58.37
C PRO C 752 -59.44 26.79 -57.72
N GLY C 753 -60.23 26.32 -56.77
CA GLY C 753 -59.87 25.14 -56.03
C GLY C 753 -58.72 25.32 -55.06
N GLY C 754 -58.47 26.54 -54.62
CA GLY C 754 -57.34 26.85 -53.76
C GLY C 754 -57.75 27.42 -52.42
N LEU C 755 -57.15 28.56 -52.08
CA LEU C 755 -57.40 29.19 -50.78
C LEU C 755 -58.81 29.74 -50.70
N ILE C 756 -59.20 30.53 -51.70
CA ILE C 756 -60.50 31.19 -51.67
C ILE C 756 -61.65 30.23 -51.95
N ASP C 757 -61.35 29.04 -52.48
CA ASP C 757 -62.42 28.12 -52.85
C ASP C 757 -62.68 27.11 -51.75
N SER C 758 -61.66 26.76 -50.98
CA SER C 758 -61.79 25.89 -49.81
C SER C 758 -61.60 26.69 -48.53
N LEU C 759 -62.13 27.91 -48.53
CA LEU C 759 -61.87 28.87 -47.45
C LEU C 759 -62.51 28.44 -46.13
N GLY C 760 -63.67 27.80 -46.19
CA GLY C 760 -64.44 27.53 -44.98
C GLY C 760 -63.95 26.38 -44.13
N ASN C 761 -62.67 26.00 -44.22
CA ASN C 761 -62.13 24.94 -43.38
C ASN C 761 -61.36 25.47 -42.18
N LEU C 762 -60.86 26.71 -42.25
CA LEU C 762 -60.09 27.29 -41.15
C LEU C 762 -61.04 27.77 -40.05
N LYS C 763 -61.55 26.80 -39.30
CA LYS C 763 -62.67 27.01 -38.39
C LYS C 763 -62.32 27.85 -37.16
N ASN C 764 -61.05 28.17 -36.96
CA ASN C 764 -60.66 29.09 -35.89
C ASN C 764 -60.03 30.36 -36.44
N LEU C 765 -60.42 30.79 -37.64
CA LEU C 765 -59.89 32.03 -38.20
C LEU C 765 -60.43 33.23 -37.44
N GLU C 766 -59.51 34.12 -37.05
CA GLU C 766 -59.87 35.36 -36.37
C GLU C 766 -59.26 36.59 -36.99
N ARG C 767 -58.01 36.51 -37.46
CA ARG C 767 -57.32 37.63 -38.08
C ARG C 767 -56.87 37.24 -39.47
N LEU C 768 -57.39 37.93 -40.48
CA LEU C 768 -57.11 37.59 -41.86
C LEU C 768 -56.67 38.84 -42.61
N ILE C 769 -55.54 38.75 -43.31
CA ILE C 769 -54.90 39.89 -43.94
C ILE C 769 -54.75 39.60 -45.43
N LEU C 770 -55.33 40.46 -46.26
CA LEU C 770 -55.29 40.32 -47.71
C LEU C 770 -54.69 41.58 -48.33
N ASP C 771 -53.64 41.39 -49.13
CA ASP C 771 -53.09 42.52 -49.88
C ASP C 771 -52.55 42.04 -51.22
N ASP C 772 -52.87 42.79 -52.28
CA ASP C 772 -52.30 42.67 -53.63
C ASP C 772 -52.55 41.26 -54.21
N ILE C 773 -53.83 40.96 -54.43
CA ILE C 773 -54.26 39.65 -54.87
C ILE C 773 -54.91 39.82 -56.25
N ARG C 774 -54.46 39.02 -57.22
CA ARG C 774 -55.02 39.07 -58.56
C ARG C 774 -56.17 38.08 -58.70
N MET C 775 -57.38 38.60 -58.86
CA MET C 775 -58.61 37.82 -58.87
C MET C 775 -59.54 38.36 -59.95
N ASN C 776 -60.79 37.92 -59.92
CA ASN C 776 -61.85 38.59 -60.67
C ASN C 776 -63.12 38.65 -59.83
N GLU C 777 -64.25 38.94 -60.48
CA GLU C 777 -65.50 39.10 -59.73
C GLU C 777 -66.01 37.77 -59.16
N GLU C 778 -66.02 36.72 -59.97
CA GLU C 778 -66.54 35.42 -59.52
C GLU C 778 -65.66 34.79 -58.45
N ASP C 779 -64.35 35.03 -58.53
CA ASP C 779 -63.46 34.60 -57.47
C ASP C 779 -63.75 35.32 -56.16
N ALA C 780 -64.13 36.59 -56.23
CA ALA C 780 -64.58 37.30 -55.04
C ALA C 780 -65.94 36.81 -54.56
N LYS C 781 -66.77 36.33 -55.48
CA LYS C 781 -68.07 35.79 -55.09
C LYS C 781 -67.92 34.48 -54.32
N ASN C 782 -67.13 33.54 -54.86
CA ASN C 782 -66.89 32.29 -54.15
C ASN C 782 -66.01 32.50 -52.93
N LEU C 783 -65.18 33.55 -52.95
CA LEU C 783 -64.50 34.00 -51.75
C LEU C 783 -65.49 34.39 -50.67
N ALA C 784 -66.51 35.17 -51.04
CA ALA C 784 -67.54 35.56 -50.09
C ALA C 784 -68.40 34.38 -49.68
N GLU C 785 -68.50 33.37 -50.54
CA GLU C 785 -69.15 32.11 -50.14
C GLU C 785 -68.32 31.38 -49.11
N GLY C 786 -66.98 31.47 -49.21
CA GLY C 786 -66.14 30.99 -48.13
C GLY C 786 -66.24 31.84 -46.88
N LEU C 787 -66.58 33.13 -47.04
CA LEU C 787 -66.76 33.99 -45.88
C LEU C 787 -68.06 33.69 -45.16
N ARG C 788 -69.04 33.09 -45.84
CA ARG C 788 -70.29 32.73 -45.19
C ARG C 788 -70.11 31.54 -44.26
N SER C 789 -69.04 30.77 -44.43
CA SER C 789 -68.85 29.57 -43.62
C SER C 789 -68.27 29.91 -42.25
N LEU C 790 -67.12 30.57 -42.22
CA LEU C 790 -66.38 30.77 -40.98
C LEU C 790 -67.03 31.86 -40.15
N LYS C 791 -67.50 31.49 -38.96
CA LYS C 791 -68.20 32.42 -38.09
C LYS C 791 -67.48 32.73 -36.80
N LYS C 792 -66.15 32.80 -36.80
CA LYS C 792 -65.38 33.19 -35.64
C LYS C 792 -64.38 34.29 -35.95
N MET C 793 -64.54 34.99 -37.07
CA MET C 793 -63.57 35.99 -37.47
C MET C 793 -63.75 37.27 -36.67
N ARG C 794 -62.64 37.97 -36.44
CA ARG C 794 -62.65 39.18 -35.64
C ARG C 794 -61.94 40.35 -36.30
N LEU C 795 -61.25 40.11 -37.42
CA LEU C 795 -60.33 41.10 -37.96
C LEU C 795 -60.10 40.78 -39.43
N LEU C 796 -60.42 41.73 -40.30
CA LEU C 796 -60.35 41.46 -41.73
C LEU C 796 -59.66 42.60 -42.47
N HIS C 797 -58.76 42.25 -43.38
CA HIS C 797 -58.07 43.18 -44.25
C HIS C 797 -58.28 42.77 -45.70
N LEU C 798 -58.78 43.70 -46.49
CA LEU C 798 -58.99 43.47 -47.93
C LEU C 798 -58.36 44.59 -48.74
N THR C 799 -57.09 44.89 -48.43
CA THR C 799 -56.45 46.07 -48.96
C THR C 799 -55.92 45.82 -50.36
N HIS C 800 -55.96 46.87 -51.20
CA HIS C 800 -55.31 46.95 -52.51
C HIS C 800 -55.77 45.84 -53.45
N LEU C 801 -57.06 45.90 -53.80
CA LEU C 801 -57.68 44.86 -54.61
C LEU C 801 -58.32 45.49 -55.84
N SER C 802 -58.13 44.84 -56.99
CA SER C 802 -58.71 45.27 -58.26
C SER C 802 -59.50 44.10 -58.85
N ASP C 803 -60.21 44.41 -59.95
CA ASP C 803 -61.09 43.47 -60.66
C ASP C 803 -62.15 42.89 -59.72
N ILE C 804 -62.72 43.77 -58.90
CA ILE C 804 -63.65 43.35 -57.85
C ILE C 804 -64.95 44.12 -57.97
N GLY C 805 -65.32 44.50 -59.20
CA GLY C 805 -66.55 45.20 -59.46
C GLY C 805 -67.78 44.41 -59.06
N GLU C 806 -68.55 44.97 -58.13
CA GLU C 806 -69.78 44.43 -57.53
C GLU C 806 -69.57 43.13 -56.76
N GLY C 807 -68.32 42.78 -56.44
CA GLY C 807 -68.10 41.67 -55.52
C GLY C 807 -68.28 42.07 -54.07
N MET C 808 -68.22 43.38 -53.80
CA MET C 808 -68.34 43.88 -52.43
C MET C 808 -69.77 43.75 -51.91
N ASP C 809 -70.75 43.65 -52.81
CA ASP C 809 -72.10 43.34 -52.37
C ASP C 809 -72.19 41.93 -51.80
N TYR C 810 -71.45 41.00 -52.40
CA TYR C 810 -71.41 39.63 -51.88
C TYR C 810 -70.53 39.54 -50.65
N ILE C 811 -69.47 40.34 -50.58
CA ILE C 811 -68.58 40.30 -49.42
C ILE C 811 -69.26 40.90 -48.20
N VAL C 812 -69.75 42.13 -48.32
CA VAL C 812 -70.46 42.82 -47.24
C VAL C 812 -71.76 42.10 -46.92
N LYS C 813 -72.40 41.52 -47.93
CA LYS C 813 -73.57 40.66 -47.70
C LYS C 813 -73.19 39.42 -46.88
N SER C 814 -72.00 38.87 -47.12
CA SER C 814 -71.53 37.74 -46.33
C SER C 814 -71.15 38.14 -44.92
N LEU C 815 -70.68 39.38 -44.72
CA LEU C 815 -70.23 39.80 -43.40
C LEU C 815 -71.37 40.26 -42.51
N SER C 816 -72.39 40.92 -43.07
CA SER C 816 -73.44 41.54 -42.29
C SER C 816 -74.63 40.62 -42.04
N GLU C 817 -74.41 39.31 -42.03
CA GLU C 817 -75.49 38.36 -41.81
C GLU C 817 -75.96 38.30 -40.36
N GLU C 818 -75.08 37.91 -39.44
CA GLU C 818 -75.45 37.75 -38.05
C GLU C 818 -74.56 38.70 -37.26
N SER C 819 -74.86 38.87 -35.97
CA SER C 819 -73.98 39.63 -35.09
C SER C 819 -72.71 38.82 -34.87
N CYS C 820 -71.70 39.07 -35.71
CA CYS C 820 -70.48 38.29 -35.71
C CYS C 820 -69.50 38.85 -34.69
N ASP C 821 -68.33 38.22 -34.58
CA ASP C 821 -67.28 38.65 -33.68
C ASP C 821 -66.34 39.65 -34.32
N LEU C 822 -66.69 40.17 -35.50
CA LEU C 822 -65.84 41.10 -36.22
C LEU C 822 -65.70 42.41 -35.46
N GLN C 823 -64.45 42.86 -35.30
CA GLN C 823 -64.16 44.04 -34.50
C GLN C 823 -63.25 44.99 -35.27
N GLU C 824 -62.60 44.49 -36.32
CA GLU C 824 -61.85 45.34 -37.25
C GLU C 824 -62.23 44.98 -38.68
N MET C 825 -62.67 45.98 -39.43
CA MET C 825 -62.91 45.78 -40.85
C MET C 825 -62.15 46.85 -41.62
N LYS C 826 -61.13 46.44 -42.36
CA LYS C 826 -60.24 47.39 -43.03
C LYS C 826 -60.13 47.08 -44.51
N LEU C 827 -60.59 48.04 -45.32
CA LEU C 827 -60.65 47.93 -46.78
C LEU C 827 -60.16 49.26 -47.37
N VAL C 828 -59.03 49.23 -48.07
CA VAL C 828 -58.55 50.38 -48.82
C VAL C 828 -58.20 49.93 -50.23
N ALA C 829 -58.24 50.89 -51.16
CA ALA C 829 -57.91 50.73 -52.58
C ALA C 829 -58.74 49.61 -53.22
N CYS C 830 -60.01 49.57 -52.85
CA CYS C 830 -60.94 48.54 -53.32
C CYS C 830 -62.11 49.20 -54.01
N CYS C 831 -62.61 48.55 -55.05
CA CYS C 831 -63.67 49.13 -55.88
C CYS C 831 -65.00 49.03 -55.16
N LEU C 832 -65.23 49.92 -54.19
CA LEU C 832 -66.49 50.01 -53.50
C LEU C 832 -67.50 50.73 -54.38
N THR C 833 -68.77 50.38 -54.20
CA THR C 833 -69.87 51.02 -54.90
C THR C 833 -70.80 51.67 -53.88
N ALA C 834 -71.76 52.43 -54.38
CA ALA C 834 -72.87 52.89 -53.56
C ALA C 834 -73.81 51.76 -53.17
N ASN C 835 -73.77 50.64 -53.89
CA ASN C 835 -74.49 49.44 -53.48
C ASN C 835 -73.82 48.78 -52.28
N SER C 836 -72.48 48.78 -52.26
CA SER C 836 -71.75 48.19 -51.14
C SER C 836 -71.94 48.99 -49.87
N VAL C 837 -71.75 50.31 -49.96
CA VAL C 837 -72.00 51.20 -48.83
C VAL C 837 -73.49 51.24 -48.50
N LYS C 838 -74.33 51.02 -49.51
CA LYS C 838 -75.79 51.01 -49.31
C LYS C 838 -76.23 49.83 -48.46
N VAL C 839 -75.93 48.62 -48.92
CA VAL C 839 -76.31 47.40 -48.21
C VAL C 839 -75.56 47.29 -46.89
N LEU C 840 -74.34 47.83 -46.84
CA LEU C 840 -73.64 48.02 -45.57
C LEU C 840 -74.44 48.91 -44.63
N ALA C 841 -75.06 49.96 -45.17
CA ALA C 841 -75.95 50.82 -44.42
C ALA C 841 -77.38 50.28 -44.34
N GLN C 842 -77.61 49.06 -44.78
CA GLN C 842 -78.89 48.38 -44.64
C GLN C 842 -78.84 47.18 -43.71
N ASN C 843 -77.64 46.65 -43.46
CA ASN C 843 -77.48 45.47 -42.61
C ASN C 843 -76.34 45.65 -41.63
N LEU C 844 -75.84 46.88 -41.51
CA LEU C 844 -74.81 47.19 -40.53
C LEU C 844 -75.34 47.14 -39.11
N HIS C 845 -76.66 47.27 -38.93
CA HIS C 845 -77.27 47.25 -37.61
C HIS C 845 -77.12 45.89 -36.92
N ASN C 846 -76.98 44.81 -37.70
CA ASN C 846 -76.78 43.50 -37.12
C ASN C 846 -75.39 43.36 -36.51
N LEU C 847 -74.39 43.92 -37.16
CA LEU C 847 -73.01 43.89 -36.67
C LEU C 847 -72.91 44.88 -35.50
N ILE C 848 -72.36 44.39 -34.39
CA ILE C 848 -72.38 45.17 -33.16
C ILE C 848 -70.97 45.52 -32.70
N LYS C 849 -70.09 44.52 -32.58
CA LYS C 849 -68.77 44.72 -32.01
C LYS C 849 -67.78 45.33 -32.99
N LEU C 850 -68.19 45.67 -34.20
CA LEU C 850 -67.27 46.22 -35.20
C LEU C 850 -66.91 47.64 -34.81
N SER C 851 -65.87 47.78 -33.98
CA SER C 851 -65.50 49.05 -33.39
C SER C 851 -64.43 49.79 -34.19
N ILE C 852 -63.85 49.15 -35.22
CA ILE C 852 -62.76 49.73 -35.98
C ILE C 852 -63.08 49.61 -37.46
N LEU C 853 -63.15 50.76 -38.13
CA LEU C 853 -63.70 50.86 -39.48
C LEU C 853 -62.74 51.62 -40.40
N ASP C 854 -62.33 50.97 -41.48
CA ASP C 854 -61.53 51.58 -42.53
C ASP C 854 -62.22 51.31 -43.86
N ILE C 855 -62.73 52.37 -44.49
CA ILE C 855 -63.27 52.26 -45.84
C ILE C 855 -62.61 53.32 -46.71
N SER C 856 -61.49 53.85 -46.22
CA SER C 856 -60.84 54.97 -46.87
C SER C 856 -60.08 54.52 -48.12
N GLU C 857 -59.39 55.49 -48.74
CA GLU C 857 -58.63 55.33 -49.98
C GLU C 857 -59.48 54.75 -51.11
N ASN C 858 -60.74 55.20 -51.20
CA ASN C 858 -61.69 54.68 -52.17
C ASN C 858 -62.45 55.85 -52.77
N TYR C 859 -63.33 55.55 -53.72
CA TYR C 859 -64.14 56.57 -54.37
C TYR C 859 -65.56 56.06 -54.56
N LEU C 860 -66.53 56.93 -54.31
CA LEU C 860 -67.93 56.64 -54.60
C LEU C 860 -68.39 57.48 -55.78
N GLU C 861 -68.96 56.82 -56.78
CA GLU C 861 -69.35 57.51 -58.02
C GLU C 861 -70.56 58.40 -57.81
N LYS C 862 -71.70 57.80 -57.46
CA LYS C 862 -72.94 58.53 -57.25
C LYS C 862 -73.47 58.19 -55.87
N ASP C 863 -74.22 59.13 -55.28
CA ASP C 863 -74.90 59.00 -53.99
C ASP C 863 -73.94 58.71 -52.84
N GLY C 864 -72.67 59.08 -52.98
CA GLY C 864 -71.76 59.03 -51.85
C GLY C 864 -72.15 59.97 -50.74
N ASN C 865 -72.73 61.12 -51.10
CA ASN C 865 -73.42 61.95 -50.13
C ASN C 865 -74.58 61.20 -49.48
N GLU C 866 -75.42 60.55 -50.30
CA GLU C 866 -76.63 59.92 -49.78
C GLU C 866 -76.31 58.66 -49.00
N ALA C 867 -75.50 57.76 -49.57
CA ALA C 867 -75.13 56.55 -48.87
C ALA C 867 -74.18 56.85 -47.70
N LEU C 868 -73.47 57.97 -47.76
CA LEU C 868 -72.66 58.38 -46.63
C LEU C 868 -73.54 58.85 -45.47
N GLN C 869 -74.54 59.70 -45.75
CA GLN C 869 -75.40 60.21 -44.69
C GLN C 869 -76.31 59.12 -44.12
N GLU C 870 -76.79 58.21 -44.99
CA GLU C 870 -77.51 57.05 -44.49
C GLU C 870 -76.60 56.12 -43.71
N LEU C 871 -75.32 56.05 -44.12
CA LEU C 871 -74.35 55.21 -43.42
C LEU C 871 -74.05 55.72 -42.02
N ILE C 872 -73.82 57.03 -41.87
CA ILE C 872 -73.54 57.61 -40.58
C ILE C 872 -74.81 57.63 -39.73
N GLY C 873 -75.97 57.79 -40.37
CA GLY C 873 -77.24 57.63 -39.67
C GLY C 873 -77.44 56.22 -39.13
N ARG C 874 -76.87 55.22 -39.81
CA ARG C 874 -76.77 53.90 -39.23
C ARG C 874 -75.70 53.85 -38.13
N LEU C 875 -74.62 54.63 -38.28
CA LEU C 875 -73.53 54.62 -37.30
C LEU C 875 -73.93 55.26 -35.98
N GLY C 876 -75.01 56.04 -35.95
CA GLY C 876 -75.53 56.51 -34.67
C GLY C 876 -76.09 55.42 -33.79
N VAL C 877 -76.45 54.27 -34.37
CA VAL C 877 -76.97 53.16 -33.59
C VAL C 877 -75.86 52.49 -32.79
N LEU C 878 -74.64 52.52 -33.32
CA LEU C 878 -73.50 51.86 -32.69
C LEU C 878 -73.10 52.56 -31.39
N GLY C 879 -72.36 51.84 -30.55
CA GLY C 879 -71.92 52.36 -29.28
C GLY C 879 -70.52 51.93 -28.90
N GLU C 880 -69.75 51.44 -29.87
CA GLU C 880 -68.38 51.00 -29.64
C GLU C 880 -67.38 51.57 -30.64
N LEU C 881 -67.86 52.20 -31.70
CA LEU C 881 -67.01 52.63 -32.81
C LEU C 881 -66.07 53.75 -32.38
N THR C 882 -64.76 53.47 -32.43
CA THR C 882 -63.74 54.44 -32.09
C THR C 882 -62.77 54.73 -33.21
N THR C 883 -62.83 53.99 -34.31
CA THR C 883 -61.90 54.18 -35.43
C THR C 883 -62.68 54.37 -36.71
N LEU C 884 -62.50 55.51 -37.36
CA LEU C 884 -63.19 55.83 -38.60
C LEU C 884 -62.17 56.32 -39.63
N MET C 885 -62.12 55.65 -40.77
CA MET C 885 -61.24 56.02 -41.88
C MET C 885 -62.11 56.19 -43.12
N LEU C 886 -62.24 57.43 -43.60
CA LEU C 886 -63.25 57.76 -44.59
C LEU C 886 -62.65 58.23 -45.91
N PRO C 887 -63.18 57.72 -47.05
CA PRO C 887 -62.62 58.01 -48.37
C PRO C 887 -63.11 59.33 -48.95
N TRP C 888 -62.79 59.55 -50.23
CA TRP C 888 -63.13 60.77 -50.94
C TRP C 888 -64.17 60.47 -52.01
N CYS C 889 -65.16 61.35 -52.11
CA CYS C 889 -66.16 61.28 -53.17
C CYS C 889 -66.63 62.70 -53.44
N TRP C 890 -67.78 62.85 -54.09
CA TRP C 890 -68.22 64.13 -54.63
C TRP C 890 -69.34 64.73 -53.78
N ASP C 891 -69.32 66.07 -53.65
CA ASP C 891 -70.32 66.86 -52.90
C ASP C 891 -70.43 66.41 -51.44
N VAL C 892 -69.35 66.66 -50.68
CA VAL C 892 -69.19 65.99 -49.41
C VAL C 892 -69.34 66.91 -48.21
N HIS C 893 -69.14 68.21 -48.38
CA HIS C 893 -69.17 69.10 -47.22
C HIS C 893 -70.60 69.49 -46.86
N THR C 894 -71.59 68.93 -47.54
CA THR C 894 -72.94 68.90 -47.00
C THR C 894 -73.13 67.69 -46.10
N SER C 895 -72.35 66.63 -46.31
CA SER C 895 -72.33 65.50 -45.40
C SER C 895 -71.44 65.74 -44.19
N LEU C 896 -70.54 66.73 -44.26
CA LEU C 896 -69.76 67.11 -43.09
C LEU C 896 -70.59 67.57 -41.88
N PRO C 897 -71.61 68.44 -41.99
CA PRO C 897 -72.38 68.78 -40.78
C PRO C 897 -73.24 67.65 -40.24
N LYS C 898 -73.53 66.63 -41.04
CA LYS C 898 -74.30 65.51 -40.53
C LYS C 898 -73.40 64.44 -39.93
N LEU C 899 -72.20 64.29 -40.50
CA LEU C 899 -71.15 63.51 -39.83
C LEU C 899 -70.81 64.11 -38.49
N LEU C 900 -70.49 65.40 -38.47
CA LEU C 900 -70.20 66.09 -37.22
C LEU C 900 -71.42 66.23 -36.34
N LYS C 901 -72.63 66.14 -36.89
CA LYS C 901 -73.84 66.16 -36.07
C LYS C 901 -74.06 64.82 -35.37
N GLN C 902 -73.83 63.71 -36.08
CA GLN C 902 -73.86 62.41 -35.42
C GLN C 902 -72.69 62.22 -34.47
N LEU C 903 -71.57 62.92 -34.68
CA LEU C 903 -70.53 62.99 -33.66
C LEU C 903 -70.83 63.98 -32.56
N GLU C 904 -71.81 64.87 -32.76
CA GLU C 904 -72.41 65.54 -31.61
C GLU C 904 -73.33 64.59 -30.86
N GLY C 905 -73.83 63.58 -31.55
CA GLY C 905 -74.53 62.50 -30.89
C GLY C 905 -73.59 61.43 -30.36
N THR C 906 -72.33 61.47 -30.78
CA THR C 906 -71.38 60.44 -30.37
C THR C 906 -70.31 61.03 -29.45
N PRO C 907 -70.36 60.73 -28.15
CA PRO C 907 -69.36 61.31 -27.23
C PRO C 907 -68.06 60.51 -27.13
N GLY C 908 -67.79 59.63 -28.09
CA GLY C 908 -66.56 58.85 -28.04
C GLY C 908 -65.93 58.55 -29.38
N LEU C 909 -64.65 58.88 -29.53
CA LEU C 909 -63.90 58.62 -30.75
C LEU C 909 -62.42 58.64 -30.39
N ALA C 910 -61.62 57.80 -31.05
CA ALA C 910 -60.20 57.72 -30.78
C ALA C 910 -59.30 57.72 -32.02
N LYS C 911 -59.80 57.33 -33.18
CA LYS C 911 -59.00 57.29 -34.40
C LYS C 911 -59.79 57.94 -35.51
N LEU C 912 -59.26 59.03 -36.09
CA LEU C 912 -59.97 59.72 -37.15
C LEU C 912 -59.05 59.95 -38.35
N GLY C 913 -59.45 59.40 -39.49
CA GLY C 913 -58.76 59.61 -40.74
C GLY C 913 -59.70 60.06 -41.83
N LEU C 914 -59.39 61.19 -42.46
CA LEU C 914 -60.30 61.86 -43.39
C LEU C 914 -59.53 62.19 -44.66
N LYS C 915 -59.83 61.47 -45.74
CA LYS C 915 -59.02 61.54 -46.96
C LYS C 915 -59.70 62.39 -48.03
N ASN C 916 -59.05 63.50 -48.39
CA ASN C 916 -59.33 64.31 -49.60
C ASN C 916 -60.77 64.83 -49.63
N TRP C 917 -61.06 65.70 -48.66
CA TRP C 917 -62.41 66.24 -48.52
C TRP C 917 -62.56 67.63 -49.10
N ARG C 918 -61.46 68.30 -49.47
CA ARG C 918 -61.44 69.61 -50.13
C ARG C 918 -62.15 70.69 -49.31
N LEU C 919 -61.97 70.66 -48.00
CA LEU C 919 -62.74 71.51 -47.11
C LEU C 919 -62.25 72.96 -47.16
N ARG C 920 -63.06 73.84 -46.58
CA ARG C 920 -62.82 75.27 -46.57
C ARG C 920 -62.94 75.78 -45.13
N ASP C 921 -63.03 77.11 -45.00
CA ASP C 921 -63.04 77.75 -43.69
C ASP C 921 -64.32 77.44 -42.92
N GLU C 922 -65.45 77.31 -43.64
CA GLU C 922 -66.73 77.09 -42.98
C GLU C 922 -66.81 75.72 -42.33
N GLU C 923 -66.19 74.72 -42.98
CA GLU C 923 -66.22 73.36 -42.43
C GLU C 923 -65.25 73.24 -41.27
N ILE C 924 -64.12 73.96 -41.34
CA ILE C 924 -63.14 73.86 -40.28
C ILE C 924 -63.57 74.68 -39.07
N LYS C 925 -64.45 75.67 -39.26
CA LYS C 925 -65.04 76.35 -38.11
C LYS C 925 -66.29 75.63 -37.61
N SER C 926 -66.93 74.82 -38.45
CA SER C 926 -67.93 73.89 -37.95
C SER C 926 -67.29 72.86 -37.04
N LEU C 927 -66.12 72.35 -37.45
CA LEU C 927 -65.30 71.53 -36.56
C LEU C 927 -64.83 72.33 -35.36
N GLY C 928 -64.64 73.64 -35.53
CA GLY C 928 -64.29 74.50 -34.42
C GLY C 928 -65.35 74.57 -33.36
N GLU C 929 -66.61 74.78 -33.76
CA GLU C 929 -67.69 74.76 -32.78
C GLU C 929 -67.93 73.36 -32.25
N PHE C 930 -67.57 72.33 -33.03
CA PHE C 930 -67.67 70.96 -32.53
C PHE C 930 -66.72 70.71 -31.38
N LEU C 931 -65.43 70.98 -31.57
CA LEU C 931 -64.46 70.72 -30.51
C LEU C 931 -64.57 71.74 -29.39
N GLU C 932 -65.10 72.92 -29.68
CA GLU C 932 -65.33 73.90 -28.62
C GLU C 932 -66.67 73.70 -27.92
N MET C 933 -67.47 72.74 -28.37
CA MET C 933 -68.64 72.36 -27.59
C MET C 933 -68.55 70.92 -27.09
N ASN C 934 -67.97 70.03 -27.89
CA ASN C 934 -67.75 68.65 -27.48
C ASN C 934 -66.27 68.42 -27.22
N PRO C 935 -65.85 68.30 -25.95
CA PRO C 935 -64.45 67.96 -25.66
C PRO C 935 -64.19 66.48 -25.92
N LEU C 936 -63.50 66.19 -27.03
CA LEU C 936 -63.14 64.82 -27.40
C LEU C 936 -61.62 64.74 -27.54
N ARG C 937 -60.95 64.29 -26.49
CA ARG C 937 -59.50 64.16 -26.48
C ARG C 937 -59.06 62.74 -26.13
N ASP C 938 -59.79 61.75 -26.65
CA ASP C 938 -59.29 60.40 -26.77
C ASP C 938 -58.69 60.14 -28.15
N LEU C 939 -58.67 61.13 -29.02
CA LEU C 939 -58.25 60.92 -30.40
C LEU C 939 -56.73 60.92 -30.47
N GLN C 940 -56.18 59.95 -31.20
CA GLN C 940 -54.75 59.75 -31.24
C GLN C 940 -54.13 59.87 -32.63
N GLN C 941 -54.77 59.36 -33.68
CA GLN C 941 -54.26 59.62 -35.01
C GLN C 941 -55.32 60.34 -35.81
N LEU C 942 -54.88 61.28 -36.64
CA LEU C 942 -55.79 62.13 -37.40
C LEU C 942 -55.23 62.35 -38.80
N ASP C 943 -56.08 62.15 -39.79
CA ASP C 943 -55.72 62.50 -41.16
C ASP C 943 -56.67 63.56 -41.68
N LEU C 944 -56.11 64.60 -42.28
CA LEU C 944 -56.87 65.61 -42.99
C LEU C 944 -56.19 65.84 -44.33
N ALA C 945 -56.54 65.04 -45.32
CA ALA C 945 -55.86 65.06 -46.61
C ALA C 945 -56.56 66.04 -47.55
N GLY C 946 -55.76 66.64 -48.43
CA GLY C 946 -56.20 67.34 -49.63
C GLY C 946 -57.32 68.36 -49.52
N HIS C 947 -57.07 69.48 -48.87
CA HIS C 947 -58.10 70.48 -48.67
C HIS C 947 -57.52 71.87 -48.91
N CYS C 948 -58.40 72.79 -49.28
CA CYS C 948 -58.02 74.13 -49.72
C CYS C 948 -58.49 75.17 -48.74
N VAL C 949 -58.30 74.91 -47.46
CA VAL C 949 -58.58 75.88 -46.41
C VAL C 949 -57.59 77.03 -46.53
N SER C 950 -58.10 78.26 -46.51
CA SER C 950 -57.27 79.45 -46.63
C SER C 950 -56.47 79.69 -45.36
N SER C 951 -55.48 80.59 -45.48
CA SER C 951 -54.48 80.84 -44.44
C SER C 951 -55.08 81.32 -43.12
N ASP C 952 -56.14 82.13 -43.17
CA ASP C 952 -56.80 82.53 -41.93
C ASP C 952 -57.58 81.38 -41.33
N GLY C 953 -58.08 80.46 -42.16
CA GLY C 953 -58.65 79.24 -41.65
C GLY C 953 -57.60 78.26 -41.17
N TRP C 954 -56.36 78.43 -41.62
CA TRP C 954 -55.26 77.69 -41.02
C TRP C 954 -54.90 78.25 -39.65
N LEU C 955 -54.99 79.58 -39.51
CA LEU C 955 -54.71 80.21 -38.22
C LEU C 955 -55.79 79.89 -37.20
N TYR C 956 -57.06 80.05 -37.59
CA TYR C 956 -58.17 79.60 -36.75
C TYR C 956 -58.13 78.08 -36.57
N PHE C 957 -57.60 77.35 -37.55
CA PHE C 957 -57.34 75.93 -37.37
C PHE C 957 -56.23 75.69 -36.34
N MET C 958 -55.34 76.66 -36.12
CA MET C 958 -54.43 76.55 -34.98
C MET C 958 -55.08 77.00 -33.68
N ASN C 959 -56.21 77.70 -33.75
CA ASN C 959 -56.99 77.90 -32.54
C ASN C 959 -57.75 76.62 -32.16
N VAL C 960 -58.30 75.93 -33.16
CA VAL C 960 -59.01 74.69 -32.93
C VAL C 960 -58.05 73.59 -32.51
N PHE C 961 -56.90 73.51 -33.20
CA PHE C 961 -55.85 72.59 -32.81
C PHE C 961 -55.19 73.01 -31.52
N GLU C 962 -55.21 74.32 -31.23
CA GLU C 962 -54.77 74.80 -29.92
C GLU C 962 -55.68 74.29 -28.80
N ASN C 963 -56.97 74.13 -29.08
CA ASN C 963 -57.89 73.56 -28.11
C ASN C 963 -57.57 72.11 -27.77
N LEU C 964 -57.06 71.34 -28.74
CA LEU C 964 -56.74 69.94 -28.55
C LEU C 964 -55.54 69.78 -27.63
N LYS C 965 -55.46 68.60 -26.98
CA LYS C 965 -54.34 68.29 -26.10
C LYS C 965 -53.74 66.91 -26.31
N GLN C 966 -54.47 65.97 -26.90
CA GLN C 966 -54.06 64.56 -26.85
C GLN C 966 -53.83 63.92 -28.20
N LEU C 967 -53.63 64.70 -29.26
CA LEU C 967 -53.35 64.11 -30.56
C LEU C 967 -51.90 63.62 -30.62
N VAL C 968 -51.71 62.42 -31.14
CA VAL C 968 -50.43 61.73 -31.10
C VAL C 968 -49.78 61.66 -32.47
N PHE C 969 -50.45 61.02 -33.42
CA PHE C 969 -49.94 60.80 -34.77
C PHE C 969 -50.88 61.44 -35.76
N PHE C 970 -50.37 62.33 -36.63
CA PHE C 970 -51.30 62.96 -37.54
C PHE C 970 -50.64 63.39 -38.84
N ASP C 971 -51.51 63.81 -39.76
CA ASP C 971 -51.16 64.09 -41.15
C ASP C 971 -52.05 65.22 -41.62
N PHE C 972 -51.47 66.39 -41.85
CA PHE C 972 -52.18 67.55 -42.37
C PHE C 972 -51.69 67.91 -43.76
N SER C 973 -51.42 66.90 -44.58
CA SER C 973 -50.93 67.14 -45.93
C SER C 973 -52.07 67.59 -46.84
N THR C 974 -51.74 68.46 -47.77
CA THR C 974 -52.72 69.00 -48.72
C THR C 974 -51.97 69.32 -50.01
N GLU C 975 -52.59 70.13 -50.86
CA GLU C 975 -51.98 70.57 -52.10
C GLU C 975 -50.84 71.56 -51.80
N GLU C 976 -50.18 72.01 -52.87
CA GLU C 976 -48.98 72.84 -52.76
C GLU C 976 -49.38 74.22 -52.24
N PHE C 977 -49.29 74.36 -50.93
CA PHE C 977 -49.77 75.54 -50.23
C PHE C 977 -48.58 76.27 -49.62
N LEU C 978 -48.49 77.56 -49.85
CA LEU C 978 -47.53 78.40 -49.15
C LEU C 978 -48.14 78.88 -47.85
N PRO C 979 -47.62 78.46 -46.70
CA PRO C 979 -48.16 78.94 -45.43
C PRO C 979 -47.68 80.35 -45.14
N ASP C 980 -48.36 81.01 -44.19
CA ASP C 980 -47.92 82.28 -43.67
C ASP C 980 -47.11 82.05 -42.39
N ALA C 981 -46.31 83.05 -42.02
CA ALA C 981 -45.43 82.92 -40.87
C ALA C 981 -46.21 82.91 -39.56
N ALA C 982 -47.45 83.44 -39.57
CA ALA C 982 -48.32 83.30 -38.42
C ALA C 982 -48.74 81.84 -38.22
N LEU C 983 -49.03 81.14 -39.31
CA LEU C 983 -49.30 79.71 -39.25
C LEU C 983 -48.06 78.94 -38.78
N VAL C 984 -46.88 79.37 -39.23
CA VAL C 984 -45.64 78.70 -38.83
C VAL C 984 -45.38 78.90 -37.34
N ARG C 985 -45.64 80.11 -36.84
CA ARG C 985 -45.30 80.40 -35.46
C ARG C 985 -46.34 79.83 -34.50
N LYS C 986 -47.61 79.78 -34.90
CA LYS C 986 -48.58 79.05 -34.11
C LYS C 986 -48.32 77.56 -34.18
N LEU C 987 -47.75 77.09 -35.28
CA LEU C 987 -47.38 75.68 -35.38
C LEU C 987 -46.23 75.35 -34.44
N SER C 988 -45.28 76.28 -34.30
CA SER C 988 -44.18 76.06 -33.37
C SER C 988 -44.66 76.17 -31.92
N GLN C 989 -45.58 77.11 -31.64
CA GLN C 989 -46.05 77.29 -30.28
C GLN C 989 -46.94 76.15 -29.82
N VAL C 990 -47.87 75.71 -30.66
CA VAL C 990 -48.81 74.69 -30.24
C VAL C 990 -48.22 73.29 -30.41
N LEU C 991 -47.46 73.07 -31.48
CA LEU C 991 -46.76 71.79 -31.63
C LEU C 991 -45.65 71.63 -30.60
N SER C 992 -44.98 72.73 -30.25
CA SER C 992 -44.09 72.69 -29.10
C SER C 992 -44.87 72.56 -27.79
N LYS C 993 -46.12 73.00 -27.78
CA LYS C 993 -46.91 73.00 -26.55
C LYS C 993 -47.44 71.61 -26.24
N LEU C 994 -47.90 70.88 -27.24
CA LEU C 994 -48.49 69.58 -26.98
C LEU C 994 -47.38 68.55 -26.72
N THR C 995 -47.77 67.44 -26.09
CA THR C 995 -46.83 66.52 -25.48
C THR C 995 -46.59 65.25 -26.29
N LEU C 996 -47.64 64.68 -26.88
CA LEU C 996 -47.57 63.32 -27.42
C LEU C 996 -47.18 63.29 -28.89
N LEU C 997 -46.39 64.25 -29.36
CA LEU C 997 -46.02 64.32 -30.77
C LEU C 997 -45.05 63.19 -31.11
N GLN C 998 -45.58 62.13 -31.71
CA GLN C 998 -44.75 61.06 -32.22
C GLN C 998 -44.38 61.26 -33.68
N GLU C 999 -45.36 61.40 -34.56
CA GLU C 999 -45.05 61.59 -35.97
C GLU C 999 -46.09 62.47 -36.65
N VAL C 1000 -45.57 63.44 -37.38
CA VAL C 1000 -46.34 64.49 -38.03
C VAL C 1000 -46.01 64.44 -39.52
N LYS C 1001 -47.04 64.43 -40.36
CA LYS C 1001 -46.84 64.40 -41.80
C LYS C 1001 -47.46 65.64 -42.44
N LEU C 1002 -46.63 66.43 -43.13
CA LEU C 1002 -47.09 67.52 -43.97
C LEU C 1002 -46.40 67.44 -45.31
N THR C 1003 -47.12 67.04 -46.34
CA THR C 1003 -46.60 66.86 -47.68
C THR C 1003 -47.29 67.85 -48.62
N GLY C 1004 -46.49 68.51 -49.45
CA GLY C 1004 -47.01 69.55 -50.32
C GLY C 1004 -46.90 70.94 -49.72
N TRP C 1005 -45.72 71.30 -49.22
CA TRP C 1005 -45.57 72.50 -48.41
C TRP C 1005 -44.26 73.19 -48.76
N GLU C 1006 -44.11 74.42 -48.28
CA GLU C 1006 -42.92 75.23 -48.52
C GLU C 1006 -42.41 75.77 -47.20
N PHE C 1007 -41.31 75.18 -46.72
CA PHE C 1007 -40.62 75.65 -45.52
C PHE C 1007 -39.13 75.63 -45.86
N ASP C 1008 -38.54 76.81 -46.02
CA ASP C 1008 -37.28 76.88 -46.78
C ASP C 1008 -36.04 76.77 -45.90
N ASP C 1009 -35.78 77.77 -45.06
CA ASP C 1009 -34.66 77.66 -44.14
C ASP C 1009 -35.07 77.91 -42.70
N TYR C 1010 -35.64 79.08 -42.44
CA TYR C 1010 -35.94 79.49 -41.08
C TYR C 1010 -37.18 78.80 -40.55
N ASP C 1011 -38.21 78.70 -41.40
CA ASP C 1011 -39.44 78.02 -41.01
C ASP C 1011 -39.23 76.53 -40.81
N ILE C 1012 -38.48 75.87 -41.70
CA ILE C 1012 -38.18 74.45 -41.49
C ILE C 1012 -37.21 74.24 -40.33
N SER C 1013 -36.34 75.21 -40.04
CA SER C 1013 -35.39 75.02 -38.95
C SER C 1013 -35.91 75.56 -37.64
N ALA C 1014 -37.15 76.05 -37.63
CA ALA C 1014 -37.69 76.64 -36.41
C ALA C 1014 -38.81 75.82 -35.77
N ILE C 1015 -38.93 74.54 -36.11
CA ILE C 1015 -40.04 73.74 -35.59
C ILE C 1015 -39.58 72.60 -34.69
N LYS C 1016 -38.44 71.98 -35.03
CA LYS C 1016 -38.12 70.59 -34.69
C LYS C 1016 -38.16 70.30 -33.20
N GLY C 1017 -38.80 69.18 -32.86
CA GLY C 1017 -38.96 68.75 -31.48
C GLY C 1017 -39.02 67.25 -31.33
N THR C 1018 -39.96 66.76 -30.52
CA THR C 1018 -40.08 65.35 -30.20
C THR C 1018 -40.82 64.55 -31.26
N PHE C 1019 -41.30 65.20 -32.31
CA PHE C 1019 -42.07 64.53 -33.34
C PHE C 1019 -41.13 63.93 -34.40
N LYS C 1020 -41.70 63.33 -35.43
CA LYS C 1020 -40.97 62.90 -36.61
C LYS C 1020 -41.62 63.54 -37.82
N LEU C 1021 -40.89 64.42 -38.49
CA LEU C 1021 -41.45 65.16 -39.61
C LEU C 1021 -41.47 64.30 -40.86
N VAL C 1022 -42.51 64.43 -41.67
CA VAL C 1022 -42.56 63.84 -43.00
C VAL C 1022 -42.89 64.97 -43.97
N THR C 1023 -42.02 65.16 -44.96
CA THR C 1023 -42.25 66.18 -45.98
C THR C 1023 -43.32 65.74 -46.96
N MET D 92 46.94 -46.34 26.71
CA MET D 92 47.28 -46.55 28.12
C MET D 92 46.40 -45.73 29.06
N ALA D 93 45.15 -45.50 28.66
CA ALA D 93 44.18 -44.79 29.50
C ALA D 93 43.42 -45.75 30.42
N GLN D 94 43.23 -46.99 29.94
CA GLN D 94 42.56 -48.07 30.68
C GLN D 94 41.13 -47.70 31.10
N VAL D 95 40.45 -46.95 30.26
CA VAL D 95 39.00 -46.81 30.37
C VAL D 95 38.50 -47.43 29.07
N ILE D 96 39.23 -48.43 28.59
CA ILE D 96 39.15 -48.84 27.19
C ILE D 96 38.65 -50.27 26.97
N ASN D 97 39.05 -51.21 27.83
CA ASN D 97 38.95 -52.63 27.49
C ASN D 97 37.51 -53.15 27.52
N THR D 98 36.85 -53.07 28.67
CA THR D 98 35.43 -53.40 28.72
C THR D 98 34.58 -52.34 28.04
N ASN D 99 35.15 -51.19 27.71
CA ASN D 99 34.44 -50.18 26.96
C ASN D 99 34.45 -50.50 25.47
N VAL D 100 35.36 -51.36 25.02
CA VAL D 100 35.31 -51.83 23.63
C VAL D 100 34.82 -53.27 23.54
N ALA D 101 34.69 -53.97 24.66
CA ALA D 101 33.69 -55.02 24.71
C ALA D 101 32.29 -54.42 24.69
N SER D 102 32.16 -53.24 25.31
CA SER D 102 30.94 -52.46 25.20
C SER D 102 30.75 -51.94 23.78
N LEU D 103 31.83 -51.54 23.11
CA LEU D 103 31.73 -51.13 21.70
C LEU D 103 31.52 -52.34 20.80
N THR D 104 31.95 -53.53 21.24
CA THR D 104 31.56 -54.74 20.54
C THR D 104 30.06 -54.94 20.63
N ALA D 105 29.48 -54.67 21.82
CA ALA D 105 28.03 -54.66 21.95
C ALA D 105 27.38 -53.53 21.16
N GLN D 106 28.09 -52.42 20.97
CA GLN D 106 27.55 -51.32 20.17
C GLN D 106 27.59 -51.66 18.69
N ARG D 107 28.56 -52.47 18.28
CA ARG D 107 28.52 -53.04 16.95
C ARG D 107 27.45 -54.11 16.85
N ASN D 108 27.06 -54.73 17.97
CA ASN D 108 25.86 -55.54 17.98
C ASN D 108 24.59 -54.69 17.92
N LEU D 109 24.68 -53.41 18.30
CA LEU D 109 23.60 -52.50 17.95
C LEU D 109 23.72 -52.06 16.50
N GLY D 110 24.90 -52.22 15.89
CA GLY D 110 24.98 -52.19 14.44
C GLY D 110 24.29 -53.39 13.82
N VAL D 111 24.34 -54.54 14.50
CA VAL D 111 23.57 -55.71 14.09
C VAL D 111 22.09 -55.47 14.37
N SER D 112 21.77 -54.59 15.32
CA SER D 112 20.40 -54.10 15.40
C SER D 112 20.08 -53.16 14.25
N GLY D 113 21.09 -52.52 13.67
CA GLY D 113 20.89 -51.87 12.38
C GLY D 113 20.58 -52.89 11.29
N ASN D 114 21.20 -54.06 11.37
CA ASN D 114 20.81 -55.15 10.49
C ASN D 114 19.44 -55.73 10.86
N MET D 115 18.97 -55.48 12.08
CA MET D 115 17.59 -55.82 12.42
C MET D 115 16.62 -54.81 11.85
N MET D 116 17.05 -53.56 11.67
CA MET D 116 16.28 -52.62 10.86
C MET D 116 16.27 -53.07 9.40
N GLN D 117 17.38 -53.62 8.92
CA GLN D 117 17.40 -54.20 7.59
C GLN D 117 16.51 -55.44 7.51
N THR D 118 16.35 -56.17 8.62
CA THR D 118 15.41 -57.27 8.67
C THR D 118 13.97 -56.76 8.63
N SER D 119 13.71 -55.64 9.29
CA SER D 119 12.36 -55.09 9.31
C SER D 119 11.98 -54.51 7.95
N ILE D 120 12.95 -53.97 7.22
CA ILE D 120 12.65 -53.53 5.85
C ILE D 120 12.67 -54.73 4.90
N GLN D 121 13.28 -55.83 5.32
CA GLN D 121 13.24 -57.06 4.51
C GLN D 121 11.91 -57.77 4.67
N ARG D 122 11.21 -57.53 5.78
CA ARG D 122 10.09 -58.37 6.18
C ARG D 122 8.75 -57.66 5.91
N LEU D 123 8.61 -56.97 4.77
CA LEU D 123 7.36 -56.28 4.50
C LEU D 123 6.32 -57.21 3.87
N SER D 124 6.61 -57.77 2.71
CA SER D 124 5.64 -58.62 2.01
C SER D 124 5.77 -60.08 2.44
N GLU D 532 -0.67 -56.18 17.49
CA GLU D 532 -0.30 -56.91 16.30
C GLU D 532 1.10 -56.50 15.83
N MET D 533 1.20 -55.30 15.26
CA MET D 533 2.49 -54.75 14.86
C MET D 533 3.04 -53.79 15.90
N ALA D 534 2.52 -53.85 17.13
CA ALA D 534 3.06 -53.06 18.23
C ALA D 534 4.46 -53.52 18.62
N SER D 535 4.77 -54.79 18.36
CA SER D 535 6.14 -55.28 18.53
C SER D 535 7.10 -54.57 17.59
N LEU D 536 6.74 -54.46 16.32
CA LEU D 536 7.57 -53.74 15.35
C LEU D 536 7.61 -52.26 15.66
N THR D 537 6.53 -51.73 16.23
CA THR D 537 6.50 -50.34 16.69
C THR D 537 7.54 -50.10 17.79
N LYS D 538 7.51 -50.90 18.85
CA LYS D 538 8.45 -50.69 19.95
C LYS D 538 9.89 -51.08 19.60
N ASN D 539 10.09 -52.06 18.72
CA ASN D 539 11.46 -52.39 18.33
C ASN D 539 12.05 -51.34 17.40
N GLN D 540 11.29 -50.90 16.39
CA GLN D 540 11.81 -49.88 15.47
C GLN D 540 12.00 -48.55 16.18
N ILE D 541 11.01 -48.09 16.94
CA ILE D 541 11.14 -46.78 17.55
C ILE D 541 12.06 -46.82 18.77
N LEU D 542 11.85 -47.78 19.67
CA LEU D 542 12.65 -47.85 20.88
C LEU D 542 14.08 -48.26 20.58
N GLN D 543 14.27 -49.33 19.80
CA GLN D 543 15.62 -49.74 19.44
C GLN D 543 16.27 -48.79 18.45
N GLN D 544 15.49 -48.00 17.71
CA GLN D 544 16.10 -46.93 16.93
C GLN D 544 16.61 -45.83 17.83
N ALA D 545 15.89 -45.54 18.92
CA ALA D 545 16.38 -44.57 19.90
C ALA D 545 17.60 -45.10 20.63
N GLY D 546 17.65 -46.40 20.90
CA GLY D 546 18.82 -47.01 21.49
C GLY D 546 20.02 -47.03 20.57
N THR D 547 19.83 -47.27 19.28
CA THR D 547 20.92 -47.16 18.34
C THR D 547 21.31 -45.71 18.07
N ALA D 548 20.44 -44.75 18.35
CA ALA D 548 20.85 -43.35 18.27
C ALA D 548 21.72 -42.98 19.46
N MET D 549 21.28 -43.37 20.67
CA MET D 549 22.05 -43.19 21.90
C MET D 549 23.40 -43.85 21.82
N LEU D 550 23.45 -45.09 21.34
CA LEU D 550 24.72 -45.78 21.16
C LEU D 550 25.30 -45.57 19.78
N ALA D 551 24.74 -44.64 19.00
CA ALA D 551 25.35 -44.24 17.75
C ALA D 551 26.21 -43.00 17.94
N GLN D 552 25.63 -41.98 18.58
CA GLN D 552 26.48 -40.91 19.11
C GLN D 552 27.37 -41.44 20.23
N ALA D 553 26.88 -42.41 20.98
CA ALA D 553 27.69 -43.12 21.96
C ALA D 553 28.37 -44.35 21.38
N ASN D 554 28.46 -44.47 20.05
CA ASN D 554 29.37 -45.43 19.42
C ASN D 554 30.47 -44.73 18.64
N SER D 555 30.17 -43.60 18.02
CA SER D 555 31.23 -42.76 17.48
C SER D 555 31.87 -41.93 18.58
N LEU D 556 31.21 -41.84 19.74
CA LEU D 556 31.76 -41.16 20.90
C LEU D 556 32.95 -41.91 21.51
N PRO D 557 32.98 -43.25 21.60
CA PRO D 557 34.28 -43.90 21.87
C PRO D 557 35.21 -43.91 20.67
N GLN D 558 34.67 -43.81 19.45
CA GLN D 558 35.54 -43.52 18.32
C GLN D 558 36.06 -42.09 18.41
N SER D 559 35.27 -41.19 19.02
CA SER D 559 35.80 -39.89 19.37
C SER D 559 36.80 -39.97 20.51
N VAL D 560 36.69 -40.97 21.38
CA VAL D 560 37.70 -41.16 22.42
C VAL D 560 39.03 -41.57 21.80
N LEU D 561 39.00 -42.58 20.93
CA LEU D 561 40.21 -43.05 20.27
C LEU D 561 40.76 -42.05 19.28
N SER D 562 39.90 -41.25 18.66
CA SER D 562 40.32 -40.13 17.83
C SER D 562 40.51 -38.85 18.64
N LEU D 563 40.52 -38.96 19.97
CA LEU D 563 40.68 -37.83 20.86
C LEU D 563 41.71 -38.07 21.95
N LEU D 564 42.01 -39.33 22.29
CA LEU D 564 43.04 -39.65 23.26
C LEU D 564 44.35 -39.85 22.50
N GLY D 565 45.45 -39.47 23.14
CA GLY D 565 46.72 -39.30 22.45
C GLY D 565 47.50 -40.57 22.20
N ARG D 566 47.10 -41.32 21.18
CA ARG D 566 47.80 -42.54 20.80
C ARG D 566 47.57 -42.87 19.34
#